data_5MKB
#
_entry.id   5MKB
#
_cell.length_a   41.036
_cell.length_b   124.945
_cell.length_c   143.739
_cell.angle_alpha   74.51
_cell.angle_beta   89.61
_cell.angle_gamma   89.86
#
_symmetry.space_group_name_H-M   'P 1'
#
loop_
_entity.id
_entity.type
_entity.pdbx_description
1 polymer MalE1
2 water water
#
_entity_poly.entity_id   1
_entity_poly.type   'polypeptide(L)'
_entity_poly.pdbx_seq_one_letter_code
;GSHMKNVSGSVKLWVDTTQVPYYKKIVANFNKKYPDVKVKVTQSPNGSANAKTDVGKDPAKAADVFEVANDQLGSMAEAG
YINPLSPDATKAVKNNNVAVASEGVTWKGKMFAYPFAEQAQTIYYNKSKLTADDVKTWDGLTAKGVLATDFTNAYNFYPV
FLSAGTQLYGKTGETVKGTDVNSAKGEQAMAWFAQQKSNKGVMQTSNALNQLKSGKAAAILDGPWNSANIKKILGKNFAV
APYPTIKLDGKDVQMQAFLGIETFAVNSHASGSNQKAAATLASFITNKESQLIVYDHSGQIPVDKTAQKSSKVASDPVAG
AVMTMAKPGNSTLMPKMPQMATFWNDAAPLINGAYTGSIPASQYSTKLDTFVKNISKAN
;
_entity_poly.pdbx_strand_id   A,B,C,D,E,F,G,H
#
# COMPACT_ATOMS: atom_id res chain seq x y z
N ASN A 6 22.86 -7.86 40.25
CA ASN A 6 22.01 -8.96 39.84
C ASN A 6 20.58 -8.73 40.32
N VAL A 7 19.64 -8.95 39.43
CA VAL A 7 18.24 -8.71 39.71
C VAL A 7 17.62 -9.72 40.67
N SER A 8 17.01 -9.22 41.74
CA SER A 8 16.37 -10.07 42.73
C SER A 8 14.99 -9.54 43.09
N GLY A 9 14.18 -10.36 43.76
CA GLY A 9 12.89 -9.92 44.25
C GLY A 9 11.80 -10.97 44.36
N SER A 10 10.59 -10.51 44.70
CA SER A 10 9.42 -11.38 44.82
C SER A 10 8.30 -10.88 43.92
N VAL A 11 8.01 -11.64 42.87
CA VAL A 11 7.09 -11.16 41.83
C VAL A 11 5.90 -12.10 41.63
N LYS A 12 4.75 -11.50 41.30
CA LYS A 12 3.51 -12.24 41.07
C LYS A 12 3.09 -12.13 39.60
N LEU A 13 2.80 -13.26 38.97
CA LEU A 13 2.49 -13.28 37.54
C LEU A 13 1.09 -13.79 37.25
N TRP A 14 0.25 -12.93 36.67
CA TRP A 14 -1.09 -13.32 36.25
C TRP A 14 -1.09 -13.78 34.81
N VAL A 15 -1.33 -15.06 34.59
CA VAL A 15 -1.57 -15.56 33.25
C VAL A 15 -2.95 -16.19 33.22
N ASP A 16 -3.42 -16.56 32.02
CA ASP A 16 -4.76 -17.13 31.91
C ASP A 16 -4.81 -18.60 32.28
N THR A 17 -5.80 -19.29 31.71
CA THR A 17 -6.04 -20.71 31.89
C THR A 17 -5.38 -21.51 30.74
N THR A 18 -4.91 -22.71 31.07
CA THR A 18 -4.15 -23.65 30.21
C THR A 18 -2.69 -23.19 30.12
N GLN A 19 -2.40 -22.07 30.78
CA GLN A 19 -1.13 -21.40 30.57
C GLN A 19 -0.25 -21.33 31.82
N VAL A 20 -0.83 -21.37 33.02
CA VAL A 20 0.01 -21.36 34.22
C VAL A 20 1.00 -22.54 34.30
N PRO A 21 0.65 -23.73 33.75
CA PRO A 21 1.70 -24.74 33.90
C PRO A 21 2.96 -24.46 33.06
N TYR A 22 2.79 -24.10 31.79
CA TYR A 22 3.96 -24.00 30.92
C TYR A 22 4.66 -22.65 31.04
N TYR A 23 4.06 -21.69 31.74
CA TYR A 23 4.78 -20.46 32.05
C TYR A 23 5.75 -20.72 33.18
N LYS A 24 5.44 -21.69 34.02
CA LYS A 24 6.37 -22.12 35.06
C LYS A 24 7.57 -22.79 34.40
N LYS A 25 7.33 -23.44 33.27
CA LYS A 25 8.42 -23.97 32.45
C LYS A 25 9.22 -22.80 31.86
N ILE A 26 8.51 -21.77 31.44
CA ILE A 26 9.13 -20.55 30.96
C ILE A 26 9.86 -19.86 32.11
N VAL A 27 9.20 -19.82 33.27
CA VAL A 27 9.82 -19.29 34.47
C VAL A 27 11.03 -20.14 34.86
N ALA A 28 10.92 -21.45 34.67
CA ALA A 28 12.04 -22.35 34.95
C ALA A 28 13.26 -21.97 34.12
N ASN A 29 13.01 -21.50 32.89
CA ASN A 29 14.08 -20.99 32.04
C ASN A 29 14.52 -19.61 32.52
N PHE A 30 13.56 -18.83 33.00
CA PHE A 30 13.84 -17.50 33.54
C PHE A 30 14.74 -17.54 34.76
N ASN A 31 14.36 -18.35 35.74
CA ASN A 31 15.07 -18.43 37.01
C ASN A 31 16.48 -19.01 36.89
N LYS A 32 16.93 -19.27 35.68
CA LYS A 32 18.31 -19.73 35.47
C LYS A 32 19.27 -18.55 35.52
N LYS A 33 18.88 -17.45 34.90
CA LYS A 33 19.71 -16.25 34.87
C LYS A 33 19.28 -15.28 35.97
N TYR A 34 18.07 -15.47 36.47
CA TYR A 34 17.57 -14.65 37.56
C TYR A 34 17.00 -15.52 38.68
N PRO A 35 17.88 -16.26 39.37
CA PRO A 35 17.48 -17.24 40.40
C PRO A 35 16.92 -16.56 41.64
N ASP A 36 17.37 -15.33 41.87
CA ASP A 36 16.98 -14.59 43.06
C ASP A 36 15.65 -13.85 42.88
N VAL A 37 15.10 -13.89 41.67
CA VAL A 37 13.76 -13.38 41.45
C VAL A 37 12.75 -14.52 41.61
N LYS A 38 11.98 -14.47 42.70
CA LYS A 38 11.03 -15.52 43.00
C LYS A 38 9.67 -15.25 42.39
N VAL A 39 9.24 -16.12 41.49
CA VAL A 39 7.98 -15.92 40.76
C VAL A 39 6.85 -16.79 41.31
N LYS A 40 5.67 -16.18 41.46
CA LYS A 40 4.47 -16.93 41.76
C LYS A 40 3.49 -16.80 40.60
N VAL A 41 3.44 -17.84 39.76
CA VAL A 41 2.56 -17.83 38.60
C VAL A 41 1.15 -18.20 39.02
N THR A 42 0.26 -17.23 39.00
CA THR A 42 -1.13 -17.46 39.39
C THR A 42 -2.08 -17.12 38.26
N GLN A 43 -3.29 -17.65 38.33
CA GLN A 43 -4.31 -17.32 37.36
C GLN A 43 -4.84 -15.92 37.60
N SER A 44 -4.90 -15.13 36.54
CA SER A 44 -5.62 -13.87 36.60
C SER A 44 -7.06 -14.21 36.96
N PRO A 45 -7.63 -13.47 37.93
CA PRO A 45 -8.96 -13.73 38.48
C PRO A 45 -10.03 -13.94 37.40
N ASN A 46 -10.11 -13.03 36.44
CA ASN A 46 -11.15 -13.12 35.42
C ASN A 46 -10.63 -13.18 33.99
N GLY A 47 -9.40 -13.67 33.84
CA GLY A 47 -8.82 -13.82 32.52
C GLY A 47 -8.10 -12.57 32.06
N SER A 48 -7.31 -12.71 31.00
CA SER A 48 -6.56 -11.57 30.46
C SER A 48 -7.50 -10.57 29.80
N ALA A 49 -8.73 -11.01 29.50
CA ALA A 49 -9.71 -10.16 28.85
C ALA A 49 -10.35 -9.18 29.84
N ASN A 50 -10.13 -9.42 31.12
CA ASN A 50 -10.63 -8.52 32.17
C ASN A 50 -9.48 -7.95 32.99
N ALA A 51 -8.30 -7.87 32.38
CA ALA A 51 -7.09 -7.42 33.07
C ALA A 51 -7.22 -6.02 33.67
N LYS A 52 -7.75 -5.08 32.88
CA LYS A 52 -7.90 -3.70 33.36
C LYS A 52 -8.77 -3.66 34.61
N THR A 53 -9.81 -4.48 34.61
CA THR A 53 -10.74 -4.57 35.72
C THR A 53 -10.10 -5.28 36.90
N ASP A 54 -9.47 -6.43 36.62
CA ASP A 54 -8.82 -7.23 37.66
C ASP A 54 -7.75 -6.43 38.42
N VAL A 55 -6.88 -5.74 37.67
CA VAL A 55 -5.86 -4.90 38.29
C VAL A 55 -6.50 -3.67 38.92
N GLY A 56 -7.54 -3.15 38.26
CA GLY A 56 -8.22 -1.96 38.71
C GLY A 56 -8.88 -2.06 40.07
N LYS A 57 -9.55 -3.19 40.32
CA LYS A 57 -10.32 -3.40 41.56
C LYS A 57 -9.52 -3.05 42.81
N ASP A 58 -8.24 -3.38 42.79
CA ASP A 58 -7.32 -3.06 43.88
C ASP A 58 -5.90 -3.22 43.36
N PRO A 59 -5.33 -2.14 42.80
CA PRO A 59 -4.01 -2.15 42.18
C PRO A 59 -2.92 -2.66 43.11
N ALA A 60 -3.01 -2.32 44.39
CA ALA A 60 -1.98 -2.66 45.36
C ALA A 60 -1.82 -4.17 45.58
N LYS A 61 -2.92 -4.91 45.45
CA LYS A 61 -2.90 -6.34 45.71
C LYS A 61 -2.76 -7.16 44.42
N ALA A 62 -2.80 -6.48 43.28
CA ALA A 62 -2.69 -7.14 41.99
C ALA A 62 -1.27 -7.66 41.74
N ALA A 63 -1.13 -8.53 40.75
CA ALA A 63 0.17 -9.09 40.39
C ALA A 63 1.07 -8.03 39.77
N ASP A 64 2.38 -8.23 39.89
CA ASP A 64 3.36 -7.27 39.38
C ASP A 64 3.46 -7.30 37.86
N VAL A 65 3.24 -8.48 37.28
CA VAL A 65 3.20 -8.63 35.82
C VAL A 65 1.93 -9.39 35.43
N PHE A 66 1.22 -8.88 34.44
CA PHE A 66 -0.10 -9.41 34.12
C PHE A 66 -0.35 -9.48 32.62
N GLU A 67 -1.04 -10.54 32.20
CA GLU A 67 -1.42 -10.71 30.80
C GLU A 67 -2.58 -9.77 30.46
N VAL A 68 -2.47 -9.10 29.31
CA VAL A 68 -3.48 -8.12 28.90
C VAL A 68 -3.48 -7.96 27.39
N ALA A 69 -4.65 -7.68 26.82
CA ALA A 69 -4.77 -7.43 25.39
C ALA A 69 -4.52 -5.96 25.05
N ASN A 70 -4.10 -5.70 23.81
CA ASN A 70 -3.70 -4.37 23.37
C ASN A 70 -4.83 -3.34 23.43
N ASP A 71 -6.08 -3.79 23.42
CA ASP A 71 -7.21 -2.86 23.42
C ASP A 71 -7.48 -2.27 24.80
N GLN A 72 -6.73 -2.74 25.81
CA GLN A 72 -6.92 -2.27 27.17
C GLN A 72 -5.79 -1.36 27.66
N LEU A 73 -4.72 -1.25 26.88
CA LEU A 73 -3.52 -0.55 27.34
C LEU A 73 -3.76 0.94 27.52
N GLY A 74 -4.61 1.52 26.68
CA GLY A 74 -4.92 2.93 26.79
C GLY A 74 -5.70 3.26 28.05
N SER A 75 -6.73 2.45 28.33
CA SER A 75 -7.51 2.61 29.54
C SER A 75 -6.63 2.49 30.78
N MET A 76 -5.79 1.46 30.79
CA MET A 76 -4.94 1.19 31.94
C MET A 76 -3.84 2.22 32.10
N ALA A 77 -3.36 2.76 30.98
CA ALA A 77 -2.34 3.80 31.04
C ALA A 77 -2.98 5.09 31.55
N GLU A 78 -4.16 5.40 31.03
CA GLU A 78 -4.86 6.63 31.42
C GLU A 78 -5.45 6.51 32.82
N ALA A 79 -5.48 5.29 33.34
CA ALA A 79 -5.90 5.06 34.73
C ALA A 79 -4.67 5.09 35.65
N GLY A 80 -3.49 5.06 35.05
CA GLY A 80 -2.25 5.10 35.79
C GLY A 80 -1.81 3.76 36.34
N TYR A 81 -2.24 2.68 35.68
CA TYR A 81 -1.89 1.33 36.12
C TYR A 81 -0.56 0.86 35.54
N ILE A 82 -0.10 1.52 34.49
CA ILE A 82 1.14 1.13 33.81
C ILE A 82 1.99 2.33 33.45
N ASN A 83 3.29 2.25 33.73
CA ASN A 83 4.24 3.26 33.26
C ASN A 83 4.74 2.91 31.87
N PRO A 84 5.07 3.93 31.07
CA PRO A 84 5.60 3.65 29.72
C PRO A 84 6.94 2.92 29.79
N LEU A 85 7.25 2.17 28.75
CA LEU A 85 8.53 1.45 28.69
C LEU A 85 9.67 2.44 28.53
N SER A 86 10.83 2.09 29.08
CA SER A 86 12.04 2.88 28.88
C SER A 86 12.42 2.82 27.41
N PRO A 87 13.14 3.84 26.91
CA PRO A 87 13.63 3.85 25.53
C PRO A 87 14.38 2.57 25.16
N ASP A 88 15.23 2.10 26.07
CA ASP A 88 15.98 0.86 25.85
C ASP A 88 15.06 -0.34 25.68
N ALA A 89 14.04 -0.42 26.53
CA ALA A 89 13.09 -1.53 26.52
C ALA A 89 12.21 -1.46 25.29
N THR A 90 11.98 -0.25 24.80
CA THR A 90 11.24 -0.04 23.57
C THR A 90 12.07 -0.51 22.38
N LYS A 91 13.37 -0.22 22.44
CA LYS A 91 14.29 -0.59 21.38
C LYS A 91 14.33 -2.10 21.16
N ALA A 92 14.29 -2.86 22.25
CA ALA A 92 14.34 -4.31 22.17
C ALA A 92 13.06 -4.89 21.56
N VAL A 93 11.92 -4.47 22.10
CA VAL A 93 10.62 -4.92 21.57
C VAL A 93 10.52 -4.64 20.08
N LYS A 94 10.88 -3.43 19.68
CA LYS A 94 10.89 -3.05 18.27
C LYS A 94 11.89 -3.85 17.46
N ASN A 95 13.02 -4.15 18.08
CA ASN A 95 14.11 -4.85 17.40
C ASN A 95 13.72 -6.25 16.98
N ASN A 96 12.93 -6.92 17.82
CA ASN A 96 12.73 -8.36 17.70
C ASN A 96 11.38 -8.79 17.15
N ASN A 97 10.38 -7.93 17.25
CA ASN A 97 9.03 -8.30 16.83
C ASN A 97 8.52 -7.55 15.62
N VAL A 98 7.51 -8.12 14.97
CA VAL A 98 6.89 -7.50 13.80
C VAL A 98 6.30 -6.13 14.15
N ALA A 99 6.27 -5.24 13.15
CA ALA A 99 5.90 -3.85 13.36
C ALA A 99 4.53 -3.67 13.99
N VAL A 100 3.56 -4.46 13.54
CA VAL A 100 2.19 -4.28 14.00
C VAL A 100 2.02 -4.69 15.47
N ALA A 101 2.97 -5.48 15.97
CA ALA A 101 2.98 -5.85 17.38
C ALA A 101 3.52 -4.68 18.21
N SER A 102 4.58 -4.05 17.73
CA SER A 102 5.14 -2.88 18.38
C SER A 102 4.17 -1.70 18.34
N GLU A 103 3.52 -1.50 17.20
CA GLU A 103 2.48 -0.50 17.09
C GLU A 103 1.33 -0.84 18.02
N GLY A 104 1.09 -2.15 18.17
CA GLY A 104 0.01 -2.64 19.02
C GLY A 104 0.13 -2.26 20.48
N VAL A 105 1.36 -2.22 20.99
CA VAL A 105 1.58 -1.92 22.40
C VAL A 105 1.83 -0.44 22.65
N THR A 106 1.70 0.37 21.60
CA THR A 106 2.02 1.79 21.69
C THR A 106 0.77 2.67 21.83
N TRP A 107 0.80 3.58 22.79
CA TRP A 107 -0.31 4.48 23.06
C TRP A 107 0.20 5.90 23.31
N LYS A 108 -0.28 6.85 22.51
CA LYS A 108 0.25 8.21 22.49
C LYS A 108 1.75 8.24 22.22
N GLY A 109 2.21 7.32 21.38
CA GLY A 109 3.61 7.31 20.97
C GLY A 109 4.56 6.55 21.88
N LYS A 110 4.06 6.08 23.03
CA LYS A 110 4.89 5.36 23.98
C LYS A 110 4.40 3.92 24.18
N MET A 111 5.36 2.99 24.33
CA MET A 111 5.04 1.59 24.59
C MET A 111 4.61 1.36 26.03
N PHE A 112 3.64 0.48 26.23
CA PHE A 112 3.14 0.20 27.57
C PHE A 112 3.09 -1.29 27.88
N ALA A 113 3.57 -2.13 26.95
CA ALA A 113 3.60 -3.57 27.20
C ALA A 113 4.63 -4.33 26.35
N TYR A 114 4.79 -5.61 26.68
CA TYR A 114 5.67 -6.51 25.95
C TYR A 114 4.84 -7.54 25.18
N PRO A 115 4.81 -7.44 23.84
CA PRO A 115 3.99 -8.32 23.01
C PRO A 115 4.61 -9.69 22.81
N PHE A 116 3.80 -10.72 22.56
CA PHE A 116 4.35 -12.05 22.29
C PHE A 116 3.52 -12.85 21.29
N ALA A 117 2.24 -12.54 21.16
CA ALA A 117 1.38 -13.26 20.21
C ALA A 117 0.41 -12.34 19.47
N GLU A 118 -0.05 -12.81 18.31
CA GLU A 118 -1.04 -12.07 17.53
C GLU A 118 -2.24 -12.94 17.22
N GLN A 119 -3.40 -12.31 17.09
CA GLN A 119 -4.62 -13.04 16.75
C GLN A 119 -5.47 -12.23 15.78
N ALA A 120 -6.23 -12.95 14.97
CA ALA A 120 -7.13 -12.36 13.99
C ALA A 120 -8.06 -13.45 13.49
N GLN A 121 -9.31 -13.12 13.23
CA GLN A 121 -10.26 -14.11 12.74
C GLN A 121 -9.97 -14.48 11.29
N THR A 122 -10.39 -15.69 10.93
CA THR A 122 -10.20 -16.22 9.58
C THR A 122 -11.42 -17.04 9.19
N ILE A 123 -11.36 -17.69 8.04
CA ILE A 123 -12.40 -18.64 7.67
C ILE A 123 -12.02 -20.04 8.09
N TYR A 124 -12.96 -20.74 8.72
CA TYR A 124 -12.83 -22.17 8.93
C TYR A 124 -13.91 -22.82 8.08
N TYR A 125 -13.54 -23.81 7.27
CA TYR A 125 -14.54 -24.40 6.39
C TYR A 125 -14.43 -25.91 6.25
N ASN A 126 -15.58 -26.52 6.00
CA ASN A 126 -15.73 -27.93 5.69
C ASN A 126 -15.34 -28.13 4.23
N LYS A 127 -14.17 -28.73 3.99
CA LYS A 127 -13.64 -28.80 2.64
C LYS A 127 -14.20 -29.98 1.84
N SER A 128 -15.22 -30.63 2.37
CA SER A 128 -16.02 -31.56 1.59
C SER A 128 -17.21 -30.83 0.99
N LYS A 129 -17.35 -29.56 1.38
CA LYS A 129 -18.45 -28.74 0.90
C LYS A 129 -17.95 -27.53 0.11
N LEU A 130 -16.75 -27.06 0.45
CA LEU A 130 -16.13 -25.95 -0.27
C LEU A 130 -14.67 -26.24 -0.59
N THR A 131 -14.21 -25.83 -1.76
CA THR A 131 -12.82 -26.03 -2.14
C THR A 131 -11.97 -24.81 -1.74
N ALA A 132 -10.66 -24.97 -1.86
CA ALA A 132 -9.73 -23.89 -1.52
C ALA A 132 -9.99 -22.68 -2.40
N ASP A 133 -10.33 -22.93 -3.67
CA ASP A 133 -10.58 -21.86 -4.61
C ASP A 133 -11.92 -21.18 -4.33
N ASP A 134 -12.89 -21.97 -3.86
CA ASP A 134 -14.23 -21.49 -3.54
C ASP A 134 -14.20 -20.30 -2.57
N VAL A 135 -13.33 -20.39 -1.57
CA VAL A 135 -13.38 -19.48 -0.43
C VAL A 135 -12.56 -18.21 -0.61
N LYS A 136 -12.22 -17.88 -1.85
CA LYS A 136 -11.40 -16.70 -2.10
C LYS A 136 -12.24 -15.43 -2.16
N THR A 137 -13.52 -15.58 -2.51
CA THR A 137 -14.43 -14.45 -2.57
C THR A 137 -15.67 -14.76 -1.75
N TRP A 138 -16.20 -13.73 -1.08
CA TRP A 138 -17.41 -13.88 -0.28
C TRP A 138 -18.57 -14.42 -1.11
N ASP A 139 -18.80 -13.80 -2.27
CA ASP A 139 -19.92 -14.18 -3.12
C ASP A 139 -19.77 -15.57 -3.72
N GLY A 140 -18.55 -15.91 -4.13
CA GLY A 140 -18.30 -17.23 -4.68
C GLY A 140 -18.51 -18.30 -3.63
N LEU A 141 -17.99 -18.03 -2.43
CA LEU A 141 -18.11 -18.94 -1.29
C LEU A 141 -19.57 -19.18 -0.93
N THR A 142 -20.33 -18.09 -0.79
CA THR A 142 -21.72 -18.18 -0.35
C THR A 142 -22.63 -18.77 -1.43
N ALA A 143 -22.14 -18.81 -2.67
CA ALA A 143 -22.94 -19.37 -3.76
C ALA A 143 -22.89 -20.88 -3.76
N LYS A 144 -21.96 -21.44 -3.00
CA LYS A 144 -21.74 -22.89 -3.03
C LYS A 144 -22.02 -23.56 -1.69
N GLY A 145 -21.55 -22.93 -0.61
CA GLY A 145 -21.79 -23.45 0.73
C GLY A 145 -22.36 -22.38 1.62
N VAL A 146 -22.98 -22.78 2.72
CA VAL A 146 -23.58 -21.83 3.64
C VAL A 146 -22.58 -21.37 4.70
N LEU A 147 -22.39 -20.07 4.80
CA LEU A 147 -21.55 -19.50 5.84
C LEU A 147 -22.42 -19.06 7.02
N ALA A 148 -22.17 -19.66 8.18
CA ALA A 148 -22.90 -19.29 9.39
C ALA A 148 -22.13 -18.21 10.13
N THR A 149 -22.81 -17.11 10.45
CA THR A 149 -22.17 -15.99 11.12
C THR A 149 -23.19 -15.15 11.90
N ASP A 150 -22.70 -14.13 12.59
CA ASP A 150 -23.55 -13.32 13.46
C ASP A 150 -23.40 -11.83 13.21
N PHE A 151 -24.48 -11.22 12.73
CA PHE A 151 -24.48 -9.80 12.37
C PHE A 151 -24.80 -8.89 13.56
N THR A 152 -25.09 -9.48 14.70
CA THR A 152 -25.26 -8.71 15.93
C THR A 152 -23.92 -8.59 16.64
N ASN A 153 -22.88 -9.18 16.03
CA ASN A 153 -21.53 -9.16 16.56
C ASN A 153 -20.66 -8.17 15.79
N ALA A 154 -20.37 -7.02 16.41
CA ALA A 154 -19.61 -5.96 15.76
C ALA A 154 -18.14 -6.31 15.63
N TYR A 155 -17.69 -7.28 16.42
CA TYR A 155 -16.32 -7.78 16.30
C TYR A 155 -16.19 -8.52 14.98
N ASN A 156 -17.27 -9.15 14.55
CA ASN A 156 -17.31 -9.82 13.26
C ASN A 156 -17.26 -8.86 12.07
N PHE A 157 -18.11 -7.83 12.11
CA PHE A 157 -18.42 -7.11 10.88
C PHE A 157 -18.08 -5.63 10.79
N TYR A 158 -17.68 -4.99 11.89
CA TYR A 158 -17.28 -3.59 11.71
C TYR A 158 -16.08 -3.43 10.77
N PRO A 159 -15.11 -4.36 10.79
CA PRO A 159 -14.00 -4.18 9.84
C PRO A 159 -14.37 -4.10 8.36
N VAL A 160 -15.60 -4.48 8.00
CA VAL A 160 -16.06 -4.30 6.63
C VAL A 160 -16.01 -2.81 6.26
N PHE A 161 -16.30 -1.95 7.23
CA PHE A 161 -16.17 -0.50 7.06
C PHE A 161 -14.74 -0.10 6.72
N LEU A 162 -13.79 -0.83 7.29
CA LEU A 162 -12.39 -0.56 7.07
C LEU A 162 -12.00 -1.02 5.67
N SER A 163 -12.54 -2.17 5.27
CA SER A 163 -12.39 -2.67 3.91
C SER A 163 -12.90 -1.66 2.90
N ALA A 164 -13.97 -0.95 3.28
CA ALA A 164 -14.57 0.06 2.41
C ALA A 164 -13.68 1.30 2.29
N GLY A 165 -12.70 1.42 3.17
CA GLY A 165 -11.74 2.50 3.08
C GLY A 165 -11.91 3.60 4.10
N THR A 166 -12.79 3.38 5.07
CA THR A 166 -12.98 4.34 6.15
C THR A 166 -12.07 3.97 7.31
N GLN A 167 -11.95 4.84 8.29
CA GLN A 167 -11.02 4.60 9.39
C GLN A 167 -11.67 4.80 10.76
N LEU A 168 -11.15 4.08 11.75
CA LEU A 168 -11.68 4.12 13.10
C LEU A 168 -10.75 4.90 14.01
N TYR A 169 -11.19 6.10 14.39
CA TYR A 169 -10.38 7.04 15.15
C TYR A 169 -9.06 7.36 14.43
N GLY A 170 -9.16 7.54 13.12
CA GLY A 170 -8.00 7.86 12.30
C GLY A 170 -7.13 6.66 12.01
N LYS A 171 -6.02 6.91 11.35
CA LYS A 171 -5.12 5.83 10.94
C LYS A 171 -4.41 5.19 12.13
N THR A 172 -4.09 5.99 13.14
CA THR A 172 -3.40 5.50 14.32
C THR A 172 -4.38 4.89 15.32
N GLY A 173 -5.65 5.24 15.17
CA GLY A 173 -6.68 4.80 16.11
C GLY A 173 -6.71 5.64 17.36
N GLU A 174 -6.04 6.79 17.32
CA GLU A 174 -5.93 7.65 18.51
C GLU A 174 -6.44 9.07 18.24
N THR A 175 -7.31 9.21 17.24
CA THR A 175 -7.87 10.50 16.88
C THR A 175 -9.36 10.54 17.22
N VAL A 176 -9.72 11.33 18.24
CA VAL A 176 -11.05 11.31 18.82
C VAL A 176 -12.18 11.49 17.80
N LYS A 177 -12.07 12.53 16.99
CA LYS A 177 -13.06 12.75 15.94
C LYS A 177 -12.47 12.46 14.57
N GLY A 178 -11.74 11.34 14.49
CA GLY A 178 -11.11 10.92 13.26
C GLY A 178 -11.82 9.81 12.50
N THR A 179 -12.92 9.31 13.06
CA THR A 179 -13.72 8.29 12.38
C THR A 179 -14.48 8.95 11.22
N ASP A 180 -14.30 8.42 10.02
CA ASP A 180 -14.90 9.03 8.84
C ASP A 180 -15.86 8.11 8.09
N VAL A 181 -16.55 7.24 8.83
CA VAL A 181 -17.45 6.28 8.21
C VAL A 181 -18.76 6.90 7.76
N ASN A 182 -19.02 8.13 8.21
CA ASN A 182 -20.20 8.86 7.75
C ASN A 182 -19.92 9.51 6.41
N SER A 183 -19.73 8.66 5.40
CA SER A 183 -19.52 9.11 4.04
C SER A 183 -19.98 8.04 3.06
N ALA A 184 -19.81 8.31 1.77
CA ALA A 184 -20.27 7.40 0.73
C ALA A 184 -19.66 6.00 0.84
N LYS A 185 -18.42 5.92 1.31
CA LYS A 185 -17.77 4.62 1.48
C LYS A 185 -18.41 3.86 2.65
N GLY A 186 -18.86 4.60 3.66
CA GLY A 186 -19.56 4.00 4.78
C GLY A 186 -20.88 3.38 4.37
N GLU A 187 -21.60 4.08 3.49
CA GLU A 187 -22.87 3.58 2.98
C GLU A 187 -22.66 2.32 2.13
N GLN A 188 -21.50 2.24 1.48
CA GLN A 188 -21.16 1.09 0.66
C GLN A 188 -21.14 -0.19 1.50
N ALA A 189 -20.41 -0.14 2.61
CA ALA A 189 -20.38 -1.26 3.54
C ALA A 189 -21.76 -1.54 4.11
N MET A 190 -22.55 -0.49 4.32
CA MET A 190 -23.90 -0.64 4.83
C MET A 190 -24.75 -1.40 3.81
N ALA A 191 -24.61 -1.05 2.54
CA ALA A 191 -25.31 -1.74 1.47
C ALA A 191 -24.82 -3.19 1.34
N TRP A 192 -23.58 -3.44 1.77
CA TRP A 192 -23.03 -4.79 1.74
C TRP A 192 -23.67 -5.67 2.82
N PHE A 193 -23.82 -5.11 4.02
CA PHE A 193 -24.53 -5.81 5.09
C PHE A 193 -25.93 -6.19 4.62
N ALA A 194 -26.61 -5.23 4.01
CA ALA A 194 -27.99 -5.38 3.58
C ALA A 194 -28.18 -6.50 2.57
N GLN A 195 -27.25 -6.61 1.62
CA GLN A 195 -27.36 -7.64 0.59
C GLN A 195 -27.18 -9.05 1.13
N GLN A 196 -26.63 -9.17 2.34
CA GLN A 196 -26.35 -10.47 2.92
C GLN A 196 -27.61 -11.18 3.39
N LYS A 197 -28.66 -10.42 3.63
CA LYS A 197 -29.92 -10.98 4.11
C LYS A 197 -30.53 -11.92 3.08
N SER A 198 -30.54 -11.49 1.83
CA SER A 198 -31.09 -12.28 0.74
C SER A 198 -30.05 -13.23 0.15
N ASN A 199 -28.84 -13.20 0.70
CA ASN A 199 -27.81 -14.14 0.31
C ASN A 199 -28.14 -15.52 0.88
N LYS A 200 -28.52 -16.45 0.01
CA LYS A 200 -28.94 -17.78 0.44
C LYS A 200 -27.77 -18.62 0.95
N GLY A 201 -26.57 -18.04 0.94
CA GLY A 201 -25.38 -18.70 1.44
C GLY A 201 -24.90 -18.11 2.76
N VAL A 202 -25.71 -17.24 3.34
CA VAL A 202 -25.39 -16.63 4.63
C VAL A 202 -26.49 -16.90 5.65
N MET A 203 -26.17 -17.65 6.71
CA MET A 203 -27.12 -17.90 7.78
C MET A 203 -26.82 -17.09 9.03
N GLN A 204 -27.81 -16.30 9.47
CA GLN A 204 -27.71 -15.60 10.74
C GLN A 204 -27.97 -16.55 11.89
N THR A 205 -26.98 -16.73 12.76
CA THR A 205 -27.13 -17.62 13.90
C THR A 205 -26.37 -17.10 15.12
N SER A 206 -26.92 -17.38 16.31
CA SER A 206 -26.28 -16.96 17.54
C SER A 206 -25.28 -18.00 18.05
N ASN A 207 -25.18 -19.12 17.35
CA ASN A 207 -24.13 -20.09 17.61
C ASN A 207 -23.64 -20.72 16.31
N ALA A 208 -22.63 -20.09 15.72
CA ALA A 208 -22.08 -20.53 14.43
C ALA A 208 -21.46 -21.92 14.54
N LEU A 209 -20.86 -22.22 15.69
CA LEU A 209 -20.28 -23.52 15.92
C LEU A 209 -21.32 -24.64 15.81
N ASN A 210 -22.53 -24.37 16.27
CA ASN A 210 -23.62 -25.34 16.18
C ASN A 210 -23.90 -25.74 14.74
N GLN A 211 -23.98 -24.74 13.87
CA GLN A 211 -24.31 -24.97 12.47
C GLN A 211 -23.19 -25.70 11.75
N LEU A 212 -21.96 -25.51 12.22
CA LEU A 212 -20.83 -26.24 11.68
C LEU A 212 -20.83 -27.65 12.24
N LYS A 213 -21.22 -27.79 13.50
CA LYS A 213 -21.35 -29.09 14.14
C LYS A 213 -22.45 -29.91 13.49
N SER A 214 -23.59 -29.27 13.23
CA SER A 214 -24.73 -29.95 12.62
C SER A 214 -24.48 -30.24 11.14
N GLY A 215 -23.70 -29.39 10.49
CA GLY A 215 -23.42 -29.53 9.07
C GLY A 215 -24.34 -28.66 8.23
N LYS A 216 -25.13 -27.81 8.88
CA LYS A 216 -26.00 -26.87 8.18
C LYS A 216 -25.19 -25.70 7.62
N ALA A 217 -23.91 -25.66 7.98
CA ALA A 217 -23.02 -24.64 7.47
C ALA A 217 -21.74 -25.28 6.92
N ALA A 218 -21.23 -24.70 5.85
CA ALA A 218 -19.98 -25.17 5.26
C ALA A 218 -18.78 -24.41 5.82
N ALA A 219 -19.02 -23.21 6.33
CA ALA A 219 -17.92 -22.35 6.80
C ALA A 219 -18.34 -21.41 7.93
N ILE A 220 -17.36 -21.03 8.75
CA ILE A 220 -17.58 -20.05 9.82
C ILE A 220 -16.38 -19.11 9.90
N LEU A 221 -16.60 -17.92 10.48
CA LEU A 221 -15.52 -16.99 10.77
C LEU A 221 -15.12 -17.11 12.23
N ASP A 222 -13.83 -17.26 12.51
CA ASP A 222 -13.35 -17.39 13.88
C ASP A 222 -11.84 -17.17 14.02
N GLY A 223 -11.39 -16.95 15.25
CA GLY A 223 -9.98 -16.71 15.53
C GLY A 223 -9.28 -17.95 16.06
N PRO A 224 -7.95 -17.89 16.19
CA PRO A 224 -7.10 -19.07 16.48
C PRO A 224 -7.28 -19.66 17.89
N TRP A 225 -8.13 -19.05 18.70
CA TRP A 225 -8.40 -19.56 20.03
C TRP A 225 -9.36 -20.74 19.98
N ASN A 226 -10.03 -20.89 18.83
CA ASN A 226 -11.02 -21.94 18.64
C ASN A 226 -10.59 -22.99 17.63
N SER A 227 -9.38 -22.87 17.09
CA SER A 227 -8.95 -23.73 15.99
C SER A 227 -8.98 -25.21 16.35
N ALA A 228 -8.40 -25.57 17.50
CA ALA A 228 -8.41 -26.95 17.96
C ALA A 228 -9.82 -27.45 18.16
N ASN A 229 -10.66 -26.60 18.72
CA ASN A 229 -12.07 -26.89 18.92
C ASN A 229 -12.78 -27.19 17.60
N ILE A 230 -12.43 -26.44 16.57
CA ILE A 230 -13.05 -26.62 15.26
C ILE A 230 -12.47 -27.84 14.53
N LYS A 231 -11.21 -28.15 14.82
CA LYS A 231 -10.56 -29.32 14.24
C LYS A 231 -11.25 -30.61 14.63
N LYS A 232 -11.62 -30.73 15.90
CA LYS A 232 -12.30 -31.92 16.40
C LYS A 232 -13.70 -32.03 15.80
N ILE A 233 -14.31 -30.88 15.53
CA ILE A 233 -15.64 -30.83 14.96
C ILE A 233 -15.66 -31.25 13.49
N LEU A 234 -14.74 -30.70 12.70
CA LEU A 234 -14.72 -30.93 11.27
C LEU A 234 -13.87 -32.14 10.87
N GLY A 235 -12.89 -32.47 11.70
CA GLY A 235 -12.07 -33.65 11.47
C GLY A 235 -11.32 -33.66 10.15
N LYS A 236 -11.57 -34.68 9.34
CA LYS A 236 -10.87 -34.85 8.07
C LYS A 236 -11.16 -33.69 7.12
N ASN A 237 -12.33 -33.09 7.27
CA ASN A 237 -12.76 -32.02 6.38
C ASN A 237 -12.41 -30.63 6.91
N PHE A 238 -11.55 -30.59 7.91
CA PHE A 238 -11.12 -29.32 8.50
C PHE A 238 -10.22 -28.57 7.54
N ALA A 239 -10.55 -27.30 7.31
CA ALA A 239 -9.72 -26.43 6.50
C ALA A 239 -9.84 -24.98 6.97
N VAL A 240 -8.76 -24.21 6.82
CA VAL A 240 -8.73 -22.83 7.26
C VAL A 240 -8.10 -21.95 6.19
N ALA A 241 -8.56 -20.71 6.10
CA ALA A 241 -8.05 -19.75 5.13
C ALA A 241 -8.33 -18.33 5.63
N PRO A 242 -7.54 -17.35 5.17
CA PRO A 242 -7.85 -15.96 5.52
C PRO A 242 -9.25 -15.55 5.06
N TYR A 243 -9.73 -14.41 5.55
CA TYR A 243 -10.96 -13.83 5.02
C TYR A 243 -10.85 -13.71 3.50
N PRO A 244 -12.00 -13.74 2.81
CA PRO A 244 -11.95 -13.60 1.35
C PRO A 244 -11.89 -12.14 0.95
N THR A 245 -12.01 -11.86 -0.34
CA THR A 245 -12.28 -10.51 -0.77
C THR A 245 -13.78 -10.31 -0.78
N ILE A 246 -14.21 -9.07 -0.66
CA ILE A 246 -15.61 -8.73 -0.84
C ILE A 246 -15.70 -7.64 -1.90
N LYS A 247 -16.88 -7.49 -2.48
CA LYS A 247 -17.08 -6.48 -3.52
C LYS A 247 -17.62 -5.18 -2.94
N LEU A 248 -16.81 -4.13 -3.00
CA LEU A 248 -17.21 -2.81 -2.57
C LEU A 248 -16.78 -1.78 -3.62
N ASP A 249 -17.66 -0.82 -3.90
CA ASP A 249 -17.39 0.22 -4.90
C ASP A 249 -17.05 -0.40 -6.26
N GLY A 250 -17.65 -1.55 -6.55
CA GLY A 250 -17.45 -2.21 -7.82
C GLY A 250 -16.13 -2.95 -7.96
N LYS A 251 -15.32 -2.95 -6.91
CA LYS A 251 -14.04 -3.66 -6.97
C LYS A 251 -13.85 -4.61 -5.79
N ASP A 252 -13.02 -5.62 -6.00
CA ASP A 252 -12.75 -6.64 -4.99
C ASP A 252 -11.63 -6.21 -4.04
N VAL A 253 -11.96 -6.13 -2.75
CA VAL A 253 -10.99 -5.75 -1.74
C VAL A 253 -10.98 -6.73 -0.57
N GLN A 254 -9.82 -6.91 0.04
CA GLN A 254 -9.67 -7.81 1.17
C GLN A 254 -10.64 -7.46 2.30
N MET A 255 -11.46 -8.45 2.68
CA MET A 255 -12.33 -8.31 3.83
C MET A 255 -11.46 -8.30 5.09
N GLN A 256 -11.61 -7.26 5.91
CA GLN A 256 -10.74 -7.10 7.07
C GLN A 256 -11.33 -7.73 8.32
N ALA A 257 -10.44 -7.99 9.28
CA ALA A 257 -10.82 -8.34 10.63
C ALA A 257 -10.04 -7.43 11.58
N PHE A 258 -10.36 -7.46 12.85
CA PHE A 258 -9.55 -6.76 13.85
C PHE A 258 -8.30 -7.56 14.15
N LEU A 259 -7.22 -6.86 14.47
CA LEU A 259 -5.99 -7.52 14.87
C LEU A 259 -5.78 -7.30 16.35
N GLY A 260 -5.42 -8.37 17.06
CA GLY A 260 -5.17 -8.29 18.48
C GLY A 260 -3.77 -8.72 18.82
N ILE A 261 -3.12 -7.99 19.72
CA ILE A 261 -1.78 -8.33 20.18
C ILE A 261 -1.80 -8.71 21.66
N GLU A 262 -1.37 -9.92 21.97
CA GLU A 262 -1.35 -10.41 23.35
C GLU A 262 -0.03 -10.04 24.01
N THR A 263 -0.12 -9.47 25.21
CA THR A 263 1.06 -8.90 25.87
C THR A 263 1.15 -9.19 27.36
N PHE A 264 2.27 -8.78 27.93
CA PHE A 264 2.45 -8.72 29.37
C PHE A 264 2.91 -7.32 29.76
N ALA A 265 2.21 -6.72 30.72
CA ALA A 265 2.56 -5.39 31.22
C ALA A 265 2.98 -5.46 32.69
N VAL A 266 3.66 -4.41 33.14
CA VAL A 266 4.10 -4.32 34.53
C VAL A 266 3.17 -3.44 35.35
N ASN A 267 2.72 -3.95 36.49
CA ASN A 267 1.87 -3.18 37.41
C ASN A 267 2.67 -2.09 38.10
N SER A 268 2.31 -0.84 37.82
CA SER A 268 3.03 0.31 38.38
C SER A 268 2.66 0.54 39.84
N HIS A 269 1.60 -0.14 40.29
CA HIS A 269 1.11 0.01 41.66
C HIS A 269 1.58 -1.13 42.55
N ALA A 270 2.40 -2.02 41.99
CA ALA A 270 2.93 -3.14 42.75
C ALA A 270 4.20 -2.72 43.49
N SER A 271 4.65 -3.56 44.43
CA SER A 271 5.75 -3.24 45.33
C SER A 271 6.96 -2.64 44.60
N GLY A 272 7.51 -1.57 45.17
CA GLY A 272 8.54 -0.80 44.52
C GLY A 272 9.85 -1.53 44.28
N SER A 273 10.31 -2.28 45.28
CA SER A 273 11.60 -2.95 45.21
C SER A 273 11.60 -4.08 44.20
N ASN A 274 10.40 -4.51 43.79
CA ASN A 274 10.26 -5.61 42.87
C ASN A 274 9.91 -5.16 41.45
N GLN A 275 9.93 -3.84 41.24
CA GLN A 275 9.60 -3.27 39.94
C GLN A 275 10.66 -3.58 38.89
N LYS A 276 11.92 -3.58 39.28
CA LYS A 276 13.00 -3.92 38.35
C LYS A 276 12.93 -5.38 37.96
N ALA A 277 12.66 -6.24 38.95
CA ALA A 277 12.48 -7.66 38.69
C ALA A 277 11.28 -7.90 37.77
N ALA A 278 10.21 -7.14 37.98
CA ALA A 278 8.98 -7.28 37.21
C ALA A 278 9.22 -7.03 35.72
N ALA A 279 9.98 -5.97 35.43
CA ALA A 279 10.32 -5.63 34.05
C ALA A 279 11.13 -6.76 33.42
N THR A 280 12.04 -7.32 34.21
CA THR A 280 12.89 -8.41 33.76
C THR A 280 12.08 -9.66 33.41
N LEU A 281 11.08 -9.96 34.23
CA LEU A 281 10.21 -11.11 34.01
C LEU A 281 9.38 -10.91 32.74
N ALA A 282 8.80 -9.72 32.61
CA ALA A 282 7.98 -9.40 31.44
C ALA A 282 8.79 -9.51 30.16
N SER A 283 9.96 -8.89 30.16
CA SER A 283 10.87 -8.91 29.01
C SER A 283 11.20 -10.34 28.58
N PHE A 284 11.50 -11.19 29.56
CA PHE A 284 11.90 -12.57 29.28
C PHE A 284 10.74 -13.43 28.80
N ILE A 285 9.61 -13.41 29.52
CA ILE A 285 8.54 -14.35 29.22
C ILE A 285 7.88 -14.07 27.87
N THR A 286 8.29 -12.99 27.21
CA THR A 286 7.79 -12.67 25.89
C THR A 286 8.90 -12.67 24.85
N ASN A 287 10.04 -13.29 25.17
CA ASN A 287 11.14 -13.36 24.21
C ASN A 287 10.93 -14.46 23.17
N LYS A 288 11.95 -14.65 22.32
CA LYS A 288 11.85 -15.56 21.19
C LYS A 288 11.59 -17.02 21.60
N GLU A 289 12.35 -17.52 22.57
CA GLU A 289 12.20 -18.90 23.01
C GLU A 289 10.83 -19.14 23.64
N SER A 290 10.39 -18.19 24.46
CA SER A 290 9.11 -18.29 25.16
C SER A 290 7.95 -18.38 24.18
N GLN A 291 8.00 -17.57 23.13
CA GLN A 291 6.92 -17.53 22.14
C GLN A 291 6.69 -18.87 21.45
N LEU A 292 7.77 -19.63 21.25
CA LEU A 292 7.61 -20.95 20.65
C LEU A 292 7.16 -21.98 21.69
N ILE A 293 7.52 -21.76 22.95
CA ILE A 293 7.00 -22.61 24.02
C ILE A 293 5.51 -22.38 24.17
N VAL A 294 5.12 -21.10 24.19
CA VAL A 294 3.72 -20.71 24.18
C VAL A 294 3.00 -21.31 22.97
N TYR A 295 3.70 -21.32 21.84
CA TYR A 295 3.15 -21.90 20.61
C TYR A 295 3.06 -23.42 20.71
N ASP A 296 4.12 -24.05 21.21
CA ASP A 296 4.14 -25.50 21.40
C ASP A 296 2.93 -26.00 22.17
N HIS A 297 2.51 -25.23 23.16
CA HIS A 297 1.47 -25.65 24.09
C HIS A 297 0.08 -25.15 23.71
N SER A 298 -0.01 -23.90 23.25
CA SER A 298 -1.30 -23.28 23.05
C SER A 298 -1.61 -22.98 21.58
N GLY A 299 -0.59 -23.09 20.73
CA GLY A 299 -0.76 -22.84 19.31
C GLY A 299 -0.69 -21.37 18.93
N GLN A 300 -0.68 -20.49 19.93
CA GLN A 300 -0.67 -19.04 19.70
C GLN A 300 0.44 -18.62 18.76
N ILE A 301 0.14 -17.65 17.91
CA ILE A 301 1.04 -17.22 16.85
C ILE A 301 2.01 -16.16 17.32
N PRO A 302 3.32 -16.45 17.23
CA PRO A 302 4.37 -15.55 17.73
C PRO A 302 4.45 -14.26 16.92
N VAL A 303 4.94 -13.18 17.53
CA VAL A 303 5.17 -11.95 16.81
C VAL A 303 6.66 -11.72 16.59
N ASP A 304 7.47 -12.59 17.20
CA ASP A 304 8.90 -12.56 16.97
C ASP A 304 9.17 -12.90 15.51
N LYS A 305 9.99 -12.07 14.86
CA LYS A 305 10.28 -12.23 13.44
C LYS A 305 10.99 -13.55 13.15
N THR A 306 11.94 -13.92 14.00
CA THR A 306 12.74 -15.11 13.77
C THR A 306 12.08 -16.38 14.30
N ALA A 307 10.99 -16.23 15.05
CA ALA A 307 10.23 -17.37 15.56
C ALA A 307 9.12 -17.75 14.60
N GLN A 308 8.60 -16.78 13.87
CA GLN A 308 7.54 -17.02 12.88
C GLN A 308 8.04 -17.88 11.73
N LYS A 309 9.37 -17.97 11.61
CA LYS A 309 10.00 -18.68 10.50
C LYS A 309 10.20 -20.18 10.77
N SER A 310 9.97 -20.61 12.00
CA SER A 310 10.20 -22.00 12.36
C SER A 310 9.20 -22.89 11.61
N SER A 311 9.68 -24.06 11.18
CA SER A 311 8.86 -24.99 10.42
C SER A 311 7.60 -25.38 11.18
N LYS A 312 7.70 -25.40 12.51
CA LYS A 312 6.55 -25.68 13.36
C LYS A 312 5.44 -24.66 13.16
N VAL A 313 5.84 -23.40 12.96
CA VAL A 313 4.88 -22.32 12.73
C VAL A 313 4.55 -22.23 11.25
N ALA A 314 5.54 -22.57 10.42
CA ALA A 314 5.37 -22.51 8.97
C ALA A 314 4.82 -23.82 8.39
N SER A 315 4.21 -24.63 9.24
CA SER A 315 3.49 -25.82 8.78
C SER A 315 2.02 -25.68 9.15
N ASP A 316 1.77 -24.82 10.13
CA ASP A 316 0.42 -24.62 10.63
C ASP A 316 -0.44 -23.84 9.67
N PRO A 317 -1.54 -24.45 9.22
CA PRO A 317 -2.51 -23.78 8.36
C PRO A 317 -3.15 -22.59 9.08
N VAL A 318 -3.42 -22.76 10.37
CA VAL A 318 -4.01 -21.70 11.17
C VAL A 318 -3.04 -20.54 11.33
N ALA A 319 -1.78 -20.85 11.65
CA ALA A 319 -0.77 -19.82 11.81
C ALA A 319 -0.58 -19.05 10.50
N GLY A 320 -0.70 -19.76 9.38
CA GLY A 320 -0.57 -19.14 8.07
C GLY A 320 -1.66 -18.12 7.81
N ALA A 321 -2.90 -18.51 8.02
CA ALA A 321 -4.05 -17.63 7.79
C ALA A 321 -4.03 -16.42 8.72
N VAL A 322 -3.68 -16.63 9.99
CA VAL A 322 -3.61 -15.54 10.96
C VAL A 322 -2.50 -14.56 10.61
N MET A 323 -1.33 -15.09 10.25
CA MET A 323 -0.20 -14.23 9.89
C MET A 323 -0.48 -13.46 8.60
N THR A 324 -1.25 -14.07 7.70
CA THR A 324 -1.67 -13.39 6.48
C THR A 324 -2.64 -12.26 6.82
N MET A 325 -3.62 -12.56 7.66
CA MET A 325 -4.57 -11.54 8.11
C MET A 325 -3.85 -10.39 8.81
N ALA A 326 -2.76 -10.71 9.50
CA ALA A 326 -2.02 -9.72 10.28
C ALA A 326 -1.32 -8.68 9.42
N LYS A 327 -1.12 -8.98 8.15
CA LYS A 327 -0.51 -8.03 7.23
C LYS A 327 -1.36 -6.77 7.13
N PRO A 328 -0.71 -5.61 6.98
CA PRO A 328 -1.43 -4.35 6.77
C PRO A 328 -2.33 -4.44 5.54
N GLY A 329 -3.53 -3.88 5.64
CA GLY A 329 -4.49 -3.97 4.56
C GLY A 329 -5.48 -5.11 4.75
N ASN A 330 -5.07 -6.12 5.53
CA ASN A 330 -5.93 -7.27 5.79
C ASN A 330 -6.60 -7.21 7.17
N SER A 331 -6.03 -6.40 8.05
CA SER A 331 -6.62 -6.22 9.37
C SER A 331 -6.22 -4.88 9.96
N THR A 332 -6.99 -4.43 10.93
CA THR A 332 -6.69 -3.19 11.65
C THR A 332 -6.63 -3.47 13.14
N LEU A 333 -5.58 -2.99 13.79
CA LEU A 333 -5.45 -3.10 15.24
C LEU A 333 -6.66 -2.47 15.93
N MET A 334 -7.23 -3.17 16.90
CA MET A 334 -8.36 -2.61 17.64
C MET A 334 -7.90 -1.41 18.45
N PRO A 335 -8.61 -0.28 18.28
CA PRO A 335 -8.27 0.98 18.95
C PRO A 335 -8.29 0.90 20.48
N LYS A 336 -7.50 1.75 21.12
CA LYS A 336 -7.42 1.80 22.58
C LYS A 336 -8.27 2.91 23.16
N MET A 337 -8.91 3.69 22.28
CA MET A 337 -9.70 4.84 22.73
C MET A 337 -10.78 4.43 23.71
N PRO A 338 -11.00 5.27 24.74
CA PRO A 338 -12.02 5.02 25.77
C PRO A 338 -13.43 5.07 25.19
N GLN A 339 -13.58 5.81 24.10
CA GLN A 339 -14.87 5.96 23.44
C GLN A 339 -15.31 4.66 22.77
N MET A 340 -14.43 3.65 22.74
CA MET A 340 -14.76 2.35 22.19
C MET A 340 -15.89 1.70 22.99
N ALA A 341 -16.06 2.13 24.23
CA ALA A 341 -17.12 1.62 25.10
C ALA A 341 -18.50 1.91 24.51
N THR A 342 -18.67 3.10 23.94
CA THR A 342 -19.92 3.46 23.29
C THR A 342 -20.00 2.79 21.93
N PHE A 343 -18.84 2.70 21.25
CA PHE A 343 -18.73 2.02 19.98
C PHE A 343 -19.32 0.62 20.05
N TRP A 344 -18.91 -0.16 21.04
CA TRP A 344 -19.38 -1.53 21.20
C TRP A 344 -20.88 -1.61 21.45
N ASN A 345 -21.44 -0.55 22.02
CA ASN A 345 -22.88 -0.49 22.22
C ASN A 345 -23.62 -0.12 20.95
N ASP A 346 -22.98 0.69 20.10
CA ASP A 346 -23.66 1.28 18.94
C ASP A 346 -23.32 0.64 17.61
N ALA A 347 -22.18 -0.05 17.54
CA ALA A 347 -21.75 -0.66 16.28
C ALA A 347 -22.67 -1.79 15.85
N ALA A 348 -23.00 -2.70 16.77
CA ALA A 348 -23.89 -3.81 16.46
C ALA A 348 -25.30 -3.38 16.01
N PRO A 349 -25.93 -2.41 16.70
CA PRO A 349 -27.23 -1.94 16.20
C PRO A 349 -27.15 -1.33 14.82
N LEU A 350 -26.04 -0.66 14.52
CA LEU A 350 -25.81 -0.09 13.20
C LEU A 350 -25.68 -1.17 12.14
N ILE A 351 -24.78 -2.12 12.38
CA ILE A 351 -24.48 -3.18 11.42
C ILE A 351 -25.68 -4.11 11.18
N ASN A 352 -26.36 -4.50 12.25
CA ASN A 352 -27.48 -5.43 12.13
C ASN A 352 -28.72 -4.74 11.56
N GLY A 353 -28.84 -3.43 11.79
CA GLY A 353 -29.92 -2.65 11.22
C GLY A 353 -29.77 -2.56 9.71
N ALA A 354 -28.53 -2.59 9.26
CA ALA A 354 -28.24 -2.60 7.83
C ALA A 354 -28.63 -3.96 7.25
N TYR A 355 -28.23 -5.02 7.96
CA TYR A 355 -28.45 -6.39 7.51
C TYR A 355 -29.92 -6.80 7.49
N THR A 356 -30.64 -6.52 8.58
CA THR A 356 -32.04 -6.91 8.66
C THR A 356 -32.92 -5.96 7.85
N GLY A 357 -32.51 -4.71 7.75
CA GLY A 357 -33.22 -3.75 6.91
C GLY A 357 -34.06 -2.75 7.68
N SER A 358 -34.01 -2.80 9.01
CA SER A 358 -34.73 -1.83 9.83
C SER A 358 -34.13 -0.45 9.60
N ILE A 359 -32.87 -0.40 9.18
CA ILE A 359 -32.29 0.81 8.64
C ILE A 359 -32.33 0.74 7.11
N PRO A 360 -33.17 1.58 6.49
CA PRO A 360 -33.28 1.62 5.02
C PRO A 360 -32.13 2.37 4.37
N ALA A 361 -31.90 2.11 3.08
CA ALA A 361 -30.79 2.71 2.35
C ALA A 361 -30.85 4.23 2.34
N SER A 362 -32.06 4.78 2.38
CA SER A 362 -32.22 6.23 2.38
C SER A 362 -31.79 6.84 3.71
N GLN A 363 -31.64 6.00 4.73
CA GLN A 363 -31.28 6.50 6.05
C GLN A 363 -29.86 6.09 6.47
N TYR A 364 -29.10 5.51 5.54
CA TYR A 364 -27.71 5.14 5.82
C TYR A 364 -26.90 6.36 6.20
N SER A 365 -27.04 7.43 5.43
CA SER A 365 -26.23 8.64 5.62
C SER A 365 -26.56 9.35 6.93
N THR A 366 -27.82 9.28 7.35
CA THR A 366 -28.24 9.88 8.60
C THR A 366 -27.77 9.05 9.79
N LYS A 367 -27.98 7.74 9.70
CA LYS A 367 -27.63 6.83 10.78
C LYS A 367 -26.11 6.71 10.96
N LEU A 368 -25.36 6.94 9.90
CA LEU A 368 -23.90 6.95 10.01
C LEU A 368 -23.42 8.25 10.65
N ASP A 369 -24.15 9.34 10.41
CA ASP A 369 -23.84 10.61 11.03
C ASP A 369 -23.97 10.52 12.54
N THR A 370 -25.10 9.94 12.98
CA THR A 370 -25.39 9.77 14.39
C THR A 370 -24.37 8.86 15.06
N PHE A 371 -23.99 7.79 14.38
CA PHE A 371 -23.01 6.84 14.90
C PHE A 371 -21.68 7.55 15.19
N VAL A 372 -21.15 8.23 14.18
CA VAL A 372 -19.91 8.99 14.35
C VAL A 372 -20.03 10.00 15.49
N LYS A 373 -21.16 10.69 15.55
CA LYS A 373 -21.39 11.64 16.63
C LYS A 373 -21.36 10.95 17.99
N ASN A 374 -21.97 9.78 18.08
CA ASN A 374 -22.04 9.04 19.33
C ASN A 374 -20.65 8.64 19.85
N ILE A 375 -19.80 8.16 18.97
CA ILE A 375 -18.55 7.54 19.40
C ILE A 375 -17.34 8.48 19.41
N SER A 376 -17.55 9.75 19.12
CA SER A 376 -16.44 10.70 19.01
C SER A 376 -16.50 11.83 20.04
N LYS A 377 -17.16 11.56 21.17
CA LYS A 377 -17.42 12.61 22.15
C LYS A 377 -16.22 12.96 23.02
N ALA A 378 -15.97 14.26 23.16
CA ALA A 378 -14.92 14.75 24.03
C ALA A 378 -15.39 14.77 25.47
N ASN B 6 -64.81 -15.52 -58.47
CA ASN B 6 -64.87 -14.24 -59.16
C ASN B 6 -64.44 -13.09 -58.25
N VAL B 7 -63.14 -13.00 -58.01
CA VAL B 7 -62.60 -11.98 -57.11
C VAL B 7 -62.37 -10.65 -57.84
N SER B 8 -62.81 -9.56 -57.23
CA SER B 8 -62.61 -8.24 -57.79
C SER B 8 -62.46 -7.19 -56.69
N GLY B 9 -62.01 -6.00 -57.07
CA GLY B 9 -61.87 -4.91 -56.13
C GLY B 9 -60.61 -4.09 -56.30
N SER B 10 -60.39 -3.16 -55.37
CA SER B 10 -59.23 -2.29 -55.40
C SER B 10 -58.57 -2.25 -54.03
N VAL B 11 -57.37 -2.80 -53.94
CA VAL B 11 -56.68 -2.91 -52.66
C VAL B 11 -55.31 -2.25 -52.67
N LYS B 12 -54.91 -1.71 -51.52
CA LYS B 12 -53.59 -1.12 -51.36
C LYS B 12 -52.69 -2.09 -50.58
N LEU B 13 -51.44 -2.23 -51.02
CA LEU B 13 -50.51 -3.13 -50.36
C LEU B 13 -49.34 -2.36 -49.74
N TRP B 14 -49.21 -2.46 -48.42
CA TRP B 14 -48.11 -1.80 -47.72
C TRP B 14 -46.91 -2.73 -47.56
N VAL B 15 -45.78 -2.33 -48.12
CA VAL B 15 -44.54 -3.08 -47.97
C VAL B 15 -43.43 -2.14 -47.50
N ASP B 16 -42.29 -2.71 -47.10
CA ASP B 16 -41.19 -1.93 -46.55
C ASP B 16 -40.50 -1.07 -47.59
N THR B 17 -39.30 -0.61 -47.25
CA THR B 17 -38.50 0.21 -48.15
C THR B 17 -37.72 -0.65 -49.14
N THR B 18 -37.50 -0.11 -50.34
CA THR B 18 -36.78 -0.79 -51.42
C THR B 18 -37.48 -2.08 -51.87
N GLN B 19 -38.60 -2.42 -51.23
CA GLN B 19 -39.31 -3.67 -51.51
C GLN B 19 -40.36 -3.54 -52.60
N VAL B 20 -40.87 -2.32 -52.78
CA VAL B 20 -41.93 -2.06 -53.77
C VAL B 20 -41.63 -2.61 -55.18
N PRO B 21 -40.37 -2.49 -55.65
CA PRO B 21 -40.09 -3.06 -56.98
C PRO B 21 -40.48 -4.54 -57.17
N TYR B 22 -40.08 -5.42 -56.25
CA TYR B 22 -40.31 -6.85 -56.49
C TYR B 22 -41.69 -7.32 -56.02
N TYR B 23 -42.41 -6.48 -55.30
CA TYR B 23 -43.78 -6.81 -54.95
C TYR B 23 -44.71 -6.43 -56.08
N LYS B 24 -44.35 -5.40 -56.83
CA LYS B 24 -45.08 -5.08 -58.05
C LYS B 24 -44.91 -6.21 -59.05
N LYS B 25 -43.73 -6.84 -59.04
CA LYS B 25 -43.49 -8.04 -59.84
C LYS B 25 -44.43 -9.16 -59.42
N ILE B 26 -44.60 -9.30 -58.11
CA ILE B 26 -45.44 -10.36 -57.56
C ILE B 26 -46.91 -10.06 -57.82
N VAL B 27 -47.27 -8.77 -57.78
CA VAL B 27 -48.63 -8.34 -58.12
C VAL B 27 -48.92 -8.60 -59.60
N ALA B 28 -47.87 -8.54 -60.43
CA ALA B 28 -48.00 -8.86 -61.84
C ALA B 28 -48.40 -10.33 -62.01
N ASN B 29 -47.76 -11.21 -61.25
CA ASN B 29 -48.08 -12.62 -61.29
C ASN B 29 -49.45 -12.89 -60.68
N PHE B 30 -49.79 -12.14 -59.64
CA PHE B 30 -51.09 -12.21 -58.99
C PHE B 30 -52.22 -11.91 -59.97
N ASN B 31 -52.06 -10.84 -60.74
CA ASN B 31 -53.09 -10.40 -61.69
C ASN B 31 -53.26 -11.36 -62.87
N LYS B 32 -52.33 -12.30 -63.03
CA LYS B 32 -52.47 -13.34 -64.05
C LYS B 32 -53.64 -14.25 -63.71
N LYS B 33 -53.80 -14.56 -62.43
CA LYS B 33 -54.84 -15.47 -61.98
C LYS B 33 -56.08 -14.70 -61.50
N TYR B 34 -55.86 -13.44 -61.12
CA TYR B 34 -56.95 -12.59 -60.65
C TYR B 34 -56.90 -11.24 -61.36
N PRO B 35 -57.53 -11.16 -62.55
CA PRO B 35 -57.50 -9.98 -63.41
C PRO B 35 -58.19 -8.75 -62.80
N ASP B 36 -59.26 -8.98 -62.06
CA ASP B 36 -60.15 -7.89 -61.64
C ASP B 36 -59.70 -7.17 -60.36
N VAL B 37 -58.70 -7.71 -59.67
CA VAL B 37 -58.21 -7.05 -58.46
C VAL B 37 -57.07 -6.11 -58.80
N LYS B 38 -57.32 -4.81 -58.70
CA LYS B 38 -56.28 -3.82 -58.91
C LYS B 38 -55.57 -3.56 -57.60
N VAL B 39 -54.25 -3.68 -57.62
CA VAL B 39 -53.45 -3.57 -56.41
C VAL B 39 -52.51 -2.37 -56.46
N LYS B 40 -52.62 -1.49 -55.47
CA LYS B 40 -51.71 -0.34 -55.37
C LYS B 40 -50.60 -0.61 -54.38
N VAL B 41 -49.39 -0.83 -54.89
CA VAL B 41 -48.25 -1.14 -54.04
C VAL B 41 -47.55 0.12 -53.56
N THR B 42 -47.80 0.50 -52.31
CA THR B 42 -47.15 1.67 -51.73
C THR B 42 -46.30 1.30 -50.53
N GLN B 43 -45.38 2.19 -50.19
CA GLN B 43 -44.56 2.02 -49.01
C GLN B 43 -45.39 2.21 -47.74
N SER B 44 -45.21 1.33 -46.77
CA SER B 44 -45.75 1.56 -45.44
C SER B 44 -45.02 2.77 -44.86
N PRO B 45 -45.76 3.68 -44.21
CA PRO B 45 -45.22 4.94 -43.69
C PRO B 45 -43.97 4.80 -42.83
N ASN B 46 -43.88 3.77 -41.99
CA ASN B 46 -42.72 3.63 -41.11
C ASN B 46 -42.15 2.22 -40.98
N GLY B 47 -42.45 1.35 -41.94
CA GLY B 47 -41.88 0.02 -41.96
C GLY B 47 -42.74 -1.05 -41.30
N SER B 48 -42.42 -2.31 -41.57
CA SER B 48 -43.16 -3.43 -41.00
C SER B 48 -42.94 -3.53 -39.50
N ALA B 49 -41.86 -2.92 -39.03
CA ALA B 49 -41.55 -2.91 -37.60
C ALA B 49 -42.52 -2.02 -36.85
N ASN B 50 -43.16 -1.11 -37.57
CA ASN B 50 -44.13 -0.19 -36.98
C ASN B 50 -45.51 -0.33 -37.59
N ALA B 51 -45.88 -1.56 -37.92
CA ALA B 51 -47.17 -1.83 -38.56
C ALA B 51 -48.34 -1.54 -37.63
N LYS B 52 -48.21 -1.91 -36.35
CA LYS B 52 -49.32 -1.73 -35.42
C LYS B 52 -49.63 -0.26 -35.19
N THR B 53 -48.60 0.58 -35.28
CA THR B 53 -48.74 2.01 -35.10
C THR B 53 -49.23 2.69 -36.37
N ASP B 54 -48.63 2.31 -37.51
CA ASP B 54 -49.02 2.87 -38.80
C ASP B 54 -50.48 2.57 -39.13
N VAL B 55 -50.90 1.32 -38.92
CA VAL B 55 -52.30 0.95 -39.12
C VAL B 55 -53.17 1.65 -38.09
N GLY B 56 -52.70 1.69 -36.86
CA GLY B 56 -53.45 2.18 -35.72
C GLY B 56 -53.94 3.62 -35.83
N LYS B 57 -53.11 4.49 -36.41
CA LYS B 57 -53.47 5.90 -36.61
C LYS B 57 -54.92 6.06 -37.06
N ASP B 58 -55.31 5.24 -38.04
CA ASP B 58 -56.69 5.15 -38.50
C ASP B 58 -56.82 3.92 -39.38
N PRO B 59 -57.44 2.85 -38.84
CA PRO B 59 -57.67 1.60 -39.57
C PRO B 59 -58.40 1.78 -40.90
N ALA B 60 -59.33 2.73 -40.96
CA ALA B 60 -60.22 2.87 -42.10
C ALA B 60 -59.51 3.21 -43.41
N LYS B 61 -58.46 4.04 -43.34
CA LYS B 61 -57.73 4.39 -44.55
C LYS B 61 -56.40 3.65 -44.67
N ALA B 62 -56.02 2.90 -43.64
CA ALA B 62 -54.82 2.08 -43.71
C ALA B 62 -54.95 1.04 -44.82
N ALA B 63 -53.82 0.48 -45.24
CA ALA B 63 -53.82 -0.46 -46.36
C ALA B 63 -54.64 -1.71 -46.04
N ASP B 64 -55.18 -2.34 -47.07
CA ASP B 64 -55.99 -3.54 -46.91
C ASP B 64 -55.13 -4.73 -46.52
N VAL B 65 -53.94 -4.79 -47.11
CA VAL B 65 -52.95 -5.81 -46.80
C VAL B 65 -51.63 -5.12 -46.44
N PHE B 66 -51.05 -5.47 -45.30
CA PHE B 66 -49.84 -4.81 -44.83
C PHE B 66 -48.83 -5.80 -44.24
N GLU B 67 -47.55 -5.49 -44.42
CA GLU B 67 -46.49 -6.35 -43.93
C GLU B 67 -46.26 -6.10 -42.44
N VAL B 68 -46.10 -7.18 -41.68
CA VAL B 68 -45.99 -7.07 -40.23
C VAL B 68 -45.24 -8.26 -39.63
N ALA B 69 -44.40 -7.99 -38.64
CA ALA B 69 -43.71 -9.04 -37.91
C ALA B 69 -44.67 -9.74 -36.95
N ASN B 70 -44.49 -11.05 -36.79
CA ASN B 70 -45.42 -11.87 -36.03
C ASN B 70 -45.63 -11.42 -34.58
N ASP B 71 -44.64 -10.73 -34.02
CA ASP B 71 -44.70 -10.34 -32.60
C ASP B 71 -45.71 -9.23 -32.36
N GLN B 72 -46.12 -8.53 -33.43
CA GLN B 72 -47.11 -7.48 -33.31
C GLN B 72 -48.54 -7.98 -33.50
N LEU B 73 -48.70 -9.26 -33.82
CA LEU B 73 -50.01 -9.81 -34.17
C LEU B 73 -50.96 -9.87 -32.98
N GLY B 74 -50.43 -10.13 -31.79
CA GLY B 74 -51.25 -10.16 -30.60
C GLY B 74 -51.86 -8.79 -30.34
N SER B 75 -50.99 -7.78 -30.40
CA SER B 75 -51.40 -6.40 -30.16
C SER B 75 -52.48 -5.95 -31.13
N MET B 76 -52.35 -6.33 -32.40
CA MET B 76 -53.25 -5.87 -33.44
C MET B 76 -54.55 -6.67 -33.45
N ALA B 77 -54.49 -7.92 -32.99
CA ALA B 77 -55.70 -8.72 -32.83
C ALA B 77 -56.52 -8.17 -31.67
N GLU B 78 -55.87 -8.01 -30.52
CA GLU B 78 -56.55 -7.51 -29.33
C GLU B 78 -57.04 -6.07 -29.52
N ALA B 79 -56.41 -5.33 -30.43
CA ALA B 79 -56.86 -3.98 -30.76
C ALA B 79 -58.00 -4.00 -31.77
N GLY B 80 -58.21 -5.16 -32.39
CA GLY B 80 -59.29 -5.34 -33.34
C GLY B 80 -58.99 -4.86 -34.76
N TYR B 81 -57.72 -4.92 -35.16
CA TYR B 81 -57.31 -4.50 -36.50
C TYR B 81 -57.27 -5.66 -37.49
N ILE B 82 -57.25 -6.88 -36.99
CA ILE B 82 -57.17 -8.07 -37.84
C ILE B 82 -58.18 -9.13 -37.40
N ASN B 83 -58.92 -9.67 -38.37
CA ASN B 83 -59.78 -10.82 -38.12
C ASN B 83 -58.98 -12.10 -38.24
N PRO B 84 -59.36 -13.14 -37.47
CA PRO B 84 -58.69 -14.43 -37.61
C PRO B 84 -58.93 -15.07 -38.98
N LEU B 85 -57.96 -15.84 -39.45
CA LEU B 85 -58.14 -16.62 -40.69
C LEU B 85 -59.19 -17.69 -40.45
N SER B 86 -59.99 -17.96 -41.47
CA SER B 86 -60.97 -19.05 -41.41
C SER B 86 -60.24 -20.38 -41.27
N PRO B 87 -60.94 -21.40 -40.74
CA PRO B 87 -60.41 -22.77 -40.69
C PRO B 87 -59.82 -23.24 -42.03
N ASP B 88 -60.40 -22.79 -43.14
CA ASP B 88 -59.92 -23.17 -44.47
C ASP B 88 -58.59 -22.50 -44.80
N ALA B 89 -58.53 -21.18 -44.63
CA ALA B 89 -57.30 -20.43 -44.89
C ALA B 89 -56.19 -20.85 -43.94
N THR B 90 -56.57 -21.16 -42.70
CA THR B 90 -55.64 -21.69 -41.71
C THR B 90 -55.01 -22.97 -42.22
N LYS B 91 -55.86 -23.88 -42.70
CA LYS B 91 -55.44 -25.15 -43.25
C LYS B 91 -54.40 -24.98 -44.36
N ALA B 92 -54.60 -23.97 -45.20
CA ALA B 92 -53.67 -23.69 -46.30
C ALA B 92 -52.28 -23.27 -45.80
N VAL B 93 -52.25 -22.31 -44.87
CA VAL B 93 -51.00 -21.87 -44.26
C VAL B 93 -50.27 -23.06 -43.65
N LYS B 94 -51.04 -23.88 -42.92
CA LYS B 94 -50.49 -25.05 -42.22
C LYS B 94 -49.95 -26.12 -43.16
N ASN B 95 -50.59 -26.31 -44.30
CA ASN B 95 -50.18 -27.39 -45.19
C ASN B 95 -48.88 -27.07 -45.93
N ASN B 96 -48.67 -25.80 -46.23
CA ASN B 96 -47.62 -25.39 -47.14
C ASN B 96 -46.35 -24.91 -46.45
N ASN B 97 -46.47 -24.46 -45.21
CA ASN B 97 -45.34 -23.86 -44.51
C ASN B 97 -44.86 -24.66 -43.30
N VAL B 98 -43.60 -24.47 -42.93
CA VAL B 98 -43.02 -25.16 -41.77
C VAL B 98 -43.76 -24.76 -40.50
N ALA B 99 -43.86 -25.70 -39.56
CA ALA B 99 -44.72 -25.55 -38.39
C ALA B 99 -44.43 -24.28 -37.58
N VAL B 100 -43.17 -23.89 -37.53
CA VAL B 100 -42.80 -22.74 -36.71
C VAL B 100 -43.32 -21.43 -37.32
N ALA B 101 -43.57 -21.45 -38.62
CA ALA B 101 -44.17 -20.29 -39.29
C ALA B 101 -45.67 -20.24 -39.00
N SER B 102 -46.28 -21.42 -38.92
CA SER B 102 -47.69 -21.54 -38.58
C SER B 102 -47.91 -21.16 -37.12
N GLU B 103 -47.06 -21.68 -36.23
CA GLU B 103 -47.11 -21.30 -34.82
C GLU B 103 -46.86 -19.80 -34.67
N GLY B 104 -46.02 -19.27 -35.55
CA GLY B 104 -45.67 -17.86 -35.56
C GLY B 104 -46.86 -16.93 -35.63
N VAL B 105 -47.77 -17.21 -36.55
CA VAL B 105 -48.91 -16.33 -36.82
C VAL B 105 -50.12 -16.67 -35.95
N THR B 106 -49.94 -17.59 -35.00
CA THR B 106 -51.04 -18.02 -34.16
C THR B 106 -51.04 -17.29 -32.82
N TRP B 107 -52.22 -16.80 -32.42
CA TRP B 107 -52.42 -16.09 -31.18
C TRP B 107 -53.75 -16.51 -30.56
N LYS B 108 -53.69 -17.09 -29.36
CA LYS B 108 -54.86 -17.67 -28.70
C LYS B 108 -55.56 -18.70 -29.58
N GLY B 109 -54.77 -19.53 -30.27
CA GLY B 109 -55.30 -20.62 -31.04
C GLY B 109 -55.74 -20.27 -32.45
N LYS B 110 -55.76 -18.98 -32.76
CA LYS B 110 -56.23 -18.52 -34.07
C LYS B 110 -55.13 -17.88 -34.89
N MET B 111 -55.16 -18.12 -36.21
CA MET B 111 -54.20 -17.50 -37.12
C MET B 111 -54.64 -16.09 -37.49
N PHE B 112 -53.71 -15.14 -37.47
CA PHE B 112 -54.04 -13.75 -37.76
C PHE B 112 -53.20 -13.16 -38.89
N ALA B 113 -52.37 -13.99 -39.53
CA ALA B 113 -51.59 -13.52 -40.66
C ALA B 113 -51.09 -14.67 -41.53
N TYR B 114 -50.66 -14.31 -42.74
CA TYR B 114 -50.05 -15.25 -43.68
C TYR B 114 -48.53 -15.04 -43.67
N PRO B 115 -47.78 -16.04 -43.19
CA PRO B 115 -46.33 -15.94 -43.06
C PRO B 115 -45.61 -16.21 -44.39
N PHE B 116 -44.45 -15.58 -44.60
CA PHE B 116 -43.67 -15.86 -45.80
C PHE B 116 -42.17 -15.98 -45.56
N ALA B 117 -41.67 -15.43 -44.45
CA ALA B 117 -40.23 -15.47 -44.19
C ALA B 117 -39.88 -15.65 -42.71
N GLU B 118 -38.71 -16.23 -42.47
CA GLU B 118 -38.21 -16.47 -41.13
C GLU B 118 -36.85 -15.80 -40.95
N GLN B 119 -36.57 -15.32 -39.75
CA GLN B 119 -35.28 -14.70 -39.47
C GLN B 119 -34.83 -14.98 -38.05
N ALA B 120 -33.51 -15.12 -37.89
CA ALA B 120 -32.92 -15.43 -36.62
C ALA B 120 -31.44 -15.11 -36.72
N GLN B 121 -30.82 -14.71 -35.61
CA GLN B 121 -29.40 -14.35 -35.65
C GLN B 121 -28.53 -15.60 -35.72
N THR B 122 -27.33 -15.43 -36.26
CA THR B 122 -26.37 -16.53 -36.43
C THR B 122 -24.97 -16.03 -36.09
N ILE B 123 -23.98 -16.92 -36.15
CA ILE B 123 -22.59 -16.49 -36.04
C ILE B 123 -22.05 -16.00 -37.37
N TYR B 124 -21.43 -14.82 -37.36
CA TYR B 124 -20.66 -14.37 -38.50
C TYR B 124 -19.21 -14.24 -38.06
N TYR B 125 -18.28 -14.79 -38.83
CA TYR B 125 -16.89 -14.76 -38.38
C TYR B 125 -15.85 -14.68 -39.50
N ASN B 126 -14.71 -14.08 -39.15
CA ASN B 126 -13.54 -14.00 -40.00
C ASN B 126 -12.82 -15.35 -40.00
N LYS B 127 -12.84 -16.04 -41.13
CA LYS B 127 -12.31 -17.40 -41.18
C LYS B 127 -10.78 -17.44 -41.14
N SER B 128 -10.16 -16.28 -41.27
CA SER B 128 -8.70 -16.18 -41.11
C SER B 128 -8.33 -16.05 -39.64
N LYS B 129 -9.34 -15.81 -38.81
CA LYS B 129 -9.14 -15.66 -37.38
C LYS B 129 -9.78 -16.82 -36.61
N LEU B 130 -10.86 -17.38 -37.15
CA LEU B 130 -11.57 -18.48 -36.51
C LEU B 130 -11.95 -19.55 -37.53
N THR B 131 -11.97 -20.81 -37.10
CA THR B 131 -12.35 -21.90 -37.99
C THR B 131 -13.79 -22.33 -37.74
N ALA B 132 -14.31 -23.16 -38.64
CA ALA B 132 -15.67 -23.66 -38.52
C ALA B 132 -15.82 -24.55 -37.29
N ASP B 133 -14.76 -25.27 -36.94
CA ASP B 133 -14.79 -26.11 -35.75
C ASP B 133 -14.60 -25.28 -34.50
N ASP B 134 -13.86 -24.17 -34.62
CA ASP B 134 -13.64 -23.25 -33.52
C ASP B 134 -14.96 -22.68 -33.01
N VAL B 135 -15.85 -22.33 -33.93
CA VAL B 135 -17.07 -21.63 -33.58
C VAL B 135 -18.21 -22.55 -33.16
N LYS B 136 -17.91 -23.82 -32.92
CA LYS B 136 -18.97 -24.76 -32.56
C LYS B 136 -19.33 -24.68 -31.07
N THR B 137 -18.41 -24.15 -30.26
CA THR B 137 -18.67 -23.91 -28.84
C THR B 137 -18.30 -22.49 -28.46
N TRP B 138 -19.10 -21.87 -27.60
CA TRP B 138 -18.83 -20.53 -27.09
C TRP B 138 -17.47 -20.50 -26.38
N ASP B 139 -17.18 -21.54 -25.61
CA ASP B 139 -15.93 -21.61 -24.87
C ASP B 139 -14.72 -21.72 -25.78
N GLY B 140 -14.83 -22.54 -26.82
CA GLY B 140 -13.73 -22.71 -27.76
C GLY B 140 -13.53 -21.48 -28.61
N LEU B 141 -14.63 -20.85 -29.01
CA LEU B 141 -14.61 -19.65 -29.83
C LEU B 141 -13.85 -18.53 -29.13
N THR B 142 -14.31 -18.18 -27.93
CA THR B 142 -13.74 -17.06 -27.19
C THR B 142 -12.36 -17.37 -26.64
N ALA B 143 -12.02 -18.65 -26.53
CA ALA B 143 -10.69 -19.05 -26.06
C ALA B 143 -9.63 -18.76 -27.12
N LYS B 144 -10.05 -18.69 -28.37
CA LYS B 144 -9.12 -18.44 -29.47
C LYS B 144 -9.21 -17.02 -30.01
N GLY B 145 -10.42 -16.55 -30.26
CA GLY B 145 -10.62 -15.24 -30.84
C GLY B 145 -11.54 -14.35 -30.04
N VAL B 146 -11.72 -13.12 -30.53
CA VAL B 146 -12.57 -12.14 -29.86
C VAL B 146 -13.94 -12.05 -30.53
N LEU B 147 -14.99 -12.27 -29.74
CA LEU B 147 -16.34 -12.01 -30.21
C LEU B 147 -16.82 -10.67 -29.65
N ALA B 148 -17.22 -9.78 -30.54
CA ALA B 148 -17.73 -8.47 -30.13
C ALA B 148 -19.25 -8.52 -30.08
N THR B 149 -19.81 -8.08 -28.96
CA THR B 149 -21.25 -8.13 -28.75
C THR B 149 -21.66 -7.13 -27.69
N ASP B 150 -22.96 -7.11 -27.38
CA ASP B 150 -23.51 -6.11 -26.47
C ASP B 150 -24.43 -6.75 -25.44
N PHE B 151 -24.04 -6.65 -24.17
CA PHE B 151 -24.82 -7.19 -23.07
C PHE B 151 -25.86 -6.21 -22.56
N THR B 152 -26.02 -5.10 -23.27
CA THR B 152 -27.10 -4.17 -23.01
C THR B 152 -28.23 -4.43 -24.00
N ASN B 153 -28.03 -5.44 -24.85
CA ASN B 153 -29.03 -5.82 -25.85
C ASN B 153 -29.69 -7.14 -25.46
N ALA B 154 -30.97 -7.05 -25.09
CA ALA B 154 -31.71 -8.22 -24.62
C ALA B 154 -32.15 -9.13 -25.77
N TYR B 155 -32.19 -8.57 -26.97
CA TYR B 155 -32.49 -9.37 -28.15
C TYR B 155 -31.35 -10.35 -28.38
N ASN B 156 -30.14 -9.89 -28.06
CA ASN B 156 -28.95 -10.73 -28.14
C ASN B 156 -28.97 -11.88 -27.14
N PHE B 157 -29.26 -11.59 -25.88
CA PHE B 157 -28.90 -12.55 -24.83
C PHE B 157 -30.00 -13.07 -23.91
N TYR B 158 -31.22 -12.55 -24.00
CA TYR B 158 -32.27 -13.18 -23.20
C TYR B 158 -32.48 -14.66 -23.55
N PRO B 159 -32.41 -15.03 -24.85
CA PRO B 159 -32.56 -16.46 -25.15
C PRO B 159 -31.59 -17.41 -24.43
N VAL B 160 -30.53 -16.88 -23.83
CA VAL B 160 -29.67 -17.72 -23.00
C VAL B 160 -30.47 -18.28 -21.84
N PHE B 161 -31.39 -17.48 -21.30
CA PHE B 161 -32.35 -17.94 -20.30
C PHE B 161 -33.17 -19.11 -20.83
N LEU B 162 -33.46 -19.07 -22.13
CA LEU B 162 -34.25 -20.11 -22.77
C LEU B 162 -33.39 -21.36 -22.96
N SER B 163 -32.11 -21.17 -23.26
CA SER B 163 -31.15 -22.27 -23.34
C SER B 163 -31.00 -22.95 -21.99
N ALA B 164 -31.17 -22.17 -20.93
CA ALA B 164 -31.06 -22.67 -19.57
C ALA B 164 -32.30 -23.48 -19.15
N GLY B 165 -33.34 -23.42 -19.98
CA GLY B 165 -34.51 -24.24 -19.75
C GLY B 165 -35.70 -23.53 -19.16
N THR B 166 -35.56 -22.22 -18.92
CA THR B 166 -36.67 -21.41 -18.46
C THR B 166 -37.60 -21.07 -19.63
N GLN B 167 -38.78 -20.55 -19.32
CA GLN B 167 -39.73 -20.17 -20.36
C GLN B 167 -40.19 -18.73 -20.21
N LEU B 168 -40.55 -18.11 -21.32
CA LEU B 168 -41.02 -16.72 -21.34
C LEU B 168 -42.50 -16.67 -21.66
N TYR B 169 -43.31 -16.35 -20.65
CA TYR B 169 -44.77 -16.43 -20.73
C TYR B 169 -45.23 -17.84 -21.11
N GLY B 170 -44.58 -18.84 -20.53
CA GLY B 170 -44.98 -20.23 -20.73
C GLY B 170 -44.47 -20.83 -22.02
N LYS B 171 -44.91 -22.06 -22.32
CA LYS B 171 -44.48 -22.73 -23.54
C LYS B 171 -45.13 -22.11 -24.77
N THR B 172 -46.35 -21.59 -24.61
CA THR B 172 -47.06 -20.95 -25.70
C THR B 172 -46.59 -19.51 -25.91
N GLY B 173 -45.95 -18.95 -24.90
CA GLY B 173 -45.60 -17.54 -24.93
C GLY B 173 -46.83 -16.67 -24.80
N GLU B 174 -47.92 -17.26 -24.29
CA GLU B 174 -49.18 -16.53 -24.14
C GLU B 174 -49.72 -16.65 -22.73
N THR B 175 -48.87 -17.08 -21.79
CA THR B 175 -49.25 -17.26 -20.40
C THR B 175 -48.71 -16.09 -19.56
N VAL B 176 -49.61 -15.20 -19.15
CA VAL B 176 -49.25 -13.94 -18.53
C VAL B 176 -48.26 -14.07 -17.36
N LYS B 177 -48.48 -15.07 -16.51
CA LYS B 177 -47.60 -15.26 -15.36
C LYS B 177 -46.93 -16.62 -15.42
N GLY B 178 -46.51 -17.02 -16.63
CA GLY B 178 -45.87 -18.29 -16.85
C GLY B 178 -44.37 -18.22 -17.05
N THR B 179 -43.81 -17.01 -16.96
CA THR B 179 -42.36 -16.83 -17.01
C THR B 179 -41.75 -17.33 -15.71
N ASP B 180 -40.91 -18.36 -15.80
CA ASP B 180 -40.35 -19.00 -14.62
C ASP B 180 -38.83 -18.84 -14.52
N VAL B 181 -38.32 -17.70 -14.96
CA VAL B 181 -36.88 -17.47 -14.94
C VAL B 181 -36.40 -17.13 -13.54
N ASN B 182 -37.33 -16.98 -12.60
CA ASN B 182 -36.98 -16.82 -11.20
C ASN B 182 -36.82 -18.19 -10.57
N SER B 183 -35.70 -18.82 -10.87
CA SER B 183 -35.42 -20.19 -10.44
C SER B 183 -33.93 -20.46 -10.57
N ALA B 184 -33.53 -21.68 -10.20
CA ALA B 184 -32.13 -22.08 -10.29
C ALA B 184 -31.64 -22.04 -11.72
N LYS B 185 -32.53 -22.34 -12.67
CA LYS B 185 -32.17 -22.32 -14.08
C LYS B 185 -31.91 -20.90 -14.56
N GLY B 186 -32.65 -19.95 -14.01
CA GLY B 186 -32.41 -18.54 -14.29
C GLY B 186 -31.11 -18.05 -13.68
N GLU B 187 -30.79 -18.56 -12.51
CA GLU B 187 -29.55 -18.20 -11.82
C GLU B 187 -28.34 -18.74 -12.57
N GLN B 188 -28.52 -19.87 -13.26
CA GLN B 188 -27.46 -20.47 -14.06
C GLN B 188 -27.10 -19.58 -15.24
N ALA B 189 -28.13 -19.00 -15.85
CA ALA B 189 -27.92 -18.06 -16.95
C ALA B 189 -27.29 -16.79 -16.43
N MET B 190 -27.76 -16.33 -15.27
CA MET B 190 -27.22 -15.14 -14.63
C MET B 190 -25.72 -15.34 -14.36
N ALA B 191 -25.37 -16.53 -13.91
CA ALA B 191 -23.97 -16.86 -13.64
C ALA B 191 -23.15 -16.92 -14.92
N TRP B 192 -23.77 -17.42 -15.99
CA TRP B 192 -23.08 -17.52 -17.28
C TRP B 192 -22.75 -16.13 -17.81
N PHE B 193 -23.69 -15.20 -17.68
CA PHE B 193 -23.44 -13.82 -18.07
C PHE B 193 -22.25 -13.26 -17.29
N ALA B 194 -22.23 -13.52 -15.98
CA ALA B 194 -21.16 -13.05 -15.12
C ALA B 194 -19.81 -13.62 -15.54
N GLN B 195 -19.81 -14.85 -16.04
CA GLN B 195 -18.59 -15.51 -16.51
C GLN B 195 -17.86 -14.70 -17.58
N GLN B 196 -18.63 -14.08 -18.47
CA GLN B 196 -18.09 -13.48 -19.69
C GLN B 196 -17.30 -12.21 -19.44
N LYS B 197 -17.46 -11.61 -18.26
CA LYS B 197 -16.79 -10.36 -17.94
C LYS B 197 -15.27 -10.56 -17.90
N SER B 198 -14.84 -11.72 -17.41
CA SER B 198 -13.42 -12.04 -17.32
C SER B 198 -12.97 -12.88 -18.50
N ASN B 199 -13.89 -13.10 -19.45
CA ASN B 199 -13.57 -13.78 -20.69
C ASN B 199 -12.89 -12.79 -21.63
N LYS B 200 -11.59 -13.00 -21.87
CA LYS B 200 -10.82 -12.07 -22.70
C LYS B 200 -11.22 -12.14 -24.16
N GLY B 201 -11.92 -13.21 -24.54
CA GLY B 201 -12.38 -13.37 -25.91
C GLY B 201 -13.75 -12.77 -26.13
N VAL B 202 -14.28 -12.10 -25.11
CA VAL B 202 -15.57 -11.45 -25.21
C VAL B 202 -15.42 -9.94 -25.05
N MET B 203 -15.75 -9.21 -26.11
CA MET B 203 -15.63 -7.74 -26.08
C MET B 203 -16.99 -7.06 -26.03
N GLN B 204 -17.23 -6.33 -24.95
CA GLN B 204 -18.41 -5.50 -24.83
C GLN B 204 -18.28 -4.26 -25.71
N THR B 205 -19.29 -4.01 -26.54
CA THR B 205 -19.25 -2.88 -27.46
C THR B 205 -20.64 -2.50 -27.96
N SER B 206 -20.79 -1.26 -28.41
CA SER B 206 -22.07 -0.76 -28.91
C SER B 206 -22.23 -0.96 -30.41
N ASN B 207 -21.11 -1.20 -31.09
CA ASN B 207 -21.13 -1.42 -32.52
C ASN B 207 -20.19 -2.54 -32.91
N ALA B 208 -20.70 -3.77 -32.83
CA ALA B 208 -19.90 -4.96 -33.11
C ALA B 208 -19.47 -5.01 -34.58
N LEU B 209 -20.28 -4.43 -35.46
CA LEU B 209 -19.94 -4.37 -36.87
C LEU B 209 -18.65 -3.59 -37.07
N ASN B 210 -18.56 -2.44 -36.41
CA ASN B 210 -17.35 -1.63 -36.44
C ASN B 210 -16.14 -2.39 -35.94
N GLN B 211 -16.34 -3.20 -34.90
CA GLN B 211 -15.28 -4.02 -34.36
C GLN B 211 -14.81 -5.01 -35.41
N LEU B 212 -15.77 -5.60 -36.12
CA LEU B 212 -15.48 -6.52 -37.21
C LEU B 212 -14.84 -5.75 -38.36
N LYS B 213 -15.33 -4.53 -38.58
CA LYS B 213 -14.84 -3.65 -39.64
C LYS B 213 -13.42 -3.16 -39.38
N SER B 214 -13.18 -2.66 -38.18
CA SER B 214 -11.87 -2.15 -37.80
C SER B 214 -10.88 -3.29 -37.57
N GLY B 215 -11.40 -4.49 -37.40
CA GLY B 215 -10.58 -5.67 -37.21
C GLY B 215 -10.18 -5.90 -35.76
N LYS B 216 -10.97 -5.35 -34.84
CA LYS B 216 -10.74 -5.56 -33.41
C LYS B 216 -11.46 -6.83 -32.94
N ALA B 217 -12.32 -7.37 -33.79
CA ALA B 217 -13.08 -8.57 -33.46
C ALA B 217 -12.96 -9.62 -34.56
N ALA B 218 -13.19 -10.87 -34.19
CA ALA B 218 -13.13 -11.98 -35.14
C ALA B 218 -14.51 -12.51 -35.48
N ALA B 219 -15.47 -12.23 -34.61
CA ALA B 219 -16.82 -12.74 -34.78
C ALA B 219 -17.86 -11.81 -34.19
N ILE B 220 -19.06 -11.81 -34.75
CA ILE B 220 -20.19 -11.08 -34.21
C ILE B 220 -21.47 -11.91 -34.29
N LEU B 221 -22.44 -11.55 -33.46
CA LEU B 221 -23.79 -12.12 -33.55
C LEU B 221 -24.69 -11.16 -34.30
N ASP B 222 -25.36 -11.63 -35.35
CA ASP B 222 -26.20 -10.75 -36.15
C ASP B 222 -27.23 -11.52 -36.97
N GLY B 223 -28.24 -10.80 -37.47
CA GLY B 223 -29.28 -11.41 -38.27
C GLY B 223 -29.00 -11.32 -39.76
N PRO B 224 -29.73 -12.12 -40.55
CA PRO B 224 -29.53 -12.24 -42.00
C PRO B 224 -29.75 -10.94 -42.75
N TRP B 225 -30.45 -10.00 -42.11
CA TRP B 225 -30.69 -8.69 -42.71
C TRP B 225 -29.39 -7.89 -42.85
N ASN B 226 -28.36 -8.30 -42.11
CA ASN B 226 -27.08 -7.59 -42.14
C ASN B 226 -26.00 -8.36 -42.91
N SER B 227 -26.34 -9.56 -43.37
CA SER B 227 -25.39 -10.46 -44.00
C SER B 227 -24.61 -9.85 -45.17
N ALA B 228 -25.32 -9.14 -46.05
CA ALA B 228 -24.70 -8.58 -47.24
C ALA B 228 -23.63 -7.55 -46.89
N ASN B 229 -23.92 -6.70 -45.91
CA ASN B 229 -22.94 -5.72 -45.44
C ASN B 229 -21.76 -6.44 -44.80
N ILE B 230 -22.05 -7.56 -44.15
CA ILE B 230 -21.02 -8.38 -43.54
C ILE B 230 -20.20 -9.10 -44.61
N LYS B 231 -20.88 -9.52 -45.68
CA LYS B 231 -20.21 -10.14 -46.82
C LYS B 231 -19.24 -9.17 -47.49
N LYS B 232 -19.62 -7.90 -47.54
CA LYS B 232 -18.77 -6.89 -48.14
C LYS B 232 -17.60 -6.53 -47.23
N ILE B 233 -17.84 -6.54 -45.91
CA ILE B 233 -16.79 -6.27 -44.95
C ILE B 233 -15.77 -7.41 -44.88
N LEU B 234 -16.26 -8.62 -44.68
CA LEU B 234 -15.39 -9.78 -44.52
C LEU B 234 -14.76 -10.18 -45.85
N GLY B 235 -15.54 -10.07 -46.93
CA GLY B 235 -15.05 -10.39 -48.25
C GLY B 235 -14.65 -11.84 -48.39
N LYS B 236 -13.36 -12.07 -48.63
CA LYS B 236 -12.84 -13.42 -48.82
C LYS B 236 -12.91 -14.21 -47.53
N ASN B 237 -12.86 -13.52 -46.40
CA ASN B 237 -12.87 -14.17 -45.10
C ASN B 237 -14.27 -14.35 -44.52
N PHE B 238 -15.29 -14.24 -45.37
CA PHE B 238 -16.67 -14.37 -44.91
C PHE B 238 -17.03 -15.81 -44.58
N ALA B 239 -17.61 -16.00 -43.39
CA ALA B 239 -18.15 -17.29 -43.01
C ALA B 239 -19.32 -17.12 -42.06
N VAL B 240 -20.24 -18.08 -42.08
CA VAL B 240 -21.44 -18.01 -41.26
C VAL B 240 -21.73 -19.38 -40.64
N ALA B 241 -22.38 -19.37 -39.47
CA ALA B 241 -22.67 -20.60 -38.75
C ALA B 241 -23.84 -20.38 -37.81
N PRO B 242 -24.50 -21.47 -37.39
CA PRO B 242 -25.48 -21.35 -36.30
C PRO B 242 -24.78 -20.89 -35.02
N TYR B 243 -25.53 -20.38 -34.05
CA TYR B 243 -24.98 -20.13 -32.72
C TYR B 243 -24.28 -21.38 -32.20
N PRO B 244 -23.27 -21.21 -31.35
CA PRO B 244 -22.60 -22.40 -30.80
C PRO B 244 -23.37 -22.96 -29.62
N THR B 245 -22.85 -24.04 -29.04
CA THR B 245 -23.41 -24.52 -27.78
C THR B 245 -22.78 -23.73 -26.65
N ILE B 246 -23.45 -23.69 -25.50
CA ILE B 246 -22.88 -23.07 -24.32
C ILE B 246 -22.93 -24.01 -23.13
N LYS B 247 -22.11 -23.73 -22.11
CA LYS B 247 -22.04 -24.56 -20.92
C LYS B 247 -22.95 -24.04 -19.79
N LEU B 248 -24.01 -24.79 -19.50
CA LEU B 248 -24.91 -24.47 -18.40
C LEU B 248 -25.22 -25.74 -17.61
N ASP B 249 -25.11 -25.65 -16.29
CA ASP B 249 -25.35 -26.78 -15.40
C ASP B 249 -24.46 -27.96 -15.78
N GLY B 250 -23.22 -27.65 -16.15
CA GLY B 250 -22.23 -28.67 -16.47
C GLY B 250 -22.44 -29.37 -17.80
N LYS B 251 -23.34 -28.87 -18.63
CA LYS B 251 -23.62 -29.49 -19.92
C LYS B 251 -23.57 -28.51 -21.07
N ASP B 252 -23.23 -29.01 -22.25
CA ASP B 252 -23.28 -28.20 -23.47
C ASP B 252 -24.70 -28.19 -24.02
N VAL B 253 -25.27 -27.00 -24.15
CA VAL B 253 -26.61 -26.85 -24.70
C VAL B 253 -26.61 -25.78 -25.78
N GLN B 254 -27.47 -25.95 -26.78
CA GLN B 254 -27.56 -24.98 -27.86
C GLN B 254 -27.90 -23.59 -27.37
N MET B 255 -27.07 -22.62 -27.73
CA MET B 255 -27.35 -21.22 -27.46
C MET B 255 -28.49 -20.75 -28.36
N GLN B 256 -29.57 -20.27 -27.75
CA GLN B 256 -30.75 -19.90 -28.53
C GLN B 256 -30.70 -18.45 -29.00
N ALA B 257 -31.55 -18.15 -29.97
CA ALA B 257 -31.84 -16.78 -30.37
C ALA B 257 -33.33 -16.64 -30.56
N PHE B 258 -33.82 -15.41 -30.69
CA PHE B 258 -35.23 -15.20 -30.97
C PHE B 258 -35.55 -15.50 -32.43
N LEU B 259 -36.64 -16.23 -32.64
CA LEU B 259 -37.11 -16.48 -34.00
C LEU B 259 -38.21 -15.51 -34.36
N GLY B 260 -38.07 -14.87 -35.52
CA GLY B 260 -39.07 -13.96 -36.02
C GLY B 260 -39.64 -14.45 -37.33
N ILE B 261 -40.94 -14.25 -37.51
CA ILE B 261 -41.62 -14.63 -38.74
C ILE B 261 -42.20 -13.39 -39.41
N GLU B 262 -41.85 -13.16 -40.67
CA GLU B 262 -42.36 -12.01 -41.40
C GLU B 262 -43.65 -12.39 -42.13
N THR B 263 -44.65 -11.53 -42.04
CA THR B 263 -45.98 -11.86 -42.53
C THR B 263 -46.67 -10.72 -43.25
N PHE B 264 -47.78 -11.05 -43.91
CA PHE B 264 -48.77 -10.06 -44.34
C PHE B 264 -50.09 -10.32 -43.61
N ALA B 265 -50.77 -9.25 -43.22
CA ALA B 265 -52.05 -9.38 -42.52
C ALA B 265 -53.11 -8.54 -43.19
N VAL B 266 -54.36 -8.95 -43.03
CA VAL B 266 -55.50 -8.24 -43.60
C VAL B 266 -56.10 -7.25 -42.60
N ASN B 267 -56.27 -6.01 -43.03
CA ASN B 267 -56.93 -4.99 -42.22
C ASN B 267 -58.42 -5.30 -42.11
N SER B 268 -58.91 -5.43 -40.89
CA SER B 268 -60.29 -5.87 -40.65
C SER B 268 -61.31 -4.77 -40.89
N HIS B 269 -60.88 -3.52 -40.84
CA HIS B 269 -61.78 -2.39 -41.03
C HIS B 269 -61.46 -1.62 -42.29
N ALA B 270 -60.55 -2.17 -43.09
CA ALA B 270 -60.37 -1.69 -44.45
C ALA B 270 -61.58 -2.13 -45.26
N SER B 271 -61.71 -1.56 -46.45
CA SER B 271 -62.83 -1.77 -47.37
C SER B 271 -63.47 -3.15 -47.32
N GLY B 272 -64.81 -3.18 -47.34
CA GLY B 272 -65.56 -4.41 -47.12
C GLY B 272 -65.83 -5.24 -48.36
N SER B 273 -65.93 -4.59 -49.52
CA SER B 273 -66.05 -5.33 -50.77
C SER B 273 -64.68 -5.86 -51.17
N ASN B 274 -63.65 -5.22 -50.63
CA ASN B 274 -62.28 -5.61 -50.90
C ASN B 274 -61.74 -6.61 -49.89
N GLN B 275 -62.55 -6.95 -48.88
CA GLN B 275 -62.14 -7.88 -47.83
C GLN B 275 -61.81 -9.26 -48.40
N LYS B 276 -62.67 -9.76 -49.28
CA LYS B 276 -62.39 -11.03 -49.96
C LYS B 276 -61.18 -10.89 -50.85
N ALA B 277 -61.09 -9.77 -51.55
CA ALA B 277 -59.96 -9.47 -52.41
C ALA B 277 -58.65 -9.34 -51.61
N ALA B 278 -58.74 -8.72 -50.44
CA ALA B 278 -57.57 -8.53 -49.58
C ALA B 278 -56.96 -9.87 -49.17
N ALA B 279 -57.82 -10.77 -48.71
CA ALA B 279 -57.39 -12.10 -48.27
C ALA B 279 -56.72 -12.87 -49.39
N THR B 280 -57.31 -12.80 -50.59
CA THR B 280 -56.78 -13.50 -51.75
C THR B 280 -55.37 -13.02 -52.11
N LEU B 281 -55.15 -11.72 -52.02
CA LEU B 281 -53.86 -11.10 -52.34
C LEU B 281 -52.79 -11.50 -51.33
N ALA B 282 -53.16 -11.53 -50.06
CA ALA B 282 -52.24 -11.87 -48.99
C ALA B 282 -51.75 -13.30 -49.12
N SER B 283 -52.69 -14.21 -49.42
CA SER B 283 -52.37 -15.61 -49.61
C SER B 283 -51.45 -15.83 -50.80
N PHE B 284 -51.67 -15.07 -51.87
CA PHE B 284 -50.86 -15.21 -53.07
C PHE B 284 -49.44 -14.71 -52.85
N ILE B 285 -49.30 -13.48 -52.35
CA ILE B 285 -47.98 -12.88 -52.23
C ILE B 285 -47.12 -13.56 -51.16
N THR B 286 -47.69 -14.56 -50.49
CA THR B 286 -46.95 -15.37 -49.53
C THR B 286 -46.90 -16.85 -49.93
N ASN B 287 -47.25 -17.15 -51.19
CA ASN B 287 -47.18 -18.54 -51.64
C ASN B 287 -45.75 -18.90 -52.04
N LYS B 288 -45.58 -20.15 -52.49
CA LYS B 288 -44.27 -20.72 -52.82
C LYS B 288 -43.50 -19.89 -53.85
N GLU B 289 -44.18 -19.48 -54.92
CA GLU B 289 -43.57 -18.71 -56.00
C GLU B 289 -43.14 -17.34 -55.51
N SER B 290 -44.01 -16.68 -54.76
CA SER B 290 -43.73 -15.34 -54.25
C SER B 290 -42.58 -15.35 -53.26
N GLN B 291 -42.48 -16.42 -52.47
CA GLN B 291 -41.41 -16.54 -51.47
C GLN B 291 -40.03 -16.66 -52.12
N LEU B 292 -39.97 -17.33 -53.26
CA LEU B 292 -38.71 -17.47 -53.98
C LEU B 292 -38.29 -16.14 -54.62
N ILE B 293 -39.26 -15.39 -55.11
CA ILE B 293 -38.99 -14.07 -55.66
C ILE B 293 -38.47 -13.12 -54.58
N VAL B 294 -39.12 -13.15 -53.42
CA VAL B 294 -38.65 -12.39 -52.26
C VAL B 294 -37.21 -12.76 -51.90
N TYR B 295 -36.94 -14.06 -51.86
CA TYR B 295 -35.59 -14.55 -51.59
C TYR B 295 -34.61 -14.04 -52.65
N ASP B 296 -35.00 -14.10 -53.91
CA ASP B 296 -34.16 -13.66 -55.02
C ASP B 296 -33.72 -12.22 -54.87
N HIS B 297 -34.59 -11.38 -54.34
CA HIS B 297 -34.32 -9.94 -54.28
C HIS B 297 -33.77 -9.47 -52.94
N SER B 298 -34.16 -10.12 -51.85
CA SER B 298 -33.83 -9.61 -50.51
C SER B 298 -33.04 -10.59 -49.66
N GLY B 299 -32.94 -11.83 -50.11
CA GLY B 299 -32.23 -12.85 -49.36
C GLY B 299 -32.99 -13.39 -48.15
N GLN B 300 -34.23 -12.94 -47.99
CA GLN B 300 -35.08 -13.40 -46.89
C GLN B 300 -35.41 -14.88 -47.04
N ILE B 301 -35.32 -15.61 -45.94
CA ILE B 301 -35.44 -17.07 -45.96
C ILE B 301 -36.91 -17.52 -45.97
N PRO B 302 -37.29 -18.31 -46.99
CA PRO B 302 -38.67 -18.79 -47.14
C PRO B 302 -39.13 -19.67 -45.97
N VAL B 303 -40.44 -19.75 -45.76
CA VAL B 303 -41.00 -20.64 -44.76
C VAL B 303 -41.80 -21.77 -45.41
N ASP B 304 -41.96 -21.68 -46.73
CA ASP B 304 -42.57 -22.76 -47.50
C ASP B 304 -41.59 -23.91 -47.58
N LYS B 305 -42.04 -25.12 -47.26
CA LYS B 305 -41.17 -26.29 -47.20
C LYS B 305 -40.47 -26.60 -48.51
N THR B 306 -41.22 -26.57 -49.61
CA THR B 306 -40.66 -26.86 -50.91
C THR B 306 -39.69 -25.76 -51.35
N ALA B 307 -40.02 -24.51 -51.04
CA ALA B 307 -39.14 -23.39 -51.35
C ALA B 307 -37.83 -23.53 -50.58
N GLN B 308 -37.90 -24.15 -49.41
CA GLN B 308 -36.72 -24.43 -48.61
C GLN B 308 -35.90 -25.58 -49.17
N LYS B 309 -36.50 -26.34 -50.10
CA LYS B 309 -35.80 -27.48 -50.69
C LYS B 309 -35.25 -27.15 -52.07
N SER B 310 -35.55 -25.96 -52.58
CA SER B 310 -34.98 -25.51 -53.84
C SER B 310 -33.47 -25.41 -53.70
N SER B 311 -32.76 -25.85 -54.72
CA SER B 311 -31.30 -25.94 -54.65
C SER B 311 -30.64 -24.58 -54.45
N LYS B 312 -31.30 -23.52 -54.89
CA LYS B 312 -30.78 -22.16 -54.72
C LYS B 312 -30.72 -21.77 -53.25
N VAL B 313 -31.80 -22.06 -52.52
CA VAL B 313 -31.91 -21.66 -51.13
C VAL B 313 -31.10 -22.59 -50.23
N ALA B 314 -31.18 -23.89 -50.52
CA ALA B 314 -30.45 -24.89 -49.75
C ALA B 314 -28.95 -24.85 -50.02
N SER B 315 -28.50 -23.85 -50.76
CA SER B 315 -27.08 -23.68 -51.06
C SER B 315 -26.52 -22.44 -50.38
N ASP B 316 -27.40 -21.49 -50.08
CA ASP B 316 -27.04 -20.28 -49.35
C ASP B 316 -26.60 -20.65 -47.93
N PRO B 317 -25.34 -20.37 -47.59
CA PRO B 317 -24.86 -20.66 -46.23
C PRO B 317 -25.64 -19.88 -45.16
N VAL B 318 -26.04 -18.66 -45.48
CA VAL B 318 -26.80 -17.85 -44.54
C VAL B 318 -28.16 -18.46 -44.31
N ALA B 319 -28.82 -18.88 -45.39
CA ALA B 319 -30.13 -19.52 -45.30
C ALA B 319 -30.05 -20.78 -44.45
N GLY B 320 -29.06 -21.61 -44.70
CA GLY B 320 -28.87 -22.84 -43.97
C GLY B 320 -28.64 -22.63 -42.48
N ALA B 321 -27.90 -21.57 -42.14
CA ALA B 321 -27.67 -21.24 -40.73
C ALA B 321 -28.97 -20.76 -40.09
N VAL B 322 -29.69 -19.90 -40.80
CA VAL B 322 -30.97 -19.39 -40.31
C VAL B 322 -31.98 -20.53 -40.18
N MET B 323 -32.06 -21.39 -41.19
CA MET B 323 -32.96 -22.53 -41.14
C MET B 323 -32.57 -23.52 -40.03
N THR B 324 -31.28 -23.62 -39.76
CA THR B 324 -30.80 -24.45 -38.65
C THR B 324 -31.27 -23.88 -37.31
N MET B 325 -31.03 -22.59 -37.11
CA MET B 325 -31.47 -21.92 -35.90
C MET B 325 -32.99 -21.97 -35.73
N ALA B 326 -33.71 -22.04 -36.86
CA ALA B 326 -35.16 -22.05 -36.86
C ALA B 326 -35.74 -23.36 -36.29
N LYS B 327 -34.91 -24.40 -36.24
CA LYS B 327 -35.31 -25.67 -35.62
C LYS B 327 -35.71 -25.47 -34.17
N PRO B 328 -36.82 -26.09 -33.75
CA PRO B 328 -37.23 -26.03 -32.34
C PRO B 328 -36.10 -26.49 -31.41
N GLY B 329 -35.87 -25.75 -30.34
CA GLY B 329 -34.77 -26.03 -29.44
C GLY B 329 -33.55 -25.19 -29.77
N ASN B 330 -33.50 -24.65 -30.99
CA ASN B 330 -32.40 -23.78 -31.38
C ASN B 330 -32.84 -22.32 -31.36
N SER B 331 -34.14 -22.08 -31.36
CA SER B 331 -34.67 -20.74 -31.21
C SER B 331 -36.05 -20.78 -30.57
N THR B 332 -36.46 -19.64 -30.03
CA THR B 332 -37.80 -19.52 -29.49
C THR B 332 -38.50 -18.32 -30.11
N LEU B 333 -39.70 -18.57 -30.60
CA LEU B 333 -40.56 -17.56 -31.19
C LEU B 333 -40.84 -16.42 -30.21
N MET B 334 -40.63 -15.18 -30.64
CA MET B 334 -40.87 -14.00 -29.81
C MET B 334 -42.35 -13.87 -29.44
N PRO B 335 -42.64 -13.83 -28.13
CA PRO B 335 -44.02 -13.72 -27.62
C PRO B 335 -44.75 -12.46 -28.08
N LYS B 336 -46.08 -12.56 -28.17
CA LYS B 336 -46.92 -11.47 -28.65
C LYS B 336 -47.54 -10.68 -27.50
N MET B 337 -47.25 -11.10 -26.28
CA MET B 337 -47.88 -10.55 -25.08
C MET B 337 -47.69 -9.04 -24.98
N PRO B 338 -48.75 -8.33 -24.56
CA PRO B 338 -48.66 -6.87 -24.40
C PRO B 338 -47.63 -6.48 -23.35
N GLN B 339 -47.35 -7.37 -22.40
CA GLN B 339 -46.38 -7.10 -21.35
C GLN B 339 -44.94 -7.15 -21.85
N MET B 340 -44.75 -7.53 -23.11
CA MET B 340 -43.42 -7.54 -23.70
C MET B 340 -42.83 -6.14 -23.73
N ALA B 341 -43.68 -5.12 -23.63
CA ALA B 341 -43.23 -3.73 -23.53
C ALA B 341 -42.35 -3.54 -22.30
N THR B 342 -42.86 -3.97 -21.15
CA THR B 342 -42.10 -3.89 -19.90
C THR B 342 -40.89 -4.82 -19.94
N PHE B 343 -41.07 -5.95 -20.62
CA PHE B 343 -39.99 -6.91 -20.83
C PHE B 343 -38.76 -6.25 -21.44
N TRP B 344 -38.97 -5.51 -22.52
CA TRP B 344 -37.87 -4.86 -23.23
C TRP B 344 -37.21 -3.77 -22.39
N ASN B 345 -37.94 -3.26 -21.40
CA ASN B 345 -37.40 -2.27 -20.50
C ASN B 345 -36.53 -2.88 -19.40
N ASP B 346 -36.93 -4.06 -18.94
CA ASP B 346 -36.29 -4.67 -17.78
C ASP B 346 -35.24 -5.74 -18.11
N ALA B 347 -35.33 -6.31 -19.31
CA ALA B 347 -34.47 -7.44 -19.65
C ALA B 347 -33.01 -7.01 -19.75
N ALA B 348 -32.74 -5.96 -20.51
CA ALA B 348 -31.37 -5.47 -20.70
C ALA B 348 -30.67 -5.09 -19.38
N PRO B 349 -31.33 -4.31 -18.50
CA PRO B 349 -30.63 -4.00 -17.23
C PRO B 349 -30.42 -5.22 -16.35
N LEU B 350 -31.30 -6.22 -16.47
CA LEU B 350 -31.14 -7.47 -15.74
C LEU B 350 -29.88 -8.19 -16.21
N ILE B 351 -29.79 -8.42 -17.51
CA ILE B 351 -28.70 -9.16 -18.12
C ILE B 351 -27.36 -8.45 -17.92
N ASN B 352 -27.36 -7.14 -18.18
CA ASN B 352 -26.14 -6.36 -18.04
C ASN B 352 -25.66 -6.31 -16.59
N GLY B 353 -26.60 -6.28 -15.67
CA GLY B 353 -26.28 -6.32 -14.25
C GLY B 353 -25.47 -7.54 -13.89
N ALA B 354 -25.86 -8.69 -14.44
CA ALA B 354 -25.16 -9.95 -14.18
C ALA B 354 -23.77 -9.94 -14.81
N TYR B 355 -23.67 -9.44 -16.04
CA TYR B 355 -22.43 -9.42 -16.77
C TYR B 355 -21.38 -8.51 -16.13
N THR B 356 -21.76 -7.26 -15.91
CA THR B 356 -20.85 -6.28 -15.34
C THR B 356 -20.56 -6.57 -13.86
N GLY B 357 -21.50 -7.22 -13.20
CA GLY B 357 -21.32 -7.56 -11.79
C GLY B 357 -21.94 -6.57 -10.83
N SER B 358 -22.69 -5.60 -11.36
CA SER B 358 -23.42 -4.66 -10.51
C SER B 358 -24.61 -5.35 -9.85
N ILE B 359 -24.98 -6.51 -10.39
CA ILE B 359 -25.86 -7.44 -9.69
C ILE B 359 -25.05 -8.66 -9.31
N PRO B 360 -24.68 -8.76 -8.02
CA PRO B 360 -23.88 -9.87 -7.50
C PRO B 360 -24.67 -11.18 -7.41
N ALA B 361 -23.96 -12.30 -7.40
CA ALA B 361 -24.59 -13.63 -7.37
C ALA B 361 -25.54 -13.78 -6.19
N SER B 362 -25.20 -13.16 -5.07
CA SER B 362 -26.05 -13.18 -3.89
C SER B 362 -27.46 -12.62 -4.15
N GLN B 363 -27.60 -11.89 -5.26
CA GLN B 363 -28.82 -11.15 -5.54
C GLN B 363 -29.60 -11.67 -6.74
N TYR B 364 -29.08 -12.74 -7.37
CA TYR B 364 -29.70 -13.30 -8.56
C TYR B 364 -31.17 -13.61 -8.33
N SER B 365 -31.47 -14.32 -7.25
CA SER B 365 -32.83 -14.74 -6.96
C SER B 365 -33.73 -13.54 -6.67
N THR B 366 -33.17 -12.51 -6.05
CA THR B 366 -33.93 -11.30 -5.71
C THR B 366 -34.26 -10.50 -6.97
N LYS B 367 -33.28 -10.39 -7.86
CA LYS B 367 -33.44 -9.59 -9.07
C LYS B 367 -34.31 -10.30 -10.10
N LEU B 368 -34.18 -11.63 -10.17
CA LEU B 368 -35.01 -12.43 -11.08
C LEU B 368 -36.46 -12.39 -10.64
N ASP B 369 -36.68 -12.37 -9.32
CA ASP B 369 -38.03 -12.34 -8.76
C ASP B 369 -38.74 -11.04 -9.10
N THR B 370 -38.05 -9.92 -8.91
CA THR B 370 -38.60 -8.60 -9.23
C THR B 370 -38.89 -8.48 -10.72
N PHE B 371 -37.97 -8.97 -11.53
CA PHE B 371 -38.12 -8.97 -12.98
C PHE B 371 -39.39 -9.67 -13.42
N VAL B 372 -39.61 -10.88 -12.91
CA VAL B 372 -40.79 -11.67 -13.25
C VAL B 372 -42.08 -10.95 -12.84
N LYS B 373 -42.10 -10.36 -11.65
CA LYS B 373 -43.24 -9.56 -11.22
C LYS B 373 -43.52 -8.43 -12.20
N ASN B 374 -42.47 -7.70 -12.56
CA ASN B 374 -42.58 -6.56 -13.44
C ASN B 374 -43.20 -6.88 -14.79
N ILE B 375 -42.83 -8.02 -15.37
CA ILE B 375 -43.28 -8.35 -16.72
C ILE B 375 -44.50 -9.29 -16.77
N SER B 376 -45.08 -9.59 -15.61
CA SER B 376 -46.23 -10.50 -15.55
C SER B 376 -47.49 -9.84 -15.03
N LYS B 377 -47.63 -8.54 -15.25
CA LYS B 377 -48.75 -7.79 -14.68
C LYS B 377 -49.99 -7.85 -15.57
N ALA B 378 -51.10 -8.31 -14.98
CA ALA B 378 -52.38 -8.41 -15.69
C ALA B 378 -53.06 -7.05 -15.77
N ASN C 6 -31.03 16.18 -28.77
CA ASN C 6 -30.09 16.86 -29.65
C ASN C 6 -29.51 18.10 -28.97
N VAL C 7 -28.19 18.21 -28.91
CA VAL C 7 -27.56 19.30 -28.20
C VAL C 7 -27.43 20.53 -29.11
N SER C 8 -27.70 21.71 -28.55
CA SER C 8 -27.52 22.98 -29.24
C SER C 8 -27.31 24.07 -28.21
N GLY C 9 -26.79 25.22 -28.64
CA GLY C 9 -26.64 26.34 -27.74
C GLY C 9 -25.57 27.35 -28.12
N SER C 10 -25.27 28.24 -27.18
CA SER C 10 -24.22 29.24 -27.35
C SER C 10 -23.44 29.35 -26.04
N VAL C 11 -22.16 29.03 -26.09
CA VAL C 11 -21.38 28.82 -24.86
C VAL C 11 -20.08 29.63 -24.81
N LYS C 12 -19.83 30.25 -23.66
CA LYS C 12 -18.55 30.87 -23.40
C LYS C 12 -17.63 29.88 -22.70
N LEU C 13 -16.38 29.80 -23.15
CA LEU C 13 -15.41 28.88 -22.59
C LEU C 13 -14.21 29.65 -22.03
N TRP C 14 -13.99 29.53 -20.73
CA TRP C 14 -12.85 30.17 -20.09
C TRP C 14 -11.66 29.22 -20.01
N VAL C 15 -10.57 29.60 -20.65
CA VAL C 15 -9.30 28.89 -20.54
C VAL C 15 -8.22 29.90 -20.14
N ASP C 16 -7.00 29.42 -19.91
CA ASP C 16 -5.91 30.33 -19.54
C ASP C 16 -5.36 31.08 -20.75
N THR C 17 -4.06 31.39 -20.71
CA THR C 17 -3.42 32.19 -21.75
C THR C 17 -2.68 31.32 -22.76
N THR C 18 -2.77 31.70 -24.03
CA THR C 18 -2.22 30.93 -25.16
C THR C 18 -2.84 29.53 -25.19
N GLN C 19 -3.86 29.33 -24.36
CA GLN C 19 -4.64 28.10 -24.37
C GLN C 19 -5.79 28.25 -25.34
N VAL C 20 -6.25 29.48 -25.51
CA VAL C 20 -7.27 29.81 -26.51
C VAL C 20 -6.91 29.24 -27.89
N PRO C 21 -5.68 29.48 -28.39
CA PRO C 21 -5.34 28.88 -29.68
C PRO C 21 -5.53 27.38 -29.77
N TYR C 22 -4.96 26.61 -28.86
CA TYR C 22 -5.03 25.16 -29.00
C TYR C 22 -6.31 24.58 -28.41
N TYR C 23 -7.10 25.40 -27.72
CA TYR C 23 -8.45 24.98 -27.37
C TYR C 23 -9.39 25.32 -28.52
N LYS C 24 -9.00 26.32 -29.32
CA LYS C 24 -9.72 26.61 -30.55
C LYS C 24 -9.57 25.45 -31.53
N LYS C 25 -8.45 24.74 -31.44
CA LYS C 25 -8.23 23.54 -32.24
C LYS C 25 -9.19 22.43 -31.79
N ILE C 26 -9.30 22.26 -30.48
CA ILE C 26 -10.17 21.25 -29.89
C ILE C 26 -11.63 21.52 -30.23
N VAL C 27 -12.03 22.79 -30.11
CA VAL C 27 -13.38 23.20 -30.44
C VAL C 27 -13.75 22.81 -31.86
N ALA C 28 -12.80 22.94 -32.78
CA ALA C 28 -13.00 22.50 -34.16
C ALA C 28 -13.34 21.01 -34.20
N ASN C 29 -12.54 20.21 -33.51
CA ASN C 29 -12.79 18.78 -33.41
C ASN C 29 -14.07 18.51 -32.63
N PHE C 30 -14.36 19.37 -31.67
CA PHE C 30 -15.62 19.35 -30.95
C PHE C 30 -16.76 19.66 -31.92
N ASN C 31 -16.51 20.59 -32.82
CA ASN C 31 -17.52 21.01 -33.79
C ASN C 31 -17.65 20.06 -34.97
N LYS C 32 -16.85 18.99 -34.97
CA LYS C 32 -17.05 17.94 -35.96
C LYS C 32 -18.20 17.06 -35.50
N LYS C 33 -18.18 16.72 -34.21
CA LYS C 33 -19.22 15.92 -33.61
C LYS C 33 -20.35 16.81 -33.12
N TYR C 34 -20.00 18.00 -32.66
CA TYR C 34 -20.99 18.95 -32.17
C TYR C 34 -20.87 20.29 -32.88
N PRO C 35 -21.31 20.35 -34.15
CA PRO C 35 -21.28 21.59 -34.93
C PRO C 35 -22.49 22.45 -34.61
N ASP C 36 -23.34 21.93 -33.74
CA ASP C 36 -24.58 22.55 -33.32
C ASP C 36 -24.34 23.55 -32.20
N VAL C 37 -23.25 23.35 -31.46
CA VAL C 37 -22.91 24.24 -30.35
C VAL C 37 -21.86 25.26 -30.74
N LYS C 38 -22.20 26.54 -30.58
CA LYS C 38 -21.27 27.60 -30.90
C LYS C 38 -20.47 27.98 -29.67
N VAL C 39 -19.16 27.74 -29.72
CA VAL C 39 -18.29 28.01 -28.58
C VAL C 39 -17.53 29.32 -28.76
N LYS C 40 -17.50 30.12 -27.70
CA LYS C 40 -16.71 31.33 -27.70
C LYS C 40 -15.54 31.15 -26.73
N VAL C 41 -14.40 30.75 -27.26
CA VAL C 41 -13.22 30.55 -26.44
C VAL C 41 -12.59 31.90 -26.09
N THR C 42 -12.57 32.22 -24.80
CA THR C 42 -11.99 33.47 -24.34
C THR C 42 -10.97 33.24 -23.26
N GLN C 43 -10.26 34.30 -22.90
CA GLN C 43 -9.34 34.29 -21.78
C GLN C 43 -10.14 34.36 -20.48
N SER C 44 -9.67 33.66 -19.45
CA SER C 44 -10.21 33.87 -18.12
C SER C 44 -9.64 35.17 -17.60
N PRO C 45 -10.41 35.90 -16.78
CA PRO C 45 -9.97 37.19 -16.25
C PRO C 45 -8.61 37.12 -15.54
N ASN C 46 -8.48 36.22 -14.57
CA ASN C 46 -7.25 36.12 -13.80
C ASN C 46 -6.69 34.71 -13.70
N GLY C 47 -7.05 33.84 -14.64
CA GLY C 47 -6.51 32.49 -14.69
C GLY C 47 -7.37 31.48 -13.96
N SER C 48 -7.10 30.20 -14.22
CA SER C 48 -7.84 29.12 -13.59
C SER C 48 -7.53 29.02 -12.10
N ALA C 49 -6.40 29.60 -11.70
CA ALA C 49 -6.00 29.62 -10.30
C ALA C 49 -6.88 30.56 -9.48
N ASN C 50 -7.64 31.41 -10.17
CA ASN C 50 -8.55 32.33 -9.50
C ASN C 50 -10.01 32.12 -9.92
N ALA C 51 -10.35 30.89 -10.31
CA ALA C 51 -11.65 30.60 -10.88
C ALA C 51 -12.80 30.82 -9.89
N LYS C 52 -12.59 30.49 -8.62
CA LYS C 52 -13.64 30.67 -7.62
C LYS C 52 -13.95 32.15 -7.44
N THR C 53 -12.92 33.00 -7.55
CA THR C 53 -13.10 34.44 -7.43
C THR C 53 -13.61 35.04 -8.74
N ASP C 54 -13.16 34.47 -9.86
CA ASP C 54 -13.59 34.95 -11.18
C ASP C 54 -15.06 34.65 -11.42
N VAL C 55 -15.49 33.42 -11.12
CA VAL C 55 -16.89 33.06 -11.25
C VAL C 55 -17.69 33.73 -10.14
N GLY C 56 -17.07 33.83 -8.97
CA GLY C 56 -17.71 34.42 -7.81
C GLY C 56 -18.12 35.87 -7.97
N LYS C 57 -17.30 36.64 -8.69
CA LYS C 57 -17.56 38.06 -8.96
C LYS C 57 -19.02 38.29 -9.38
N ASP C 58 -19.50 37.44 -10.28
CA ASP C 58 -20.89 37.47 -10.73
C ASP C 58 -21.16 36.18 -11.49
N PRO C 59 -21.65 35.16 -10.78
CA PRO C 59 -21.92 33.83 -11.37
C PRO C 59 -22.83 33.91 -12.59
N ALA C 60 -23.79 34.83 -12.59
CA ALA C 60 -24.73 34.96 -13.68
C ALA C 60 -24.04 35.27 -15.01
N LYS C 61 -23.03 36.14 -14.96
CA LYS C 61 -22.39 36.62 -16.18
C LYS C 61 -21.03 35.97 -16.44
N ALA C 62 -20.69 34.97 -15.64
CA ALA C 62 -19.45 34.23 -15.82
C ALA C 62 -19.59 33.19 -16.93
N ALA C 63 -18.47 32.62 -17.37
CA ALA C 63 -18.46 31.64 -18.44
C ALA C 63 -19.32 30.41 -18.12
N ASP C 64 -19.89 29.80 -19.15
CA ASP C 64 -20.60 28.54 -18.99
C ASP C 64 -19.65 27.46 -18.49
N VAL C 65 -18.49 27.37 -19.14
CA VAL C 65 -17.48 26.38 -18.79
C VAL C 65 -16.16 27.09 -18.48
N PHE C 66 -15.49 26.68 -17.41
CA PHE C 66 -14.28 27.36 -16.98
C PHE C 66 -13.27 26.39 -16.40
N GLU C 67 -11.99 26.66 -16.69
CA GLU C 67 -10.89 25.86 -16.18
C GLU C 67 -10.65 26.17 -14.71
N VAL C 68 -10.42 25.13 -13.92
CA VAL C 68 -10.20 25.28 -12.49
C VAL C 68 -9.51 24.05 -11.92
N ALA C 69 -8.62 24.26 -10.95
CA ALA C 69 -7.95 23.16 -10.27
C ALA C 69 -8.86 22.55 -9.21
N ASN C 70 -8.72 21.25 -8.98
CA ASN C 70 -9.62 20.48 -8.15
C ASN C 70 -9.77 20.97 -6.71
N ASP C 71 -8.76 21.66 -6.19
CA ASP C 71 -8.76 22.06 -4.78
C ASP C 71 -9.79 23.15 -4.46
N GLN C 72 -10.22 23.88 -5.49
CA GLN C 72 -11.22 24.94 -5.29
C GLN C 72 -12.64 24.41 -5.46
N LEU C 73 -12.77 23.16 -5.91
CA LEU C 73 -14.07 22.58 -6.24
C LEU C 73 -14.97 22.41 -5.01
N GLY C 74 -14.37 22.39 -3.83
CA GLY C 74 -15.14 22.32 -2.61
C GLY C 74 -15.82 23.65 -2.36
N SER C 75 -15.06 24.72 -2.51
CA SER C 75 -15.56 26.07 -2.29
C SER C 75 -16.75 26.38 -3.20
N MET C 76 -16.60 26.04 -4.48
CA MET C 76 -17.61 26.38 -5.47
C MET C 76 -18.87 25.53 -5.33
N ALA C 77 -18.68 24.27 -4.95
CA ALA C 77 -19.81 23.38 -4.71
C ALA C 77 -20.67 23.89 -3.56
N GLU C 78 -20.02 24.32 -2.49
CA GLU C 78 -20.72 24.80 -1.30
C GLU C 78 -21.22 26.22 -1.48
N ALA C 79 -20.62 26.95 -2.42
CA ALA C 79 -21.09 28.28 -2.76
C ALA C 79 -22.30 28.18 -3.69
N GLY C 80 -22.52 26.99 -4.23
CA GLY C 80 -23.65 26.74 -5.11
C GLY C 80 -23.42 27.20 -6.53
N TYR C 81 -22.16 27.16 -6.99
CA TYR C 81 -21.82 27.58 -8.34
C TYR C 81 -21.80 26.41 -9.32
N ILE C 82 -21.62 25.21 -8.79
CA ILE C 82 -21.51 24.00 -9.60
C ILE C 82 -22.47 22.92 -9.12
N ASN C 83 -23.08 22.21 -10.06
CA ASN C 83 -23.89 21.04 -9.74
C ASN C 83 -23.05 19.77 -9.88
N PRO C 84 -23.41 18.72 -9.14
CA PRO C 84 -22.70 17.44 -9.27
C PRO C 84 -22.96 16.79 -10.61
N LEU C 85 -21.96 16.13 -11.17
CA LEU C 85 -22.13 15.37 -12.40
C LEU C 85 -23.14 14.25 -12.21
N SER C 86 -23.97 14.02 -13.21
CA SER C 86 -24.92 12.92 -13.21
C SER C 86 -24.18 11.60 -13.07
N PRO C 87 -24.83 10.59 -12.46
CA PRO C 87 -24.27 9.24 -12.32
C PRO C 87 -23.69 8.68 -13.62
N ASP C 88 -24.30 9.02 -14.76
CA ASP C 88 -23.77 8.61 -16.05
C ASP C 88 -22.47 9.35 -16.40
N ALA C 89 -22.47 10.66 -16.19
CA ALA C 89 -21.30 11.49 -16.48
C ALA C 89 -20.15 11.13 -15.57
N THR C 90 -20.49 10.89 -14.31
CA THR C 90 -19.55 10.42 -13.30
C THR C 90 -18.87 9.13 -13.73
N LYS C 91 -19.66 8.18 -14.24
CA LYS C 91 -19.14 6.89 -14.64
C LYS C 91 -18.15 7.00 -15.80
N ALA C 92 -18.42 7.93 -16.72
CA ALA C 92 -17.54 8.13 -17.87
C ALA C 92 -16.16 8.61 -17.44
N VAL C 93 -16.13 9.58 -16.53
CA VAL C 93 -14.89 10.09 -15.96
C VAL C 93 -14.09 8.95 -15.31
N LYS C 94 -14.80 8.06 -14.62
CA LYS C 94 -14.16 6.99 -13.86
C LYS C 94 -13.44 5.97 -14.74
N ASN C 95 -14.10 5.52 -15.81
CA ASN C 95 -13.55 4.45 -16.63
C ASN C 95 -12.32 4.87 -17.43
N ASN C 96 -12.26 6.15 -17.81
CA ASN C 96 -11.23 6.63 -18.74
C ASN C 96 -9.95 7.09 -18.06
N ASN C 97 -10.07 7.65 -16.87
CA ASN C 97 -8.95 8.35 -16.25
C ASN C 97 -8.42 7.65 -15.01
N VAL C 98 -7.17 7.96 -14.64
CA VAL C 98 -6.55 7.37 -13.46
C VAL C 98 -7.38 7.68 -12.21
N ALA C 99 -7.39 6.74 -11.27
CA ALA C 99 -8.27 6.80 -10.11
C ALA C 99 -8.04 8.06 -9.28
N VAL C 100 -6.84 8.63 -9.39
CA VAL C 100 -6.51 9.78 -8.58
C VAL C 100 -7.12 11.05 -9.20
N ALA C 101 -7.41 11.00 -10.49
CA ALA C 101 -8.09 12.08 -11.18
C ALA C 101 -9.56 12.09 -10.78
N SER C 102 -10.15 10.89 -10.73
CA SER C 102 -11.54 10.74 -10.34
C SER C 102 -11.75 11.20 -8.90
N GLU C 103 -10.83 10.82 -8.02
CA GLU C 103 -10.92 11.24 -6.62
C GLU C 103 -10.71 12.74 -6.52
N GLY C 104 -9.81 13.26 -7.35
CA GLY C 104 -9.50 14.68 -7.39
C GLY C 104 -10.70 15.57 -7.57
N VAL C 105 -11.65 15.13 -8.39
CA VAL C 105 -12.83 15.94 -8.70
C VAL C 105 -14.02 15.60 -7.81
N THR C 106 -13.82 14.67 -6.88
CA THR C 106 -14.89 14.23 -5.98
C THR C 106 -14.89 15.02 -4.67
N TRP C 107 -16.08 15.44 -4.25
CA TRP C 107 -16.25 16.22 -3.03
C TRP C 107 -17.53 15.78 -2.32
N LYS C 108 -17.37 15.26 -1.11
CA LYS C 108 -18.48 14.71 -0.32
C LYS C 108 -19.24 13.62 -1.08
N GLY C 109 -18.52 12.82 -1.84
CA GLY C 109 -19.11 11.70 -2.56
C GLY C 109 -19.55 12.02 -3.98
N LYS C 110 -19.54 13.30 -4.34
CA LYS C 110 -20.04 13.72 -5.64
C LYS C 110 -18.94 14.31 -6.52
N MET C 111 -19.03 14.07 -7.84
CA MET C 111 -18.11 14.66 -8.80
C MET C 111 -18.58 16.04 -9.25
N PHE C 112 -17.68 17.00 -9.25
CA PHE C 112 -18.05 18.37 -9.62
C PHE C 112 -17.25 18.91 -10.80
N ALA C 113 -16.47 18.05 -11.43
CA ALA C 113 -15.67 18.46 -12.58
C ALA C 113 -15.17 17.28 -13.42
N TYR C 114 -14.70 17.61 -14.63
CA TYR C 114 -14.12 16.64 -15.55
C TYR C 114 -12.61 16.87 -15.62
N PRO C 115 -11.82 15.94 -15.08
CA PRO C 115 -10.37 16.15 -15.04
C PRO C 115 -9.72 16.01 -16.40
N PHE C 116 -8.60 16.68 -16.63
CA PHE C 116 -7.86 16.47 -17.88
C PHE C 116 -6.34 16.40 -17.67
N ALA C 117 -5.85 16.98 -16.58
CA ALA C 117 -4.40 16.99 -16.34
C ALA C 117 -4.04 16.85 -14.86
N GLU C 118 -2.90 16.20 -14.61
CA GLU C 118 -2.38 16.05 -13.26
C GLU C 118 -1.02 16.76 -13.13
N GLN C 119 -0.70 17.21 -11.93
CA GLN C 119 0.53 17.95 -11.70
C GLN C 119 1.06 17.76 -10.29
N ALA C 120 2.37 17.53 -10.19
CA ALA C 120 3.03 17.40 -8.90
C ALA C 120 4.48 17.79 -9.06
N GLN C 121 5.07 18.36 -8.01
CA GLN C 121 6.46 18.79 -8.06
C GLN C 121 7.41 17.60 -8.08
N THR C 122 8.58 17.81 -8.66
CA THR C 122 9.61 16.79 -8.78
C THR C 122 10.97 17.40 -8.47
N ILE C 123 12.03 16.64 -8.69
CA ILE C 123 13.37 17.20 -8.60
C ILE C 123 13.86 17.64 -9.96
N TYR C 124 14.39 18.85 -10.03
CA TYR C 124 15.10 19.28 -11.22
C TYR C 124 16.56 19.50 -10.86
N TYR C 125 17.47 18.95 -11.65
CA TYR C 125 18.87 19.01 -11.29
C TYR C 125 19.83 19.02 -12.49
N ASN C 126 20.93 19.76 -12.31
CA ASN C 126 22.08 19.72 -13.21
C ASN C 126 22.75 18.36 -13.06
N LYS C 127 22.54 17.48 -14.04
CA LYS C 127 23.00 16.10 -13.92
C LYS C 127 24.50 15.95 -14.17
N SER C 128 25.19 17.08 -14.31
CA SER C 128 26.64 17.06 -14.30
C SER C 128 27.10 17.17 -12.85
N LYS C 129 26.21 17.69 -11.99
CA LYS C 129 26.53 17.93 -10.60
C LYS C 129 26.08 16.77 -9.71
N LEU C 130 24.91 16.22 -10.02
CA LEU C 130 24.37 15.10 -9.27
C LEU C 130 24.07 13.94 -10.20
N THR C 131 24.16 12.72 -9.69
CA THR C 131 23.82 11.54 -10.48
C THR C 131 22.40 11.11 -10.17
N ALA C 132 21.88 10.18 -10.97
CA ALA C 132 20.54 9.65 -10.76
C ALA C 132 20.45 8.94 -9.41
N ASP C 133 21.54 8.31 -9.00
CA ASP C 133 21.57 7.63 -7.71
C ASP C 133 21.79 8.63 -6.56
N ASP C 134 22.49 9.72 -6.86
CA ASP C 134 22.69 10.78 -5.87
C ASP C 134 21.35 11.30 -5.35
N VAL C 135 20.39 11.42 -6.26
CA VAL C 135 19.12 12.05 -5.94
C VAL C 135 18.06 11.04 -5.51
N LYS C 136 18.45 9.79 -5.28
CA LYS C 136 17.49 8.80 -4.82
C LYS C 136 17.10 9.06 -3.37
N THR C 137 18.03 9.62 -2.60
CA THR C 137 17.78 9.95 -1.20
C THR C 137 18.14 11.40 -0.91
N TRP C 138 17.39 12.01 0.00
CA TRP C 138 17.62 13.39 0.41
C TRP C 138 18.99 13.56 1.06
N ASP C 139 19.31 12.69 2.01
CA ASP C 139 20.55 12.80 2.76
C ASP C 139 21.77 12.60 1.87
N GLY C 140 21.61 11.77 0.84
CA GLY C 140 22.68 11.51 -0.09
C GLY C 140 22.83 12.64 -1.09
N LEU C 141 21.72 13.26 -1.46
CA LEU C 141 21.72 14.36 -2.41
C LEU C 141 22.46 15.56 -1.82
N THR C 142 22.00 15.99 -0.65
CA THR C 142 22.52 17.20 -0.02
C THR C 142 23.93 16.98 0.54
N ALA C 143 24.39 15.73 0.55
CA ALA C 143 25.74 15.44 1.00
C ALA C 143 26.73 15.58 -0.15
N LYS C 144 26.21 15.85 -1.34
CA LYS C 144 27.06 15.94 -2.52
C LYS C 144 26.89 17.25 -3.28
N GLY C 145 25.65 17.73 -3.35
CA GLY C 145 25.37 18.97 -4.05
C GLY C 145 24.44 19.88 -3.26
N VAL C 146 24.22 21.07 -3.78
CA VAL C 146 23.36 22.05 -3.11
C VAL C 146 21.92 21.99 -3.62
N LEU C 147 20.98 21.85 -2.69
CA LEU C 147 19.57 22.00 -3.01
C LEU C 147 19.07 23.33 -2.45
N ALA C 148 18.63 24.21 -3.35
CA ALA C 148 18.09 25.50 -2.94
C ALA C 148 16.58 25.43 -2.81
N THR C 149 16.06 25.78 -1.64
CA THR C 149 14.63 25.67 -1.38
C THR C 149 14.16 26.59 -0.25
N ASP C 150 12.84 26.71 -0.11
CA ASP C 150 12.23 27.66 0.80
C ASP C 150 11.38 26.96 1.87
N PHE C 151 11.84 27.04 3.12
CA PHE C 151 11.11 26.41 4.23
C PHE C 151 10.02 27.31 4.79
N THR C 152 9.80 28.46 4.15
CA THR C 152 8.65 29.30 4.46
C THR C 152 7.53 28.98 3.49
N ASN C 153 7.77 27.97 2.66
CA ASN C 153 6.83 27.54 1.64
C ASN C 153 6.20 26.20 2.01
N ALA C 154 4.93 26.23 2.41
CA ALA C 154 4.25 25.03 2.89
C ALA C 154 3.81 24.11 1.75
N TYR C 155 3.71 24.66 0.55
CA TYR C 155 3.38 23.84 -0.61
C TYR C 155 4.53 22.89 -0.90
N ASN C 156 5.75 23.37 -0.67
CA ASN C 156 6.95 22.56 -0.77
C ASN C 156 7.03 21.49 0.31
N PHE C 157 6.88 21.90 1.56
CA PHE C 157 7.33 21.06 2.68
C PHE C 157 6.28 20.51 3.63
N TYR C 158 5.02 20.94 3.54
CA TYR C 158 4.04 20.27 4.39
C TYR C 158 3.91 18.78 4.07
N PRO C 159 3.96 18.37 2.78
CA PRO C 159 3.88 16.94 2.50
C PRO C 159 4.89 16.04 3.24
N VAL C 160 5.95 16.62 3.83
CA VAL C 160 6.87 15.86 4.67
C VAL C 160 6.11 15.24 5.85
N PHE C 161 5.17 15.99 6.41
CA PHE C 161 4.29 15.46 7.46
C PHE C 161 3.53 14.22 6.98
N LEU C 162 3.14 14.23 5.70
CA LEU C 162 2.42 13.12 5.12
C LEU C 162 3.32 11.90 4.99
N SER C 163 4.59 12.15 4.63
CA SER C 163 5.59 11.10 4.57
C SER C 163 5.79 10.47 5.94
N ALA C 164 5.62 11.28 6.99
CA ALA C 164 5.78 10.81 8.37
C ALA C 164 4.63 9.89 8.78
N GLY C 165 3.55 9.88 8.01
CA GLY C 165 2.45 8.96 8.26
C GLY C 165 1.18 9.64 8.73
N THR C 166 1.22 10.96 8.87
CA THR C 166 0.04 11.70 9.32
C THR C 166 -0.88 12.04 8.16
N GLN C 167 -2.05 12.57 8.51
CA GLN C 167 -3.06 12.90 7.51
C GLN C 167 -3.62 14.29 7.75
N LEU C 168 -3.98 14.96 6.65
CA LEU C 168 -4.52 16.30 6.73
C LEU C 168 -6.01 16.25 6.41
N TYR C 169 -6.82 16.46 7.44
CA TYR C 169 -8.27 16.25 7.37
C TYR C 169 -8.61 14.81 6.99
N GLY C 170 -7.92 13.87 7.62
CA GLY C 170 -8.21 12.46 7.43
C GLY C 170 -7.72 11.92 6.10
N LYS C 171 -8.00 10.63 5.88
CA LYS C 171 -7.62 9.94 4.66
C LYS C 171 -8.18 10.63 3.43
N THR C 172 -9.45 10.98 3.52
CA THR C 172 -10.22 11.51 2.39
C THR C 172 -9.97 13.00 2.13
N GLY C 173 -9.38 13.67 3.10
CA GLY C 173 -9.14 15.10 3.00
C GLY C 173 -10.41 15.90 3.26
N GLU C 174 -11.40 15.25 3.87
CA GLU C 174 -12.71 15.87 4.06
C GLU C 174 -13.18 15.82 5.52
N THR C 175 -12.36 15.25 6.40
CA THR C 175 -12.71 15.13 7.81
C THR C 175 -12.18 16.34 8.59
N VAL C 176 -13.09 17.18 9.09
CA VAL C 176 -12.70 18.46 9.70
C VAL C 176 -11.65 18.34 10.79
N LYS C 177 -11.86 17.43 11.73
CA LYS C 177 -10.90 17.25 12.81
C LYS C 177 -10.11 15.96 12.64
N GLY C 178 -9.80 15.64 11.38
CA GLY C 178 -9.05 14.44 11.07
C GLY C 178 -7.55 14.63 10.91
N THR C 179 -7.08 15.86 11.10
CA THR C 179 -5.65 16.12 11.08
C THR C 179 -5.03 15.60 12.38
N ASP C 180 -4.13 14.62 12.26
CA ASP C 180 -3.53 13.99 13.43
C ASP C 180 -2.05 14.32 13.58
N VAL C 181 -1.64 15.49 13.10
CA VAL C 181 -0.22 15.85 13.13
C VAL C 181 0.26 16.23 14.52
N ASN C 182 -0.66 16.38 15.47
CA ASN C 182 -0.26 16.62 16.84
C ASN C 182 0.00 15.28 17.52
N SER C 183 1.13 14.68 17.17
CA SER C 183 1.47 13.35 17.63
C SER C 183 2.96 13.10 17.48
N ALA C 184 3.41 11.93 17.93
CA ALA C 184 4.81 11.53 17.83
C ALA C 184 5.31 11.62 16.40
N LYS C 185 4.46 11.21 15.45
CA LYS C 185 4.82 11.23 14.04
C LYS C 185 4.99 12.66 13.53
N GLY C 186 4.25 13.59 14.14
CA GLY C 186 4.40 15.00 13.81
C GLY C 186 5.74 15.52 14.30
N GLU C 187 6.11 15.13 15.52
CA GLU C 187 7.38 15.56 16.11
C GLU C 187 8.57 15.11 15.28
N GLN C 188 8.44 13.94 14.64
CA GLN C 188 9.51 13.39 13.81
C GLN C 188 9.72 14.22 12.56
N ALA C 189 8.64 14.72 11.99
CA ALA C 189 8.72 15.60 10.82
C ALA C 189 9.35 16.93 11.22
N MET C 190 8.89 17.51 12.33
CA MET C 190 9.42 18.77 12.82
C MET C 190 10.92 18.67 13.07
N ALA C 191 11.34 17.52 13.58
CA ALA C 191 12.75 17.26 13.83
C ALA C 191 13.53 17.17 12.51
N TRP C 192 12.91 16.62 11.47
CA TRP C 192 13.55 16.54 10.16
C TRP C 192 13.75 17.94 9.60
N PHE C 193 12.74 18.78 9.72
CA PHE C 193 12.84 20.19 9.36
C PHE C 193 14.03 20.83 10.06
N ALA C 194 14.13 20.58 11.36
CA ALA C 194 15.20 21.13 12.19
C ALA C 194 16.58 20.68 11.72
N GLN C 195 16.68 19.45 11.25
CA GLN C 195 17.95 18.88 10.78
C GLN C 195 18.55 19.67 9.62
N GLN C 196 17.68 20.25 8.80
CA GLN C 196 18.13 20.86 7.55
C GLN C 196 18.79 22.21 7.75
N LYS C 197 18.74 22.72 8.97
CA LYS C 197 19.36 24.01 9.29
C LYS C 197 20.88 23.92 9.18
N SER C 198 21.45 22.82 9.69
CA SER C 198 22.89 22.63 9.63
C SER C 198 23.27 21.61 8.55
N ASN C 199 22.34 21.38 7.62
CA ASN C 199 22.62 20.54 6.46
C ASN C 199 23.31 21.37 5.39
N LYS C 200 24.62 21.17 5.24
CA LYS C 200 25.44 22.00 4.38
C LYS C 200 25.07 21.91 2.90
N GLY C 201 24.21 20.95 2.56
CA GLY C 201 23.72 20.83 1.19
C GLY C 201 22.34 21.43 1.01
N VAL C 202 21.88 22.15 2.04
CA VAL C 202 20.57 22.78 1.99
C VAL C 202 20.69 24.30 2.09
N MET C 203 20.38 24.99 0.99
CA MET C 203 20.42 26.44 0.94
C MET C 203 19.03 27.05 0.94
N GLN C 204 18.72 27.82 1.99
CA GLN C 204 17.49 28.60 2.02
C GLN C 204 17.51 29.67 0.94
N THR C 205 16.42 29.78 0.19
CA THR C 205 16.30 30.82 -0.82
C THR C 205 14.84 31.15 -1.14
N SER C 206 14.57 32.42 -1.41
CA SER C 206 13.25 32.84 -1.82
C SER C 206 13.17 32.82 -3.35
N ASN C 207 14.27 32.44 -3.97
CA ASN C 207 14.33 32.29 -5.42
C ASN C 207 15.27 31.14 -5.79
N ALA C 208 14.70 29.94 -5.89
CA ALA C 208 15.46 28.73 -6.19
C ALA C 208 15.90 28.67 -7.65
N LEU C 209 15.08 29.23 -8.53
CA LEU C 209 15.34 29.18 -9.96
C LEU C 209 16.58 29.99 -10.33
N ASN C 210 16.78 31.12 -9.66
CA ASN C 210 17.97 31.92 -9.86
C ASN C 210 19.22 31.19 -9.39
N GLN C 211 19.08 30.39 -8.33
CA GLN C 211 20.19 29.63 -7.80
C GLN C 211 20.60 28.53 -8.77
N LEU C 212 19.63 28.01 -9.49
CA LEU C 212 19.88 27.00 -10.52
C LEU C 212 20.49 27.66 -11.75
N LYS C 213 20.20 28.94 -11.91
CA LYS C 213 20.68 29.70 -13.05
C LYS C 213 22.16 30.05 -12.90
N SER C 214 22.55 30.48 -11.71
CA SER C 214 23.94 30.87 -11.46
C SER C 214 24.81 29.63 -11.33
N GLY C 215 24.35 28.65 -10.56
CA GLY C 215 25.10 27.44 -10.35
C GLY C 215 25.45 27.25 -8.89
N LYS C 216 24.84 28.08 -8.05
CA LYS C 216 25.00 27.94 -6.60
C LYS C 216 24.25 26.71 -6.11
N ALA C 217 23.28 26.27 -6.91
CA ALA C 217 22.46 25.12 -6.57
C ALA C 217 22.59 24.02 -7.62
N ALA C 218 22.58 22.77 -7.15
CA ALA C 218 22.63 21.62 -8.05
C ALA C 218 21.23 21.06 -8.26
N ALA C 219 20.33 21.34 -7.32
CA ALA C 219 18.95 20.88 -7.40
C ALA C 219 17.98 21.86 -6.74
N ILE C 220 16.74 21.84 -7.22
CA ILE C 220 15.65 22.60 -6.60
C ILE C 220 14.34 21.80 -6.70
N LEU C 221 13.38 22.11 -5.83
CA LEU C 221 12.05 21.53 -5.91
C LEU C 221 11.14 22.43 -6.74
N ASP C 222 10.57 21.89 -7.82
CA ASP C 222 9.68 22.69 -8.67
C ASP C 222 8.66 21.85 -9.43
N GLY C 223 7.67 22.52 -10.03
CA GLY C 223 6.61 21.85 -10.75
C GLY C 223 6.84 21.81 -12.24
N PRO C 224 6.05 21.00 -12.96
CA PRO C 224 6.22 20.76 -14.39
C PRO C 224 5.88 21.98 -15.25
N TRP C 225 5.09 22.89 -14.71
CA TRP C 225 4.77 24.14 -15.39
C TRP C 225 6.04 24.97 -15.61
N ASN C 226 7.07 24.67 -14.82
CA ASN C 226 8.35 25.35 -14.92
C ASN C 226 9.41 24.54 -15.68
N SER C 227 9.03 23.34 -16.12
CA SER C 227 9.99 22.41 -16.71
C SER C 227 10.63 22.93 -17.99
N ALA C 228 9.83 23.53 -18.86
CA ALA C 228 10.33 24.07 -20.13
C ALA C 228 11.36 25.16 -19.89
N ASN C 229 11.12 25.97 -18.86
CA ASN C 229 12.07 27.02 -18.47
C ASN C 229 13.35 26.41 -17.91
N ILE C 230 13.22 25.33 -17.16
CA ILE C 230 14.36 24.68 -16.51
C ILE C 230 15.23 23.96 -17.53
N LYS C 231 14.61 23.46 -18.60
CA LYS C 231 15.35 22.89 -19.72
C LYS C 231 16.19 23.95 -20.41
N LYS C 232 15.66 25.18 -20.49
CA LYS C 232 16.38 26.29 -21.08
C LYS C 232 17.57 26.68 -20.21
N ILE C 233 17.37 26.65 -18.88
CA ILE C 233 18.40 27.00 -17.93
C ILE C 233 19.51 25.95 -17.87
N LEU C 234 19.11 24.68 -17.80
CA LEU C 234 20.07 23.59 -17.69
C LEU C 234 20.64 23.17 -19.04
N GLY C 235 19.93 23.53 -20.11
CA GLY C 235 20.36 23.20 -21.46
C GLY C 235 20.50 21.70 -21.66
N LYS C 236 21.68 21.27 -22.07
CA LYS C 236 21.96 19.85 -22.28
C LYS C 236 22.09 19.09 -20.96
N ASN C 237 22.30 19.84 -19.88
CA ASN C 237 22.47 19.25 -18.56
C ASN C 237 21.14 19.00 -17.85
N PHE C 238 20.04 19.09 -18.59
CA PHE C 238 18.72 18.95 -18.00
C PHE C 238 18.43 17.52 -17.55
N ALA C 239 17.95 17.38 -16.32
CA ALA C 239 17.53 16.09 -15.79
C ALA C 239 16.48 16.27 -14.71
N VAL C 240 15.58 15.29 -14.60
CA VAL C 240 14.47 15.38 -13.65
C VAL C 240 14.22 14.04 -12.98
N ALA C 241 13.90 14.08 -11.69
CA ALA C 241 13.62 12.88 -10.92
C ALA C 241 12.43 13.10 -9.99
N PRO C 242 11.76 12.01 -9.58
CA PRO C 242 10.76 12.13 -8.51
C PRO C 242 11.42 12.60 -7.22
N TYR C 243 10.64 13.00 -6.23
CA TYR C 243 11.20 13.30 -4.92
C TYR C 243 12.00 12.12 -4.41
N PRO C 244 13.07 12.37 -3.64
CA PRO C 244 13.86 11.28 -3.12
C PRO C 244 13.20 10.66 -1.90
N THR C 245 13.83 9.66 -1.30
CA THR C 245 13.37 9.18 -0.01
C THR C 245 13.98 10.07 1.07
N ILE C 246 13.28 10.17 2.19
CA ILE C 246 13.82 10.86 3.35
C ILE C 246 13.79 9.91 4.53
N LYS C 247 14.53 10.23 5.58
CA LYS C 247 14.63 9.36 6.74
C LYS C 247 13.77 9.87 7.91
N LEU C 248 12.70 9.16 8.20
CA LEU C 248 11.82 9.49 9.31
C LEU C 248 11.55 8.27 10.18
N ASP C 249 11.74 8.42 11.49
CA ASP C 249 11.55 7.34 12.47
C ASP C 249 12.40 6.11 12.12
N GLY C 250 13.61 6.36 11.66
CA GLY C 250 14.56 5.29 11.40
C GLY C 250 14.31 4.50 10.13
N LYS C 251 13.45 5.01 9.25
CA LYS C 251 13.21 4.34 7.98
C LYS C 251 13.16 5.31 6.80
N ASP C 252 13.69 4.87 5.66
CA ASP C 252 13.58 5.63 4.42
C ASP C 252 12.16 5.58 3.90
N VAL C 253 11.53 6.75 3.77
CA VAL C 253 10.17 6.82 3.23
C VAL C 253 10.14 7.78 2.04
N GLN C 254 9.24 7.53 1.10
CA GLN C 254 9.08 8.44 -0.02
C GLN C 254 8.65 9.81 0.49
N MET C 255 9.41 10.83 0.11
CA MET C 255 9.03 12.20 0.37
C MET C 255 7.89 12.60 -0.58
N GLN C 256 6.76 12.98 -0.02
CA GLN C 256 5.59 13.25 -0.84
C GLN C 256 5.55 14.68 -1.36
N ALA C 257 4.67 14.91 -2.33
CA ALA C 257 4.32 16.26 -2.76
C ALA C 257 2.81 16.35 -2.83
N PHE C 258 2.27 17.57 -2.83
CA PHE C 258 0.85 17.74 -3.09
C PHE C 258 0.57 17.40 -4.54
N LEU C 259 -0.55 16.72 -4.78
CA LEU C 259 -0.97 16.41 -6.13
C LEU C 259 -2.17 17.25 -6.53
N GLY C 260 -2.03 17.98 -7.64
CA GLY C 260 -3.11 18.79 -8.15
C GLY C 260 -3.71 18.19 -9.41
N ILE C 261 -5.01 18.42 -9.60
CA ILE C 261 -5.72 17.95 -10.78
C ILE C 261 -6.41 19.12 -11.47
N GLU C 262 -6.06 19.36 -12.72
CA GLU C 262 -6.67 20.45 -13.48
C GLU C 262 -7.96 19.98 -14.13
N THR C 263 -8.96 20.85 -14.11
CA THR C 263 -10.31 20.49 -14.55
C THR C 263 -10.98 21.60 -15.35
N PHE C 264 -12.15 21.26 -15.90
CA PHE C 264 -13.10 22.26 -16.40
C PHE C 264 -14.42 22.06 -15.66
N ALA C 265 -14.94 23.11 -15.04
CA ALA C 265 -16.20 22.98 -14.32
C ALA C 265 -17.32 23.70 -15.05
N VAL C 266 -18.55 23.30 -14.79
CA VAL C 266 -19.71 23.93 -15.40
C VAL C 266 -20.40 24.88 -14.42
N ASN C 267 -20.52 26.14 -14.84
CA ASN C 267 -21.26 27.14 -14.09
C ASN C 267 -22.74 26.77 -14.06
N SER C 268 -23.28 26.60 -12.85
CA SER C 268 -24.68 26.20 -12.69
C SER C 268 -25.61 27.40 -12.80
N HIS C 269 -25.04 28.61 -12.81
CA HIS C 269 -25.84 29.82 -12.88
C HIS C 269 -25.87 30.38 -14.30
N ALA C 270 -25.34 29.62 -15.24
CA ALA C 270 -25.46 29.95 -16.66
C ALA C 270 -26.82 29.48 -17.17
N SER C 271 -27.21 30.00 -18.33
CA SER C 271 -28.57 29.79 -18.86
C SER C 271 -28.95 28.32 -19.01
N GLY C 272 -30.16 27.99 -18.59
CA GLY C 272 -30.65 26.62 -18.57
C GLY C 272 -30.67 25.93 -19.93
N SER C 273 -30.97 26.69 -20.98
CA SER C 273 -31.04 26.12 -22.32
C SER C 273 -29.66 25.79 -22.87
N ASN C 274 -28.64 26.43 -22.31
CA ASN C 274 -27.26 26.18 -22.71
C ASN C 274 -26.53 25.25 -21.74
N GLN C 275 -27.18 24.92 -20.62
CA GLN C 275 -26.60 24.09 -19.58
C GLN C 275 -26.14 22.73 -20.12
N LYS C 276 -26.92 22.18 -21.04
CA LYS C 276 -26.62 20.87 -21.61
C LYS C 276 -25.46 20.96 -22.60
N ALA C 277 -25.39 22.08 -23.32
CA ALA C 277 -24.30 22.31 -24.25
C ALA C 277 -22.98 22.44 -23.50
N ALA C 278 -23.03 23.12 -22.36
CA ALA C 278 -21.86 23.31 -21.51
C ALA C 278 -21.32 21.98 -20.99
N ALA C 279 -22.22 21.10 -20.57
CA ALA C 279 -21.83 19.82 -20.00
C ALA C 279 -21.27 18.88 -21.06
N THR C 280 -21.85 18.93 -22.25
CA THR C 280 -21.38 18.10 -23.36
C THR C 280 -20.02 18.60 -23.85
N LEU C 281 -19.87 19.93 -23.87
CA LEU C 281 -18.60 20.57 -24.20
C LEU C 281 -17.51 20.15 -23.22
N ALA C 282 -17.81 20.22 -21.93
CA ALA C 282 -16.86 19.87 -20.88
C ALA C 282 -16.39 18.43 -21.01
N SER C 283 -17.30 17.54 -21.40
CA SER C 283 -16.95 16.14 -21.57
C SER C 283 -15.95 15.93 -22.70
N PHE C 284 -16.14 16.63 -23.81
CA PHE C 284 -15.30 16.44 -24.98
C PHE C 284 -13.90 17.02 -24.78
N ILE C 285 -13.81 18.29 -24.39
CA ILE C 285 -12.50 18.94 -24.31
C ILE C 285 -11.56 18.29 -23.28
N THR C 286 -12.07 17.32 -22.53
CA THR C 286 -11.23 16.58 -21.60
C THR C 286 -11.08 15.11 -22.04
N ASN C 287 -11.56 14.78 -23.23
CA ASN C 287 -11.40 13.41 -23.74
C ASN C 287 -9.97 13.14 -24.17
N LYS C 288 -9.71 11.91 -24.60
CA LYS C 288 -8.36 11.48 -24.97
C LYS C 288 -7.74 12.32 -26.07
N GLU C 289 -8.48 12.57 -27.15
CA GLU C 289 -7.97 13.35 -28.26
C GLU C 289 -7.57 14.75 -27.79
N SER C 290 -8.43 15.37 -26.98
CA SER C 290 -8.17 16.71 -26.47
C SER C 290 -7.00 16.73 -25.51
N GLN C 291 -6.99 15.80 -24.55
CA GLN C 291 -5.91 15.72 -23.57
C GLN C 291 -4.54 15.62 -24.24
N LEU C 292 -4.46 14.84 -25.31
CA LEU C 292 -3.21 14.67 -26.04
C LEU C 292 -2.79 15.97 -26.74
N ILE C 293 -3.76 16.70 -27.26
CA ILE C 293 -3.48 18.00 -27.88
C ILE C 293 -2.94 18.99 -26.85
N VAL C 294 -3.62 19.06 -25.71
CA VAL C 294 -3.23 19.96 -24.62
C VAL C 294 -1.80 19.67 -24.14
N TYR C 295 -1.43 18.40 -24.11
CA TYR C 295 -0.07 18.04 -23.73
C TYR C 295 0.97 18.56 -24.73
N ASP C 296 0.71 18.32 -26.01
CA ASP C 296 1.67 18.68 -27.07
C ASP C 296 1.98 20.17 -27.09
N HIS C 297 1.07 20.98 -26.56
CA HIS C 297 1.26 22.43 -26.54
C HIS C 297 1.86 22.93 -25.23
N SER C 298 1.43 22.35 -24.11
CA SER C 298 1.82 22.87 -22.80
C SER C 298 2.61 21.87 -21.96
N GLY C 299 2.67 20.63 -22.40
CA GLY C 299 3.41 19.60 -21.67
C GLY C 299 2.66 19.07 -20.46
N GLN C 300 1.45 19.56 -20.25
CA GLN C 300 0.63 19.13 -19.12
C GLN C 300 0.34 17.64 -19.18
N ILE C 301 0.55 16.95 -18.05
CA ILE C 301 0.48 15.50 -18.00
C ILE C 301 -0.97 15.00 -18.01
N PRO C 302 -1.31 14.13 -18.97
CA PRO C 302 -2.66 13.58 -19.12
C PRO C 302 -3.10 12.78 -17.91
N VAL C 303 -4.40 12.66 -17.69
CA VAL C 303 -4.93 11.80 -16.64
C VAL C 303 -5.63 10.60 -17.24
N ASP C 304 -5.87 10.66 -18.54
CA ASP C 304 -6.47 9.54 -19.27
C ASP C 304 -5.47 8.39 -19.34
N LYS C 305 -5.90 7.21 -18.90
CA LYS C 305 -5.01 6.06 -18.76
C LYS C 305 -4.32 5.66 -20.05
N THR C 306 -5.04 5.73 -21.17
CA THR C 306 -4.48 5.36 -22.47
C THR C 306 -3.60 6.48 -23.04
N ALA C 307 -3.90 7.72 -22.65
CA ALA C 307 -3.09 8.87 -23.09
C ALA C 307 -1.74 8.87 -22.39
N GLN C 308 -1.71 8.37 -21.16
CA GLN C 308 -0.46 8.28 -20.41
C GLN C 308 0.44 7.18 -20.96
N LYS C 309 -0.15 6.26 -21.72
CA LYS C 309 0.62 5.19 -22.33
C LYS C 309 1.10 5.57 -23.72
N SER C 310 0.66 6.74 -24.19
CA SER C 310 1.08 7.25 -25.50
C SER C 310 2.60 7.38 -25.53
N SER C 311 3.18 7.03 -26.68
CA SER C 311 4.62 6.94 -26.80
C SER C 311 5.34 8.26 -26.55
N LYS C 312 4.66 9.38 -26.79
CA LYS C 312 5.25 10.69 -26.53
C LYS C 312 5.30 10.96 -25.03
N VAL C 313 4.19 10.73 -24.34
CA VAL C 313 4.11 11.02 -22.92
C VAL C 313 4.86 10.00 -22.08
N ALA C 314 4.68 8.72 -22.42
CA ALA C 314 5.32 7.63 -21.67
C ALA C 314 6.83 7.58 -21.91
N SER C 315 7.38 8.65 -22.46
CA SER C 315 8.82 8.74 -22.72
C SER C 315 9.40 9.99 -22.07
N ASP C 316 8.59 11.03 -21.98
CA ASP C 316 9.03 12.31 -21.42
C ASP C 316 9.47 12.16 -19.97
N PRO C 317 10.72 12.57 -19.67
CA PRO C 317 11.28 12.54 -18.32
C PRO C 317 10.49 13.38 -17.33
N VAL C 318 9.90 14.47 -17.80
CA VAL C 318 9.04 15.30 -16.97
C VAL C 318 7.73 14.59 -16.66
N ALA C 319 7.10 14.05 -17.70
CA ALA C 319 5.85 13.31 -17.54
C ALA C 319 6.07 12.04 -16.74
N GLY C 320 7.21 11.39 -16.94
CA GLY C 320 7.54 10.19 -16.20
C GLY C 320 7.67 10.47 -14.72
N ALA C 321 8.35 11.56 -14.38
CA ALA C 321 8.57 11.93 -12.99
C ALA C 321 7.27 12.34 -12.31
N VAL C 322 6.46 13.11 -13.01
CA VAL C 322 5.17 13.55 -12.49
C VAL C 322 4.23 12.36 -12.29
N MET C 323 4.14 11.49 -13.29
CA MET C 323 3.27 10.33 -13.20
C MET C 323 3.70 9.39 -12.09
N THR C 324 5.01 9.34 -11.81
CA THR C 324 5.51 8.56 -10.70
C THR C 324 5.07 9.17 -9.37
N MET C 325 5.25 10.48 -9.25
CA MET C 325 4.80 11.20 -8.06
C MET C 325 3.29 11.09 -7.91
N ALA C 326 2.59 10.84 -9.02
CA ALA C 326 1.13 10.75 -9.02
C ALA C 326 0.61 9.44 -8.42
N LYS C 327 1.48 8.45 -8.26
CA LYS C 327 1.09 7.19 -7.65
C LYS C 327 0.76 7.40 -6.19
N PRO C 328 -0.38 6.83 -5.72
CA PRO C 328 -0.73 6.93 -4.31
C PRO C 328 0.37 6.36 -3.42
N GLY C 329 0.76 7.13 -2.41
CA GLY C 329 1.91 6.77 -1.60
C GLY C 329 3.07 7.70 -1.91
N ASN C 330 3.05 8.27 -3.12
CA ASN C 330 4.10 9.21 -3.54
C ASN C 330 3.62 10.64 -3.42
N SER C 331 2.30 10.83 -3.41
CA SER C 331 1.73 12.17 -3.26
C SER C 331 0.36 12.11 -2.63
N THR C 332 -0.15 13.28 -2.25
CA THR C 332 -1.47 13.38 -1.64
C THR C 332 -2.25 14.54 -2.25
N LEU C 333 -3.49 14.24 -2.61
CA LEU C 333 -4.41 15.22 -3.15
C LEU C 333 -4.58 16.40 -2.20
N MET C 334 -4.41 17.62 -2.70
CA MET C 334 -4.65 18.81 -1.90
C MET C 334 -6.12 18.89 -1.52
N PRO C 335 -6.41 18.93 -0.21
CA PRO C 335 -7.78 18.95 0.31
C PRO C 335 -8.63 20.11 -0.21
N LYS C 336 -9.94 19.89 -0.28
CA LYS C 336 -10.89 20.88 -0.76
C LYS C 336 -11.52 21.66 0.39
N MET C 337 -11.13 21.33 1.61
CA MET C 337 -11.78 21.87 2.80
C MET C 337 -11.69 23.38 2.89
N PRO C 338 -12.78 24.02 3.35
CA PRO C 338 -12.82 25.47 3.54
C PRO C 338 -11.81 25.94 4.57
N GLN C 339 -11.46 25.07 5.51
CA GLN C 339 -10.51 25.42 6.56
C GLN C 339 -9.07 25.50 6.04
N MET C 340 -8.87 25.16 4.77
CA MET C 340 -7.55 25.21 4.17
C MET C 340 -7.01 26.65 4.12
N ALA C 341 -7.91 27.61 4.24
CA ALA C 341 -7.54 29.02 4.29
C ALA C 341 -6.65 29.30 5.50
N THR C 342 -7.04 28.77 6.65
CA THR C 342 -6.28 28.93 7.89
C THR C 342 -5.02 28.07 7.86
N PHE C 343 -5.12 26.91 7.22
CA PHE C 343 -3.99 26.01 7.04
C PHE C 343 -2.81 26.74 6.38
N TRP C 344 -3.05 27.30 5.20
CA TRP C 344 -2.00 27.95 4.43
C TRP C 344 -1.36 29.14 5.13
N ASN C 345 -2.08 29.73 6.07
CA ASN C 345 -1.55 30.86 6.81
C ASN C 345 -0.79 30.42 8.07
N ASP C 346 -1.09 29.22 8.55
CA ASP C 346 -0.48 28.71 9.77
C ASP C 346 0.63 27.68 9.51
N ALA C 347 0.53 26.97 8.39
CA ALA C 347 1.46 25.87 8.11
C ALA C 347 2.90 26.35 7.91
N ALA C 348 3.08 27.47 7.21
CA ALA C 348 4.41 27.96 6.90
C ALA C 348 5.23 28.40 8.13
N PRO C 349 4.63 29.20 9.04
CA PRO C 349 5.43 29.57 10.22
C PRO C 349 5.75 28.41 11.14
N LEU C 350 4.85 27.43 11.24
CA LEU C 350 5.09 26.22 12.03
C LEU C 350 6.31 25.47 11.53
N ILE C 351 6.33 25.21 10.22
CA ILE C 351 7.43 24.53 9.56
C ILE C 351 8.73 25.33 9.70
N ASN C 352 8.66 26.61 9.36
CA ASN C 352 9.83 27.48 9.44
C ASN C 352 10.35 27.62 10.87
N GLY C 353 9.43 27.58 11.83
CA GLY C 353 9.80 27.59 13.23
C GLY C 353 10.67 26.42 13.60
N ALA C 354 10.26 25.22 13.21
CA ALA C 354 11.05 24.02 13.45
C ALA C 354 12.39 24.10 12.73
N TYR C 355 12.35 24.54 11.48
CA TYR C 355 13.56 24.65 10.67
C TYR C 355 14.58 25.63 11.25
N THR C 356 14.14 26.84 11.56
CA THR C 356 15.06 27.86 12.07
C THR C 356 15.48 27.59 13.51
N GLY C 357 14.69 26.79 14.22
CA GLY C 357 14.98 26.50 15.61
C GLY C 357 14.22 27.43 16.54
N SER C 358 13.44 28.35 15.97
CA SER C 358 12.65 29.27 16.77
C SER C 358 11.54 28.51 17.52
N ILE C 359 11.18 27.34 17.00
CA ILE C 359 10.38 26.39 17.77
C ILE C 359 11.27 25.26 18.27
N PRO C 360 11.54 25.25 19.59
CA PRO C 360 12.42 24.24 20.20
C PRO C 360 11.73 22.87 20.27
N ALA C 361 12.54 21.82 20.34
CA ALA C 361 12.03 20.45 20.29
C ALA C 361 11.09 20.12 21.44
N SER C 362 11.35 20.71 22.60
CA SER C 362 10.56 20.42 23.79
C SER C 362 9.17 21.06 23.73
N GLN C 363 8.94 21.89 22.71
CA GLN C 363 7.66 22.56 22.55
C GLN C 363 6.88 22.09 21.32
N TYR C 364 7.39 21.08 20.64
CA TYR C 364 6.74 20.54 19.45
C TYR C 364 5.30 20.13 19.72
N SER C 365 5.10 19.34 20.78
CA SER C 365 3.77 18.84 21.11
C SER C 365 2.79 19.97 21.40
N THR C 366 3.32 21.10 21.86
CA THR C 366 2.50 22.26 22.18
C THR C 366 2.14 23.06 20.93
N LYS C 367 3.13 23.25 20.06
CA LYS C 367 2.91 23.98 18.81
C LYS C 367 2.02 23.20 17.85
N LEU C 368 2.15 21.87 17.87
CA LEU C 368 1.36 21.02 17.00
C LEU C 368 -0.10 20.97 17.47
N ASP C 369 -0.31 20.91 18.78
CA ASP C 369 -1.66 20.94 19.34
C ASP C 369 -2.40 22.22 18.97
N THR C 370 -1.76 23.36 19.16
CA THR C 370 -2.37 24.65 18.85
C THR C 370 -2.68 24.76 17.36
N PHE C 371 -1.70 24.41 16.54
CA PHE C 371 -1.86 24.42 15.09
C PHE C 371 -3.01 23.53 14.64
N VAL C 372 -3.16 22.37 15.30
CA VAL C 372 -4.26 21.47 15.01
C VAL C 372 -5.59 22.12 15.41
N LYS C 373 -5.62 22.76 16.56
CA LYS C 373 -6.82 23.48 17.00
C LYS C 373 -7.20 24.58 16.03
N ASN C 374 -6.20 25.25 15.47
CA ASN C 374 -6.44 26.37 14.57
C ASN C 374 -7.14 25.96 13.28
N ILE C 375 -6.59 24.95 12.62
CA ILE C 375 -7.04 24.58 11.28
C ILE C 375 -8.20 23.57 11.27
N SER C 376 -8.71 23.24 12.44
CA SER C 376 -9.73 22.19 12.56
C SER C 376 -11.05 22.71 13.11
N LYS C 377 -11.26 24.01 13.06
CA LYS C 377 -12.52 24.58 13.53
C LYS C 377 -13.63 24.38 12.51
N ALA C 378 -14.81 23.96 12.97
CA ALA C 378 -15.92 23.70 12.08
C ALA C 378 -16.78 24.95 11.89
N ASN D 6 -37.23 -36.94 26.78
CA ASN D 6 -36.27 -36.04 26.15
C ASN D 6 -35.72 -35.01 27.13
N VAL D 7 -34.42 -34.80 27.09
CA VAL D 7 -33.76 -33.86 28.01
C VAL D 7 -33.44 -32.53 27.32
N SER D 8 -33.89 -31.44 27.94
CA SER D 8 -33.62 -30.10 27.41
C SER D 8 -33.59 -29.08 28.54
N GLY D 9 -33.06 -27.90 28.24
CA GLY D 9 -33.01 -26.82 29.20
C GLY D 9 -31.75 -25.98 29.13
N SER D 10 -31.48 -25.24 30.19
CA SER D 10 -30.29 -24.39 30.28
C SER D 10 -29.68 -24.49 31.66
N VAL D 11 -28.48 -25.06 31.74
CA VAL D 11 -27.84 -25.29 33.03
C VAL D 11 -26.46 -24.63 33.12
N LYS D 12 -26.11 -24.22 34.34
CA LYS D 12 -24.82 -23.57 34.60
C LYS D 12 -23.92 -24.51 35.39
N LEU D 13 -22.69 -24.69 34.92
CA LEU D 13 -21.74 -25.58 35.58
C LEU D 13 -20.59 -24.80 36.20
N TRP D 14 -20.43 -24.94 37.52
CA TRP D 14 -19.30 -24.35 38.25
C TRP D 14 -18.15 -25.33 38.36
N VAL D 15 -16.99 -24.97 37.81
CA VAL D 15 -15.81 -25.80 37.95
C VAL D 15 -14.64 -25.00 38.54
N ASP D 16 -13.57 -25.71 38.89
CA ASP D 16 -12.49 -25.13 39.67
C ASP D 16 -11.54 -24.25 38.87
N THR D 17 -10.32 -24.10 39.38
CA THR D 17 -9.28 -23.31 38.73
C THR D 17 -8.52 -24.13 37.69
N THR D 18 -8.29 -23.50 36.54
CA THR D 18 -7.65 -24.12 35.38
C THR D 18 -8.41 -25.35 34.86
N GLN D 19 -9.69 -25.44 35.20
CA GLN D 19 -10.48 -26.60 34.83
C GLN D 19 -11.54 -26.34 33.77
N VAL D 20 -11.93 -25.08 33.60
CA VAL D 20 -12.93 -24.69 32.60
C VAL D 20 -12.67 -25.26 31.18
N PRO D 21 -11.44 -25.12 30.65
CA PRO D 21 -11.24 -25.56 29.27
C PRO D 21 -11.49 -27.04 29.03
N TYR D 22 -11.02 -27.92 29.91
CA TYR D 22 -11.20 -29.33 29.64
C TYR D 22 -12.62 -29.79 30.00
N TYR D 23 -13.31 -29.01 30.81
CA TYR D 23 -14.73 -29.29 31.05
C TYR D 23 -15.58 -28.82 29.88
N LYS D 24 -15.10 -27.81 29.16
CA LYS D 24 -15.76 -27.40 27.92
C LYS D 24 -15.63 -28.53 26.90
N LYS D 25 -14.51 -29.24 26.94
CA LYS D 25 -14.30 -30.40 26.07
C LYS D 25 -15.25 -31.52 26.45
N ILE D 26 -15.42 -31.72 27.75
CA ILE D 26 -16.31 -32.75 28.26
C ILE D 26 -17.76 -32.39 27.93
N VAL D 27 -18.09 -31.11 28.05
CA VAL D 27 -19.43 -30.62 27.69
C VAL D 27 -19.66 -30.79 26.18
N ALA D 28 -18.61 -30.61 25.40
CA ALA D 28 -18.67 -30.84 23.96
C ALA D 28 -19.15 -32.25 23.65
N ASN D 29 -18.63 -33.22 24.40
CA ASN D 29 -19.07 -34.60 24.29
C ASN D 29 -20.49 -34.78 24.81
N PHE D 30 -20.82 -34.04 25.86
CA PHE D 30 -22.16 -34.04 26.44
C PHE D 30 -23.19 -33.55 25.42
N ASN D 31 -22.84 -32.54 24.66
CA ASN D 31 -23.74 -31.95 23.68
C ASN D 31 -23.87 -32.80 22.42
N LYS D 32 -23.04 -33.84 22.32
CA LYS D 32 -23.15 -34.79 21.22
C LYS D 32 -24.34 -35.71 21.42
N LYS D 33 -24.55 -36.13 22.66
CA LYS D 33 -25.70 -36.96 23.00
C LYS D 33 -26.86 -36.11 23.50
N TYR D 34 -26.54 -34.94 24.04
CA TYR D 34 -27.55 -34.03 24.56
C TYR D 34 -27.39 -32.62 23.99
N PRO D 35 -27.86 -32.42 22.75
CA PRO D 35 -27.76 -31.13 22.05
C PRO D 35 -28.77 -30.10 22.54
N ASP D 36 -29.87 -30.56 23.14
CA ASP D 36 -30.95 -29.67 23.56
C ASP D 36 -30.70 -29.05 24.93
N VAL D 37 -29.64 -29.51 25.60
CA VAL D 37 -29.24 -28.94 26.89
C VAL D 37 -28.12 -27.93 26.70
N LYS D 38 -28.45 -26.65 26.92
CA LYS D 38 -27.45 -25.60 26.81
C LYS D 38 -26.68 -25.44 28.11
N VAL D 39 -25.36 -25.61 28.02
CA VAL D 39 -24.51 -25.56 29.20
C VAL D 39 -23.57 -24.36 29.17
N LYS D 40 -23.56 -23.59 30.27
CA LYS D 40 -22.59 -22.53 30.43
C LYS D 40 -21.57 -22.93 31.50
N VAL D 41 -20.36 -23.26 31.05
CA VAL D 41 -19.26 -23.59 31.95
C VAL D 41 -18.59 -22.31 32.45
N THR D 42 -18.73 -22.02 33.75
CA THR D 42 -18.16 -20.81 34.33
C THR D 42 -17.32 -21.12 35.55
N GLN D 43 -16.39 -20.22 35.88
CA GLN D 43 -15.57 -20.37 37.06
C GLN D 43 -16.40 -20.09 38.31
N SER D 44 -16.32 -20.98 39.30
CA SER D 44 -16.93 -20.74 40.58
C SER D 44 -16.22 -19.58 41.27
N PRO D 45 -16.94 -18.84 42.14
CA PRO D 45 -16.36 -17.69 42.81
C PRO D 45 -15.09 -18.01 43.61
N ASN D 46 -15.11 -19.08 44.40
CA ASN D 46 -13.98 -19.40 45.25
C ASN D 46 -13.54 -20.86 45.21
N GLY D 47 -13.87 -21.55 44.12
CA GLY D 47 -13.42 -22.91 43.92
C GLY D 47 -14.32 -23.96 44.54
N SER D 48 -14.02 -25.23 44.29
CA SER D 48 -14.81 -26.34 44.82
C SER D 48 -14.60 -26.51 46.32
N ALA D 49 -13.49 -25.97 46.82
CA ALA D 49 -13.18 -26.05 48.24
C ALA D 49 -14.13 -25.20 49.07
N ASN D 50 -14.74 -24.21 48.43
CA ASN D 50 -15.70 -23.33 49.10
C ASN D 50 -17.09 -23.44 48.50
N ALA D 51 -17.41 -24.60 47.95
CA ALA D 51 -18.68 -24.81 47.28
C ALA D 51 -19.86 -24.55 48.20
N LYS D 52 -19.76 -24.99 49.44
CA LYS D 52 -20.88 -24.85 50.37
C LYS D 52 -21.11 -23.38 50.71
N THR D 53 -20.03 -22.61 50.73
CA THR D 53 -20.11 -21.18 51.01
C THR D 53 -20.57 -20.42 49.76
N ASP D 54 -20.03 -20.82 48.61
CA ASP D 54 -20.41 -20.20 47.33
C ASP D 54 -21.89 -20.42 47.01
N VAL D 55 -22.34 -21.67 47.17
CA VAL D 55 -23.73 -22.02 46.91
C VAL D 55 -24.66 -21.39 47.94
N GLY D 56 -24.20 -21.38 49.19
CA GLY D 56 -24.96 -20.81 50.29
C GLY D 56 -25.14 -19.30 50.19
N LYS D 57 -24.18 -18.62 49.56
CA LYS D 57 -24.20 -17.16 49.44
C LYS D 57 -25.50 -16.67 48.82
N ASP D 58 -25.93 -17.34 47.76
CA ASP D 58 -27.24 -17.12 47.17
C ASP D 58 -27.60 -18.36 46.37
N PRO D 59 -28.27 -19.32 47.04
CA PRO D 59 -28.68 -20.58 46.42
C PRO D 59 -29.47 -20.38 45.12
N ALA D 60 -30.26 -19.31 45.07
CA ALA D 60 -31.06 -19.01 43.90
C ALA D 60 -30.18 -18.58 42.70
N LYS D 61 -29.04 -17.98 42.99
CA LYS D 61 -28.17 -17.46 41.94
C LYS D 61 -26.94 -18.33 41.69
N ALA D 62 -26.84 -19.45 42.40
CA ALA D 62 -25.72 -20.36 42.22
C ALA D 62 -25.94 -21.29 41.03
N ALA D 63 -24.87 -21.94 40.57
CA ALA D 63 -24.94 -22.83 39.41
C ALA D 63 -25.87 -24.01 39.68
N ASP D 64 -26.41 -24.59 38.61
CA ASP D 64 -27.30 -25.74 38.72
C ASP D 64 -26.49 -26.96 39.12
N VAL D 65 -25.25 -27.02 38.60
CA VAL D 65 -24.34 -28.11 38.87
C VAL D 65 -22.98 -27.53 39.25
N PHE D 66 -22.44 -27.96 40.39
CA PHE D 66 -21.22 -27.37 40.91
C PHE D 66 -20.23 -28.42 41.43
N GLU D 67 -18.96 -28.07 41.41
CA GLU D 67 -17.88 -28.94 41.86
C GLU D 67 -17.74 -28.87 43.38
N VAL D 68 -17.68 -30.02 44.05
CA VAL D 68 -17.62 -30.03 45.51
C VAL D 68 -16.95 -31.31 46.05
N ALA D 69 -16.21 -31.16 47.15
CA ALA D 69 -15.59 -32.29 47.83
C ALA D 69 -16.60 -32.97 48.75
N ASN D 70 -16.46 -34.28 48.93
CA ASN D 70 -17.46 -35.07 49.64
C ASN D 70 -17.62 -34.70 51.11
N ASP D 71 -16.62 -34.05 51.68
CA ASP D 71 -16.67 -33.67 53.09
C ASP D 71 -17.67 -32.56 53.36
N GLN D 72 -18.10 -31.88 52.29
CA GLN D 72 -19.07 -30.80 52.42
C GLN D 72 -20.51 -31.24 52.18
N LEU D 73 -20.69 -32.50 51.79
CA LEU D 73 -22.00 -32.99 51.36
C LEU D 73 -23.05 -33.04 52.47
N GLY D 74 -22.64 -33.42 53.67
CA GLY D 74 -23.56 -33.45 54.80
C GLY D 74 -24.04 -32.05 55.13
N SER D 75 -23.09 -31.12 55.22
CA SER D 75 -23.39 -29.71 55.50
C SER D 75 -24.40 -29.16 54.50
N MET D 76 -24.14 -29.39 53.21
CA MET D 76 -25.01 -28.87 52.17
C MET D 76 -26.35 -29.61 52.12
N ALA D 77 -26.33 -30.90 52.48
CA ALA D 77 -27.57 -31.67 52.54
C ALA D 77 -28.46 -31.20 53.68
N GLU D 78 -27.84 -30.90 54.83
CA GLU D 78 -28.59 -30.50 56.01
C GLU D 78 -29.10 -29.06 55.89
N ALA D 79 -28.43 -28.27 55.07
CA ALA D 79 -28.90 -26.92 54.77
C ALA D 79 -30.00 -26.96 53.72
N GLY D 80 -30.12 -28.09 53.04
CA GLY D 80 -31.12 -28.28 52.01
C GLY D 80 -30.70 -27.79 50.64
N TYR D 81 -29.39 -27.84 50.37
CA TYR D 81 -28.84 -27.36 49.10
C TYR D 81 -28.81 -28.47 48.04
N ILE D 82 -28.91 -29.72 48.48
CA ILE D 82 -28.86 -30.86 47.58
C ILE D 82 -29.93 -31.88 47.90
N ASN D 83 -30.64 -32.35 46.88
CA ASN D 83 -31.60 -33.44 47.02
C ASN D 83 -30.91 -34.80 46.89
N PRO D 84 -31.47 -35.84 47.50
CA PRO D 84 -30.88 -37.17 47.36
C PRO D 84 -31.01 -37.75 45.95
N LEU D 85 -30.04 -38.53 45.51
CA LEU D 85 -30.07 -39.14 44.19
C LEU D 85 -31.21 -40.14 44.08
N SER D 86 -31.75 -40.28 42.86
CA SER D 86 -32.82 -41.21 42.57
C SER D 86 -32.33 -42.65 42.68
N PRO D 87 -33.26 -43.62 42.80
CA PRO D 87 -32.88 -45.04 42.82
C PRO D 87 -32.00 -45.44 41.65
N ASP D 88 -32.31 -44.92 40.47
CA ASP D 88 -31.54 -45.22 39.26
C ASP D 88 -30.16 -44.57 39.31
N ALA D 89 -30.13 -43.27 39.62
CA ALA D 89 -28.88 -42.51 39.67
C ALA D 89 -27.95 -43.04 40.75
N THR D 90 -28.53 -43.45 41.88
CA THR D 90 -27.78 -44.08 42.96
C THR D 90 -27.25 -45.44 42.51
N LYS D 91 -28.08 -46.17 41.77
CA LYS D 91 -27.74 -47.45 41.19
C LYS D 91 -26.56 -47.29 40.23
N ALA D 92 -26.64 -46.26 39.39
CA ALA D 92 -25.61 -45.99 38.39
C ALA D 92 -24.27 -45.64 39.03
N VAL D 93 -24.30 -44.88 40.13
CA VAL D 93 -23.08 -44.52 40.84
C VAL D 93 -22.45 -45.78 41.44
N LYS D 94 -23.28 -46.62 42.07
CA LYS D 94 -22.82 -47.84 42.71
C LYS D 94 -22.26 -48.85 41.71
N ASN D 95 -22.83 -48.84 40.51
CA ASN D 95 -22.47 -49.82 39.49
C ASN D 95 -21.10 -49.56 38.87
N ASN D 96 -20.81 -48.30 38.60
CA ASN D 96 -19.67 -47.93 37.76
C ASN D 96 -18.40 -47.53 38.51
N ASN D 97 -18.51 -47.29 39.81
CA ASN D 97 -17.39 -46.77 40.57
C ASN D 97 -17.01 -47.66 41.75
N VAL D 98 -15.79 -47.50 42.24
CA VAL D 98 -15.30 -48.25 43.39
C VAL D 98 -16.16 -47.98 44.61
N ALA D 99 -16.24 -48.97 45.50
CA ALA D 99 -17.11 -48.91 46.67
C ALA D 99 -16.86 -47.68 47.53
N VAL D 100 -15.59 -47.27 47.62
CA VAL D 100 -15.22 -46.19 48.51
C VAL D 100 -15.70 -44.85 47.97
N ALA D 101 -15.87 -44.75 46.66
CA ALA D 101 -16.39 -43.54 46.05
C ALA D 101 -17.89 -43.43 46.33
N SER D 102 -18.57 -44.58 46.26
CA SER D 102 -19.99 -44.65 46.59
C SER D 102 -20.25 -44.23 48.02
N GLU D 103 -19.46 -44.79 48.95
CA GLU D 103 -19.58 -44.44 50.36
C GLU D 103 -19.24 -42.96 50.55
N GLY D 104 -18.31 -42.48 49.74
CA GLY D 104 -17.91 -41.08 49.77
C GLY D 104 -19.03 -40.09 49.64
N VAL D 105 -19.96 -40.36 48.74
CA VAL D 105 -21.02 -39.43 48.41
C VAL D 105 -22.30 -39.70 49.21
N THR D 106 -22.25 -40.67 50.12
CA THR D 106 -23.43 -41.06 50.89
C THR D 106 -23.46 -40.40 52.27
N TRP D 107 -24.63 -39.90 52.64
CA TRP D 107 -24.83 -39.24 53.92
C TRP D 107 -26.17 -39.66 54.49
N LYS D 108 -26.14 -40.31 55.66
CA LYS D 108 -27.32 -40.91 56.27
C LYS D 108 -28.02 -41.87 55.30
N GLY D 109 -27.24 -42.75 54.68
CA GLY D 109 -27.80 -43.79 53.84
C GLY D 109 -28.23 -43.36 52.44
N LYS D 110 -28.14 -42.07 52.15
CA LYS D 110 -28.56 -41.56 50.84
C LYS D 110 -27.43 -40.81 50.13
N MET D 111 -27.36 -40.97 48.81
CA MET D 111 -26.34 -40.28 48.00
C MET D 111 -26.73 -38.83 47.73
N PHE D 112 -25.73 -37.97 47.62
CA PHE D 112 -25.98 -36.55 47.41
C PHE D 112 -25.05 -35.95 46.38
N ALA D 113 -24.30 -36.81 45.69
CA ALA D 113 -23.35 -36.33 44.68
C ALA D 113 -22.88 -37.41 43.72
N TYR D 114 -22.29 -36.96 42.63
CA TYR D 114 -21.71 -37.82 41.60
C TYR D 114 -20.20 -37.72 41.64
N PRO D 115 -19.53 -38.81 42.06
CA PRO D 115 -18.07 -38.83 42.23
C PRO D 115 -17.33 -39.09 40.91
N PHE D 116 -16.13 -38.55 40.77
CA PHE D 116 -15.34 -38.80 39.57
C PHE D 116 -13.85 -38.98 39.87
N ALA D 117 -13.37 -38.38 40.96
CA ALA D 117 -11.95 -38.46 41.32
C ALA D 117 -11.72 -38.74 42.79
N GLU D 118 -10.64 -39.47 43.07
CA GLU D 118 -10.22 -39.73 44.45
C GLU D 118 -8.85 -39.12 44.70
N GLN D 119 -8.60 -38.72 45.95
CA GLN D 119 -7.33 -38.12 46.31
C GLN D 119 -6.92 -38.53 47.71
N ALA D 120 -5.63 -38.78 47.87
CA ALA D 120 -5.05 -39.07 49.17
C ALA D 120 -3.59 -38.65 49.12
N GLN D 121 -3.03 -38.30 50.27
CA GLN D 121 -1.62 -37.95 50.32
C GLN D 121 -0.77 -39.21 50.24
N THR D 122 0.45 -39.05 49.72
CA THR D 122 1.42 -40.12 49.62
C THR D 122 2.78 -39.55 49.99
N ILE D 123 3.83 -40.37 49.94
CA ILE D 123 5.17 -39.86 50.15
C ILE D 123 5.81 -39.50 48.83
N TYR D 124 6.47 -38.34 48.79
CA TYR D 124 7.28 -37.94 47.64
C TYR D 124 8.72 -37.90 48.07
N TYR D 125 9.60 -38.60 47.37
CA TYR D 125 10.99 -38.64 47.80
C TYR D 125 12.02 -38.52 46.68
N ASN D 126 13.13 -37.89 47.06
CA ASN D 126 14.36 -37.80 46.25
C ASN D 126 15.09 -39.13 46.28
N LYS D 127 15.05 -39.89 45.18
CA LYS D 127 15.60 -41.25 45.25
C LYS D 127 17.12 -41.29 45.11
N SER D 128 17.78 -40.14 45.18
CA SER D 128 19.23 -40.11 45.32
C SER D 128 19.59 -40.05 46.81
N LYS D 129 18.56 -39.93 47.64
CA LYS D 129 18.74 -39.95 49.09
C LYS D 129 18.00 -41.12 49.74
N LEU D 130 16.91 -41.56 49.12
CA LEU D 130 16.10 -42.65 49.66
C LEU D 130 15.70 -43.66 48.58
N THR D 131 15.70 -44.94 48.94
CA THR D 131 15.30 -45.98 47.99
C THR D 131 13.82 -46.35 48.16
N ALA D 132 13.30 -47.14 47.22
CA ALA D 132 11.93 -47.61 47.28
C ALA D 132 11.72 -48.51 48.50
N ASP D 133 12.75 -49.28 48.86
CA ASP D 133 12.68 -50.12 50.03
C ASP D 133 12.85 -49.31 51.31
N ASP D 134 13.59 -48.20 51.22
CA ASP D 134 13.78 -47.29 52.34
C ASP D 134 12.44 -46.77 52.86
N VAL D 135 11.58 -46.36 51.93
CA VAL D 135 10.34 -45.67 52.27
C VAL D 135 9.19 -46.63 52.58
N LYS D 136 9.50 -47.91 52.72
CA LYS D 136 8.48 -48.90 53.06
C LYS D 136 8.02 -48.71 54.51
N THR D 137 8.91 -48.23 55.36
CA THR D 137 8.58 -47.95 56.75
C THR D 137 9.04 -46.56 57.15
N TRP D 138 8.33 -45.98 58.11
CA TRP D 138 8.67 -44.66 58.64
C TRP D 138 10.01 -44.65 59.35
N ASP D 139 10.28 -45.71 60.12
CA ASP D 139 11.52 -45.81 60.88
C ASP D 139 12.73 -45.88 59.94
N GLY D 140 12.62 -46.70 58.91
CA GLY D 140 13.68 -46.86 57.93
C GLY D 140 13.94 -45.59 57.17
N LEU D 141 12.85 -44.93 56.77
CA LEU D 141 12.93 -43.67 56.04
C LEU D 141 13.64 -42.59 56.84
N THR D 142 13.19 -42.37 58.07
CA THR D 142 13.66 -41.24 58.86
C THR D 142 14.99 -41.50 59.57
N ALA D 143 15.41 -42.76 59.64
CA ALA D 143 16.72 -43.09 60.17
C ALA D 143 17.78 -42.83 59.09
N LYS D 144 17.33 -42.77 57.85
CA LYS D 144 18.23 -42.60 56.72
C LYS D 144 18.20 -41.18 56.18
N GLY D 145 17.01 -40.66 55.92
CA GLY D 145 16.86 -39.33 55.38
C GLY D 145 16.03 -38.42 56.25
N VAL D 146 15.92 -37.16 55.83
CA VAL D 146 15.08 -36.19 56.52
C VAL D 146 13.72 -36.05 55.82
N LEU D 147 12.65 -36.32 56.55
CA LEU D 147 11.32 -36.07 56.02
C LEU D 147 10.82 -34.73 56.53
N ALA D 148 10.47 -33.84 55.61
CA ALA D 148 9.93 -32.53 55.97
C ALA D 148 8.41 -32.58 56.07
N THR D 149 7.87 -32.13 57.20
CA THR D 149 6.43 -32.16 57.40
C THR D 149 5.97 -31.21 58.52
N ASP D 150 4.67 -31.20 58.80
CA ASP D 150 4.05 -30.17 59.64
C ASP D 150 3.08 -30.75 60.67
N PHE D 151 3.46 -30.70 61.94
CA PHE D 151 2.66 -31.27 63.02
C PHE D 151 1.60 -30.29 63.52
N THR D 152 1.55 -29.12 62.92
CA THR D 152 0.47 -28.17 63.18
C THR D 152 -0.62 -28.36 62.12
N ASN D 153 -0.48 -29.42 61.34
CA ASN D 153 -1.46 -29.77 60.31
C ASN D 153 -2.16 -31.08 60.65
N ALA D 154 -3.43 -30.98 61.05
CA ALA D 154 -4.20 -32.14 61.46
C ALA D 154 -4.50 -33.06 60.28
N TYR D 155 -4.63 -32.48 59.09
CA TYR D 155 -4.88 -33.23 57.87
C TYR D 155 -3.73 -34.21 57.61
N ASN D 156 -2.51 -33.76 57.88
CA ASN D 156 -1.34 -34.62 57.77
C ASN D 156 -1.38 -35.83 58.70
N PHE D 157 -1.70 -35.58 59.97
CA PHE D 157 -1.40 -36.58 60.99
C PHE D 157 -2.54 -37.10 61.86
N TYR D 158 -3.76 -36.60 61.72
CA TYR D 158 -4.83 -37.22 62.49
C TYR D 158 -5.06 -38.70 62.10
N PRO D 159 -4.95 -39.04 60.79
CA PRO D 159 -5.12 -40.46 60.45
C PRO D 159 -4.17 -41.45 61.17
N VAL D 160 -3.15 -40.96 61.86
CA VAL D 160 -2.31 -41.84 62.66
C VAL D 160 -3.13 -42.43 63.81
N PHE D 161 -4.07 -41.63 64.33
CA PHE D 161 -5.03 -42.13 65.31
C PHE D 161 -5.83 -43.30 64.76
N LEU D 162 -6.10 -43.26 63.45
CA LEU D 162 -6.84 -44.32 62.77
C LEU D 162 -5.95 -45.54 62.56
N SER D 163 -4.69 -45.30 62.24
CA SER D 163 -3.69 -46.37 62.17
C SER D 163 -3.59 -47.09 63.51
N ALA D 164 -3.80 -46.34 64.59
CA ALA D 164 -3.72 -46.88 65.95
C ALA D 164 -4.93 -47.74 66.30
N GLY D 165 -5.93 -47.74 65.42
CA GLY D 165 -7.10 -48.57 65.62
C GLY D 165 -8.28 -47.83 66.21
N THR D 166 -8.18 -46.51 66.31
CA THR D 166 -9.31 -45.69 66.75
C THR D 166 -10.17 -45.28 65.56
N GLN D 167 -11.35 -44.73 65.86
CA GLN D 167 -12.25 -44.30 64.79
C GLN D 167 -12.73 -42.88 65.03
N LEU D 168 -13.11 -42.22 63.95
CA LEU D 168 -13.59 -40.86 64.00
C LEU D 168 -15.07 -40.83 63.62
N TYR D 169 -15.91 -40.49 64.59
CA TYR D 169 -17.35 -40.56 64.48
C TYR D 169 -17.81 -41.97 64.07
N GLY D 170 -17.12 -42.97 64.61
CA GLY D 170 -17.43 -44.35 64.34
C GLY D 170 -16.82 -44.88 63.05
N LYS D 171 -17.19 -46.10 62.69
CA LYS D 171 -16.71 -46.73 61.47
C LYS D 171 -17.19 -45.99 60.23
N THR D 172 -18.45 -45.56 60.27
CA THR D 172 -19.09 -44.92 59.12
C THR D 172 -18.84 -43.42 59.11
N GLY D 173 -18.34 -42.89 60.21
CA GLY D 173 -18.08 -41.46 60.32
C GLY D 173 -19.35 -40.64 60.45
N GLU D 174 -20.41 -41.27 60.95
CA GLU D 174 -21.69 -40.60 61.11
C GLU D 174 -22.28 -40.81 62.51
N THR D 175 -21.51 -41.47 63.37
CA THR D 175 -21.89 -41.67 64.77
C THR D 175 -21.35 -40.53 65.62
N VAL D 176 -22.25 -39.64 66.06
CA VAL D 176 -21.90 -38.41 66.76
C VAL D 176 -20.96 -38.63 67.94
N LYS D 177 -21.21 -39.69 68.72
CA LYS D 177 -20.36 -39.98 69.87
C LYS D 177 -19.62 -41.30 69.70
N GLY D 178 -19.15 -41.55 68.46
CA GLY D 178 -18.46 -42.77 68.14
C GLY D 178 -16.95 -42.62 68.05
N THR D 179 -16.45 -41.39 68.22
CA THR D 179 -15.01 -41.17 68.27
C THR D 179 -14.47 -41.76 69.57
N ASP D 180 -13.52 -42.69 69.45
CA ASP D 180 -13.02 -43.41 70.62
C ASP D 180 -11.53 -43.20 70.88
N VAL D 181 -11.00 -42.04 70.51
CA VAL D 181 -9.57 -41.79 70.65
C VAL D 181 -9.15 -41.51 72.09
N ASN D 182 -10.13 -41.21 72.95
CA ASN D 182 -9.83 -41.07 74.38
C ASN D 182 -9.72 -42.45 75.01
N SER D 183 -8.63 -43.12 74.70
CA SER D 183 -8.41 -44.50 75.08
C SER D 183 -6.93 -44.83 75.01
N ALA D 184 -6.58 -46.06 75.36
CA ALA D 184 -5.19 -46.50 75.31
C ALA D 184 -4.62 -46.38 73.91
N LYS D 185 -5.42 -46.74 72.91
CA LYS D 185 -4.98 -46.66 71.52
C LYS D 185 -4.72 -45.21 71.10
N GLY D 186 -5.52 -44.30 71.63
CA GLY D 186 -5.32 -42.89 71.37
C GLY D 186 -4.01 -42.37 71.95
N GLU D 187 -3.66 -42.87 73.13
CA GLU D 187 -2.43 -42.48 73.80
C GLU D 187 -1.21 -42.97 73.03
N GLN D 188 -1.33 -44.15 72.42
CA GLN D 188 -0.26 -44.72 71.63
C GLN D 188 0.04 -43.86 70.40
N ALA D 189 -1.00 -43.26 69.85
CA ALA D 189 -0.82 -42.34 68.73
C ALA D 189 -0.16 -41.06 69.23
N MET D 190 -0.61 -40.58 70.39
CA MET D 190 -0.05 -39.38 71.01
C MET D 190 1.42 -39.61 71.34
N ALA D 191 1.73 -40.82 71.79
CA ALA D 191 3.10 -41.20 72.09
C ALA D 191 3.94 -41.22 70.81
N TRP D 192 3.36 -41.70 69.73
CA TRP D 192 4.04 -41.73 68.43
C TRP D 192 4.39 -40.31 68.02
N PHE D 193 3.46 -39.39 68.25
CA PHE D 193 3.68 -37.98 67.95
C PHE D 193 4.88 -37.45 68.74
N ALA D 194 4.87 -37.69 70.05
CA ALA D 194 5.96 -37.27 70.92
C ALA D 194 7.30 -37.79 70.43
N GLN D 195 7.31 -39.02 69.92
CA GLN D 195 8.55 -39.69 69.52
C GLN D 195 9.26 -39.06 68.33
N GLN D 196 8.54 -38.32 67.50
CA GLN D 196 9.17 -37.74 66.32
C GLN D 196 9.97 -36.48 66.65
N LYS D 197 9.77 -35.95 67.85
CA LYS D 197 10.52 -34.77 68.28
C LYS D 197 12.00 -35.11 68.40
N SER D 198 12.29 -36.32 68.86
CA SER D 198 13.66 -36.80 69.00
C SER D 198 14.12 -37.57 67.76
N ASN D 199 13.26 -37.59 66.74
CA ASN D 199 13.62 -38.19 65.46
C ASN D 199 14.33 -37.15 64.60
N LYS D 200 15.64 -37.30 64.47
CA LYS D 200 16.45 -36.32 63.74
C LYS D 200 16.17 -36.36 62.23
N GLY D 201 15.44 -37.38 61.79
CA GLY D 201 15.08 -37.51 60.39
C GLY D 201 13.71 -36.94 60.09
N VAL D 202 13.12 -36.30 61.09
CA VAL D 202 11.84 -35.62 60.91
C VAL D 202 11.98 -34.14 61.23
N MET D 203 11.87 -33.32 60.19
CA MET D 203 12.05 -31.89 60.33
C MET D 203 10.71 -31.16 60.35
N GLN D 204 10.43 -30.48 61.47
CA GLN D 204 9.26 -29.63 61.60
C GLN D 204 9.36 -28.41 60.69
N THR D 205 8.42 -28.24 59.77
CA THR D 205 8.38 -27.05 58.93
C THR D 205 6.97 -26.70 58.47
N SER D 206 6.74 -25.42 58.19
CA SER D 206 5.43 -24.94 57.75
C SER D 206 5.33 -24.92 56.23
N ASN D 207 6.44 -25.22 55.57
CA ASN D 207 6.46 -25.40 54.12
C ASN D 207 7.43 -26.51 53.75
N ALA D 208 6.93 -27.74 53.74
CA ALA D 208 7.73 -28.92 53.44
C ALA D 208 8.20 -28.92 51.99
N LEU D 209 7.35 -28.40 51.10
CA LEU D 209 7.71 -28.24 49.70
C LEU D 209 9.00 -27.44 49.57
N ASN D 210 9.11 -26.40 50.40
CA ASN D 210 10.29 -25.52 50.41
C ASN D 210 11.56 -26.23 50.88
N GLN D 211 11.42 -27.15 51.82
CA GLN D 211 12.57 -27.90 52.31
C GLN D 211 13.06 -28.86 51.24
N LEU D 212 12.12 -29.41 50.49
CA LEU D 212 12.46 -30.27 49.36
C LEU D 212 12.99 -29.41 48.23
N LYS D 213 12.40 -28.22 48.07
CA LYS D 213 12.85 -27.23 47.10
C LYS D 213 14.32 -26.87 47.30
N SER D 214 14.72 -26.75 48.57
CA SER D 214 16.08 -26.36 48.92
C SER D 214 17.02 -27.55 48.88
N GLY D 215 16.46 -28.75 49.09
CA GLY D 215 17.26 -29.95 49.19
C GLY D 215 17.67 -30.20 50.63
N LYS D 216 16.94 -29.57 51.55
CA LYS D 216 17.20 -29.74 52.98
C LYS D 216 16.47 -30.95 53.52
N ALA D 217 15.58 -31.51 52.70
CA ALA D 217 14.84 -32.70 53.05
C ALA D 217 14.81 -33.70 51.90
N ALA D 218 14.67 -34.98 52.23
CA ALA D 218 14.70 -36.04 51.23
C ALA D 218 13.31 -36.49 50.83
N ALA D 219 12.31 -36.24 51.68
CA ALA D 219 10.95 -36.64 51.38
C ALA D 219 9.91 -35.77 52.08
N ILE D 220 8.74 -35.65 51.47
CA ILE D 220 7.61 -34.95 52.07
C ILE D 220 6.32 -35.75 51.89
N LEU D 221 5.31 -35.44 52.69
CA LEU D 221 3.98 -35.99 52.49
C LEU D 221 3.14 -34.95 51.78
N ASP D 222 2.53 -35.33 50.67
CA ASP D 222 1.76 -34.39 49.86
C ASP D 222 0.75 -35.12 48.98
N GLY D 223 -0.26 -34.40 48.52
CA GLY D 223 -1.31 -34.97 47.69
C GLY D 223 -0.99 -34.82 46.21
N PRO D 224 -1.74 -35.54 45.36
CA PRO D 224 -1.51 -35.59 43.91
C PRO D 224 -1.67 -34.24 43.22
N TRP D 225 -2.26 -33.28 43.92
CA TRP D 225 -2.40 -31.93 43.40
C TRP D 225 -1.06 -31.20 43.33
N ASN D 226 -0.03 -31.80 43.92
CA ASN D 226 1.31 -31.21 43.94
C ASN D 226 2.33 -32.06 43.17
N SER D 227 1.85 -33.09 42.48
CA SER D 227 2.73 -34.04 41.81
C SER D 227 3.60 -33.39 40.74
N ALA D 228 2.97 -32.75 39.76
CA ALA D 228 3.68 -32.10 38.66
C ALA D 228 4.64 -31.04 39.18
N ASN D 229 4.20 -30.31 40.21
CA ASN D 229 5.03 -29.32 40.87
C ASN D 229 6.26 -29.98 41.48
N ILE D 230 6.05 -31.11 42.15
CA ILE D 230 7.13 -31.83 42.80
C ILE D 230 8.05 -32.50 41.77
N LYS D 231 7.46 -32.96 40.67
CA LYS D 231 8.25 -33.52 39.58
C LYS D 231 9.26 -32.51 39.03
N LYS D 232 8.83 -31.27 38.88
CA LYS D 232 9.70 -30.21 38.39
C LYS D 232 10.79 -29.87 39.39
N ILE D 233 10.54 -30.15 40.66
CA ILE D 233 11.51 -29.88 41.71
C ILE D 233 12.52 -31.02 41.83
N LEU D 234 12.01 -32.25 41.77
CA LEU D 234 12.86 -33.42 41.96
C LEU D 234 13.46 -33.93 40.64
N GLY D 235 12.77 -33.69 39.54
CA GLY D 235 13.25 -34.08 38.22
C GLY D 235 13.51 -35.57 38.09
N LYS D 236 14.73 -35.91 37.69
CA LYS D 236 15.16 -37.29 37.53
C LYS D 236 15.01 -38.10 38.82
N ASN D 237 15.10 -37.40 39.94
CA ASN D 237 15.10 -38.04 41.25
C ASN D 237 13.70 -38.22 41.82
N PHE D 238 12.70 -37.78 41.05
CA PHE D 238 11.32 -37.84 41.51
C PHE D 238 10.85 -39.29 41.67
N ALA D 239 10.36 -39.60 42.87
CA ALA D 239 9.73 -40.89 43.12
C ALA D 239 8.55 -40.72 44.07
N VAL D 240 7.63 -41.67 44.01
CA VAL D 240 6.38 -41.59 44.76
C VAL D 240 6.00 -42.97 45.29
N ALA D 241 5.50 -43.02 46.52
CA ALA D 241 5.08 -44.28 47.13
C ALA D 241 3.88 -44.06 48.05
N PRO D 242 3.11 -45.13 48.34
CA PRO D 242 2.08 -44.99 49.36
C PRO D 242 2.70 -44.64 50.72
N TYR D 243 1.89 -44.19 51.67
CA TYR D 243 2.36 -44.03 53.04
C TYR D 243 2.99 -45.35 53.49
N PRO D 244 4.01 -45.27 54.35
CA PRO D 244 4.71 -46.48 54.79
C PRO D 244 3.95 -47.14 55.94
N THR D 245 4.56 -48.15 56.56
CA THR D 245 4.03 -48.63 57.82
C THR D 245 4.65 -47.82 58.96
N ILE D 246 3.94 -47.73 60.07
CA ILE D 246 4.49 -47.14 61.29
C ILE D 246 4.39 -48.15 62.41
N LYS D 247 5.19 -47.96 63.45
CA LYS D 247 5.20 -48.87 64.59
C LYS D 247 4.28 -48.34 65.70
N LEU D 248 3.20 -49.08 65.96
CA LEU D 248 2.26 -48.74 67.03
C LEU D 248 1.93 -50.00 67.83
N ASP D 249 1.98 -49.88 69.15
CA ASP D 249 1.77 -50.99 70.07
C ASP D 249 2.66 -52.19 69.75
N GLY D 250 3.84 -51.90 69.18
CA GLY D 250 4.84 -52.92 68.93
C GLY D 250 4.73 -53.64 67.60
N LYS D 251 3.82 -53.20 66.74
CA LYS D 251 3.65 -53.82 65.43
C LYS D 251 3.60 -52.80 64.30
N ASP D 252 4.05 -53.22 63.12
CA ASP D 252 4.02 -52.38 61.92
C ASP D 252 2.64 -52.35 61.30
N VAL D 253 2.00 -51.19 61.36
CA VAL D 253 0.69 -51.02 60.75
C VAL D 253 0.77 -49.94 59.68
N GLN D 254 -0.10 -50.05 58.68
CA GLN D 254 -0.13 -49.07 57.61
C GLN D 254 -0.44 -47.68 58.15
N MET D 255 0.44 -46.73 57.86
CA MET D 255 0.18 -45.34 58.19
C MET D 255 -0.98 -44.84 57.34
N GLN D 256 -1.98 -44.28 57.99
CA GLN D 256 -3.17 -43.85 57.27
C GLN D 256 -3.10 -42.39 56.83
N ALA D 257 -3.85 -42.08 55.77
CA ALA D 257 -4.12 -40.72 55.31
C ALA D 257 -5.62 -40.57 55.10
N PHE D 258 -6.11 -39.34 55.06
CA PHE D 258 -7.49 -39.10 54.69
C PHE D 258 -7.72 -39.38 53.22
N LEU D 259 -8.88 -39.92 52.90
CA LEU D 259 -9.29 -40.09 51.51
C LEU D 259 -10.34 -39.05 51.17
N GLY D 260 -10.09 -38.28 50.12
CA GLY D 260 -11.05 -37.30 49.66
C GLY D 260 -11.67 -37.74 48.36
N ILE D 261 -12.96 -37.44 48.18
CA ILE D 261 -13.62 -37.75 46.93
C ILE D 261 -14.17 -36.47 46.30
N GLU D 262 -13.79 -36.21 45.06
CA GLU D 262 -14.23 -35.03 44.34
C GLU D 262 -15.49 -35.37 43.55
N THR D 263 -16.50 -34.51 43.65
CA THR D 263 -17.82 -34.81 43.07
C THR D 263 -18.46 -33.62 42.36
N PHE D 264 -19.56 -33.88 41.66
CA PHE D 264 -20.44 -32.81 41.22
C PHE D 264 -21.83 -33.02 41.83
N ALA D 265 -22.35 -31.97 42.45
CA ALA D 265 -23.67 -32.04 43.09
C ALA D 265 -24.68 -31.17 42.36
N VAL D 266 -25.95 -31.58 42.39
CA VAL D 266 -26.99 -30.79 41.77
C VAL D 266 -27.60 -29.81 42.78
N ASN D 267 -27.67 -28.54 42.38
CA ASN D 267 -28.30 -27.50 43.18
C ASN D 267 -29.81 -27.64 43.19
N SER D 268 -30.40 -27.77 44.38
CA SER D 268 -31.84 -27.91 44.49
C SER D 268 -32.57 -26.56 44.41
N HIS D 269 -31.81 -25.48 44.50
CA HIS D 269 -32.39 -24.13 44.48
C HIS D 269 -32.30 -23.47 43.12
N ALA D 270 -31.68 -24.15 42.16
CA ALA D 270 -31.64 -23.67 40.79
C ALA D 270 -33.03 -23.84 40.15
N SER D 271 -33.20 -23.30 38.95
CA SER D 271 -34.51 -23.33 38.29
C SER D 271 -35.04 -24.74 38.10
N GLY D 272 -36.27 -24.96 38.56
CA GLY D 272 -36.88 -26.28 38.55
C GLY D 272 -37.00 -26.93 37.19
N SER D 273 -37.13 -26.09 36.16
CA SER D 273 -37.28 -26.57 34.79
C SER D 273 -36.02 -27.26 34.29
N ASN D 274 -34.87 -26.84 34.81
CA ASN D 274 -33.59 -27.34 34.35
C ASN D 274 -33.00 -28.41 35.26
N GLN D 275 -33.81 -28.90 36.20
CA GLN D 275 -33.34 -29.88 37.18
C GLN D 275 -33.03 -31.23 36.55
N LYS D 276 -33.84 -31.66 35.58
CA LYS D 276 -33.56 -32.91 34.87
C LYS D 276 -32.30 -32.78 34.03
N ALA D 277 -32.15 -31.65 33.36
CA ALA D 277 -30.98 -31.39 32.53
C ALA D 277 -29.73 -31.32 33.40
N ALA D 278 -29.89 -30.77 34.60
CA ALA D 278 -28.81 -30.67 35.57
C ALA D 278 -28.35 -32.05 36.04
N ALA D 279 -29.30 -32.91 36.37
CA ALA D 279 -29.00 -34.27 36.83
C ALA D 279 -28.33 -35.08 35.72
N THR D 280 -28.77 -34.86 34.49
CA THR D 280 -28.21 -35.55 33.33
C THR D 280 -26.77 -35.11 33.05
N LEU D 281 -26.51 -33.82 33.16
CA LEU D 281 -25.16 -33.29 32.95
C LEU D 281 -24.20 -33.79 34.02
N ALA D 282 -24.66 -33.82 35.26
CA ALA D 282 -23.83 -34.27 36.37
C ALA D 282 -23.43 -35.73 36.21
N SER D 283 -24.33 -36.53 35.63
CA SER D 283 -24.08 -37.94 35.37
C SER D 283 -23.06 -38.15 34.24
N PHE D 284 -23.16 -37.33 33.19
CA PHE D 284 -22.27 -37.46 32.04
C PHE D 284 -20.85 -37.00 32.34
N ILE D 285 -20.71 -35.81 32.94
CA ILE D 285 -19.38 -35.26 33.17
C ILE D 285 -18.59 -36.06 34.21
N THR D 286 -19.25 -37.05 34.82
CA THR D 286 -18.58 -37.93 35.78
C THR D 286 -18.53 -39.38 35.29
N ASN D 287 -18.85 -39.60 34.02
CA ASN D 287 -18.81 -40.96 33.47
C ASN D 287 -17.39 -41.39 33.10
N LYS D 288 -17.25 -42.63 32.64
CA LYS D 288 -15.93 -43.19 32.32
C LYS D 288 -15.11 -42.33 31.36
N GLU D 289 -15.75 -41.91 30.27
CA GLU D 289 -15.08 -41.10 29.26
C GLU D 289 -14.54 -39.80 29.85
N SER D 290 -15.39 -39.11 30.59
CA SER D 290 -15.05 -37.81 31.15
C SER D 290 -13.96 -37.91 32.20
N GLN D 291 -14.04 -38.91 33.07
CA GLN D 291 -13.02 -39.11 34.09
C GLN D 291 -11.64 -39.28 33.48
N LEU D 292 -11.59 -39.99 32.36
CA LEU D 292 -10.34 -40.18 31.66
C LEU D 292 -9.83 -38.86 31.09
N ILE D 293 -10.75 -38.05 30.56
CA ILE D 293 -10.41 -36.72 30.07
C ILE D 293 -9.91 -35.84 31.21
N VAL D 294 -10.59 -35.93 32.35
CA VAL D 294 -10.20 -35.21 33.56
C VAL D 294 -8.80 -35.64 34.01
N TYR D 295 -8.55 -36.94 33.99
CA TYR D 295 -7.22 -37.44 34.32
C TYR D 295 -6.18 -36.92 33.35
N ASP D 296 -6.48 -37.04 32.06
CA ASP D 296 -5.59 -36.60 30.99
C ASP D 296 -5.16 -35.13 31.16
N HIS D 297 -6.04 -34.31 31.71
CA HIS D 297 -5.81 -32.88 31.79
C HIS D 297 -5.30 -32.41 33.15
N SER D 298 -5.66 -33.12 34.22
CA SER D 298 -5.37 -32.62 35.57
C SER D 298 -4.64 -33.62 36.45
N GLY D 299 -4.47 -34.84 35.97
CA GLY D 299 -3.81 -35.88 36.74
C GLY D 299 -4.66 -36.42 37.87
N GLN D 300 -5.91 -35.97 37.94
CA GLN D 300 -6.84 -36.45 38.94
C GLN D 300 -7.20 -37.91 38.71
N ILE D 301 -7.19 -38.69 39.79
CA ILE D 301 -7.33 -40.14 39.69
C ILE D 301 -8.78 -40.59 39.61
N PRO D 302 -9.12 -41.35 38.57
CA PRO D 302 -10.48 -41.88 38.34
C PRO D 302 -11.00 -42.76 39.49
N VAL D 303 -12.32 -42.84 39.62
CA VAL D 303 -12.95 -43.73 40.58
C VAL D 303 -13.74 -44.82 39.85
N ASP D 304 -13.87 -44.66 38.54
CA ASP D 304 -14.52 -45.67 37.71
C ASP D 304 -13.69 -46.94 37.69
N LYS D 305 -14.32 -48.08 37.93
CA LYS D 305 -13.64 -49.37 38.01
C LYS D 305 -12.77 -49.70 36.80
N THR D 306 -13.31 -49.54 35.60
CA THR D 306 -12.59 -49.92 34.39
C THR D 306 -11.66 -48.80 33.89
N ALA D 307 -11.89 -47.58 34.37
CA ALA D 307 -11.02 -46.46 34.05
C ALA D 307 -9.73 -46.56 34.84
N GLN D 308 -9.81 -47.16 36.02
CA GLN D 308 -8.64 -47.39 36.85
C GLN D 308 -7.76 -48.48 36.26
N LYS D 309 -8.31 -49.24 35.31
CA LYS D 309 -7.55 -50.30 34.66
C LYS D 309 -6.95 -49.86 33.32
N SER D 310 -7.28 -48.65 32.89
CA SER D 310 -6.71 -48.11 31.65
C SER D 310 -5.21 -47.93 31.80
N SER D 311 -4.45 -48.29 30.76
CA SER D 311 -3.00 -48.35 30.86
C SER D 311 -2.37 -46.99 31.13
N LYS D 312 -3.04 -45.92 30.69
CA LYS D 312 -2.59 -44.56 30.97
C LYS D 312 -2.48 -44.31 32.47
N VAL D 313 -3.58 -44.54 33.18
CA VAL D 313 -3.60 -44.42 34.62
C VAL D 313 -2.66 -45.45 35.25
N ALA D 314 -2.68 -46.67 34.70
CA ALA D 314 -1.87 -47.76 35.22
C ALA D 314 -0.40 -47.66 34.83
N SER D 315 0.03 -46.47 34.43
CA SER D 315 1.43 -46.21 34.13
C SER D 315 1.95 -45.08 34.98
N ASP D 316 1.01 -44.27 35.47
CA ASP D 316 1.30 -43.17 36.37
C ASP D 316 1.57 -43.69 37.78
N PRO D 317 2.77 -43.45 38.30
CA PRO D 317 3.10 -43.91 39.66
C PRO D 317 2.40 -43.10 40.75
N VAL D 318 2.09 -41.83 40.46
CA VAL D 318 1.29 -41.03 41.37
C VAL D 318 -0.09 -41.66 41.50
N ALA D 319 -0.65 -42.02 40.36
CA ALA D 319 -1.94 -42.70 40.30
C ALA D 319 -1.87 -44.02 41.07
N GLY D 320 -0.80 -44.78 40.86
CA GLY D 320 -0.67 -46.06 41.51
C GLY D 320 -0.63 -45.91 43.02
N ALA D 321 0.12 -44.93 43.49
CA ALA D 321 0.28 -44.70 44.92
C ALA D 321 -1.04 -44.29 45.57
N VAL D 322 -1.78 -43.42 44.89
CA VAL D 322 -3.03 -42.91 45.42
C VAL D 322 -4.08 -44.04 45.46
N MET D 323 -4.15 -44.84 44.41
CA MET D 323 -5.10 -45.95 44.39
C MET D 323 -4.78 -47.00 45.44
N THR D 324 -3.49 -47.21 45.71
CA THR D 324 -3.09 -48.10 46.79
C THR D 324 -3.61 -47.55 48.11
N MET D 325 -3.39 -46.26 48.32
CA MET D 325 -3.84 -45.59 49.54
C MET D 325 -5.35 -45.63 49.67
N ALA D 326 -6.05 -45.74 48.55
CA ALA D 326 -7.51 -45.72 48.53
C ALA D 326 -8.12 -47.00 49.09
N LYS D 327 -7.32 -48.07 49.14
CA LYS D 327 -7.78 -49.34 49.71
C LYS D 327 -8.26 -49.18 51.14
N PRO D 328 -9.40 -49.79 51.48
CA PRO D 328 -9.82 -49.87 52.87
C PRO D 328 -8.70 -50.49 53.73
N GLY D 329 -8.40 -49.87 54.85
CA GLY D 329 -7.24 -50.24 55.65
C GLY D 329 -6.14 -49.21 55.49
N ASN D 330 -6.00 -48.68 54.27
CA ASN D 330 -4.97 -47.69 53.98
C ASN D 330 -5.48 -46.26 54.09
N SER D 331 -6.79 -46.07 53.93
CA SER D 331 -7.39 -44.75 54.11
C SER D 331 -8.78 -44.75 54.71
N THR D 332 -9.14 -43.62 55.32
CA THR D 332 -10.45 -43.43 55.88
C THR D 332 -11.06 -42.15 55.33
N LEU D 333 -12.27 -42.28 54.80
CA LEU D 333 -13.05 -41.14 54.31
C LEU D 333 -13.12 -40.03 55.35
N MET D 334 -13.01 -38.78 54.90
CA MET D 334 -13.23 -37.66 55.81
C MET D 334 -14.70 -37.57 56.18
N PRO D 335 -15.01 -37.55 57.48
CA PRO D 335 -16.38 -37.44 57.99
C PRO D 335 -17.08 -36.17 57.52
N LYS D 336 -18.39 -36.26 57.32
CA LYS D 336 -19.18 -35.11 56.85
C LYS D 336 -19.86 -34.38 58.00
N MET D 337 -19.64 -34.85 59.22
CA MET D 337 -20.36 -34.34 60.37
C MET D 337 -20.08 -32.85 60.60
N PRO D 338 -21.12 -32.08 60.96
CA PRO D 338 -20.99 -30.64 61.18
C PRO D 338 -20.04 -30.29 62.32
N GLN D 339 -19.78 -31.25 63.20
CA GLN D 339 -18.89 -31.06 64.33
C GLN D 339 -17.43 -31.06 63.92
N MET D 340 -17.18 -31.33 62.63
CA MET D 340 -15.82 -31.30 62.09
C MET D 340 -15.22 -29.90 62.20
N ALA D 341 -16.07 -28.89 62.20
CA ALA D 341 -15.62 -27.51 62.37
C ALA D 341 -14.85 -27.40 63.68
N THR D 342 -15.39 -28.02 64.72
CA THR D 342 -14.73 -28.08 66.03
C THR D 342 -13.48 -28.97 65.96
N PHE D 343 -13.60 -30.07 65.24
CA PHE D 343 -12.48 -31.00 65.04
C PHE D 343 -11.27 -30.26 64.51
N TRP D 344 -11.46 -29.53 63.41
CA TRP D 344 -10.35 -28.84 62.75
C TRP D 344 -9.72 -27.77 63.63
N ASN D 345 -10.50 -27.17 64.52
CA ASN D 345 -9.95 -26.20 65.45
C ASN D 345 -9.14 -26.87 66.57
N ASP D 346 -9.48 -28.10 66.92
CA ASP D 346 -8.91 -28.75 68.09
C ASP D 346 -7.91 -29.86 67.79
N ALA D 347 -7.93 -30.37 66.56
CA ALA D 347 -7.13 -31.55 66.23
C ALA D 347 -5.64 -31.25 66.16
N ALA D 348 -5.27 -30.18 65.45
CA ALA D 348 -3.87 -29.83 65.27
C ALA D 348 -3.18 -29.37 66.57
N PRO D 349 -3.86 -28.54 67.39
CA PRO D 349 -3.21 -28.23 68.67
C PRO D 349 -3.00 -29.46 69.56
N LEU D 350 -3.89 -30.44 69.43
CA LEU D 350 -3.78 -31.69 70.18
C LEU D 350 -2.56 -32.48 69.73
N ILE D 351 -2.45 -32.65 68.42
CA ILE D 351 -1.38 -33.44 67.81
C ILE D 351 -0.03 -32.76 67.98
N ASN D 352 -0.01 -31.44 67.77
CA ASN D 352 1.22 -30.66 67.95
C ASN D 352 1.63 -30.65 69.41
N GLY D 353 0.64 -30.59 70.30
CA GLY D 353 0.88 -30.66 71.72
C GLY D 353 1.70 -31.87 72.13
N ALA D 354 1.34 -33.03 71.60
CA ALA D 354 2.07 -34.27 71.87
C ALA D 354 3.48 -34.21 71.27
N TYR D 355 3.57 -33.73 70.04
CA TYR D 355 4.84 -33.64 69.32
C TYR D 355 5.86 -32.76 70.04
N THR D 356 5.49 -31.50 70.27
CA THR D 356 6.36 -30.55 70.93
C THR D 356 6.63 -30.95 72.38
N GLY D 357 5.66 -31.60 72.99
CA GLY D 357 5.78 -31.99 74.39
C GLY D 357 5.12 -31.00 75.32
N SER D 358 4.47 -30.00 74.74
CA SER D 358 3.72 -29.02 75.53
C SER D 358 2.58 -29.74 76.24
N ILE D 359 2.15 -30.84 75.65
CA ILE D 359 1.31 -31.82 76.34
C ILE D 359 2.18 -33.00 76.70
N PRO D 360 2.41 -33.21 78.01
CA PRO D 360 3.20 -34.37 78.47
C PRO D 360 2.39 -35.67 78.41
N ALA D 361 3.06 -36.81 78.59
CA ALA D 361 2.38 -38.10 78.51
C ALA D 361 1.38 -38.28 79.65
N SER D 362 1.64 -37.61 80.77
CA SER D 362 0.78 -37.73 81.94
C SER D 362 -0.59 -37.08 81.70
N GLN D 363 -0.68 -36.26 80.67
CA GLN D 363 -1.90 -35.51 80.38
C GLN D 363 -2.60 -36.01 79.13
N TYR D 364 -2.11 -37.11 78.55
CA TYR D 364 -2.67 -37.66 77.32
C TYR D 364 -4.16 -37.98 77.47
N SER D 365 -4.50 -38.82 78.43
CA SER D 365 -5.89 -39.20 78.66
C SER D 365 -6.78 -37.99 78.96
N THR D 366 -6.22 -37.00 79.63
CA THR D 366 -6.98 -35.80 79.98
C THR D 366 -7.26 -34.95 78.76
N LYS D 367 -6.22 -34.73 77.94
CA LYS D 367 -6.36 -33.95 76.72
C LYS D 367 -7.24 -34.69 75.70
N LEU D 368 -7.09 -36.01 75.64
CA LEU D 368 -7.88 -36.81 74.71
C LEU D 368 -9.34 -36.83 75.11
N ASP D 369 -9.60 -36.83 76.41
CA ASP D 369 -10.97 -36.80 76.89
C ASP D 369 -11.63 -35.47 76.53
N THR D 370 -10.90 -34.38 76.72
CA THR D 370 -11.43 -33.05 76.42
C THR D 370 -11.72 -32.92 74.92
N PHE D 371 -10.80 -33.40 74.10
CA PHE D 371 -10.93 -33.34 72.65
C PHE D 371 -12.19 -34.04 72.18
N VAL D 372 -12.41 -35.26 72.67
CA VAL D 372 -13.60 -36.03 72.31
C VAL D 372 -14.86 -35.31 72.74
N LYS D 373 -14.88 -34.82 73.97
CA LYS D 373 -16.02 -34.05 74.47
C LYS D 373 -16.30 -32.84 73.57
N ASN D 374 -15.25 -32.13 73.20
CA ASN D 374 -15.37 -30.96 72.34
C ASN D 374 -15.99 -31.29 70.99
N ILE D 375 -15.60 -32.41 70.39
CA ILE D 375 -16.00 -32.72 69.03
C ILE D 375 -17.21 -33.69 68.91
N SER D 376 -17.76 -34.10 70.05
CA SER D 376 -18.88 -35.07 70.02
C SER D 376 -20.20 -34.47 70.49
N LYS D 377 -20.38 -33.17 70.31
CA LYS D 377 -21.60 -32.51 70.76
C LYS D 377 -22.72 -32.64 69.73
N ALA D 378 -23.93 -32.85 70.22
CA ALA D 378 -25.10 -33.00 69.35
C ALA D 378 -25.80 -31.66 69.16
N ASN E 6 77.96 0.30 44.76
CA ASN E 6 77.15 -0.90 44.67
C ASN E 6 75.74 -0.66 45.22
N VAL E 7 74.74 -1.09 44.45
CA VAL E 7 73.34 -0.86 44.81
C VAL E 7 72.86 -1.81 45.90
N SER E 8 72.07 -1.28 46.83
CA SER E 8 71.49 -2.06 47.91
C SER E 8 70.20 -1.40 48.37
N GLY E 9 69.33 -2.18 49.01
CA GLY E 9 68.07 -1.64 49.51
C GLY E 9 66.99 -2.70 49.67
N SER E 10 65.77 -2.25 50.00
CA SER E 10 64.63 -3.13 50.13
C SER E 10 63.45 -2.59 49.33
N VAL E 11 63.02 -3.33 48.32
CA VAL E 11 61.99 -2.84 47.40
C VAL E 11 60.84 -3.83 47.21
N LYS E 12 59.69 -3.30 46.83
CA LYS E 12 58.49 -4.10 46.58
C LYS E 12 58.05 -3.92 45.12
N LEU E 13 57.78 -5.03 44.44
CA LEU E 13 57.46 -4.98 43.01
C LEU E 13 56.04 -5.47 42.72
N TRP E 14 55.28 -4.65 41.99
CA TRP E 14 53.90 -4.98 41.64
C TRP E 14 53.77 -5.50 40.22
N VAL E 15 53.26 -6.72 40.09
CA VAL E 15 52.95 -7.31 38.79
C VAL E 15 51.58 -7.96 38.85
N ASP E 16 51.09 -8.43 37.71
CA ASP E 16 49.77 -9.04 37.64
C ASP E 16 49.75 -10.43 38.26
N THR E 17 48.60 -11.09 38.15
CA THR E 17 48.50 -12.50 38.47
C THR E 17 49.20 -13.29 37.37
N THR E 18 49.57 -14.54 37.65
CA THR E 18 50.24 -15.43 36.69
C THR E 18 51.59 -14.90 36.21
N GLN E 19 51.86 -13.63 36.51
CA GLN E 19 53.11 -13.00 36.11
C GLN E 19 54.10 -13.05 37.27
N VAL E 20 53.57 -13.18 38.47
CA VAL E 20 54.41 -13.32 39.67
C VAL E 20 55.43 -14.46 39.55
N PRO E 21 55.01 -15.66 39.05
CA PRO E 21 56.00 -16.72 38.95
C PRO E 21 57.22 -16.42 38.08
N TYR E 22 57.05 -15.80 36.91
CA TYR E 22 58.20 -15.63 36.03
C TYR E 22 58.97 -14.34 36.29
N TYR E 23 58.35 -13.38 36.98
CA TYR E 23 59.12 -12.22 37.42
C TYR E 23 60.00 -12.65 38.59
N LYS E 24 59.60 -13.71 39.27
CA LYS E 24 60.45 -14.33 40.29
C LYS E 24 61.69 -14.91 39.63
N LYS E 25 61.51 -15.55 38.47
CA LYS E 25 62.63 -16.01 37.66
C LYS E 25 63.49 -14.83 37.23
N ILE E 26 62.83 -13.77 36.77
CA ILE E 26 63.50 -12.58 36.31
C ILE E 26 64.27 -11.90 37.45
N VAL E 27 63.63 -11.79 38.61
CA VAL E 27 64.25 -11.18 39.78
C VAL E 27 65.44 -12.03 40.26
N ALA E 28 65.34 -13.34 40.07
CA ALA E 28 66.45 -14.24 40.41
C ALA E 28 67.69 -13.89 39.60
N ASN E 29 67.48 -13.42 38.37
CA ASN E 29 68.57 -12.93 37.53
C ASN E 29 69.01 -11.55 37.99
N PHE E 30 68.05 -10.76 38.47
CA PHE E 30 68.33 -9.44 38.99
C PHE E 30 69.27 -9.50 40.18
N ASN E 31 68.99 -10.42 41.09
CA ASN E 31 69.77 -10.56 42.31
C ASN E 31 71.15 -11.17 42.10
N LYS E 32 71.48 -11.48 40.85
CA LYS E 32 72.83 -11.96 40.55
C LYS E 32 73.80 -10.79 40.48
N LYS E 33 73.32 -9.66 39.98
CA LYS E 33 74.14 -8.44 39.88
C LYS E 33 73.85 -7.48 41.02
N TYR E 34 72.72 -7.71 41.69
CA TYR E 34 72.32 -6.88 42.82
C TYR E 34 71.81 -7.76 43.95
N PRO E 35 72.73 -8.48 44.61
CA PRO E 35 72.39 -9.41 45.69
C PRO E 35 71.91 -8.67 46.92
N ASP E 36 72.42 -7.45 47.09
CA ASP E 36 72.18 -6.67 48.31
C ASP E 36 70.86 -5.91 48.22
N VAL E 37 70.25 -5.88 47.04
CA VAL E 37 68.90 -5.36 46.90
C VAL E 37 67.90 -6.50 47.14
N LYS E 38 66.99 -6.29 48.08
CA LYS E 38 66.02 -7.33 48.42
C LYS E 38 64.66 -7.03 47.83
N VAL E 39 64.23 -7.87 46.88
CA VAL E 39 63.00 -7.63 46.13
C VAL E 39 61.85 -8.52 46.58
N LYS E 40 60.68 -7.90 46.73
CA LYS E 40 59.46 -8.64 47.01
C LYS E 40 58.52 -8.51 45.81
N VAL E 41 58.25 -9.63 45.15
CA VAL E 41 57.32 -9.64 44.02
C VAL E 41 55.93 -9.98 44.50
N THR E 42 54.98 -9.06 44.32
CA THR E 42 53.61 -9.31 44.74
C THR E 42 52.58 -8.99 43.66
N GLN E 43 51.39 -9.53 43.84
CA GLN E 43 50.26 -9.27 42.96
C GLN E 43 49.81 -7.83 43.05
N SER E 44 49.57 -7.20 41.90
CA SER E 44 48.95 -5.89 41.86
C SER E 44 47.54 -6.03 42.45
N PRO E 45 47.12 -5.06 43.28
CA PRO E 45 45.81 -5.10 43.93
C PRO E 45 44.65 -5.32 42.96
N ASN E 46 44.64 -4.61 41.83
CA ASN E 46 43.58 -4.74 40.85
C ASN E 46 44.10 -4.83 39.42
N GLY E 47 45.33 -5.31 39.27
CA GLY E 47 45.94 -5.45 37.97
C GLY E 47 46.70 -4.21 37.55
N SER E 48 47.60 -4.36 36.59
CA SER E 48 48.41 -3.24 36.11
C SER E 48 47.56 -2.27 35.30
N ALA E 49 46.40 -2.73 34.85
CA ALA E 49 45.47 -1.88 34.13
C ALA E 49 44.78 -0.89 35.06
N ASN E 50 44.99 -1.08 36.37
CA ASN E 50 44.46 -0.19 37.38
C ASN E 50 45.56 0.43 38.24
N ALA E 51 46.76 0.53 37.67
CA ALA E 51 47.93 1.01 38.40
C ALA E 51 47.71 2.41 38.98
N LYS E 52 47.22 3.34 38.17
CA LYS E 52 47.04 4.72 38.61
C LYS E 52 46.09 4.81 39.80
N THR E 53 45.10 3.92 39.82
CA THR E 53 44.14 3.87 40.92
C THR E 53 44.75 3.16 42.11
N ASP E 54 45.42 2.03 41.86
CA ASP E 54 46.05 1.24 42.90
C ASP E 54 47.09 2.03 43.69
N VAL E 55 47.99 2.69 42.96
CA VAL E 55 49.00 3.54 43.58
C VAL E 55 48.36 4.77 44.21
N GLY E 56 47.37 5.33 43.53
CA GLY E 56 46.71 6.54 43.97
C GLY E 56 45.96 6.45 45.28
N LYS E 57 45.35 5.29 45.55
CA LYS E 57 44.60 5.09 46.79
C LYS E 57 45.44 5.38 48.02
N ASP E 58 46.71 4.99 47.97
CA ASP E 58 47.65 5.28 49.05
C ASP E 58 49.08 5.06 48.54
N PRO E 59 49.65 6.10 47.92
CA PRO E 59 51.00 6.05 47.34
C PRO E 59 52.07 5.67 48.36
N ALA E 60 51.83 6.00 49.63
CA ALA E 60 52.74 5.66 50.71
C ALA E 60 52.82 4.15 50.93
N LYS E 61 51.71 3.47 50.71
CA LYS E 61 51.62 2.03 50.96
C LYS E 61 51.77 1.19 49.69
N ALA E 62 52.04 1.85 48.56
CA ALA E 62 52.15 1.16 47.27
C ALA E 62 53.56 0.64 47.03
N ALA E 63 53.68 -0.31 46.11
CA ALA E 63 54.97 -0.92 45.79
C ALA E 63 55.95 0.11 45.24
N ASP E 64 57.24 -0.20 45.35
CA ASP E 64 58.29 0.69 44.87
C ASP E 64 58.28 0.75 43.35
N VAL E 65 58.06 -0.40 42.72
CA VAL E 65 58.03 -0.50 41.27
C VAL E 65 56.75 -1.22 40.86
N PHE E 66 56.04 -0.68 39.88
CA PHE E 66 54.75 -1.22 39.50
C PHE E 66 54.53 -1.25 37.99
N GLU E 67 53.82 -2.28 37.54
CA GLU E 67 53.47 -2.41 36.13
C GLU E 67 52.34 -1.46 35.80
N VAL E 68 52.41 -0.84 34.63
CA VAL E 68 51.43 0.17 34.23
C VAL E 68 51.46 0.35 32.71
N ALA E 69 50.30 0.62 32.13
CA ALA E 69 50.22 0.91 30.69
C ALA E 69 50.52 2.39 30.45
N ASN E 70 51.07 2.68 29.28
CA ASN E 70 51.51 4.02 28.94
C ASN E 70 50.40 5.08 28.92
N ASP E 71 49.16 4.63 28.69
CA ASP E 71 48.04 5.57 28.61
C ASP E 71 47.68 6.18 29.97
N GLN E 72 48.37 5.76 31.02
CA GLN E 72 48.08 6.25 32.36
C GLN E 72 49.22 7.07 32.95
N LEU E 73 50.30 7.23 32.21
CA LEU E 73 51.49 7.89 32.73
C LEU E 73 51.33 9.40 32.87
N GLY E 74 50.57 10.03 31.98
CA GLY E 74 50.30 11.45 32.07
C GLY E 74 49.52 11.75 33.34
N SER E 75 48.44 11.01 33.54
CA SER E 75 47.61 11.12 34.73
C SER E 75 48.43 10.96 36.01
N MET E 76 49.31 9.96 36.02
CA MET E 76 50.11 9.66 37.21
C MET E 76 51.19 10.72 37.43
N ALA E 77 51.80 11.20 36.34
CA ALA E 77 52.83 12.23 36.44
C ALA E 77 52.28 13.51 37.05
N GLU E 78 51.09 13.92 36.62
CA GLU E 78 50.49 15.15 37.10
C GLU E 78 49.97 15.00 38.53
N ALA E 79 49.64 13.78 38.92
CA ALA E 79 49.19 13.50 40.29
C ALA E 79 50.36 13.49 41.25
N GLY E 80 51.58 13.45 40.70
CA GLY E 80 52.78 13.45 41.49
C GLY E 80 53.21 12.07 41.97
N TYR E 81 52.75 11.03 41.27
CA TYR E 81 53.07 9.65 41.64
C TYR E 81 54.39 9.17 41.05
N ILE E 82 54.90 9.88 40.04
CA ILE E 82 56.08 9.44 39.31
C ILE E 82 57.00 10.60 38.93
N ASN E 83 58.30 10.45 39.23
CA ASN E 83 59.32 11.42 38.83
C ASN E 83 59.89 11.08 37.46
N PRO E 84 60.33 12.10 36.72
CA PRO E 84 60.92 11.85 35.39
C PRO E 84 62.23 11.07 35.49
N LEU E 85 62.50 10.24 34.49
CA LEU E 85 63.72 9.44 34.48
C LEU E 85 64.93 10.34 34.29
N SER E 86 66.05 9.90 34.87
CA SER E 86 67.32 10.61 34.72
C SER E 86 67.76 10.57 33.27
N PRO E 87 68.54 11.58 32.84
CA PRO E 87 69.06 11.60 31.47
C PRO E 87 69.80 10.32 31.10
N ASP E 88 70.46 9.70 32.09
CA ASP E 88 71.13 8.42 31.88
C ASP E 88 70.12 7.32 31.58
N ALA E 89 69.08 7.23 32.41
CA ALA E 89 68.04 6.22 32.25
C ALA E 89 67.27 6.42 30.95
N THR E 90 66.91 7.66 30.66
CA THR E 90 66.24 8.01 29.41
C THR E 90 67.08 7.57 28.22
N LYS E 91 68.39 7.80 28.31
CA LYS E 91 69.34 7.43 27.28
C LYS E 91 69.34 5.92 27.02
N ALA E 92 69.24 5.14 28.11
CA ALA E 92 69.27 3.69 28.01
C ALA E 92 67.96 3.13 27.44
N VAL E 93 66.85 3.78 27.75
CA VAL E 93 65.57 3.37 27.20
C VAL E 93 65.55 3.59 25.68
N LYS E 94 66.00 4.77 25.26
CA LYS E 94 66.03 5.13 23.84
C LYS E 94 66.99 4.27 23.04
N ASN E 95 68.14 3.99 23.64
CA ASN E 95 69.20 3.27 22.94
C ASN E 95 68.81 1.84 22.58
N ASN E 96 68.01 1.22 23.44
CA ASN E 96 67.78 -0.21 23.36
C ASN E 96 66.44 -0.62 22.78
N ASN E 97 65.46 0.28 22.81
CA ASN E 97 64.10 -0.05 22.40
C ASN E 97 63.62 0.70 21.16
N VAL E 98 62.57 0.20 20.54
CA VAL E 98 62.00 0.84 19.35
C VAL E 98 61.52 2.25 19.68
N ALA E 99 61.54 3.13 18.68
CA ALA E 99 61.23 4.54 18.86
C ALA E 99 59.86 4.78 19.51
N VAL E 100 58.86 4.01 19.08
CA VAL E 100 57.50 4.26 19.51
C VAL E 100 57.28 3.88 20.98
N ALA E 101 58.13 3.00 21.49
CA ALA E 101 58.07 2.63 22.90
C ALA E 101 58.60 3.78 23.76
N SER E 102 59.63 4.45 23.26
CA SER E 102 60.21 5.61 23.92
C SER E 102 59.20 6.74 24.00
N GLU E 103 58.56 7.07 22.88
CA GLU E 103 57.54 8.11 22.88
C GLU E 103 56.39 7.70 23.80
N GLY E 104 56.11 6.40 23.82
CA GLY E 104 55.05 5.83 24.62
C GLY E 104 55.14 6.14 26.10
N VAL E 105 56.36 6.21 26.62
CA VAL E 105 56.56 6.48 28.05
C VAL E 105 56.91 7.95 28.29
N THR E 106 56.88 8.74 27.24
CA THR E 106 57.24 10.15 27.35
C THR E 106 56.00 11.05 27.44
N TRP E 107 56.04 11.96 28.41
CA TRP E 107 54.95 12.90 28.66
C TRP E 107 55.56 14.28 28.86
N LYS E 108 55.09 15.25 28.06
CA LYS E 108 55.65 16.61 28.06
C LYS E 108 57.15 16.64 27.85
N GLY E 109 57.66 15.73 27.01
CA GLY E 109 59.07 15.74 26.66
C GLY E 109 59.97 14.94 27.59
N LYS E 110 59.41 14.43 28.69
CA LYS E 110 60.19 13.65 29.64
C LYS E 110 59.63 12.23 29.83
N MET E 111 60.53 11.27 30.04
CA MET E 111 60.11 9.90 30.29
C MET E 111 59.59 9.72 31.71
N PHE E 112 58.74 8.73 31.91
CA PHE E 112 58.18 8.46 33.23
C PHE E 112 58.07 6.97 33.51
N ALA E 113 58.59 6.15 32.59
CA ALA E 113 58.49 4.70 32.76
C ALA E 113 59.50 3.92 31.94
N TYR E 114 59.63 2.64 32.27
CA TYR E 114 60.52 1.72 31.58
C TYR E 114 59.70 0.74 30.74
N PRO E 115 59.73 0.89 29.41
CA PRO E 115 58.91 0.07 28.51
C PRO E 115 59.44 -1.35 28.30
N PHE E 116 58.56 -2.33 28.13
CA PHE E 116 59.03 -3.68 27.86
C PHE E 116 58.18 -4.44 26.82
N ALA E 117 56.94 -4.04 26.61
CA ALA E 117 56.09 -4.74 25.65
C ALA E 117 55.14 -3.83 24.88
N GLU E 118 54.83 -4.24 23.65
CA GLU E 118 53.89 -3.52 22.80
C GLU E 118 52.72 -4.42 22.40
N GLN E 119 51.58 -3.80 22.15
CA GLN E 119 50.38 -4.54 21.73
C GLN E 119 49.52 -3.66 20.83
N ALA E 120 48.90 -4.30 19.86
CA ALA E 120 47.98 -3.64 18.95
C ALA E 120 47.05 -4.71 18.42
N GLN E 121 45.84 -4.32 18.07
CA GLN E 121 44.90 -5.31 17.54
C GLN E 121 45.27 -5.66 16.12
N THR E 122 44.93 -6.89 15.73
CA THR E 122 45.12 -7.40 14.39
C THR E 122 43.85 -8.12 13.99
N ILE E 123 43.82 -8.72 12.80
CA ILE E 123 42.73 -9.60 12.43
C ILE E 123 43.10 -11.04 12.70
N TYR E 124 42.21 -11.76 13.38
CA TYR E 124 42.29 -13.21 13.45
C TYR E 124 41.18 -13.78 12.58
N TYR E 125 41.51 -14.77 11.75
CA TYR E 125 40.53 -15.30 10.83
C TYR E 125 40.60 -16.81 10.63
N ASN E 126 39.44 -17.37 10.28
CA ASN E 126 39.29 -18.77 9.91
C ASN E 126 39.73 -18.97 8.47
N LYS E 127 40.90 -19.58 8.27
CA LYS E 127 41.44 -19.64 6.92
C LYS E 127 40.84 -20.76 6.07
N SER E 128 39.72 -21.31 6.53
CA SER E 128 38.91 -22.19 5.70
C SER E 128 37.72 -21.40 5.17
N LYS E 129 37.68 -20.13 5.55
CA LYS E 129 36.60 -19.23 5.13
C LYS E 129 37.17 -18.01 4.42
N LEU E 130 38.40 -17.65 4.77
CA LEU E 130 39.09 -16.53 4.15
C LEU E 130 40.54 -16.90 3.86
N THR E 131 41.11 -16.36 2.79
CA THR E 131 42.51 -16.62 2.49
C THR E 131 43.39 -15.45 2.90
N ALA E 132 44.70 -15.63 2.82
CA ALA E 132 45.65 -14.58 3.14
C ALA E 132 45.45 -13.36 2.25
N ASP E 133 45.10 -13.59 0.99
CA ASP E 133 44.88 -12.49 0.07
C ASP E 133 43.58 -11.76 0.39
N ASP E 134 42.55 -12.54 0.74
CA ASP E 134 41.23 -11.99 1.07
C ASP E 134 41.31 -10.85 2.08
N VAL E 135 42.19 -10.99 3.05
CA VAL E 135 42.19 -10.10 4.21
C VAL E 135 43.09 -8.87 4.05
N LYS E 136 43.57 -8.62 2.83
CA LYS E 136 44.43 -7.46 2.62
C LYS E 136 43.62 -6.17 2.58
N THR E 137 42.34 -6.30 2.21
CA THR E 137 41.44 -5.15 2.16
C THR E 137 40.14 -5.46 2.91
N TRP E 138 39.60 -4.44 3.56
CA TRP E 138 38.30 -4.53 4.23
C TRP E 138 37.21 -4.92 3.22
N ASP E 139 37.24 -4.28 2.05
CA ASP E 139 36.25 -4.55 1.01
C ASP E 139 36.32 -6.00 0.54
N GLY E 140 37.54 -6.47 0.26
CA GLY E 140 37.73 -7.84 -0.17
C GLY E 140 37.33 -8.84 0.90
N LEU E 141 37.58 -8.49 2.15
CA LEU E 141 37.29 -9.36 3.27
C LEU E 141 35.79 -9.56 3.45
N THR E 142 35.06 -8.45 3.53
CA THR E 142 33.65 -8.49 3.88
C THR E 142 32.76 -8.93 2.72
N ALA E 143 33.23 -8.76 1.49
CA ALA E 143 32.48 -9.21 0.33
C ALA E 143 32.46 -10.73 0.27
N LYS E 144 33.42 -11.37 0.93
CA LYS E 144 33.57 -12.82 0.86
C LYS E 144 33.31 -13.52 2.18
N GLY E 145 33.81 -12.97 3.27
CA GLY E 145 33.64 -13.59 4.57
C GLY E 145 32.87 -12.72 5.55
N VAL E 146 32.54 -13.29 6.70
CA VAL E 146 31.84 -12.53 7.73
C VAL E 146 32.80 -12.07 8.82
N LEU E 147 32.82 -10.75 9.04
CA LEU E 147 33.62 -10.15 10.10
C LEU E 147 32.70 -9.72 11.24
N ALA E 148 32.88 -10.33 12.40
CA ALA E 148 32.08 -10.01 13.57
C ALA E 148 32.79 -8.99 14.45
N THR E 149 32.17 -7.83 14.63
CA THR E 149 32.80 -6.74 15.35
C THR E 149 31.78 -5.87 16.08
N ASP E 150 32.29 -4.90 16.84
CA ASP E 150 31.45 -4.09 17.72
C ASP E 150 31.71 -2.60 17.51
N PHE E 151 30.76 -1.92 16.86
CA PHE E 151 30.88 -0.49 16.59
C PHE E 151 30.50 0.37 17.80
N THR E 152 30.13 -0.27 18.90
CA THR E 152 29.92 0.44 20.16
C THR E 152 31.21 0.50 20.96
N ASN E 153 32.30 0.03 20.34
CA ASN E 153 33.60 -0.03 20.98
C ASN E 153 34.56 0.96 20.29
N ALA E 154 34.89 2.04 20.99
CA ALA E 154 35.78 3.06 20.45
C ALA E 154 37.22 2.58 20.33
N TYR E 155 37.60 1.60 21.13
CA TYR E 155 38.94 1.05 21.05
C TYR E 155 39.11 0.37 19.69
N ASN E 156 38.03 -0.25 19.22
CA ASN E 156 38.01 -0.84 17.89
C ASN E 156 38.11 0.20 16.79
N PHE E 157 37.25 1.21 16.83
CA PHE E 157 36.98 1.98 15.62
C PHE E 157 37.36 3.45 15.60
N TYR E 158 37.73 4.05 16.73
CA TYR E 158 38.19 5.44 16.63
C TYR E 158 39.43 5.58 15.72
N PRO E 159 40.37 4.61 15.76
CA PRO E 159 41.52 4.76 14.86
C PRO E 159 41.18 4.92 13.36
N VAL E 160 39.96 4.61 12.95
CA VAL E 160 39.56 4.84 11.57
C VAL E 160 39.65 6.33 11.24
N PHE E 161 39.39 7.16 12.24
CA PHE E 161 39.53 8.60 12.08
C PHE E 161 40.98 8.98 11.81
N LEU E 162 41.89 8.18 12.35
CA LEU E 162 43.31 8.43 12.20
C LEU E 162 43.78 8.02 10.81
N SER E 163 43.19 6.95 10.27
CA SER E 163 43.43 6.56 8.88
C SER E 163 42.99 7.65 7.94
N ALA E 164 41.87 8.29 8.27
CA ALA E 164 41.28 9.35 7.45
C ALA E 164 42.17 10.59 7.39
N GLY E 165 43.19 10.63 8.22
CA GLY E 165 44.14 11.73 8.21
C GLY E 165 43.95 12.74 9.33
N THR E 166 43.05 12.43 10.27
CA THR E 166 42.86 13.32 11.42
C THR E 166 43.77 12.92 12.58
N GLN E 167 43.89 13.80 13.56
CA GLN E 167 44.76 13.56 14.68
C GLN E 167 44.01 13.74 16.00
N LEU E 168 44.42 12.99 17.00
CA LEU E 168 43.77 13.03 18.32
C LEU E 168 44.68 13.74 19.31
N TYR E 169 44.25 14.91 19.76
CA TYR E 169 45.04 15.79 20.61
C TYR E 169 46.37 16.14 19.93
N GLY E 170 46.31 16.33 18.62
CA GLY E 170 47.48 16.75 17.86
C GLY E 170 48.43 15.62 17.52
N LYS E 171 49.50 15.97 16.81
CA LYS E 171 50.52 15.02 16.40
C LYS E 171 51.08 14.22 17.57
N THR E 172 51.46 14.94 18.62
CA THR E 172 52.10 14.34 19.78
C THR E 172 51.11 13.68 20.73
N GLY E 173 49.83 14.03 20.58
CA GLY E 173 48.81 13.56 21.49
C GLY E 173 48.89 14.28 22.82
N GLU E 174 49.39 15.51 22.80
CA GLU E 174 49.53 16.31 24.00
C GLU E 174 49.00 17.73 23.81
N THR E 175 48.32 17.97 22.69
CA THR E 175 47.73 19.27 22.39
C THR E 175 46.25 19.27 22.73
N VAL E 176 45.91 19.96 23.83
CA VAL E 176 44.55 19.99 24.37
C VAL E 176 43.47 20.19 23.31
N LYS E 177 43.67 21.18 22.46
CA LYS E 177 42.69 21.49 21.42
C LYS E 177 43.26 21.19 20.05
N GLY E 178 44.03 20.10 19.99
CA GLY E 178 44.66 19.66 18.75
C GLY E 178 43.90 18.59 17.98
N THR E 179 42.76 18.15 18.51
CA THR E 179 41.92 17.19 17.78
C THR E 179 41.20 17.90 16.64
N ASP E 180 41.34 17.38 15.44
CA ASP E 180 40.76 18.05 14.26
C ASP E 180 39.82 17.15 13.46
N VAL E 181 39.08 16.27 14.14
CA VAL E 181 38.12 15.42 13.43
C VAL E 181 36.93 16.21 12.93
N ASN E 182 36.65 17.37 13.52
CA ASN E 182 35.62 18.23 12.98
C ASN E 182 36.14 18.90 11.70
N SER E 183 36.27 18.07 10.67
CA SER E 183 36.80 18.47 9.38
C SER E 183 36.15 17.62 8.29
N ALA E 184 36.51 17.87 7.03
CA ALA E 184 35.98 17.07 5.94
C ALA E 184 36.47 15.63 6.03
N LYS E 185 37.72 15.45 6.43
CA LYS E 185 38.28 14.11 6.55
C LYS E 185 37.59 13.36 7.68
N GLY E 186 37.27 14.06 8.76
CA GLY E 186 36.54 13.47 9.86
C GLY E 186 35.16 12.99 9.45
N GLU E 187 34.53 13.73 8.55
CA GLU E 187 33.21 13.35 8.05
C GLU E 187 33.30 12.10 7.18
N GLN E 188 34.42 11.95 6.48
CA GLN E 188 34.64 10.82 5.59
C GLN E 188 34.80 9.51 6.36
N ALA E 189 35.29 9.58 7.59
CA ALA E 189 35.40 8.40 8.44
C ALA E 189 34.03 8.01 8.98
N MET E 190 33.23 9.02 9.32
CA MET E 190 31.84 8.80 9.70
C MET E 190 31.09 8.12 8.56
N ALA E 191 31.38 8.57 7.34
CA ALA E 191 30.79 7.99 6.14
C ALA E 191 31.17 6.52 6.00
N TRP E 192 32.40 6.18 6.37
CA TRP E 192 32.88 4.81 6.26
C TRP E 192 32.15 3.87 7.21
N PHE E 193 31.96 4.32 8.45
CA PHE E 193 31.19 3.56 9.43
C PHE E 193 29.80 3.23 8.90
N ALA E 194 29.16 4.25 8.33
CA ALA E 194 27.78 4.15 7.85
C ALA E 194 27.61 3.10 6.75
N GLN E 195 28.60 2.98 5.87
CA GLN E 195 28.54 2.01 4.78
C GLN E 195 28.52 0.57 5.29
N GLN E 196 29.12 0.34 6.45
CA GLN E 196 29.24 -0.99 7.01
C GLN E 196 27.88 -1.55 7.42
N LYS E 197 26.90 -0.66 7.57
CA LYS E 197 25.55 -1.06 7.93
C LYS E 197 24.93 -1.93 6.83
N SER E 198 25.19 -1.57 5.58
CA SER E 198 24.64 -2.31 4.45
C SER E 198 25.58 -3.39 3.95
N ASN E 199 26.71 -3.55 4.64
CA ASN E 199 27.71 -4.55 4.29
C ASN E 199 27.36 -5.91 4.91
N LYS E 200 27.00 -6.86 4.05
CA LYS E 200 26.59 -8.20 4.49
C LYS E 200 27.70 -8.95 5.22
N GLY E 201 28.95 -8.54 4.99
CA GLY E 201 30.09 -9.20 5.60
C GLY E 201 30.50 -8.54 6.90
N VAL E 202 29.67 -7.62 7.38
CA VAL E 202 29.94 -6.97 8.66
C VAL E 202 28.80 -7.27 9.64
N MET E 203 29.09 -8.08 10.65
CA MET E 203 28.10 -8.44 11.66
C MET E 203 28.39 -7.76 13.00
N GLN E 204 27.47 -6.90 13.43
CA GLN E 204 27.56 -6.27 14.74
C GLN E 204 27.28 -7.27 15.84
N THR E 205 28.20 -7.38 16.80
CA THR E 205 28.04 -8.33 17.90
C THR E 205 28.79 -7.88 19.15
N SER E 206 28.15 -8.05 20.31
CA SER E 206 28.74 -7.66 21.59
C SER E 206 29.70 -8.73 22.11
N ASN E 207 29.78 -9.84 21.39
CA ASN E 207 30.69 -10.91 21.73
C ASN E 207 31.19 -11.59 20.46
N ALA E 208 32.18 -10.95 19.83
CA ALA E 208 32.71 -11.41 18.55
C ALA E 208 33.37 -12.78 18.65
N LEU E 209 33.98 -13.07 19.80
CA LEU E 209 34.67 -14.34 20.01
C LEU E 209 33.70 -15.52 19.91
N ASN E 210 32.48 -15.34 20.41
CA ASN E 210 31.46 -16.36 20.34
C ASN E 210 31.07 -16.68 18.90
N GLN E 211 30.95 -15.62 18.10
CA GLN E 211 30.56 -15.79 16.70
C GLN E 211 31.64 -16.55 15.97
N LEU E 212 32.89 -16.29 16.31
CA LEU E 212 34.00 -17.03 15.74
C LEU E 212 34.03 -18.45 16.28
N LYS E 213 33.70 -18.60 17.56
CA LYS E 213 33.77 -19.90 18.23
C LYS E 213 32.68 -20.86 17.74
N SER E 214 31.55 -20.30 17.33
CA SER E 214 30.45 -21.13 16.81
C SER E 214 30.62 -21.36 15.32
N GLY E 215 31.30 -20.44 14.66
CA GLY E 215 31.52 -20.55 13.23
C GLY E 215 30.61 -19.64 12.42
N LYS E 216 30.01 -18.67 13.10
CA LYS E 216 29.13 -17.70 12.45
C LYS E 216 29.92 -16.51 11.91
N ALA E 217 31.22 -16.47 12.24
CA ALA E 217 32.11 -15.44 11.74
C ALA E 217 33.38 -16.04 11.18
N ALA E 218 33.88 -15.46 10.10
CA ALA E 218 35.13 -15.89 9.49
C ALA E 218 36.32 -15.15 10.11
N ALA E 219 36.08 -13.93 10.56
CA ALA E 219 37.14 -13.10 11.12
C ALA E 219 36.62 -12.14 12.19
N ILE E 220 37.52 -11.73 13.08
CA ILE E 220 37.24 -10.70 14.07
C ILE E 220 38.47 -9.81 14.25
N LEU E 221 38.31 -8.70 14.95
CA LEU E 221 39.44 -7.86 15.38
C LEU E 221 39.73 -8.09 16.85
N ASP E 222 40.96 -8.49 17.17
CA ASP E 222 41.32 -8.70 18.56
C ASP E 222 42.81 -8.48 18.85
N GLY E 223 43.16 -8.46 20.13
CA GLY E 223 44.52 -8.23 20.55
C GLY E 223 45.27 -9.51 20.88
N PRO E 224 46.61 -9.42 20.99
CA PRO E 224 47.49 -10.57 21.18
C PRO E 224 47.36 -11.20 22.57
N TRP E 225 46.61 -10.56 23.45
CA TRP E 225 46.29 -11.14 24.75
C TRP E 225 45.31 -12.29 24.57
N ASN E 226 44.78 -12.42 23.36
CA ASN E 226 43.77 -13.43 23.04
C ASN E 226 44.24 -14.47 22.04
N SER E 227 45.47 -14.32 21.56
CA SER E 227 46.01 -15.16 20.48
C SER E 227 45.92 -16.65 20.78
N ALA E 228 46.32 -17.04 21.99
CA ALA E 228 46.25 -18.45 22.40
C ALA E 228 44.81 -18.92 22.46
N ASN E 229 43.94 -18.08 23.01
CA ASN E 229 42.52 -18.39 23.12
C ASN E 229 41.86 -18.60 21.76
N ILE E 230 42.25 -17.80 20.78
CA ILE E 230 41.68 -17.88 19.45
C ILE E 230 42.24 -19.08 18.69
N LYS E 231 43.47 -19.45 19.01
CA LYS E 231 44.06 -20.68 18.50
C LYS E 231 43.27 -21.88 18.99
N LYS E 232 42.85 -21.83 20.25
CA LYS E 232 42.03 -22.88 20.85
C LYS E 232 40.71 -23.03 20.10
N ILE E 233 40.21 -21.91 19.59
CA ILE E 233 38.95 -21.89 18.88
C ILE E 233 39.08 -22.40 17.45
N LEU E 234 40.04 -21.83 16.71
CA LEU E 234 40.15 -22.09 15.28
C LEU E 234 40.91 -23.36 14.96
N GLY E 235 41.84 -23.75 15.82
CA GLY E 235 42.63 -24.93 15.59
C GLY E 235 43.55 -24.77 14.39
N LYS E 236 43.57 -25.80 13.53
CA LYS E 236 44.44 -25.78 12.36
C LYS E 236 44.04 -24.70 11.34
N ASN E 237 42.85 -24.14 11.53
CA ASN E 237 42.36 -23.08 10.67
C ASN E 237 42.71 -21.69 11.20
N PHE E 238 43.53 -21.66 12.26
CA PHE E 238 43.91 -20.40 12.89
C PHE E 238 44.86 -19.59 12.02
N ALA E 239 44.52 -18.32 11.82
CA ALA E 239 45.40 -17.42 11.09
C ALA E 239 45.32 -16.00 11.66
N VAL E 240 46.39 -15.24 11.46
CA VAL E 240 46.51 -13.90 12.01
C VAL E 240 47.17 -12.98 10.96
N ALA E 241 46.71 -11.74 10.89
CA ALA E 241 47.27 -10.77 9.96
C ALA E 241 47.02 -9.36 10.47
N PRO E 242 47.85 -8.39 10.02
CA PRO E 242 47.59 -6.99 10.39
C PRO E 242 46.22 -6.53 9.90
N TYR E 243 45.72 -5.43 10.45
CA TYR E 243 44.53 -4.79 9.92
C TYR E 243 44.67 -4.59 8.42
N PRO E 244 43.54 -4.66 7.68
CA PRO E 244 43.62 -4.49 6.23
C PRO E 244 43.71 -3.02 5.88
N THR E 245 43.73 -2.73 4.59
CA THR E 245 43.53 -1.36 4.15
C THR E 245 42.03 -1.11 4.05
N ILE E 246 41.64 0.15 4.14
CA ILE E 246 40.25 0.53 3.92
C ILE E 246 40.22 1.64 2.88
N LYS E 247 39.04 1.91 2.33
CA LYS E 247 38.92 2.90 1.27
C LYS E 247 38.45 4.24 1.81
N LEU E 248 39.34 5.23 1.80
CA LEU E 248 39.01 6.58 2.24
C LEU E 248 39.58 7.59 1.23
N ASP E 249 38.77 8.58 0.88
CA ASP E 249 39.17 9.65 -0.03
C ASP E 249 39.66 9.10 -1.36
N GLY E 250 39.00 8.05 -1.84
CA GLY E 250 39.32 7.47 -3.13
C GLY E 250 40.64 6.71 -3.19
N LYS E 251 41.13 6.26 -2.04
CA LYS E 251 42.36 5.47 -2.02
C LYS E 251 42.38 4.47 -0.87
N ASP E 252 43.12 3.38 -1.06
CA ASP E 252 43.28 2.34 -0.05
C ASP E 252 44.33 2.73 0.98
N VAL E 253 43.89 3.06 2.19
CA VAL E 253 44.80 3.46 3.25
C VAL E 253 44.80 2.42 4.37
N GLN E 254 45.93 2.30 5.06
CA GLN E 254 46.04 1.38 6.17
C GLN E 254 45.02 1.70 7.26
N MET E 255 44.22 0.71 7.63
CA MET E 255 43.36 0.82 8.79
C MET E 255 44.22 0.70 10.05
N GLN E 256 44.14 1.71 10.91
CA GLN E 256 44.97 1.73 12.10
C GLN E 256 44.29 1.11 13.30
N ALA E 257 45.09 0.83 14.32
CA ALA E 257 44.60 0.50 15.64
C ALA E 257 45.31 1.40 16.62
N PHE E 258 44.84 1.45 17.86
CA PHE E 258 45.62 2.09 18.91
C PHE E 258 46.83 1.22 19.24
N LEU E 259 47.94 1.85 19.60
CA LEU E 259 49.11 1.11 20.04
C LEU E 259 49.31 1.29 21.54
N GLY E 260 49.47 0.19 22.25
CA GLY E 260 49.73 0.21 23.67
C GLY E 260 51.15 -0.21 24.00
N ILE E 261 51.74 0.45 24.98
CA ILE E 261 53.07 0.08 25.48
C ILE E 261 52.99 -0.24 26.97
N GLU E 262 53.35 -1.48 27.32
CA GLU E 262 53.36 -1.88 28.73
C GLU E 262 54.70 -1.53 29.34
N THR E 263 54.66 -1.04 30.59
CA THR E 263 55.84 -0.46 31.24
C THR E 263 55.94 -0.82 32.73
N PHE E 264 57.10 -0.53 33.31
CA PHE E 264 57.23 -0.50 34.76
C PHE E 264 57.69 0.89 35.20
N ALA E 265 57.04 1.41 36.24
CA ALA E 265 57.34 2.75 36.75
C ALA E 265 57.78 2.70 38.20
N VAL E 266 58.56 3.70 38.61
CA VAL E 266 59.05 3.79 39.98
C VAL E 266 58.18 4.71 40.82
N ASN E 267 57.81 4.24 42.01
CA ASN E 267 56.97 5.01 42.93
C ASN E 267 57.75 6.14 43.60
N SER E 268 57.31 7.37 43.37
CA SER E 268 57.97 8.53 43.97
C SER E 268 57.58 8.70 45.43
N HIS E 269 56.42 8.19 45.80
CA HIS E 269 55.93 8.30 47.18
C HIS E 269 56.36 7.13 48.05
N ALA E 270 57.11 6.20 47.46
CA ALA E 270 57.72 5.15 48.26
C ALA E 270 58.82 5.77 49.10
N SER E 271 59.42 4.99 49.99
CA SER E 271 60.48 5.48 50.87
C SER E 271 61.68 6.03 50.10
N GLY E 272 62.19 7.17 50.55
CA GLY E 272 63.23 7.89 49.84
C GLY E 272 64.55 7.15 49.66
N SER E 273 64.92 6.33 50.63
CA SER E 273 66.23 5.68 50.63
C SER E 273 66.32 4.52 49.65
N ASN E 274 65.17 4.00 49.23
CA ASN E 274 65.13 2.86 48.32
C ASN E 274 64.90 3.25 46.86
N GLN E 275 64.95 4.55 46.57
CA GLN E 275 64.69 5.06 45.21
C GLN E 275 65.73 4.60 44.20
N LYS E 276 67.00 4.64 44.59
CA LYS E 276 68.07 4.23 43.69
C LYS E 276 67.92 2.77 43.28
N ALA E 277 67.64 1.92 44.26
CA ALA E 277 67.43 0.50 44.00
C ALA E 277 66.21 0.27 43.10
N ALA E 278 65.13 0.98 43.38
CA ALA E 278 63.90 0.85 42.62
C ALA E 278 64.11 1.17 41.14
N ALA E 279 64.89 2.20 40.88
CA ALA E 279 65.25 2.58 39.51
C ALA E 279 66.06 1.48 38.84
N THR E 280 66.90 0.81 39.63
CA THR E 280 67.78 -0.23 39.12
C THR E 280 66.99 -1.48 38.74
N LEU E 281 66.02 -1.84 39.58
CA LEU E 281 65.14 -2.98 39.31
C LEU E 281 64.26 -2.73 38.10
N ALA E 282 63.63 -1.56 38.05
CA ALA E 282 62.77 -1.19 36.93
C ALA E 282 63.55 -1.23 35.62
N SER E 283 64.82 -0.84 35.71
CA SER E 283 65.71 -0.88 34.56
C SER E 283 66.00 -2.32 34.13
N PHE E 284 66.21 -3.20 35.10
CA PHE E 284 66.58 -4.58 34.79
C PHE E 284 65.40 -5.41 34.28
N ILE E 285 64.29 -5.39 34.99
CA ILE E 285 63.16 -6.26 34.62
C ILE E 285 62.55 -5.90 33.27
N THR E 286 63.04 -4.82 32.67
CA THR E 286 62.62 -4.44 31.33
C THR E 286 63.78 -4.51 30.33
N ASN E 287 64.89 -5.15 30.73
CA ASN E 287 66.00 -5.30 29.80
C ASN E 287 65.72 -6.43 28.80
N LYS E 288 66.64 -6.63 27.86
CA LYS E 288 66.49 -7.60 26.80
C LYS E 288 66.21 -9.02 27.31
N GLU E 289 67.07 -9.50 28.22
CA GLU E 289 66.92 -10.84 28.78
C GLU E 289 65.54 -11.04 29.40
N SER E 290 65.11 -10.05 30.18
CA SER E 290 63.82 -10.13 30.86
C SER E 290 62.64 -10.13 29.88
N GLN E 291 62.72 -9.30 28.84
CA GLN E 291 61.64 -9.23 27.86
C GLN E 291 61.42 -10.57 27.16
N LEU E 292 62.50 -11.30 26.92
CA LEU E 292 62.41 -12.61 26.30
C LEU E 292 61.82 -13.63 27.28
N ILE E 293 62.10 -13.46 28.57
CA ILE E 293 61.50 -14.31 29.58
C ILE E 293 60.00 -14.03 29.67
N VAL E 294 59.65 -12.75 29.60
CA VAL E 294 58.25 -12.32 29.61
C VAL E 294 57.50 -12.87 28.39
N TYR E 295 58.16 -12.88 27.24
CA TYR E 295 57.53 -13.42 26.03
C TYR E 295 57.33 -14.92 26.13
N ASP E 296 58.36 -15.63 26.63
CA ASP E 296 58.29 -17.07 26.81
C ASP E 296 57.07 -17.49 27.61
N HIS E 297 56.72 -16.71 28.62
CA HIS E 297 55.68 -17.10 29.57
C HIS E 297 54.31 -16.47 29.29
N SER E 298 54.29 -15.35 28.58
CA SER E 298 53.05 -14.61 28.38
C SER E 298 52.72 -14.35 26.91
N GLY E 299 53.74 -14.39 26.06
CA GLY E 299 53.56 -14.14 24.64
C GLY E 299 53.54 -12.66 24.28
N GLN E 300 53.82 -11.81 25.27
CA GLN E 300 53.86 -10.37 25.05
C GLN E 300 55.05 -9.99 24.14
N ILE E 301 54.81 -9.05 23.24
CA ILE E 301 55.81 -8.68 22.23
C ILE E 301 56.83 -7.67 22.74
N PRO E 302 58.11 -8.03 22.66
CA PRO E 302 59.22 -7.18 23.13
C PRO E 302 59.28 -5.85 22.39
N VAL E 303 59.82 -4.83 23.05
CA VAL E 303 60.08 -3.56 22.40
C VAL E 303 61.59 -3.37 22.25
N ASP E 304 62.35 -4.22 22.92
CA ASP E 304 63.81 -4.23 22.76
C ASP E 304 64.16 -4.59 21.32
N LYS E 305 65.03 -3.81 20.72
CA LYS E 305 65.36 -3.94 19.29
C LYS E 305 65.82 -5.33 18.89
N THR E 306 66.76 -5.90 19.65
CA THR E 306 67.36 -7.18 19.28
C THR E 306 66.56 -8.38 19.80
N ALA E 307 65.69 -8.15 20.77
CA ALA E 307 64.81 -9.21 21.27
C ALA E 307 63.72 -9.50 20.23
N GLN E 308 63.33 -8.46 19.50
CA GLN E 308 62.34 -8.59 18.44
C GLN E 308 62.88 -9.45 17.29
N LYS E 309 64.20 -9.61 17.25
CA LYS E 309 64.84 -10.37 16.19
C LYS E 309 65.04 -11.84 16.57
N SER E 310 64.71 -12.19 17.81
CA SER E 310 64.91 -13.56 18.27
C SER E 310 64.00 -14.51 17.50
N SER E 311 64.54 -15.68 17.18
CA SER E 311 63.86 -16.64 16.32
C SER E 311 62.48 -17.04 16.84
N LYS E 312 62.35 -17.16 18.16
CA LYS E 312 61.06 -17.47 18.76
C LYS E 312 60.04 -16.42 18.38
N VAL E 313 60.45 -15.15 18.43
CA VAL E 313 59.54 -14.05 18.12
C VAL E 313 59.32 -13.93 16.62
N ALA E 314 60.41 -13.97 15.86
CA ALA E 314 60.34 -13.82 14.41
C ALA E 314 59.83 -15.09 13.71
N SER E 315 59.21 -15.98 14.47
CA SER E 315 58.54 -17.15 13.91
C SER E 315 57.09 -17.17 14.37
N ASP E 316 56.80 -16.35 15.36
CA ASP E 316 55.44 -16.18 15.87
C ASP E 316 54.66 -15.27 14.92
N PRO E 317 53.65 -15.83 14.25
CA PRO E 317 52.84 -15.06 13.31
C PRO E 317 52.13 -13.91 14.00
N VAL E 318 51.72 -14.11 15.24
CA VAL E 318 51.09 -13.07 16.05
C VAL E 318 52.08 -11.93 16.29
N ALA E 319 53.31 -12.27 16.64
CA ALA E 319 54.36 -11.28 16.87
C ALA E 319 54.65 -10.47 15.61
N GLY E 320 54.61 -11.13 14.46
CA GLY E 320 54.84 -10.45 13.19
C GLY E 320 53.78 -9.41 12.90
N ALA E 321 52.52 -9.80 13.06
CA ALA E 321 51.39 -8.93 12.77
C ALA E 321 51.31 -7.75 13.75
N VAL E 322 51.61 -8.00 15.01
CA VAL E 322 51.60 -6.92 16.00
C VAL E 322 52.75 -5.95 15.73
N MET E 323 53.93 -6.48 15.47
CA MET E 323 55.08 -5.63 15.17
C MET E 323 54.86 -4.83 13.89
N THR E 324 54.10 -5.41 12.96
CA THR E 324 53.69 -4.70 11.76
C THR E 324 52.73 -3.57 12.11
N MET E 325 51.76 -3.87 12.97
CA MET E 325 50.80 -2.87 13.40
C MET E 325 51.49 -1.76 14.18
N ALA E 326 52.57 -2.10 14.89
CA ALA E 326 53.27 -1.14 15.72
C ALA E 326 54.12 -0.16 14.92
N LYS E 327 54.32 -0.44 13.63
CA LYS E 327 55.07 0.48 12.78
C LYS E 327 54.27 1.77 12.56
N PRO E 328 54.96 2.92 12.57
CA PRO E 328 54.31 4.22 12.37
C PRO E 328 53.48 4.25 11.07
N GLY E 329 52.28 4.81 11.15
CA GLY E 329 51.37 4.79 10.03
C GLY E 329 50.37 3.65 10.11
N ASN E 330 50.72 2.60 10.86
CA ASN E 330 49.84 1.45 11.04
C ASN E 330 49.08 1.53 12.36
N SER E 331 49.60 2.31 13.29
CA SER E 331 48.93 2.52 14.55
C SER E 331 49.35 3.86 15.15
N THR E 332 48.63 4.26 16.19
CA THR E 332 48.90 5.51 16.87
C THR E 332 48.87 5.26 18.37
N LEU E 333 49.84 5.80 19.10
CA LEU E 333 49.86 5.68 20.55
C LEU E 333 48.57 6.21 21.16
N MET E 334 48.08 5.53 22.19
CA MET E 334 46.94 6.02 22.95
C MET E 334 47.36 7.23 23.79
N PRO E 335 46.68 8.37 23.59
CA PRO E 335 46.97 9.62 24.28
C PRO E 335 46.93 9.49 25.81
N LYS E 336 47.73 10.31 26.48
CA LYS E 336 47.80 10.30 27.95
C LYS E 336 46.97 11.41 28.56
N MET E 337 46.36 12.23 27.70
CA MET E 337 45.62 13.41 28.13
C MET E 337 44.51 13.03 29.12
N PRO E 338 44.31 13.88 30.15
CA PRO E 338 43.28 13.58 31.15
C PRO E 338 41.88 13.63 30.53
N GLN E 339 41.73 14.38 29.45
CA GLN E 339 40.44 14.53 28.77
C GLN E 339 39.98 13.24 28.10
N MET E 340 40.87 12.25 28.02
CA MET E 340 40.55 10.96 27.43
C MET E 340 39.37 10.31 28.15
N ALA E 341 39.22 10.62 29.43
CA ALA E 341 38.11 10.11 30.23
C ALA E 341 36.77 10.50 29.62
N THR E 342 36.70 11.70 29.05
CA THR E 342 35.50 12.15 28.36
C THR E 342 35.43 11.53 26.96
N PHE E 343 36.60 11.42 26.32
CA PHE E 343 36.71 10.76 25.03
C PHE E 343 36.06 9.38 25.04
N TRP E 344 36.31 8.62 26.10
CA TRP E 344 35.80 7.26 26.19
C TRP E 344 34.29 7.22 26.41
N ASN E 345 33.74 8.30 26.97
CA ASN E 345 32.29 8.41 27.11
C ASN E 345 31.61 8.76 25.79
N ASP E 346 32.27 9.56 24.97
CA ASP E 346 31.62 10.17 23.82
C ASP E 346 32.05 9.62 22.45
N ALA E 347 33.13 8.86 22.40
CA ALA E 347 33.62 8.35 21.12
C ALA E 347 32.72 7.26 20.57
N ALA E 348 32.36 6.29 21.42
CA ALA E 348 31.53 5.16 20.98
C ALA E 348 30.14 5.58 20.48
N PRO E 349 29.42 6.46 21.20
CA PRO E 349 28.14 6.91 20.65
C PRO E 349 28.27 7.65 19.32
N LEU E 350 29.39 8.36 19.13
CA LEU E 350 29.66 9.06 17.89
C LEU E 350 29.82 8.07 16.74
N ILE E 351 30.58 7.01 17.00
CA ILE E 351 30.89 6.00 16.00
C ILE E 351 29.69 5.09 15.70
N ASN E 352 28.98 4.68 16.74
CA ASN E 352 27.80 3.85 16.54
C ASN E 352 26.65 4.64 15.95
N GLY E 353 26.56 5.92 16.33
CA GLY E 353 25.60 6.82 15.75
C GLY E 353 25.76 6.88 14.24
N ALA E 354 27.00 7.05 13.79
CA ALA E 354 27.30 7.04 12.37
C ALA E 354 26.95 5.68 11.75
N TYR E 355 27.37 4.61 12.42
CA TYR E 355 27.17 3.26 11.90
C TYR E 355 25.69 2.87 11.77
N THR E 356 24.89 3.17 12.80
CA THR E 356 23.48 2.79 12.80
C THR E 356 22.61 3.75 12.01
N GLY E 357 23.15 4.92 11.67
CA GLY E 357 22.39 5.90 10.91
C GLY E 357 21.62 6.89 11.75
N SER E 358 21.66 6.72 13.08
CA SER E 358 20.99 7.64 13.99
C SER E 358 21.58 9.05 13.86
N ILE E 359 22.84 9.12 13.42
CA ILE E 359 23.41 10.36 12.93
C ILE E 359 23.44 10.30 11.40
N PRO E 360 22.66 11.16 10.74
CA PRO E 360 22.70 11.19 9.28
C PRO E 360 23.89 11.98 8.76
N ALA E 361 24.29 11.73 7.52
CA ALA E 361 25.43 12.42 6.92
C ALA E 361 25.27 13.94 6.99
N SER E 362 24.02 14.40 6.98
CA SER E 362 23.75 15.83 7.09
C SER E 362 24.24 16.39 8.42
N GLN E 363 24.36 15.52 9.43
CA GLN E 363 24.70 15.97 10.78
C GLN E 363 26.11 15.62 11.24
N TYR E 364 26.95 15.11 10.33
CA TYR E 364 28.31 14.73 10.70
C TYR E 364 29.08 15.93 11.24
N SER E 365 29.11 17.02 10.47
CA SER E 365 29.90 18.19 10.85
C SER E 365 29.45 18.76 12.20
N THR E 366 28.15 18.73 12.44
CA THR E 366 27.60 19.21 13.71
C THR E 366 27.99 18.31 14.86
N LYS E 367 27.88 17.00 14.63
CA LYS E 367 28.22 16.01 15.65
C LYS E 367 29.71 15.98 15.94
N LEU E 368 30.52 16.25 14.91
CA LEU E 368 31.97 16.28 15.10
C LEU E 368 32.40 17.56 15.81
N ASP E 369 31.70 18.66 15.55
CA ASP E 369 31.95 19.91 16.27
C ASP E 369 31.72 19.74 17.77
N THR E 370 30.57 19.19 18.12
CA THR E 370 30.21 18.96 19.52
C THR E 370 31.18 17.97 20.17
N PHE E 371 31.55 16.92 19.44
CA PHE E 371 32.47 15.92 19.97
C PHE E 371 33.78 16.56 20.39
N VAL E 372 34.36 17.35 19.48
CA VAL E 372 35.63 18.01 19.74
C VAL E 372 35.54 18.96 20.93
N LYS E 373 34.48 19.76 20.98
CA LYS E 373 34.24 20.66 22.10
C LYS E 373 34.21 19.91 23.43
N ASN E 374 33.60 18.73 23.42
CA ASN E 374 33.47 17.93 24.63
C ASN E 374 34.82 17.49 25.19
N ILE E 375 35.71 17.06 24.30
CA ILE E 375 36.95 16.42 24.73
C ILE E 375 38.17 17.33 24.73
N SER E 376 37.96 18.64 24.57
CA SER E 376 39.08 19.56 24.44
C SER E 376 39.09 20.67 25.49
N LYS E 377 38.47 20.41 26.63
CA LYS E 377 38.34 21.44 27.66
C LYS E 377 39.57 21.52 28.56
N ALA E 378 40.19 22.70 28.56
CA ALA E 378 41.38 22.94 29.38
C ALA E 378 41.05 22.93 30.86
N ASN F 6 -16.47 -42.70 11.88
CA ASN F 6 -17.44 -43.75 12.13
C ASN F 6 -18.71 -43.19 12.77
N VAL F 7 -19.86 -43.47 12.15
CA VAL F 7 -21.13 -42.92 12.59
C VAL F 7 -21.84 -43.87 13.55
N SER F 8 -22.42 -43.32 14.61
CA SER F 8 -23.15 -44.12 15.59
C SER F 8 -24.49 -43.48 15.98
N GLY F 9 -25.37 -44.27 16.58
CA GLY F 9 -26.65 -43.78 17.06
C GLY F 9 -27.74 -44.83 17.04
N SER F 10 -28.98 -44.39 17.23
CA SER F 10 -30.14 -45.27 17.14
C SER F 10 -31.28 -44.57 16.38
N VAL F 11 -31.71 -45.19 15.29
CA VAL F 11 -32.72 -44.58 14.43
C VAL F 11 -33.87 -45.53 14.10
N LYS F 12 -35.04 -44.95 13.87
CA LYS F 12 -36.25 -45.70 13.58
C LYS F 12 -36.64 -45.50 12.13
N LEU F 13 -36.91 -46.60 11.41
CA LEU F 13 -37.19 -46.53 9.99
C LEU F 13 -38.61 -46.98 9.66
N TRP F 14 -39.36 -46.13 8.97
CA TRP F 14 -40.71 -46.46 8.52
C TRP F 14 -40.74 -46.91 7.07
N VAL F 15 -41.21 -48.13 6.82
CA VAL F 15 -41.44 -48.61 5.46
C VAL F 15 -42.82 -49.26 5.36
N ASP F 16 -43.19 -49.71 4.16
CA ASP F 16 -44.51 -50.29 3.94
C ASP F 16 -44.63 -51.76 4.32
N THR F 17 -45.76 -52.36 3.96
CA THR F 17 -45.95 -53.83 3.86
C THR F 17 -45.40 -54.38 2.54
N THR F 18 -44.65 -55.47 2.63
CA THR F 18 -43.88 -56.19 1.58
C THR F 18 -42.40 -55.95 1.96
N GLN F 19 -42.17 -54.79 2.58
CA GLN F 19 -40.87 -54.13 2.68
C GLN F 19 -40.06 -54.34 3.97
N VAL F 20 -40.74 -54.49 5.10
CA VAL F 20 -40.04 -54.68 6.38
C VAL F 20 -39.02 -55.83 6.31
N PRO F 21 -39.42 -57.01 5.77
CA PRO F 21 -38.40 -58.06 5.71
C PRO F 21 -37.19 -57.75 4.82
N TYR F 22 -37.39 -57.19 3.63
CA TYR F 22 -36.24 -56.96 2.75
C TYR F 22 -35.53 -55.64 3.05
N TYR F 23 -36.11 -54.84 3.94
CA TYR F 23 -35.39 -53.67 4.43
C TYR F 23 -34.57 -54.04 5.65
N LYS F 24 -34.96 -55.12 6.33
CA LYS F 24 -34.09 -55.71 7.35
C LYS F 24 -32.86 -56.29 6.68
N LYS F 25 -33.07 -56.84 5.49
CA LYS F 25 -31.98 -57.33 4.65
C LYS F 25 -30.95 -56.24 4.38
N ILE F 26 -31.46 -55.08 3.98
CA ILE F 26 -30.63 -53.94 3.61
C ILE F 26 -29.88 -53.34 4.82
N VAL F 27 -30.58 -53.24 5.94
CA VAL F 27 -29.99 -52.68 7.17
C VAL F 27 -28.80 -53.51 7.66
N ALA F 28 -28.83 -54.82 7.40
CA ALA F 28 -27.73 -55.70 7.78
C ALA F 28 -26.52 -55.49 6.86
N ASN F 29 -26.78 -55.04 5.64
CA ASN F 29 -25.69 -54.57 4.78
C ASN F 29 -25.21 -53.20 5.29
N PHE F 30 -26.16 -52.39 5.73
CA PHE F 30 -25.87 -51.10 6.34
C PHE F 30 -24.98 -51.26 7.56
N ASN F 31 -25.37 -52.17 8.46
CA ASN F 31 -24.62 -52.40 9.69
C ASN F 31 -23.30 -53.13 9.48
N LYS F 32 -22.97 -53.42 8.23
CA LYS F 32 -21.65 -53.93 7.90
C LYS F 32 -20.63 -52.81 7.99
N LYS F 33 -21.01 -51.63 7.50
CA LYS F 33 -20.12 -50.48 7.53
C LYS F 33 -20.46 -49.53 8.67
N TYR F 34 -21.67 -49.66 9.21
CA TYR F 34 -22.08 -48.81 10.32
C TYR F 34 -22.69 -49.64 11.45
N PRO F 35 -21.82 -50.43 12.13
CA PRO F 35 -22.23 -51.35 13.19
C PRO F 35 -22.73 -50.62 14.44
N ASP F 36 -22.28 -49.39 14.62
CA ASP F 36 -22.61 -48.62 15.81
C ASP F 36 -23.83 -47.73 15.61
N VAL F 37 -24.42 -47.76 14.42
CA VAL F 37 -25.75 -47.19 14.23
C VAL F 37 -26.78 -48.30 14.39
N LYS F 38 -27.60 -48.20 15.44
CA LYS F 38 -28.63 -49.20 15.70
C LYS F 38 -29.95 -48.83 15.03
N VAL F 39 -30.46 -49.72 14.20
CA VAL F 39 -31.66 -49.42 13.43
C VAL F 39 -32.82 -50.34 13.80
N LYS F 40 -33.99 -49.75 13.99
CA LYS F 40 -35.22 -50.51 14.20
C LYS F 40 -36.18 -50.30 13.03
N VAL F 41 -36.24 -51.29 12.14
CA VAL F 41 -37.14 -51.24 11.00
C VAL F 41 -38.57 -51.54 11.43
N THR F 42 -39.39 -50.51 11.46
CA THR F 42 -40.80 -50.69 11.77
C THR F 42 -41.67 -50.29 10.60
N GLN F 43 -42.85 -50.87 10.52
CA GLN F 43 -43.78 -50.46 9.50
C GLN F 43 -44.42 -49.13 9.85
N SER F 44 -44.41 -48.21 8.90
CA SER F 44 -45.10 -46.94 9.06
C SER F 44 -46.57 -47.17 9.38
N PRO F 45 -47.16 -46.29 10.20
CA PRO F 45 -48.55 -46.40 10.63
C PRO F 45 -49.54 -46.52 9.46
N ASN F 46 -49.37 -45.68 8.43
CA ASN F 46 -50.30 -45.69 7.31
C ASN F 46 -49.61 -45.78 5.94
N GLY F 47 -48.36 -46.24 5.93
CA GLY F 47 -47.62 -46.39 4.69
C GLY F 47 -47.07 -45.08 4.16
N SER F 48 -46.11 -45.19 3.24
CA SER F 48 -45.46 -44.03 2.62
C SER F 48 -46.43 -43.11 1.90
N ALA F 49 -47.57 -43.66 1.48
CA ALA F 49 -48.60 -42.88 0.79
C ALA F 49 -49.25 -41.87 1.71
N ASN F 50 -49.12 -42.08 3.02
CA ASN F 50 -49.67 -41.13 4.00
C ASN F 50 -48.60 -40.60 4.94
N ALA F 51 -47.37 -40.49 4.44
CA ALA F 51 -46.23 -40.11 5.26
C ALA F 51 -46.37 -38.71 5.86
N LYS F 52 -46.98 -37.79 5.12
CA LYS F 52 -47.11 -36.41 5.58
C LYS F 52 -48.04 -36.33 6.79
N THR F 53 -48.96 -37.28 6.88
CA THR F 53 -49.94 -37.30 7.97
C THR F 53 -49.39 -38.10 9.15
N ASP F 54 -48.71 -39.21 8.84
CA ASP F 54 -48.08 -40.04 9.86
C ASP F 54 -47.05 -39.27 10.67
N VAL F 55 -46.13 -38.61 9.97
CA VAL F 55 -45.13 -37.78 10.63
C VAL F 55 -45.80 -36.58 11.29
N GLY F 56 -46.67 -35.93 10.53
CA GLY F 56 -47.33 -34.71 10.97
C GLY F 56 -48.14 -34.79 12.26
N LYS F 57 -48.81 -35.92 12.47
CA LYS F 57 -49.63 -36.12 13.66
C LYS F 57 -48.82 -35.84 14.93
N ASP F 58 -47.56 -36.28 14.92
CA ASP F 58 -46.63 -36.00 16.01
C ASP F 58 -45.21 -36.22 15.50
N PRO F 59 -44.60 -35.18 14.91
CA PRO F 59 -43.25 -35.25 14.35
C PRO F 59 -42.19 -35.68 15.36
N ALA F 60 -42.32 -35.23 16.61
CA ALA F 60 -41.35 -35.57 17.64
C ALA F 60 -41.30 -37.08 17.88
N LYS F 61 -42.42 -37.75 17.66
CA LYS F 61 -42.52 -39.19 17.91
C LYS F 61 -42.49 -40.01 16.62
N ALA F 62 -42.27 -39.35 15.50
CA ALA F 62 -42.20 -40.03 14.22
C ALA F 62 -40.83 -40.68 14.04
N ALA F 63 -40.72 -41.53 13.01
CA ALA F 63 -39.47 -42.21 12.71
C ALA F 63 -38.41 -41.21 12.25
N ASP F 64 -37.14 -41.54 12.48
CA ASP F 64 -36.04 -40.71 12.04
C ASP F 64 -35.94 -40.68 10.52
N VAL F 65 -36.15 -41.85 9.92
CA VAL F 65 -36.09 -42.01 8.47
C VAL F 65 -37.38 -42.66 7.98
N PHE F 66 -38.00 -42.10 6.96
CA PHE F 66 -39.29 -42.61 6.49
C PHE F 66 -39.48 -42.53 4.98
N GLU F 67 -40.17 -43.52 4.44
CA GLU F 67 -40.49 -43.55 3.01
C GLU F 67 -41.63 -42.59 2.71
N VAL F 68 -41.50 -41.86 1.62
CA VAL F 68 -42.53 -40.93 1.17
C VAL F 68 -42.36 -40.68 -0.33
N ALA F 69 -43.47 -40.46 -1.02
CA ALA F 69 -43.44 -40.14 -2.44
C ALA F 69 -43.15 -38.66 -2.66
N ASN F 70 -42.52 -38.35 -3.79
CA ASN F 70 -42.04 -37.01 -4.09
C ASN F 70 -43.13 -35.94 -4.09
N ASP F 71 -44.37 -36.33 -4.35
CA ASP F 71 -45.47 -35.36 -4.41
C ASP F 71 -45.84 -34.76 -3.06
N GLN F 72 -45.35 -35.37 -1.98
CA GLN F 72 -45.64 -34.87 -0.63
C GLN F 72 -44.52 -34.01 -0.06
N LEU F 73 -43.41 -33.93 -0.77
CA LEU F 73 -42.20 -33.26 -0.26
C LEU F 73 -42.38 -31.77 -0.05
N GLY F 74 -43.17 -31.12 -0.89
CA GLY F 74 -43.41 -29.69 -0.75
C GLY F 74 -44.20 -29.39 0.51
N SER F 75 -45.23 -30.19 0.76
CA SER F 75 -46.05 -30.04 1.95
C SER F 75 -45.22 -30.19 3.22
N MET F 76 -44.42 -31.25 3.27
CA MET F 76 -43.63 -31.55 4.45
C MET F 76 -42.49 -30.54 4.64
N ALA F 77 -41.95 -30.04 3.54
CA ALA F 77 -40.90 -29.02 3.61
C ALA F 77 -41.46 -27.70 4.15
N GLU F 78 -42.63 -27.31 3.66
CA GLU F 78 -43.26 -26.06 4.10
C GLU F 78 -43.72 -26.13 5.55
N ALA F 79 -44.05 -27.34 6.00
CA ALA F 79 -44.47 -27.56 7.38
C ALA F 79 -43.25 -27.57 8.31
N GLY F 80 -42.07 -27.77 7.73
CA GLY F 80 -40.84 -27.82 8.50
C GLY F 80 -40.58 -29.19 9.11
N TYR F 81 -41.09 -30.23 8.46
CA TYR F 81 -40.82 -31.60 8.89
C TYR F 81 -39.53 -32.12 8.29
N ILE F 82 -39.02 -31.43 7.26
CA ILE F 82 -37.84 -31.90 6.55
C ILE F 82 -36.84 -30.78 6.26
N ASN F 83 -35.56 -31.04 6.55
CA ASN F 83 -34.48 -30.11 6.23
C ASN F 83 -33.98 -30.31 4.80
N PRO F 84 -33.50 -29.23 4.15
CA PRO F 84 -32.94 -29.38 2.81
C PRO F 84 -31.62 -30.14 2.83
N LEU F 85 -31.31 -30.83 1.74
CA LEU F 85 -30.07 -31.59 1.65
C LEU F 85 -28.87 -30.67 1.52
N SER F 86 -27.79 -31.03 2.21
CA SER F 86 -26.53 -30.31 2.11
C SER F 86 -26.02 -30.30 0.67
N PRO F 87 -25.11 -29.36 0.34
CA PRO F 87 -24.50 -29.32 -1.00
C PRO F 87 -23.88 -30.65 -1.42
N ASP F 88 -23.17 -31.31 -0.50
CA ASP F 88 -22.49 -32.56 -0.79
C ASP F 88 -23.46 -33.74 -0.95
N ALA F 89 -24.48 -33.79 -0.09
CA ALA F 89 -25.49 -34.84 -0.18
C ALA F 89 -26.34 -34.68 -1.44
N THR F 90 -26.59 -33.43 -1.82
CA THR F 90 -27.34 -33.13 -3.03
C THR F 90 -26.57 -33.57 -4.27
N LYS F 91 -25.28 -33.27 -4.28
CA LYS F 91 -24.42 -33.61 -5.40
C LYS F 91 -24.28 -35.12 -5.56
N ALA F 92 -24.39 -35.84 -4.45
CA ALA F 92 -24.34 -37.30 -4.48
C ALA F 92 -25.60 -37.86 -5.15
N VAL F 93 -26.75 -37.31 -4.78
CA VAL F 93 -28.02 -37.73 -5.36
C VAL F 93 -28.02 -37.54 -6.88
N LYS F 94 -27.56 -36.36 -7.31
CA LYS F 94 -27.51 -36.02 -8.72
C LYS F 94 -26.60 -36.94 -9.52
N ASN F 95 -25.42 -37.21 -8.97
CA ASN F 95 -24.40 -38.00 -9.64
C ASN F 95 -24.81 -39.45 -9.91
N ASN F 96 -25.55 -40.02 -8.98
CA ASN F 96 -25.87 -41.44 -9.03
C ASN F 96 -27.14 -41.75 -9.81
N ASN F 97 -28.09 -40.83 -9.79
CA ASN F 97 -29.42 -41.11 -10.33
C ASN F 97 -29.76 -40.32 -11.58
N VAL F 98 -30.81 -40.76 -12.26
CA VAL F 98 -31.33 -40.06 -13.44
C VAL F 98 -31.84 -38.67 -13.05
N ALA F 99 -31.87 -37.77 -14.02
CA ALA F 99 -32.19 -36.36 -13.77
C ALA F 99 -33.59 -36.15 -13.19
N VAL F 100 -34.52 -37.03 -13.55
CA VAL F 100 -35.91 -36.86 -13.15
C VAL F 100 -36.13 -37.31 -11.70
N ALA F 101 -35.25 -38.18 -11.22
CA ALA F 101 -35.25 -38.54 -9.81
C ALA F 101 -34.75 -37.36 -8.99
N SER F 102 -33.73 -36.68 -9.52
CA SER F 102 -33.19 -35.48 -8.91
C SER F 102 -34.20 -34.35 -8.86
N GLU F 103 -34.87 -34.10 -9.99
CA GLU F 103 -35.90 -33.06 -10.05
C GLU F 103 -37.07 -33.40 -9.13
N GLY F 104 -37.40 -34.68 -9.06
CA GLY F 104 -38.52 -35.15 -8.26
C GLY F 104 -38.38 -34.85 -6.78
N VAL F 105 -37.16 -34.83 -6.28
CA VAL F 105 -36.93 -34.60 -4.86
C VAL F 105 -36.62 -33.13 -4.58
N THR F 106 -36.63 -32.33 -5.64
CA THR F 106 -36.25 -30.92 -5.51
C THR F 106 -37.47 -30.01 -5.39
N TRP F 107 -37.40 -29.10 -4.42
CA TRP F 107 -38.48 -28.16 -4.12
C TRP F 107 -37.91 -26.78 -3.87
N LYS F 108 -38.28 -25.83 -4.72
CA LYS F 108 -37.71 -24.47 -4.68
C LYS F 108 -36.20 -24.48 -4.79
N GLY F 109 -35.67 -25.37 -5.63
CA GLY F 109 -34.24 -25.46 -5.85
C GLY F 109 -33.49 -26.19 -4.74
N LYS F 110 -34.22 -26.78 -3.80
CA LYS F 110 -33.60 -27.53 -2.72
C LYS F 110 -34.08 -28.99 -2.72
N MET F 111 -33.14 -29.91 -2.48
CA MET F 111 -33.49 -31.31 -2.31
C MET F 111 -34.01 -31.56 -0.91
N PHE F 112 -35.02 -32.41 -0.78
CA PHE F 112 -35.58 -32.72 0.52
C PHE F 112 -35.71 -34.22 0.73
N ALA F 113 -35.17 -35.01 -0.20
CA ALA F 113 -35.29 -36.46 -0.09
C ALA F 113 -34.23 -37.24 -0.86
N TYR F 114 -34.14 -38.53 -0.54
CA TYR F 114 -33.24 -39.46 -1.21
C TYR F 114 -34.04 -40.46 -2.04
N PRO F 115 -33.96 -40.35 -3.37
CA PRO F 115 -34.74 -41.17 -4.32
C PRO F 115 -34.16 -42.56 -4.54
N PHE F 116 -35.00 -43.57 -4.72
CA PHE F 116 -34.50 -44.92 -4.99
C PHE F 116 -35.32 -45.68 -6.04
N ALA F 117 -36.56 -45.25 -6.26
CA ALA F 117 -37.43 -45.94 -7.21
C ALA F 117 -38.23 -44.97 -8.07
N GLU F 118 -38.63 -45.43 -9.26
CA GLU F 118 -39.51 -44.65 -10.12
C GLU F 118 -40.69 -45.51 -10.58
N GLN F 119 -41.83 -44.87 -10.73
CA GLN F 119 -43.05 -45.56 -11.10
C GLN F 119 -43.91 -44.71 -12.01
N ALA F 120 -44.48 -45.35 -13.02
CA ALA F 120 -45.39 -44.69 -13.94
C ALA F 120 -46.26 -45.78 -14.56
N GLN F 121 -47.52 -45.45 -14.82
CA GLN F 121 -48.44 -46.46 -15.33
C GLN F 121 -48.10 -46.91 -16.74
N THR F 122 -48.50 -48.13 -17.07
CA THR F 122 -48.33 -48.67 -18.41
C THR F 122 -49.58 -49.46 -18.83
N ILE F 123 -49.57 -49.94 -20.07
CA ILE F 123 -50.61 -50.84 -20.55
C ILE F 123 -50.28 -52.28 -20.17
N TYR F 124 -51.29 -53.00 -19.69
CA TYR F 124 -51.19 -54.45 -19.54
C TYR F 124 -52.31 -55.07 -20.37
N TYR F 125 -51.97 -55.95 -21.30
CA TYR F 125 -52.98 -56.49 -22.21
C TYR F 125 -52.96 -58.01 -22.34
N ASN F 126 -54.06 -58.59 -22.80
CA ASN F 126 -54.09 -60.01 -23.12
C ASN F 126 -53.56 -60.18 -24.54
N LYS F 127 -52.34 -60.70 -24.67
CA LYS F 127 -51.66 -60.72 -25.95
C LYS F 127 -52.17 -61.80 -26.91
N SER F 128 -53.24 -62.49 -26.52
CA SER F 128 -53.94 -63.37 -27.44
C SER F 128 -55.17 -62.67 -28.00
N LYS F 129 -55.38 -61.44 -27.54
CA LYS F 129 -56.48 -60.61 -28.00
C LYS F 129 -55.95 -59.36 -28.72
N LEU F 130 -54.76 -58.93 -28.32
CA LEU F 130 -54.12 -57.75 -28.89
C LEU F 130 -52.65 -58.02 -29.17
N THR F 131 -52.16 -57.53 -30.30
CA THR F 131 -50.75 -57.74 -30.65
C THR F 131 -49.88 -56.61 -30.13
N ALA F 132 -48.56 -56.79 -30.23
CA ALA F 132 -47.62 -55.75 -29.82
C ALA F 132 -47.80 -54.52 -30.70
N ASP F 133 -48.25 -54.72 -31.94
CA ASP F 133 -48.46 -53.60 -32.85
C ASP F 133 -49.82 -52.95 -32.62
N ASP F 134 -50.81 -53.76 -32.27
CA ASP F 134 -52.15 -53.26 -31.94
C ASP F 134 -52.10 -52.18 -30.86
N VAL F 135 -51.19 -52.35 -29.91
CA VAL F 135 -51.16 -51.50 -28.72
C VAL F 135 -50.21 -50.30 -28.82
N LYS F 136 -49.77 -49.97 -30.03
CA LYS F 136 -48.90 -48.81 -30.21
C LYS F 136 -49.70 -47.51 -30.36
N THR F 137 -50.96 -47.64 -30.75
CA THR F 137 -51.85 -46.48 -30.82
C THR F 137 -53.15 -46.77 -30.07
N TRP F 138 -53.72 -45.73 -29.47
CA TRP F 138 -54.96 -45.87 -28.71
C TRP F 138 -56.10 -46.31 -29.62
N ASP F 139 -56.25 -45.61 -30.74
CA ASP F 139 -57.31 -45.92 -31.69
C ASP F 139 -57.15 -47.33 -32.26
N GLY F 140 -55.93 -47.68 -32.62
CA GLY F 140 -55.64 -49.01 -33.12
C GLY F 140 -55.99 -50.09 -32.10
N LEU F 141 -55.63 -49.86 -30.85
CA LEU F 141 -55.87 -50.82 -29.78
C LEU F 141 -57.37 -51.04 -29.57
N THR F 142 -58.08 -49.97 -29.29
CA THR F 142 -59.48 -50.06 -28.90
C THR F 142 -60.39 -50.48 -30.05
N ALA F 143 -59.89 -50.37 -31.29
CA ALA F 143 -60.66 -50.79 -32.45
C ALA F 143 -60.68 -52.31 -32.59
N LYS F 144 -59.88 -52.98 -31.76
CA LYS F 144 -59.74 -54.43 -31.83
C LYS F 144 -60.05 -55.10 -30.50
N GLY F 145 -59.58 -54.50 -29.42
CA GLY F 145 -59.84 -55.03 -28.09
C GLY F 145 -60.42 -53.97 -27.16
N VAL F 146 -61.05 -54.43 -26.08
CA VAL F 146 -61.63 -53.50 -25.11
C VAL F 146 -60.63 -53.11 -24.03
N LEU F 147 -60.42 -51.81 -23.85
CA LEU F 147 -59.60 -51.32 -22.77
C LEU F 147 -60.50 -50.78 -21.67
N ALA F 148 -60.43 -51.40 -20.49
CA ALA F 148 -61.22 -50.96 -19.35
C ALA F 148 -60.44 -49.94 -18.53
N THR F 149 -61.07 -48.81 -18.27
CA THR F 149 -60.41 -47.72 -17.56
C THR F 149 -61.42 -46.83 -16.84
N ASP F 150 -60.93 -45.92 -16.03
CA ASP F 150 -61.77 -45.10 -15.17
C ASP F 150 -61.56 -43.60 -15.42
N PHE F 151 -62.57 -42.98 -16.01
CA PHE F 151 -62.49 -41.56 -16.37
C PHE F 151 -62.88 -40.64 -15.22
N THR F 152 -63.18 -41.21 -14.05
CA THR F 152 -63.35 -40.43 -12.84
C THR F 152 -62.04 -40.39 -12.05
N ASN F 153 -60.99 -40.93 -12.65
CA ASN F 153 -59.67 -40.95 -12.06
C ASN F 153 -58.76 -39.97 -12.79
N ALA F 154 -58.39 -38.88 -12.10
CA ALA F 154 -57.56 -37.84 -12.71
C ALA F 154 -56.10 -38.26 -12.83
N TYR F 155 -55.67 -39.18 -11.97
CA TYR F 155 -54.33 -39.75 -12.07
C TYR F 155 -54.21 -40.57 -13.35
N ASN F 156 -55.34 -41.11 -13.80
CA ASN F 156 -55.38 -41.82 -15.08
C ASN F 156 -55.23 -40.86 -16.25
N PHE F 157 -56.04 -39.81 -16.28
CA PHE F 157 -56.25 -39.08 -17.52
C PHE F 157 -55.84 -37.61 -17.61
N TYR F 158 -55.54 -36.95 -16.49
CA TYR F 158 -55.03 -35.59 -16.62
C TYR F 158 -53.78 -35.50 -17.53
N PRO F 159 -52.86 -36.49 -17.48
CA PRO F 159 -51.70 -36.39 -18.38
C PRO F 159 -52.02 -36.28 -19.87
N VAL F 160 -53.28 -36.45 -20.26
CA VAL F 160 -53.66 -36.24 -21.65
C VAL F 160 -53.57 -34.75 -21.96
N PHE F 161 -53.89 -33.91 -20.98
CA PHE F 161 -53.72 -32.47 -21.10
C PHE F 161 -52.27 -32.13 -21.38
N LEU F 162 -51.37 -32.91 -20.79
CA LEU F 162 -49.94 -32.73 -20.97
C LEU F 162 -49.52 -33.14 -22.37
N SER F 163 -50.06 -34.26 -22.84
CA SER F 163 -49.85 -34.74 -24.20
C SER F 163 -50.26 -33.68 -25.22
N ALA F 164 -51.33 -32.96 -24.92
CA ALA F 164 -51.83 -31.91 -25.80
C ALA F 164 -50.88 -30.72 -25.88
N GLY F 165 -49.89 -30.71 -25.00
CA GLY F 165 -48.86 -29.68 -25.03
C GLY F 165 -49.04 -28.60 -23.98
N THR F 166 -49.88 -28.89 -22.98
CA THR F 166 -50.07 -27.96 -21.88
C THR F 166 -49.19 -28.34 -20.70
N GLN F 167 -49.12 -27.45 -19.72
CA GLN F 167 -48.29 -27.70 -18.55
C GLN F 167 -49.10 -27.48 -17.26
N LEU F 168 -48.69 -28.19 -16.21
CA LEU F 168 -49.34 -28.08 -14.91
C LEU F 168 -48.42 -27.33 -13.95
N TYR F 169 -48.85 -26.14 -13.54
CA TYR F 169 -48.03 -25.23 -12.75
C TYR F 169 -46.68 -24.96 -13.41
N GLY F 170 -46.69 -24.83 -14.74
CA GLY F 170 -45.49 -24.58 -15.49
C GLY F 170 -44.63 -25.83 -15.64
N LYS F 171 -43.53 -25.69 -16.37
CA LYS F 171 -42.63 -26.80 -16.65
C LYS F 171 -42.02 -27.38 -15.37
N THR F 172 -41.62 -26.50 -14.46
CA THR F 172 -41.02 -26.92 -13.20
C THR F 172 -42.06 -27.49 -12.24
N GLY F 173 -43.32 -27.14 -12.46
CA GLY F 173 -44.40 -27.61 -11.60
C GLY F 173 -44.44 -26.81 -10.30
N GLU F 174 -43.77 -25.67 -10.32
CA GLU F 174 -43.71 -24.80 -9.14
C GLU F 174 -44.13 -23.37 -9.48
N THR F 175 -44.71 -23.19 -10.66
CA THR F 175 -45.23 -21.89 -11.09
C THR F 175 -46.72 -21.78 -10.76
N VAL F 176 -47.03 -21.03 -9.70
CA VAL F 176 -48.39 -20.98 -9.14
C VAL F 176 -49.48 -20.73 -10.18
N LYS F 177 -49.25 -19.76 -11.05
CA LYS F 177 -50.23 -19.45 -12.10
C LYS F 177 -49.70 -19.84 -13.48
N GLY F 178 -49.00 -20.96 -13.53
CA GLY F 178 -48.41 -21.45 -14.76
C GLY F 178 -49.17 -22.56 -15.46
N THR F 179 -50.28 -23.02 -14.88
CA THR F 179 -51.15 -23.97 -15.56
C THR F 179 -51.84 -23.27 -16.73
N ASP F 180 -51.61 -23.77 -17.94
CA ASP F 180 -52.17 -23.12 -19.14
C ASP F 180 -53.18 -23.97 -19.90
N VAL F 181 -53.95 -24.80 -19.20
CA VAL F 181 -54.89 -25.68 -19.90
C VAL F 181 -56.09 -24.94 -20.45
N ASN F 182 -56.37 -23.75 -19.92
CA ASN F 182 -57.47 -22.95 -20.45
C ASN F 182 -57.08 -22.35 -21.80
N SER F 183 -56.99 -23.23 -22.80
CA SER F 183 -56.54 -22.85 -24.13
C SER F 183 -57.09 -23.84 -25.14
N ALA F 184 -56.82 -23.58 -26.42
CA ALA F 184 -57.31 -24.44 -27.49
C ALA F 184 -56.78 -25.86 -27.33
N LYS F 185 -55.54 -25.98 -26.87
CA LYS F 185 -54.92 -27.28 -26.67
C LYS F 185 -55.60 -28.03 -25.52
N GLY F 186 -56.04 -27.28 -24.51
CA GLY F 186 -56.83 -27.85 -23.44
C GLY F 186 -58.16 -28.37 -23.95
N GLU F 187 -58.76 -27.64 -24.89
CA GLU F 187 -60.03 -28.05 -25.51
C GLU F 187 -59.85 -29.33 -26.32
N GLN F 188 -58.70 -29.44 -26.97
CA GLN F 188 -58.36 -30.62 -27.75
C GLN F 188 -58.34 -31.87 -26.87
N ALA F 189 -57.73 -31.75 -25.70
CA ALA F 189 -57.70 -32.85 -24.73
C ALA F 189 -59.10 -33.18 -24.23
N MET F 190 -59.86 -32.15 -23.89
CA MET F 190 -61.25 -32.32 -23.47
C MET F 190 -62.06 -33.07 -24.52
N ALA F 191 -61.78 -32.76 -25.78
CA ALA F 191 -62.49 -33.39 -26.90
C ALA F 191 -62.09 -34.84 -27.07
N TRP F 192 -60.82 -35.16 -26.80
CA TRP F 192 -60.35 -36.55 -26.87
C TRP F 192 -61.06 -37.39 -25.82
N PHE F 193 -61.21 -36.86 -24.62
CA PHE F 193 -61.98 -37.52 -23.56
C PHE F 193 -63.38 -37.83 -24.07
N ALA F 194 -64.00 -36.84 -24.69
CA ALA F 194 -65.39 -36.94 -25.14
C ALA F 194 -65.57 -38.06 -26.18
N GLN F 195 -64.58 -38.23 -27.05
CA GLN F 195 -64.64 -39.25 -28.09
C GLN F 195 -64.64 -40.67 -27.53
N GLN F 196 -64.08 -40.85 -26.35
CA GLN F 196 -63.91 -42.19 -25.79
C GLN F 196 -65.23 -42.82 -25.39
N LYS F 197 -66.27 -42.00 -25.21
CA LYS F 197 -67.57 -42.49 -24.78
C LYS F 197 -68.25 -43.34 -25.87
N SER F 198 -68.00 -42.99 -27.13
CA SER F 198 -68.56 -43.72 -28.26
C SER F 198 -67.57 -44.75 -28.79
N ASN F 199 -66.42 -44.85 -28.14
CA ASN F 199 -65.42 -45.85 -28.47
C ASN F 199 -65.86 -47.21 -27.94
N LYS F 200 -66.22 -48.11 -28.85
CA LYS F 200 -66.71 -49.42 -28.47
C LYS F 200 -65.62 -50.24 -27.78
N GLY F 201 -64.38 -49.80 -27.91
CA GLY F 201 -63.25 -50.47 -27.29
C GLY F 201 -62.81 -49.85 -25.99
N VAL F 202 -63.56 -48.88 -25.50
CA VAL F 202 -63.30 -48.28 -24.20
C VAL F 202 -64.46 -48.57 -23.24
N MET F 203 -64.17 -49.30 -22.16
CA MET F 203 -65.18 -49.62 -21.17
C MET F 203 -64.96 -48.84 -19.89
N GLN F 204 -65.91 -47.96 -19.58
CA GLN F 204 -65.88 -47.24 -18.31
C GLN F 204 -66.17 -48.21 -17.16
N THR F 205 -65.21 -48.35 -16.25
CA THR F 205 -65.36 -49.26 -15.13
C THR F 205 -64.58 -48.76 -13.92
N SER F 206 -64.97 -49.24 -12.73
CA SER F 206 -64.29 -48.87 -11.50
C SER F 206 -63.31 -49.96 -11.07
N ASN F 207 -63.34 -51.07 -11.77
CA ASN F 207 -62.42 -52.17 -11.52
C ASN F 207 -61.95 -52.77 -12.83
N ALA F 208 -60.91 -52.17 -13.40
CA ALA F 208 -60.37 -52.61 -14.68
C ALA F 208 -59.81 -54.04 -14.58
N LEU F 209 -59.27 -54.37 -13.42
CA LEU F 209 -58.67 -55.69 -13.20
C LEU F 209 -59.73 -56.78 -13.33
N ASN F 210 -60.92 -56.52 -12.80
CA ASN F 210 -62.03 -57.46 -12.94
C ASN F 210 -62.38 -57.71 -14.41
N GLN F 211 -62.34 -56.64 -15.20
CA GLN F 211 -62.68 -56.74 -16.62
C GLN F 211 -61.57 -57.45 -17.39
N LEU F 212 -60.37 -57.35 -16.88
CA LEU F 212 -59.23 -58.09 -17.44
C LEU F 212 -59.29 -59.53 -16.96
N LYS F 213 -59.58 -59.70 -15.68
CA LYS F 213 -59.70 -61.01 -15.03
C LYS F 213 -60.73 -61.88 -15.74
N SER F 214 -61.92 -61.32 -15.96
CA SER F 214 -63.02 -62.04 -16.58
C SER F 214 -62.83 -62.24 -18.09
N GLY F 215 -62.22 -61.24 -18.73
CA GLY F 215 -61.91 -61.36 -20.15
C GLY F 215 -62.73 -60.46 -21.06
N LYS F 216 -63.54 -59.59 -20.48
CA LYS F 216 -64.35 -58.67 -21.28
C LYS F 216 -63.52 -57.44 -21.66
N ALA F 217 -62.28 -57.41 -21.22
CA ALA F 217 -61.35 -56.35 -21.60
C ALA F 217 -60.01 -56.96 -22.00
N ALA F 218 -59.48 -56.48 -23.13
CA ALA F 218 -58.22 -57.01 -23.65
C ALA F 218 -57.01 -56.30 -23.06
N ALA F 219 -57.25 -55.15 -22.43
CA ALA F 219 -56.16 -54.34 -21.86
C ALA F 219 -56.64 -53.38 -20.78
N ILE F 220 -55.70 -52.96 -19.92
CA ILE F 220 -55.96 -51.94 -18.90
C ILE F 220 -54.73 -51.05 -18.72
N LEU F 221 -54.91 -49.91 -18.05
CA LEU F 221 -53.78 -49.07 -17.62
C LEU F 221 -53.55 -49.28 -16.13
N ASP F 222 -52.30 -49.52 -15.75
CA ASP F 222 -51.98 -49.72 -14.34
C ASP F 222 -50.50 -49.50 -14.05
N GLY F 223 -50.15 -49.49 -12.77
CA GLY F 223 -48.79 -49.25 -12.36
C GLY F 223 -48.02 -50.52 -12.06
N PRO F 224 -46.69 -50.40 -11.93
CA PRO F 224 -45.79 -51.53 -11.67
C PRO F 224 -46.10 -52.24 -10.35
N TRP F 225 -46.79 -51.54 -9.45
CA TRP F 225 -47.19 -52.10 -8.17
C TRP F 225 -48.21 -53.21 -8.34
N ASN F 226 -48.78 -53.31 -9.54
CA ASN F 226 -49.80 -54.32 -9.82
C ASN F 226 -49.32 -55.36 -10.84
N SER F 227 -48.07 -55.23 -11.28
CA SER F 227 -47.55 -56.07 -12.35
C SER F 227 -47.58 -57.56 -12.02
N ALA F 228 -46.99 -57.93 -10.87
CA ALA F 228 -46.93 -59.33 -10.45
C ALA F 228 -48.32 -59.95 -10.35
N ASN F 229 -49.28 -59.16 -9.88
CA ASN F 229 -50.66 -59.58 -9.76
C ASN F 229 -51.32 -59.79 -11.12
N ILE F 230 -50.90 -59.01 -12.12
CA ILE F 230 -51.47 -59.09 -13.46
C ILE F 230 -50.93 -60.29 -14.23
N LYS F 231 -49.66 -60.60 -14.02
CA LYS F 231 -48.99 -61.70 -14.72
C LYS F 231 -49.62 -63.06 -14.46
N LYS F 232 -50.22 -63.23 -13.28
CA LYS F 232 -50.80 -64.51 -12.93
C LYS F 232 -52.32 -64.49 -13.14
N ILE F 233 -52.83 -63.33 -13.52
CA ILE F 233 -54.15 -63.23 -14.09
C ILE F 233 -54.08 -63.64 -15.56
N LEU F 234 -53.08 -63.10 -16.25
CA LEU F 234 -52.94 -63.30 -17.69
C LEU F 234 -52.16 -64.55 -18.07
N GLY F 235 -51.18 -64.91 -17.24
CA GLY F 235 -50.37 -66.09 -17.50
C GLY F 235 -49.51 -65.97 -18.74
N LYS F 236 -49.62 -66.96 -19.64
CA LYS F 236 -48.89 -66.95 -20.90
C LYS F 236 -49.31 -65.79 -21.81
N ASN F 237 -50.45 -65.20 -21.50
CA ASN F 237 -50.98 -64.10 -22.30
C ASN F 237 -50.57 -62.75 -21.76
N PHE F 238 -49.69 -62.74 -20.76
CA PHE F 238 -49.18 -61.50 -20.20
C PHE F 238 -48.16 -60.85 -21.13
N ALA F 239 -48.38 -59.58 -21.42
CA ALA F 239 -47.37 -58.74 -22.05
C ALA F 239 -47.61 -57.32 -21.56
N VAL F 240 -46.64 -56.43 -21.75
CA VAL F 240 -46.75 -55.09 -21.22
C VAL F 240 -46.09 -54.12 -22.18
N ALA F 241 -46.55 -52.88 -22.20
CA ALA F 241 -46.04 -51.88 -23.13
C ALA F 241 -46.22 -50.48 -22.56
N PRO F 242 -45.44 -49.50 -23.06
CA PRO F 242 -45.66 -48.10 -22.70
C PRO F 242 -46.99 -47.60 -23.25
N TYR F 243 -47.53 -46.53 -22.67
CA TYR F 243 -48.73 -45.87 -23.18
C TYR F 243 -48.61 -45.70 -24.68
N PRO F 244 -49.74 -45.77 -25.40
CA PRO F 244 -49.67 -45.64 -26.86
C PRO F 244 -49.54 -44.18 -27.24
N THR F 245 -49.48 -43.89 -28.52
CA THR F 245 -49.67 -42.53 -28.97
C THR F 245 -51.17 -42.27 -29.02
N ILE F 246 -51.56 -41.02 -28.86
CA ILE F 246 -52.95 -40.64 -29.06
C ILE F 246 -53.00 -39.52 -30.08
N LYS F 247 -54.17 -39.27 -30.63
CA LYS F 247 -54.33 -38.30 -31.72
C LYS F 247 -54.81 -36.94 -31.20
N LEU F 248 -53.91 -35.96 -31.19
CA LEU F 248 -54.25 -34.61 -30.74
C LEU F 248 -53.77 -33.57 -31.74
N ASP F 249 -54.67 -32.64 -32.09
CA ASP F 249 -54.42 -31.62 -33.11
C ASP F 249 -53.90 -32.24 -34.41
N GLY F 250 -54.56 -33.30 -34.84
CA GLY F 250 -54.25 -33.92 -36.12
C GLY F 250 -52.88 -34.57 -36.23
N LYS F 251 -52.26 -34.88 -35.08
CA LYS F 251 -51.01 -35.62 -35.10
C LYS F 251 -50.93 -36.63 -33.96
N ASP F 252 -50.21 -37.72 -34.19
CA ASP F 252 -50.04 -38.77 -33.19
C ASP F 252 -48.93 -38.41 -32.19
N VAL F 253 -49.33 -38.09 -30.96
CA VAL F 253 -48.38 -37.72 -29.92
C VAL F 253 -48.41 -38.73 -28.79
N GLN F 254 -47.30 -38.86 -28.09
CA GLN F 254 -47.19 -39.82 -27.01
C GLN F 254 -48.16 -39.52 -25.87
N MET F 255 -48.95 -40.52 -25.48
CA MET F 255 -49.83 -40.38 -24.33
C MET F 255 -49.01 -40.44 -23.05
N GLN F 256 -49.11 -39.39 -22.24
CA GLN F 256 -48.31 -39.33 -21.03
C GLN F 256 -49.00 -39.94 -19.83
N ALA F 257 -48.21 -40.20 -18.79
CA ALA F 257 -48.69 -40.56 -17.48
C ALA F 257 -48.00 -39.66 -16.47
N PHE F 258 -48.56 -39.54 -15.28
CA PHE F 258 -47.85 -38.88 -14.20
C PHE F 258 -46.66 -39.74 -13.82
N LEU F 259 -45.57 -39.11 -13.39
CA LEU F 259 -44.40 -39.85 -12.95
C LEU F 259 -44.19 -39.65 -11.45
N GLY F 260 -43.91 -40.75 -10.76
CA GLY F 260 -43.63 -40.68 -9.34
C GLY F 260 -42.25 -41.18 -8.99
N ILE F 261 -41.64 -40.57 -7.98
CA ILE F 261 -40.33 -41.00 -7.49
C ILE F 261 -40.44 -41.35 -6.01
N GLU F 262 -40.13 -42.60 -5.68
CA GLU F 262 -40.21 -43.05 -4.29
C GLU F 262 -38.92 -42.73 -3.56
N THR F 263 -39.03 -42.22 -2.34
CA THR F 263 -37.86 -41.73 -1.61
C THR F 263 -37.84 -42.14 -0.14
N PHE F 264 -36.74 -41.77 0.53
CA PHE F 264 -36.66 -41.78 1.98
C PHE F 264 -36.24 -40.40 2.47
N ALA F 265 -36.89 -39.90 3.52
CA ALA F 265 -36.58 -38.57 4.05
C ALA F 265 -36.10 -38.65 5.50
N VAL F 266 -35.42 -37.60 5.93
CA VAL F 266 -34.93 -37.49 7.30
C VAL F 266 -35.83 -36.55 8.10
N ASN F 267 -36.37 -37.06 9.20
CA ASN F 267 -37.20 -36.25 10.08
C ASN F 267 -36.36 -35.20 10.81
N SER F 268 -36.69 -33.93 10.61
CA SER F 268 -35.95 -32.85 11.24
C SER F 268 -36.41 -32.62 12.68
N HIS F 269 -37.44 -33.35 13.10
CA HIS F 269 -38.01 -33.17 14.43
C HIS F 269 -37.70 -34.34 15.37
N ALA F 270 -36.95 -35.32 14.86
CA ALA F 270 -36.44 -36.39 15.70
C ALA F 270 -35.27 -35.86 16.51
N SER F 271 -34.84 -36.61 17.52
CA SER F 271 -33.78 -36.14 18.41
C SER F 271 -32.49 -35.89 17.67
N GLY F 272 -31.88 -34.74 17.94
CA GLY F 272 -30.73 -34.25 17.20
C GLY F 272 -29.51 -35.14 17.24
N SER F 273 -29.36 -35.91 18.31
CA SER F 273 -28.19 -36.78 18.48
C SER F 273 -28.15 -37.87 17.42
N ASN F 274 -29.30 -38.19 16.84
CA ASN F 274 -29.39 -39.26 15.87
C ASN F 274 -29.56 -38.76 14.43
N GLN F 275 -29.50 -37.44 14.24
CA GLN F 275 -29.75 -36.86 12.93
C GLN F 275 -28.66 -37.22 11.90
N LYS F 276 -27.40 -37.26 12.32
CA LYS F 276 -26.32 -37.65 11.44
C LYS F 276 -26.45 -39.12 11.03
N ALA F 277 -26.78 -39.97 12.01
CA ALA F 277 -26.99 -41.39 11.76
C ALA F 277 -28.21 -41.64 10.87
N ALA F 278 -29.25 -40.82 11.04
CA ALA F 278 -30.46 -40.92 10.24
C ALA F 278 -30.17 -40.68 8.76
N ALA F 279 -29.45 -39.61 8.46
CA ALA F 279 -29.11 -39.25 7.08
C ALA F 279 -28.19 -40.28 6.44
N THR F 280 -27.29 -40.84 7.24
CA THR F 280 -26.38 -41.88 6.77
C THR F 280 -27.16 -43.12 6.35
N LEU F 281 -28.18 -43.47 7.14
CA LEU F 281 -29.04 -44.60 6.84
C LEU F 281 -29.79 -44.38 5.53
N ALA F 282 -30.44 -43.22 5.44
CA ALA F 282 -31.21 -42.85 4.25
C ALA F 282 -30.36 -42.87 3.00
N SER F 283 -29.12 -42.42 3.13
CA SER F 283 -28.16 -42.43 2.04
C SER F 283 -27.87 -43.85 1.57
N PHE F 284 -27.57 -44.73 2.52
CA PHE F 284 -27.22 -46.12 2.22
C PHE F 284 -28.40 -46.89 1.63
N ILE F 285 -29.57 -46.79 2.24
CA ILE F 285 -30.70 -47.61 1.81
C ILE F 285 -31.30 -47.14 0.49
N THR F 286 -30.68 -46.15 -0.12
CA THR F 286 -31.06 -45.71 -1.46
C THR F 286 -29.88 -45.75 -2.42
N ASN F 287 -28.80 -46.43 -2.03
CA ASN F 287 -27.67 -46.58 -2.93
C ASN F 287 -27.94 -47.67 -3.96
N LYS F 288 -27.04 -47.82 -4.92
CA LYS F 288 -27.21 -48.80 -6.00
C LYS F 288 -27.48 -50.22 -5.50
N GLU F 289 -26.68 -50.68 -4.55
CA GLU F 289 -26.83 -52.03 -4.03
C GLU F 289 -28.22 -52.28 -3.48
N SER F 290 -28.68 -51.34 -2.65
CA SER F 290 -29.98 -51.47 -2.00
C SER F 290 -31.14 -51.35 -3.00
N GLN F 291 -30.97 -50.49 -4.01
CA GLN F 291 -31.99 -50.32 -5.03
C GLN F 291 -32.23 -51.63 -5.79
N LEU F 292 -31.17 -52.40 -5.99
CA LEU F 292 -31.27 -53.66 -6.69
C LEU F 292 -31.95 -54.71 -5.80
N ILE F 293 -31.66 -54.67 -4.51
CA ILE F 293 -32.30 -55.55 -3.54
C ILE F 293 -33.80 -55.25 -3.49
N VAL F 294 -34.14 -53.97 -3.60
CA VAL F 294 -35.52 -53.53 -3.62
C VAL F 294 -36.23 -54.08 -4.87
N TYR F 295 -35.56 -54.00 -6.01
CA TYR F 295 -36.10 -54.57 -7.24
C TYR F 295 -36.26 -56.08 -7.12
N ASP F 296 -35.25 -56.73 -6.55
CA ASP F 296 -35.25 -58.18 -6.37
C ASP F 296 -36.47 -58.67 -5.59
N HIS F 297 -36.99 -57.84 -4.71
CA HIS F 297 -38.04 -58.24 -3.78
C HIS F 297 -39.41 -57.68 -4.12
N SER F 298 -39.44 -56.48 -4.70
CA SER F 298 -40.70 -55.79 -4.93
C SER F 298 -40.96 -55.52 -6.41
N GLY F 299 -39.90 -55.62 -7.22
CA GLY F 299 -40.02 -55.33 -8.64
C GLY F 299 -40.01 -53.83 -8.91
N GLN F 300 -39.83 -53.04 -7.86
CA GLN F 300 -39.77 -51.59 -7.99
C GLN F 300 -38.62 -51.19 -8.88
N ILE F 301 -38.88 -50.25 -9.77
CA ILE F 301 -37.92 -49.86 -10.79
C ILE F 301 -36.96 -48.79 -10.25
N PRO F 302 -35.65 -49.11 -10.23
CA PRO F 302 -34.61 -48.28 -9.60
C PRO F 302 -34.34 -47.00 -10.37
N VAL F 303 -33.78 -45.99 -9.71
CA VAL F 303 -33.46 -44.72 -10.36
C VAL F 303 -31.96 -44.50 -10.52
N ASP F 304 -31.16 -45.33 -9.88
CA ASP F 304 -29.72 -45.28 -10.07
C ASP F 304 -29.42 -45.57 -11.53
N LYS F 305 -28.57 -44.75 -12.15
CA LYS F 305 -28.32 -44.89 -13.58
C LYS F 305 -27.79 -46.26 -13.99
N THR F 306 -26.84 -46.78 -13.22
CA THR F 306 -26.23 -48.06 -13.58
C THR F 306 -27.04 -49.26 -13.12
N ALA F 307 -27.91 -49.06 -12.13
CA ALA F 307 -28.85 -50.11 -11.72
C ALA F 307 -29.92 -50.27 -12.79
N GLN F 308 -30.08 -49.24 -13.62
CA GLN F 308 -30.97 -49.31 -14.76
C GLN F 308 -30.33 -50.06 -15.92
N LYS F 309 -29.02 -50.29 -15.82
CA LYS F 309 -28.29 -50.96 -16.90
C LYS F 309 -28.05 -52.43 -16.62
N SER F 310 -28.38 -52.87 -15.40
CA SER F 310 -28.20 -54.27 -15.01
C SER F 310 -29.05 -55.22 -15.86
N SER F 311 -28.44 -56.32 -16.30
CA SER F 311 -29.09 -57.22 -17.25
C SER F 311 -30.34 -57.91 -16.71
N LYS F 312 -30.62 -57.79 -15.41
CA LYS F 312 -31.88 -58.31 -14.88
C LYS F 312 -33.03 -57.34 -15.13
N VAL F 313 -32.75 -56.05 -14.93
CA VAL F 313 -33.76 -55.02 -15.04
C VAL F 313 -34.01 -54.60 -16.49
N ALA F 314 -32.94 -54.49 -17.27
CA ALA F 314 -33.03 -53.94 -18.63
C ALA F 314 -33.60 -54.92 -19.65
N SER F 315 -34.09 -56.07 -19.19
CA SER F 315 -34.77 -57.03 -20.06
C SER F 315 -36.19 -57.24 -19.55
N ASP F 316 -36.42 -56.82 -18.30
CA ASP F 316 -37.75 -56.86 -17.71
C ASP F 316 -38.68 -55.97 -18.51
N PRO F 317 -39.69 -56.57 -19.15
CA PRO F 317 -40.63 -55.82 -19.99
C PRO F 317 -41.44 -54.81 -19.20
N VAL F 318 -41.74 -55.12 -17.94
CA VAL F 318 -42.40 -54.17 -17.07
C VAL F 318 -41.47 -52.99 -16.80
N ALA F 319 -40.24 -53.29 -16.41
CA ALA F 319 -39.25 -52.26 -16.12
C ALA F 319 -38.90 -51.48 -17.38
N GLY F 320 -38.77 -52.17 -18.50
CA GLY F 320 -38.49 -51.52 -19.77
C GLY F 320 -39.58 -50.53 -20.15
N ALA F 321 -40.82 -50.94 -19.95
CA ALA F 321 -41.98 -50.09 -20.23
C ALA F 321 -42.04 -48.91 -19.27
N VAL F 322 -41.83 -49.18 -17.98
CA VAL F 322 -41.85 -48.15 -16.96
C VAL F 322 -40.73 -47.14 -17.18
N MET F 323 -39.54 -47.62 -17.50
CA MET F 323 -38.41 -46.75 -17.78
C MET F 323 -38.65 -45.91 -19.03
N THR F 324 -39.27 -46.51 -20.04
CA THR F 324 -39.61 -45.78 -21.26
C THR F 324 -40.56 -44.63 -20.94
N MET F 325 -41.59 -44.91 -20.15
CA MET F 325 -42.55 -43.88 -19.75
C MET F 325 -41.87 -42.75 -18.99
N ALA F 326 -40.82 -43.11 -18.24
CA ALA F 326 -40.12 -42.15 -17.38
C ALA F 326 -39.21 -41.21 -18.17
N LYS F 327 -38.99 -41.52 -19.45
CA LYS F 327 -38.21 -40.64 -20.31
C LYS F 327 -38.95 -39.34 -20.54
N PRO F 328 -38.22 -38.21 -20.55
CA PRO F 328 -38.83 -36.89 -20.80
C PRO F 328 -39.63 -36.87 -22.11
N GLY F 329 -40.86 -36.37 -22.04
CA GLY F 329 -41.74 -36.39 -23.20
C GLY F 329 -42.79 -37.48 -23.11
N ASN F 330 -42.54 -38.48 -22.26
CA ASN F 330 -43.49 -39.57 -22.08
C ASN F 330 -44.23 -39.46 -20.75
N SER F 331 -43.68 -38.70 -19.81
CA SER F 331 -44.34 -38.49 -18.54
C SER F 331 -43.95 -37.15 -17.92
N THR F 332 -44.73 -36.74 -16.92
CA THR F 332 -44.44 -35.53 -16.16
C THR F 332 -44.40 -35.87 -14.67
N LEU F 333 -43.43 -35.32 -13.96
CA LEU F 333 -43.40 -35.46 -12.51
C LEU F 333 -44.63 -34.84 -11.87
N MET F 334 -45.18 -35.53 -10.88
CA MET F 334 -46.33 -35.02 -10.12
C MET F 334 -45.94 -33.83 -9.25
N PRO F 335 -46.52 -32.65 -9.53
CA PRO F 335 -46.24 -31.38 -8.85
C PRO F 335 -46.46 -31.41 -7.34
N LYS F 336 -45.65 -30.67 -6.60
CA LYS F 336 -45.70 -30.67 -5.13
C LYS F 336 -46.53 -29.51 -4.57
N MET F 337 -47.03 -28.65 -5.45
CA MET F 337 -47.76 -27.45 -5.02
C MET F 337 -48.89 -27.78 -4.04
N PRO F 338 -49.09 -26.91 -3.03
CA PRO F 338 -50.15 -27.14 -2.06
C PRO F 338 -51.54 -27.08 -2.71
N GLN F 339 -51.63 -26.34 -3.82
CA GLN F 339 -52.89 -26.19 -4.53
C GLN F 339 -53.30 -27.45 -5.28
N MET F 340 -52.43 -28.47 -5.24
CA MET F 340 -52.76 -29.77 -5.80
C MET F 340 -53.93 -30.40 -5.05
N ALA F 341 -54.14 -29.97 -3.82
CA ALA F 341 -55.28 -30.43 -3.02
C ALA F 341 -56.58 -30.10 -3.74
N THR F 342 -56.69 -28.86 -4.21
CA THR F 342 -57.86 -28.41 -4.95
C THR F 342 -57.90 -29.05 -6.35
N PHE F 343 -56.72 -29.22 -6.95
CA PHE F 343 -56.59 -29.94 -8.21
C PHE F 343 -57.29 -31.31 -8.16
N TRP F 344 -56.99 -32.09 -7.13
CA TRP F 344 -57.55 -33.43 -7.01
C TRP F 344 -59.06 -33.43 -6.76
N ASN F 345 -59.58 -32.30 -6.30
CA ASN F 345 -61.02 -32.14 -6.12
C ASN F 345 -61.72 -31.74 -7.42
N ASP F 346 -60.98 -31.07 -8.31
CA ASP F 346 -61.58 -30.49 -9.50
C ASP F 346 -61.23 -31.21 -10.81
N ALA F 347 -60.06 -31.86 -10.84
CA ALA F 347 -59.57 -32.46 -12.08
C ALA F 347 -60.47 -33.55 -12.62
N ALA F 348 -60.84 -34.51 -11.77
CA ALA F 348 -61.66 -35.63 -12.19
C ALA F 348 -63.05 -35.20 -12.70
N PRO F 349 -63.76 -34.31 -11.98
CA PRO F 349 -65.04 -33.84 -12.53
C PRO F 349 -64.89 -33.11 -13.87
N LEU F 350 -63.76 -32.45 -14.07
CA LEU F 350 -63.50 -31.76 -15.33
C LEU F 350 -63.29 -32.77 -16.46
N ILE F 351 -62.51 -33.81 -16.18
CA ILE F 351 -62.24 -34.87 -17.15
C ILE F 351 -63.46 -35.74 -17.39
N ASN F 352 -64.11 -36.17 -16.31
CA ASN F 352 -65.29 -37.02 -16.40
C ASN F 352 -66.46 -36.26 -17.02
N GLY F 353 -66.53 -34.97 -16.75
CA GLY F 353 -67.54 -34.11 -17.35
C GLY F 353 -67.40 -34.07 -18.85
N ALA F 354 -66.16 -34.06 -19.32
CA ALA F 354 -65.87 -34.10 -20.74
C ALA F 354 -66.23 -35.46 -21.33
N TYR F 355 -65.78 -36.52 -20.67
CA TYR F 355 -65.97 -37.88 -21.17
C TYR F 355 -67.44 -38.29 -21.27
N THR F 356 -68.24 -37.89 -20.29
CA THR F 356 -69.64 -38.29 -20.24
C THR F 356 -70.53 -37.37 -21.07
N GLY F 357 -70.08 -36.15 -21.31
CA GLY F 357 -70.83 -35.19 -22.10
C GLY F 357 -71.54 -34.14 -21.26
N SER F 358 -71.50 -34.30 -19.94
CA SER F 358 -72.16 -33.36 -19.04
C SER F 358 -71.54 -31.97 -19.14
N ILE F 359 -70.30 -31.90 -19.63
CA ILE F 359 -69.74 -30.65 -20.11
C ILE F 359 -69.68 -30.70 -21.62
N PRO F 360 -70.51 -29.88 -22.29
CA PRO F 360 -70.53 -29.84 -23.75
C PRO F 360 -69.27 -29.20 -24.33
N ALA F 361 -68.98 -29.50 -25.61
CA ALA F 361 -67.80 -28.99 -26.28
C ALA F 361 -67.76 -27.47 -26.29
N SER F 362 -68.94 -26.86 -26.31
CA SER F 362 -69.05 -25.40 -26.38
C SER F 362 -68.93 -24.73 -25.03
N GLN F 363 -68.72 -25.51 -23.97
CA GLN F 363 -68.50 -24.95 -22.64
C GLN F 363 -67.08 -25.27 -22.15
N TYR F 364 -66.31 -25.96 -22.98
CA TYR F 364 -64.96 -26.41 -22.64
C TYR F 364 -64.06 -25.28 -22.12
N SER F 365 -63.96 -24.19 -22.89
CA SER F 365 -63.07 -23.10 -22.52
C SER F 365 -63.51 -22.45 -21.20
N THR F 366 -64.82 -22.30 -21.01
CA THR F 366 -65.33 -21.70 -19.79
C THR F 366 -65.02 -22.57 -18.57
N LYS F 367 -65.16 -23.87 -18.74
CA LYS F 367 -64.89 -24.80 -17.65
C LYS F 367 -63.40 -24.89 -17.36
N LEU F 368 -62.58 -24.83 -18.40
CA LEU F 368 -61.13 -24.83 -18.23
C LEU F 368 -60.67 -23.52 -17.60
N ASP F 369 -61.39 -22.44 -17.90
CA ASP F 369 -61.10 -21.13 -17.32
C ASP F 369 -61.35 -21.16 -15.81
N THR F 370 -62.51 -21.68 -15.43
CA THR F 370 -62.86 -21.80 -14.01
C THR F 370 -61.93 -22.77 -13.30
N PHE F 371 -61.59 -23.86 -13.99
CA PHE F 371 -60.70 -24.86 -13.43
C PHE F 371 -59.34 -24.27 -13.09
N VAL F 372 -58.78 -23.54 -14.04
CA VAL F 372 -57.48 -22.90 -13.85
C VAL F 372 -57.48 -21.96 -12.65
N LYS F 373 -58.53 -21.14 -12.52
CA LYS F 373 -58.63 -20.20 -11.41
C LYS F 373 -58.72 -20.90 -10.07
N ASN F 374 -59.47 -22.00 -10.00
CA ASN F 374 -59.62 -22.75 -8.76
C ASN F 374 -58.28 -23.24 -8.21
N ILE F 375 -57.43 -23.77 -9.10
CA ILE F 375 -56.19 -24.41 -8.67
C ILE F 375 -54.97 -23.49 -8.72
N SER F 376 -55.19 -22.20 -8.95
CA SER F 376 -54.06 -21.27 -9.14
C SER F 376 -53.99 -20.17 -8.09
N LYS F 377 -54.69 -20.35 -6.98
CA LYS F 377 -54.80 -19.28 -6.00
C LYS F 377 -53.56 -19.18 -5.11
N ALA F 378 -52.97 -17.99 -5.09
CA ALA F 378 -51.79 -17.72 -4.29
C ALA F 378 -52.16 -17.59 -2.82
N ASN G 6 27.66 50.73 -14.01
CA ASN G 6 26.60 49.73 -14.08
C ASN G 6 25.28 50.27 -13.54
N VAL G 7 24.23 50.17 -14.35
CA VAL G 7 22.92 50.67 -13.96
C VAL G 7 22.15 49.59 -13.18
N SER G 8 21.35 50.02 -12.21
CA SER G 8 20.57 49.09 -11.39
C SER G 8 19.20 49.64 -11.06
N GLY G 9 18.36 48.83 -10.42
CA GLY G 9 17.05 49.26 -10.00
C GLY G 9 15.97 48.21 -10.11
N SER G 10 14.71 48.65 -10.00
CA SER G 10 13.56 47.77 -10.10
C SER G 10 12.47 48.41 -10.94
N VAL G 11 12.13 47.77 -12.05
CA VAL G 11 11.18 48.33 -13.00
C VAL G 11 10.02 47.40 -13.35
N LYS G 12 8.83 47.98 -13.50
CA LYS G 12 7.65 47.21 -13.87
C LYS G 12 7.36 47.42 -15.36
N LEU G 13 7.09 46.32 -16.07
CA LEU G 13 6.96 46.36 -17.52
C LEU G 13 5.59 45.89 -18.00
N TRP G 14 4.84 46.78 -18.65
CA TRP G 14 3.48 46.46 -19.09
C TRP G 14 3.40 46.06 -20.55
N VAL G 15 3.08 44.79 -20.75
CA VAL G 15 2.73 44.27 -22.05
C VAL G 15 1.34 43.69 -21.85
N ASP G 16 0.68 43.33 -22.94
CA ASP G 16 -0.63 42.72 -22.82
C ASP G 16 -0.50 41.31 -22.22
N THR G 17 -1.60 40.56 -22.16
CA THR G 17 -1.51 39.11 -22.06
C THR G 17 -0.99 38.48 -23.39
N THR G 18 -0.80 37.16 -23.37
CA THR G 18 -0.14 36.38 -24.43
C THR G 18 1.32 36.84 -24.68
N GLN G 19 1.58 38.10 -24.34
CA GLN G 19 2.87 38.74 -24.57
C GLN G 19 3.80 38.66 -23.35
N VAL G 20 3.20 38.34 -22.21
CA VAL G 20 3.93 38.18 -20.97
C VAL G 20 5.01 37.07 -21.04
N PRO G 21 4.77 35.97 -21.77
CA PRO G 21 5.85 34.99 -21.71
C PRO G 21 7.08 35.36 -22.53
N TYR G 22 6.88 35.81 -23.77
CA TYR G 22 8.03 36.02 -24.65
C TYR G 22 8.72 37.36 -24.43
N TYR G 23 8.13 38.22 -23.60
CA TYR G 23 8.86 39.39 -23.12
C TYR G 23 9.67 39.01 -21.90
N LYS G 24 9.15 38.06 -21.11
CA LYS G 24 9.91 37.47 -20.03
C LYS G 24 11.15 36.78 -20.59
N LYS G 25 11.01 36.19 -21.77
CA LYS G 25 12.13 35.58 -22.47
C LYS G 25 13.11 36.66 -22.92
N ILE G 26 12.55 37.77 -23.42
CA ILE G 26 13.35 38.92 -23.83
C ILE G 26 14.00 39.57 -22.61
N VAL G 27 13.28 39.58 -21.49
CA VAL G 27 13.83 40.09 -20.23
C VAL G 27 14.96 39.20 -19.74
N ALA G 28 14.81 37.89 -19.95
CA ALA G 28 15.85 36.93 -19.59
C ALA G 28 17.14 37.21 -20.34
N ASN G 29 17.01 37.63 -21.61
CA ASN G 29 18.16 37.98 -22.42
C ASN G 29 18.68 39.38 -22.05
N PHE G 30 17.78 40.21 -21.55
CA PHE G 30 18.10 41.55 -21.08
C PHE G 30 18.92 41.50 -19.80
N ASN G 31 18.58 40.56 -18.92
CA ASN G 31 19.24 40.43 -17.63
C ASN G 31 20.67 39.87 -17.72
N LYS G 32 21.30 40.01 -18.88
CA LYS G 32 22.67 39.56 -19.06
C LYS G 32 23.68 40.65 -18.74
N LYS G 33 23.42 41.88 -19.18
CA LYS G 33 24.31 42.97 -18.82
C LYS G 33 23.73 43.76 -17.65
N TYR G 34 22.44 43.58 -17.40
CA TYR G 34 21.77 44.31 -16.33
C TYR G 34 21.00 43.38 -15.39
N PRO G 35 21.73 42.55 -14.63
CA PRO G 35 21.06 41.63 -13.69
C PRO G 35 20.56 42.35 -12.45
N ASP G 36 21.30 43.38 -12.04
CA ASP G 36 20.93 44.17 -10.86
C ASP G 36 19.70 45.01 -11.14
N VAL G 37 19.38 45.18 -12.41
CA VAL G 37 18.11 45.77 -12.81
C VAL G 37 17.04 44.70 -12.80
N LYS G 38 16.13 44.78 -11.83
CA LYS G 38 15.09 43.76 -11.67
C LYS G 38 13.82 44.15 -12.43
N VAL G 39 13.38 43.25 -13.31
CA VAL G 39 12.20 43.52 -14.14
C VAL G 39 11.00 42.70 -13.70
N LYS G 40 9.89 43.37 -13.44
CA LYS G 40 8.62 42.71 -13.18
C LYS G 40 7.70 42.84 -14.38
N VAL G 41 7.66 41.79 -15.20
CA VAL G 41 6.79 41.76 -16.36
C VAL G 41 5.36 41.43 -15.98
N THR G 42 4.48 42.42 -16.04
CA THR G 42 3.07 42.19 -15.75
C THR G 42 2.19 42.61 -16.93
N GLN G 43 0.96 42.12 -16.91
CA GLN G 43 -0.08 42.57 -17.82
C GLN G 43 -0.32 44.07 -17.68
N SER G 44 -0.53 44.75 -18.80
CA SER G 44 -1.16 46.06 -18.76
C SER G 44 -2.64 45.81 -18.54
N PRO G 45 -3.29 46.63 -17.69
CA PRO G 45 -4.67 46.41 -17.28
C PRO G 45 -5.67 46.29 -18.43
N ASN G 46 -5.60 47.20 -19.41
CA ASN G 46 -6.57 47.19 -20.51
C ASN G 46 -5.97 47.26 -21.90
N GLY G 47 -4.74 46.76 -22.06
CA GLY G 47 -4.10 46.72 -23.36
C GLY G 47 -3.48 48.04 -23.76
N SER G 48 -2.55 47.99 -24.72
CA SER G 48 -1.84 49.17 -25.17
C SER G 48 -2.76 50.23 -25.77
N ALA G 49 -3.89 49.79 -26.29
CA ALA G 49 -4.87 50.71 -26.87
C ALA G 49 -5.52 51.58 -25.80
N ASN G 50 -5.30 51.23 -24.54
CA ASN G 50 -5.87 51.98 -23.42
C ASN G 50 -4.79 52.41 -22.43
N ALA G 51 -3.55 52.51 -22.90
CA ALA G 51 -2.42 52.83 -22.04
C ALA G 51 -2.49 54.25 -21.47
N LYS G 52 -2.98 55.20 -22.26
CA LYS G 52 -3.04 56.60 -21.83
C LYS G 52 -3.93 56.73 -20.59
N THR G 53 -5.01 55.97 -20.55
CA THR G 53 -5.92 55.96 -19.41
C THR G 53 -5.35 55.09 -18.30
N ASP G 54 -4.74 53.98 -18.69
CA ASP G 54 -4.09 53.08 -17.74
C ASP G 54 -3.02 53.81 -16.93
N VAL G 55 -2.13 54.51 -17.62
CA VAL G 55 -1.10 55.31 -16.96
C VAL G 55 -1.73 56.53 -16.30
N GLY G 56 -2.79 57.06 -16.94
CA GLY G 56 -3.44 58.26 -16.47
C GLY G 56 -4.11 58.15 -15.12
N LYS G 57 -4.70 56.99 -14.85
CA LYS G 57 -5.42 56.74 -13.60
C LYS G 57 -4.60 57.11 -12.37
N ASP G 58 -3.33 56.70 -12.39
CA ASP G 58 -2.41 56.96 -11.30
C ASP G 58 -0.99 56.79 -11.82
N PRO G 59 -0.37 57.89 -12.28
CA PRO G 59 1.00 57.87 -12.82
C PRO G 59 2.02 57.35 -11.81
N ALA G 60 1.77 57.56 -10.53
CA ALA G 60 2.72 57.18 -9.48
C ALA G 60 2.76 55.67 -9.28
N LYS G 61 1.63 55.01 -9.46
CA LYS G 61 1.53 53.58 -9.23
C LYS G 61 1.35 52.80 -10.54
N ALA G 62 1.45 53.51 -11.67
CA ALA G 62 1.43 52.87 -12.97
C ALA G 62 2.81 52.30 -13.28
N ALA G 63 2.86 51.38 -14.25
CA ALA G 63 4.10 50.68 -14.58
C ALA G 63 5.22 51.63 -14.99
N ASP G 64 6.45 51.21 -14.75
CA ASP G 64 7.61 51.97 -15.20
C ASP G 64 7.66 52.01 -16.71
N VAL G 65 7.59 50.84 -17.35
CA VAL G 65 7.59 50.77 -18.80
C VAL G 65 6.31 50.11 -19.30
N PHE G 66 5.68 50.72 -20.31
CA PHE G 66 4.38 50.28 -20.77
C PHE G 66 4.28 50.25 -22.29
N GLU G 67 3.55 49.28 -22.82
CA GLU G 67 3.32 49.20 -24.26
C GLU G 67 2.26 50.20 -24.67
N VAL G 68 2.58 51.01 -25.68
CA VAL G 68 1.69 52.08 -26.10
C VAL G 68 1.75 52.31 -27.61
N ALA G 69 0.60 52.62 -28.21
CA ALA G 69 0.54 52.93 -29.63
C ALA G 69 1.05 54.35 -29.89
N ASN G 70 1.58 54.58 -31.09
CA ASN G 70 2.19 55.87 -31.43
C ASN G 70 1.19 57.03 -31.46
N ASP G 71 -0.10 56.70 -31.64
CA ASP G 71 -1.12 57.74 -31.75
C ASP G 71 -1.53 58.30 -30.39
N GLN G 72 -0.92 57.79 -29.32
CA GLN G 72 -1.23 58.25 -27.98
C GLN G 72 -0.09 59.05 -27.36
N LEU G 73 1.02 59.13 -28.08
CA LEU G 73 2.23 59.76 -27.57
C LEU G 73 2.09 61.28 -27.39
N GLY G 74 1.36 61.92 -28.29
CA GLY G 74 1.12 63.35 -28.17
C GLY G 74 0.33 63.67 -26.91
N SER G 75 -0.78 62.97 -26.75
CA SER G 75 -1.67 63.17 -25.61
C SER G 75 -0.98 62.88 -24.28
N MET G 76 -0.13 61.87 -24.26
CA MET G 76 0.56 61.48 -23.04
C MET G 76 1.70 62.44 -22.70
N ALA G 77 2.38 62.93 -23.73
CA ALA G 77 3.46 63.89 -23.53
C ALA G 77 2.91 65.19 -22.95
N GLU G 78 1.82 65.67 -23.55
CA GLU G 78 1.18 66.92 -23.13
C GLU G 78 0.60 66.81 -21.73
N ALA G 79 0.16 65.61 -21.36
CA ALA G 79 -0.33 65.36 -20.01
C ALA G 79 0.84 65.24 -19.04
N GLY G 80 2.05 65.21 -19.59
CA GLY G 80 3.26 65.16 -18.77
C GLY G 80 3.56 63.76 -18.26
N TYR G 81 3.08 62.75 -18.97
CA TYR G 81 3.31 61.37 -18.60
C TYR G 81 4.65 60.86 -19.13
N ILE G 82 5.15 61.49 -20.19
CA ILE G 82 6.37 61.03 -20.85
C ILE G 82 7.35 62.17 -21.11
N ASN G 83 8.63 61.89 -20.90
CA ASN G 83 9.69 62.85 -21.22
C ASN G 83 10.24 62.63 -22.63
N PRO G 84 10.79 63.69 -23.24
CA PRO G 84 11.47 63.52 -24.53
C PRO G 84 12.75 62.70 -24.40
N LEU G 85 13.19 62.09 -25.50
CA LEU G 85 14.37 61.25 -25.48
C LEU G 85 15.65 62.09 -25.51
N SER G 86 16.69 61.59 -24.86
CA SER G 86 18.00 62.21 -24.89
C SER G 86 18.54 62.17 -26.32
N PRO G 87 19.40 63.15 -26.68
CA PRO G 87 19.97 63.25 -28.03
C PRO G 87 20.61 61.96 -28.53
N ASP G 88 21.20 61.17 -27.64
CA ASP G 88 21.80 59.90 -28.02
C ASP G 88 20.76 58.81 -28.15
N ALA G 89 19.75 58.84 -27.29
CA ALA G 89 18.65 57.88 -27.37
C ALA G 89 17.88 58.08 -28.67
N THR G 90 17.65 59.34 -29.02
CA THR G 90 17.00 59.72 -30.27
C THR G 90 17.78 59.21 -31.48
N LYS G 91 19.06 59.59 -31.52
CA LYS G 91 19.99 59.18 -32.57
C LYS G 91 19.97 57.68 -32.82
N ALA G 92 19.89 56.92 -31.73
CA ALA G 92 19.86 55.46 -31.78
C ALA G 92 18.62 54.93 -32.51
N VAL G 93 17.46 55.48 -32.18
CA VAL G 93 16.22 55.13 -32.85
C VAL G 93 16.33 55.38 -34.36
N LYS G 94 16.79 56.58 -34.71
CA LYS G 94 16.92 56.98 -36.11
C LYS G 94 17.86 56.09 -36.90
N ASN G 95 18.90 55.60 -36.25
CA ASN G 95 19.92 54.80 -36.93
C ASN G 95 19.43 53.40 -37.28
N ASN G 96 18.68 52.79 -36.37
CA ASN G 96 18.35 51.37 -36.47
C ASN G 96 17.02 51.07 -37.16
N ASN G 97 16.11 52.04 -37.18
CA ASN G 97 14.76 51.79 -37.65
C ASN G 97 14.36 52.64 -38.85
N VAL G 98 13.38 52.15 -39.61
CA VAL G 98 12.87 52.85 -40.78
C VAL G 98 12.37 54.24 -40.39
N ALA G 99 12.47 55.18 -41.33
CA ALA G 99 12.18 56.58 -41.05
C ALA G 99 10.76 56.81 -40.57
N VAL G 100 9.82 56.01 -41.06
CA VAL G 100 8.42 56.18 -40.69
C VAL G 100 8.17 55.71 -39.25
N ALA G 101 9.08 54.89 -38.73
CA ALA G 101 9.02 54.45 -37.35
C ALA G 101 9.61 55.52 -36.44
N SER G 102 10.64 56.20 -36.92
CA SER G 102 11.24 57.32 -36.21
C SER G 102 10.27 58.50 -36.15
N GLU G 103 9.64 58.80 -37.28
CA GLU G 103 8.63 59.86 -37.32
C GLU G 103 7.43 59.48 -36.45
N GLY G 104 7.13 58.19 -36.41
CA GLY G 104 6.00 57.67 -35.66
C GLY G 104 5.98 58.05 -34.19
N VAL G 105 7.17 58.16 -33.62
CA VAL G 105 7.30 58.41 -32.19
C VAL G 105 7.66 59.86 -31.90
N THR G 106 7.70 60.67 -32.95
CA THR G 106 8.06 62.08 -32.82
C THR G 106 6.83 62.97 -32.68
N TRP G 107 6.86 63.85 -31.69
CA TRP G 107 5.78 64.79 -31.43
C TRP G 107 6.38 66.16 -31.16
N LYS G 108 5.96 67.15 -31.95
CA LYS G 108 6.50 68.50 -31.89
C LYS G 108 8.03 68.49 -32.04
N GLY G 109 8.52 67.63 -32.92
CA GLY G 109 9.94 67.57 -33.23
C GLY G 109 10.76 66.76 -32.23
N LYS G 110 10.09 66.15 -31.26
CA LYS G 110 10.79 65.40 -30.21
C LYS G 110 10.28 63.96 -30.10
N MET G 111 11.21 63.04 -29.87
CA MET G 111 10.87 61.62 -29.74
C MET G 111 10.40 61.29 -28.33
N PHE G 112 9.35 60.47 -28.22
CA PHE G 112 8.75 60.16 -26.92
C PHE G 112 8.51 58.68 -26.66
N ALA G 113 9.08 57.81 -27.50
CA ALA G 113 8.94 56.36 -27.31
C ALA G 113 9.93 55.57 -28.17
N TYR G 114 10.10 54.31 -27.82
CA TYR G 114 10.95 53.40 -28.58
C TYR G 114 10.10 52.43 -29.40
N PRO G 115 10.16 52.55 -30.74
CA PRO G 115 9.33 51.78 -31.67
C PRO G 115 9.85 50.36 -31.90
N PHE G 116 8.97 49.38 -32.09
CA PHE G 116 9.43 48.02 -32.38
C PHE G 116 8.62 47.29 -33.45
N ALA G 117 7.40 47.76 -33.72
CA ALA G 117 6.56 47.10 -34.73
C ALA G 117 5.70 48.08 -35.51
N GLU G 118 5.36 47.70 -36.73
CA GLU G 118 4.48 48.49 -37.57
C GLU G 118 3.29 47.66 -38.04
N GLN G 119 2.14 48.31 -38.21
CA GLN G 119 0.94 47.64 -38.67
C GLN G 119 0.12 48.54 -39.59
N ALA G 120 -0.54 47.91 -40.56
CA ALA G 120 -1.42 48.59 -41.48
C ALA G 120 -2.27 47.54 -42.16
N GLN G 121 -3.49 47.91 -42.54
CA GLN G 121 -4.40 46.94 -43.12
C GLN G 121 -4.06 46.61 -44.57
N THR G 122 -4.46 45.42 -45.00
CA THR G 122 -4.19 44.93 -46.35
C THR G 122 -5.44 44.28 -46.91
N ILE G 123 -5.28 43.49 -47.97
CA ILE G 123 -6.37 42.67 -48.49
C ILE G 123 -6.19 41.22 -48.06
N TYR G 124 -7.26 40.63 -47.55
CA TYR G 124 -7.32 39.18 -47.37
C TYR G 124 -8.33 38.64 -48.36
N TYR G 125 -7.94 37.65 -49.15
CA TYR G 125 -8.85 37.17 -50.18
C TYR G 125 -8.77 35.65 -50.47
N ASN G 126 -9.94 35.09 -50.72
CA ASN G 126 -10.13 33.71 -51.16
C ASN G 126 -9.62 33.57 -52.58
N LYS G 127 -8.46 32.94 -52.76
CA LYS G 127 -7.86 32.86 -54.08
C LYS G 127 -8.48 31.77 -54.95
N SER G 128 -9.52 31.11 -54.42
CA SER G 128 -10.35 30.25 -55.25
C SER G 128 -11.51 31.08 -55.77
N LYS G 129 -11.51 32.36 -55.42
CA LYS G 129 -12.55 33.29 -55.86
C LYS G 129 -11.95 34.49 -56.58
N LEU G 130 -10.72 34.84 -56.24
CA LEU G 130 -10.03 35.97 -56.86
C LEU G 130 -8.57 35.64 -57.14
N THR G 131 -8.06 36.09 -58.28
CA THR G 131 -6.65 35.89 -58.59
C THR G 131 -5.84 37.06 -58.04
N ALA G 132 -4.53 36.88 -58.00
CA ALA G 132 -3.64 37.95 -57.54
C ALA G 132 -3.74 39.15 -58.45
N ASP G 133 -3.97 38.90 -59.74
CA ASP G 133 -4.13 39.96 -60.72
C ASP G 133 -5.47 40.69 -60.53
N ASP G 134 -6.44 39.97 -59.99
CA ASP G 134 -7.77 40.54 -59.74
C ASP G 134 -7.74 41.63 -58.66
N VAL G 135 -6.97 41.38 -57.60
CA VAL G 135 -7.00 42.24 -56.42
C VAL G 135 -6.09 43.46 -56.51
N LYS G 136 -5.50 43.70 -57.68
CA LYS G 136 -4.62 44.85 -57.85
C LYS G 136 -5.42 46.15 -57.97
N THR G 137 -6.67 46.04 -58.40
CA THR G 137 -7.54 47.21 -58.51
C THR G 137 -8.86 46.98 -57.78
N TRP G 138 -9.40 48.05 -57.20
CA TRP G 138 -10.68 47.98 -56.52
C TRP G 138 -11.80 47.64 -57.50
N ASP G 139 -11.76 48.28 -58.66
CA ASP G 139 -12.79 48.09 -59.69
C ASP G 139 -12.78 46.66 -60.21
N GLY G 140 -11.59 46.14 -60.46
CA GLY G 140 -11.43 44.79 -60.96
C GLY G 140 -11.84 43.77 -59.92
N LEU G 141 -11.45 44.01 -58.67
CA LEU G 141 -11.75 43.11 -57.57
C LEU G 141 -13.25 42.88 -57.43
N THR G 142 -14.00 43.98 -57.34
CA THR G 142 -15.42 43.90 -57.03
C THR G 142 -16.25 43.58 -58.27
N ALA G 143 -15.62 43.56 -59.44
CA ALA G 143 -16.30 43.16 -60.67
C ALA G 143 -16.30 41.64 -60.80
N LYS G 144 -15.48 40.97 -60.00
CA LYS G 144 -15.41 39.52 -60.02
C LYS G 144 -15.92 38.93 -58.71
N GLY G 145 -15.52 39.53 -57.60
CA GLY G 145 -15.91 39.03 -56.29
C GLY G 145 -16.59 40.07 -55.43
N VAL G 146 -17.19 39.61 -54.34
CA VAL G 146 -17.83 40.50 -53.39
C VAL G 146 -16.82 40.93 -52.33
N LEU G 147 -16.69 42.23 -52.12
CA LEU G 147 -15.85 42.72 -51.02
C LEU G 147 -16.74 43.14 -49.87
N ALA G 148 -16.58 42.47 -48.73
CA ALA G 148 -17.37 42.76 -47.54
C ALA G 148 -16.62 43.70 -46.63
N THR G 149 -17.19 44.88 -46.40
CA THR G 149 -16.53 45.86 -45.56
C THR G 149 -17.55 46.73 -44.84
N ASP G 150 -17.05 47.64 -44.00
CA ASP G 150 -17.91 48.45 -43.13
C ASP G 150 -17.63 49.94 -43.34
N PHE G 151 -18.64 50.65 -43.82
CA PHE G 151 -18.48 52.07 -44.13
C PHE G 151 -18.88 52.97 -42.98
N THR G 152 -19.18 52.38 -41.83
CA THR G 152 -19.38 53.16 -40.61
C THR G 152 -18.09 53.13 -39.80
N ASN G 153 -17.02 52.64 -40.43
CA ASN G 153 -15.71 52.58 -39.82
C ASN G 153 -14.73 53.51 -40.54
N ALA G 154 -14.32 54.58 -39.86
CA ALA G 154 -13.43 55.57 -40.44
C ALA G 154 -12.00 55.08 -40.55
N TYR G 155 -11.60 54.20 -39.62
CA TYR G 155 -10.26 53.59 -39.68
C TYR G 155 -10.11 52.83 -40.99
N ASN G 156 -11.18 52.21 -41.44
CA ASN G 156 -11.22 51.57 -42.75
C ASN G 156 -11.07 52.58 -43.89
N PHE G 157 -11.90 53.61 -43.89
CA PHE G 157 -12.12 54.36 -45.12
C PHE G 157 -11.75 55.84 -45.15
N TYR G 158 -11.43 56.45 -44.01
CA TYR G 158 -10.98 57.84 -44.06
C TYR G 158 -9.71 58.02 -44.93
N PRO G 159 -8.74 57.08 -44.86
CA PRO G 159 -7.56 57.21 -45.73
C PRO G 159 -7.85 57.39 -47.23
N VAL G 160 -9.08 57.12 -47.68
CA VAL G 160 -9.43 57.39 -49.07
C VAL G 160 -9.32 58.88 -49.37
N PHE G 161 -9.62 59.71 -48.37
CA PHE G 161 -9.40 61.16 -48.45
C PHE G 161 -7.92 61.46 -48.68
N LEU G 162 -7.06 60.72 -47.98
CA LEU G 162 -5.62 60.87 -48.13
C LEU G 162 -5.19 60.44 -49.52
N SER G 163 -5.79 59.38 -50.03
CA SER G 163 -5.53 58.90 -51.38
C SER G 163 -5.98 59.95 -52.40
N ALA G 164 -6.99 60.73 -52.02
CA ALA G 164 -7.53 61.78 -52.88
C ALA G 164 -6.63 63.02 -52.90
N GLY G 165 -5.65 63.06 -52.00
CA GLY G 165 -4.67 64.13 -52.01
C GLY G 165 -4.86 65.16 -50.92
N THR G 166 -5.77 64.89 -49.98
CA THR G 166 -5.98 65.78 -48.84
C THR G 166 -5.12 65.36 -47.65
N GLN G 167 -5.01 66.23 -46.66
CA GLN G 167 -4.19 65.96 -45.50
C GLN G 167 -5.00 66.03 -44.21
N LEU G 168 -4.56 65.28 -43.21
CA LEU G 168 -5.21 65.31 -41.90
C LEU G 168 -4.27 65.97 -40.89
N TYR G 169 -4.68 67.15 -40.42
CA TYR G 169 -3.87 67.98 -39.54
C TYR G 169 -2.53 68.32 -40.18
N GLY G 170 -2.56 68.56 -41.48
CA GLY G 170 -1.38 69.00 -42.21
C GLY G 170 -0.46 67.88 -42.62
N LYS G 171 0.64 68.27 -43.27
CA LYS G 171 1.69 67.33 -43.69
C LYS G 171 2.27 66.58 -42.50
N THR G 172 2.34 67.26 -41.37
CA THR G 172 2.98 66.75 -40.17
C THR G 172 2.02 65.95 -39.28
N GLY G 173 0.73 66.20 -39.45
CA GLY G 173 -0.27 65.61 -38.56
C GLY G 173 -0.30 66.37 -37.25
N GLU G 174 0.28 67.57 -37.27
CA GLU G 174 0.42 68.38 -36.05
C GLU G 174 -0.07 69.81 -36.23
N THR G 175 -0.64 70.08 -37.39
CA THR G 175 -1.19 71.40 -37.70
C THR G 175 -2.68 71.44 -37.40
N VAL G 176 -3.06 72.20 -36.37
CA VAL G 176 -4.42 72.18 -35.84
C VAL G 176 -5.50 72.41 -36.89
N LYS G 177 -5.29 73.42 -37.72
CA LYS G 177 -6.28 73.73 -38.76
C LYS G 177 -5.72 73.40 -40.14
N GLY G 178 -4.94 72.31 -40.20
CA GLY G 178 -4.28 71.90 -41.42
C GLY G 178 -5.02 70.85 -42.24
N THR G 179 -6.17 70.40 -41.75
CA THR G 179 -7.00 69.45 -42.51
C THR G 179 -7.70 70.20 -43.65
N ASP G 180 -7.54 69.68 -44.88
CA ASP G 180 -8.00 70.39 -46.06
C ASP G 180 -8.91 69.56 -46.94
N VAL G 181 -9.66 68.64 -46.33
CA VAL G 181 -10.59 67.80 -47.08
C VAL G 181 -11.73 68.61 -47.67
N ASN G 182 -12.02 69.76 -47.10
CA ASN G 182 -13.07 70.61 -47.64
C ASN G 182 -12.61 71.31 -48.92
N SER G 183 -12.41 70.50 -49.94
CA SER G 183 -11.95 70.96 -51.25
C SER G 183 -12.46 70.03 -52.34
N ALA G 184 -12.07 70.30 -53.58
CA ALA G 184 -12.53 69.53 -54.73
C ALA G 184 -12.05 68.09 -54.64
N LYS G 185 -10.87 67.89 -54.05
CA LYS G 185 -10.32 66.56 -53.90
C LYS G 185 -11.08 65.77 -52.83
N GLY G 186 -11.54 66.49 -51.80
CA GLY G 186 -12.34 65.87 -50.76
C GLY G 186 -13.69 65.39 -51.28
N GLU G 187 -14.29 66.19 -52.15
CA GLU G 187 -15.57 65.83 -52.74
C GLU G 187 -15.42 64.59 -53.61
N GLN G 188 -14.30 64.50 -54.31
CA GLN G 188 -13.98 63.36 -55.16
C GLN G 188 -13.97 62.05 -54.35
N ALA G 189 -13.41 62.12 -53.14
CA ALA G 189 -13.41 60.97 -52.25
C ALA G 189 -14.84 60.65 -51.81
N MET G 190 -15.58 61.71 -51.47
CA MET G 190 -16.97 61.57 -51.06
C MET G 190 -17.80 60.89 -52.13
N ALA G 191 -17.50 61.21 -53.39
CA ALA G 191 -18.24 60.65 -54.51
C ALA G 191 -17.82 59.20 -54.78
N TRP G 192 -16.56 58.88 -54.48
CA TRP G 192 -16.10 57.50 -54.62
C TRP G 192 -16.87 56.62 -53.65
N PHE G 193 -17.03 57.10 -52.44
CA PHE G 193 -17.80 56.41 -51.42
C PHE G 193 -19.22 56.13 -51.91
N ALA G 194 -19.85 57.17 -52.44
CA ALA G 194 -21.21 57.08 -52.96
C ALA G 194 -21.33 56.08 -54.10
N GLN G 195 -20.29 56.02 -54.93
CA GLN G 195 -20.28 55.13 -56.09
C GLN G 195 -20.33 53.66 -55.67
N GLN G 196 -19.85 53.37 -54.47
CA GLN G 196 -19.79 52.00 -53.98
C GLN G 196 -21.18 51.45 -53.65
N LYS G 197 -22.14 52.35 -53.49
CA LYS G 197 -23.51 51.95 -53.16
C LYS G 197 -24.13 51.11 -54.28
N SER G 198 -23.77 51.42 -55.52
CA SER G 198 -24.30 50.71 -56.68
C SER G 198 -23.35 49.59 -57.13
N ASN G 199 -22.18 49.54 -56.52
CA ASN G 199 -21.22 48.47 -56.78
C ASN G 199 -21.70 47.18 -56.11
N LYS G 200 -22.17 46.23 -56.92
CA LYS G 200 -22.76 45.02 -56.37
C LYS G 200 -21.70 44.05 -55.84
N GLY G 201 -20.43 44.39 -56.08
CA GLY G 201 -19.33 43.59 -55.56
C GLY G 201 -18.83 44.13 -54.24
N VAL G 202 -19.62 45.02 -53.65
CA VAL G 202 -19.31 45.59 -52.35
C VAL G 202 -20.43 45.27 -51.36
N MET G 203 -20.09 44.60 -50.26
CA MET G 203 -21.10 44.26 -49.26
C MET G 203 -20.89 45.00 -47.95
N GLN G 204 -21.73 46.00 -47.69
CA GLN G 204 -21.77 46.64 -46.39
C GLN G 204 -22.19 45.64 -45.33
N THR G 205 -21.34 45.44 -44.33
CA THR G 205 -21.64 44.52 -43.24
C THR G 205 -20.81 44.83 -42.00
N SER G 206 -21.42 44.64 -40.83
CA SER G 206 -20.74 44.93 -39.57
C SER G 206 -19.80 43.80 -39.18
N ASN G 207 -19.88 42.69 -39.90
CA ASN G 207 -19.04 41.53 -39.62
C ASN G 207 -18.53 40.90 -40.90
N ALA G 208 -17.39 41.37 -41.39
CA ALA G 208 -16.85 40.92 -42.66
C ALA G 208 -16.09 39.59 -42.55
N LEU G 209 -15.47 39.36 -41.39
CA LEU G 209 -14.70 38.14 -41.15
C LEU G 209 -15.54 36.87 -41.35
N ASN G 210 -16.80 36.92 -40.94
CA ASN G 210 -17.70 35.79 -41.06
C ASN G 210 -18.24 35.64 -42.46
N GLN G 211 -18.43 36.76 -43.16
CA GLN G 211 -18.84 36.73 -44.56
C GLN G 211 -17.76 36.01 -45.35
N LEU G 212 -16.53 36.10 -44.85
CA LEU G 212 -15.40 35.33 -45.34
C LEU G 212 -15.57 33.87 -44.96
N LYS G 213 -15.93 33.65 -43.71
CA LYS G 213 -16.15 32.31 -43.17
C LYS G 213 -17.30 31.61 -43.89
N SER G 214 -18.38 32.35 -44.14
CA SER G 214 -19.55 31.82 -44.82
C SER G 214 -19.26 31.60 -46.30
N GLY G 215 -18.35 32.40 -46.85
CA GLY G 215 -18.01 32.30 -48.25
C GLY G 215 -18.84 33.26 -49.10
N LYS G 216 -19.65 34.07 -48.44
CA LYS G 216 -20.44 35.08 -49.13
C LYS G 216 -19.57 36.29 -49.47
N ALA G 217 -18.35 36.29 -48.93
CA ALA G 217 -17.38 37.34 -49.20
C ALA G 217 -16.14 36.77 -49.86
N ALA G 218 -15.73 37.37 -50.97
CA ALA G 218 -14.52 36.95 -51.67
C ALA G 218 -13.28 37.65 -51.13
N ALA G 219 -13.48 38.79 -50.46
CA ALA G 219 -12.37 39.52 -49.85
C ALA G 219 -12.82 40.43 -48.71
N ILE G 220 -11.92 40.68 -47.76
CA ILE G 220 -12.14 41.67 -46.71
C ILE G 220 -10.87 42.50 -46.50
N LEU G 221 -11.03 43.71 -45.99
CA LEU G 221 -9.91 44.55 -45.57
C LEU G 221 -9.64 44.33 -44.09
N ASP G 222 -8.44 43.89 -43.74
CA ASP G 222 -8.13 43.63 -42.34
C ASP G 222 -6.67 43.83 -42.01
N GLY G 223 -6.35 43.80 -40.72
CA GLY G 223 -5.00 44.01 -40.23
C GLY G 223 -4.32 42.73 -39.80
N PRO G 224 -2.99 42.77 -39.66
CA PRO G 224 -2.15 41.59 -39.41
C PRO G 224 -2.39 40.93 -38.05
N TRP G 225 -3.12 41.60 -37.16
CA TRP G 225 -3.47 41.01 -35.87
C TRP G 225 -4.51 39.91 -36.05
N ASN G 226 -5.17 39.92 -37.20
CA ASN G 226 -6.21 38.95 -37.53
C ASN G 226 -5.71 37.90 -38.52
N SER G 227 -4.41 37.93 -38.81
CA SER G 227 -3.83 37.07 -39.84
C SER G 227 -4.06 35.59 -39.58
N ALA G 228 -3.64 35.11 -38.41
CA ALA G 228 -3.79 33.71 -38.04
C ALA G 228 -5.24 33.25 -38.17
N ASN G 229 -6.14 34.04 -37.59
CA ASN G 229 -7.57 33.75 -37.59
C ASN G 229 -8.14 33.62 -39.00
N ILE G 230 -7.54 34.32 -39.96
CA ILE G 230 -8.01 34.30 -41.33
C ILE G 230 -7.42 33.10 -42.09
N LYS G 231 -6.24 32.66 -41.67
CA LYS G 231 -5.61 31.50 -42.26
C LYS G 231 -6.41 30.23 -41.99
N LYS G 232 -6.98 30.13 -40.80
CA LYS G 232 -7.78 28.97 -40.43
C LYS G 232 -9.18 29.03 -41.05
N ILE G 233 -9.58 30.22 -41.48
CA ILE G 233 -10.85 30.39 -42.18
C ILE G 233 -10.70 30.02 -43.65
N LEU G 234 -9.68 30.57 -44.28
CA LEU G 234 -9.46 30.37 -45.72
C LEU G 234 -8.71 29.08 -46.03
N GLY G 235 -7.80 28.68 -45.13
CA GLY G 235 -7.00 27.49 -45.33
C GLY G 235 -6.15 27.55 -46.58
N LYS G 236 -6.29 26.55 -47.44
CA LYS G 236 -5.56 26.49 -48.70
C LYS G 236 -5.87 27.69 -49.61
N ASN G 237 -7.02 28.31 -49.40
CA ASN G 237 -7.42 29.46 -50.21
C ASN G 237 -6.92 30.79 -49.67
N PHE G 238 -6.12 30.74 -48.61
CA PHE G 238 -5.58 31.96 -48.01
C PHE G 238 -4.67 32.70 -48.98
N ALA G 239 -4.93 34.00 -49.12
CA ALA G 239 -4.10 34.86 -49.95
C ALA G 239 -4.17 36.29 -49.42
N VAL G 240 -3.04 37.00 -49.49
CA VAL G 240 -2.93 38.33 -48.94
C VAL G 240 -2.16 39.26 -49.89
N ALA G 241 -2.59 40.52 -49.94
CA ALA G 241 -2.00 41.49 -50.85
C ALA G 241 -2.16 42.91 -50.31
N PRO G 242 -1.35 43.86 -50.80
CA PRO G 242 -1.58 45.26 -50.39
C PRO G 242 -2.94 45.76 -50.87
N TYR G 243 -3.39 46.90 -50.33
CA TYR G 243 -4.58 47.57 -50.84
C TYR G 243 -4.44 47.79 -52.34
N PRO G 244 -5.57 47.72 -53.07
CA PRO G 244 -5.51 47.93 -54.51
C PRO G 244 -5.43 49.41 -54.84
N THR G 245 -5.36 49.74 -56.12
CA THR G 245 -5.47 51.12 -56.54
C THR G 245 -6.94 51.47 -56.79
N ILE G 246 -7.32 52.69 -56.45
CA ILE G 246 -8.69 53.14 -56.66
C ILE G 246 -8.71 54.35 -57.59
N LYS G 247 -9.82 54.51 -58.30
CA LYS G 247 -9.95 55.56 -59.29
C LYS G 247 -10.45 56.87 -58.68
N LEU G 248 -9.59 57.87 -58.67
CA LEU G 248 -9.95 59.21 -58.20
C LEU G 248 -9.38 60.25 -59.15
N ASP G 249 -10.16 61.31 -59.41
CA ASP G 249 -9.74 62.41 -60.28
C ASP G 249 -9.53 61.92 -61.72
N GLY G 250 -10.04 60.73 -62.04
CA GLY G 250 -9.86 60.15 -63.36
C GLY G 250 -8.55 59.42 -63.49
N LYS G 251 -7.94 59.07 -62.36
CA LYS G 251 -6.66 58.37 -62.35
C LYS G 251 -6.61 57.31 -61.25
N ASP G 252 -5.81 56.28 -61.48
CA ASP G 252 -5.66 55.20 -60.52
C ASP G 252 -4.62 55.54 -59.46
N VAL G 253 -5.06 55.67 -58.22
CA VAL G 253 -4.16 55.99 -57.12
C VAL G 253 -4.14 54.88 -56.09
N GLN G 254 -3.04 54.74 -55.38
CA GLN G 254 -2.93 53.76 -54.32
C GLN G 254 -3.94 54.06 -53.23
N MET G 255 -4.77 53.07 -52.89
CA MET G 255 -5.68 53.22 -51.76
C MET G 255 -4.88 53.08 -50.47
N GLN G 256 -4.98 54.08 -49.61
CA GLN G 256 -4.20 54.10 -48.39
C GLN G 256 -4.91 53.44 -47.22
N ALA G 257 -4.12 53.07 -46.22
CA ALA G 257 -4.63 52.71 -44.90
C ALA G 257 -3.89 53.56 -43.88
N PHE G 258 -4.28 53.47 -42.61
CA PHE G 258 -3.51 54.14 -41.57
C PHE G 258 -2.28 53.29 -41.24
N LEU G 259 -1.25 53.93 -40.71
CA LEU G 259 -0.05 53.22 -40.30
C LEU G 259 0.18 53.38 -38.81
N GLY G 260 0.14 52.25 -38.10
CA GLY G 260 0.36 52.26 -36.68
C GLY G 260 1.78 51.83 -36.35
N ILE G 261 2.37 52.49 -35.35
CA ILE G 261 3.67 52.11 -34.83
C ILE G 261 3.51 51.74 -33.36
N GLU G 262 3.80 50.49 -33.03
CA GLU G 262 3.70 50.04 -31.65
C GLU G 262 5.01 50.33 -30.93
N THR G 263 4.93 50.85 -29.72
CA THR G 263 6.12 51.24 -28.96
C THR G 263 6.04 50.86 -27.50
N PHE G 264 7.16 51.04 -26.81
CA PHE G 264 7.18 51.10 -25.35
C PHE G 264 7.63 52.50 -24.93
N ALA G 265 7.01 53.04 -23.89
CA ALA G 265 7.38 54.36 -23.42
C ALA G 265 7.89 54.32 -21.98
N VAL G 266 8.64 55.34 -21.59
CA VAL G 266 9.20 55.44 -20.25
C VAL G 266 8.38 56.38 -19.38
N ASN G 267 7.69 55.81 -18.38
CA ASN G 267 6.96 56.61 -17.39
C ASN G 267 7.89 57.61 -16.69
N SER G 268 7.52 58.88 -16.74
CA SER G 268 8.39 59.94 -16.22
C SER G 268 8.24 60.13 -14.71
N HIS G 269 7.26 59.46 -14.12
CA HIS G 269 6.92 59.72 -12.71
C HIS G 269 7.51 58.71 -11.74
N ALA G 270 8.30 57.76 -12.25
CA ALA G 270 8.97 56.79 -11.40
C ALA G 270 10.25 57.41 -10.87
N SER G 271 10.83 56.78 -9.85
CA SER G 271 12.04 57.29 -9.19
C SER G 271 13.11 57.69 -10.19
N GLY G 272 13.74 58.83 -9.93
CA GLY G 272 14.76 59.36 -10.81
C GLY G 272 15.95 58.43 -10.97
N SER G 273 16.11 57.53 -10.00
CA SER G 273 17.18 56.54 -10.03
C SER G 273 16.81 55.31 -10.87
N ASN G 274 15.53 54.95 -10.87
CA ASN G 274 15.05 53.82 -11.66
C ASN G 274 14.61 54.18 -13.07
N GLN G 275 14.81 55.43 -13.46
CA GLN G 275 14.36 55.92 -14.77
C GLN G 275 15.38 55.61 -15.86
N LYS G 276 16.64 55.54 -15.47
CA LYS G 276 17.68 55.11 -16.39
C LYS G 276 17.57 53.61 -16.60
N ALA G 277 17.17 52.89 -15.55
CA ALA G 277 16.87 51.48 -15.67
C ALA G 277 15.66 51.29 -16.57
N ALA G 278 14.73 52.25 -16.48
CA ALA G 278 13.52 52.22 -17.28
C ALA G 278 13.83 52.43 -18.76
N ALA G 279 14.71 53.37 -19.05
CA ALA G 279 15.10 53.68 -20.42
C ALA G 279 15.92 52.54 -21.03
N THR G 280 16.69 51.87 -20.18
CA THR G 280 17.54 50.76 -20.63
C THR G 280 16.70 49.60 -21.13
N LEU G 281 15.77 49.14 -20.29
CA LEU G 281 14.84 48.08 -20.65
C LEU G 281 14.08 48.41 -21.92
N ALA G 282 13.57 49.63 -21.98
CA ALA G 282 12.81 50.11 -23.14
C ALA G 282 13.64 50.03 -24.42
N SER G 283 14.90 50.45 -24.33
CA SER G 283 15.80 50.39 -25.47
C SER G 283 16.11 48.94 -25.86
N PHE G 284 16.24 48.08 -24.87
CA PHE G 284 16.57 46.68 -25.13
C PHE G 284 15.42 45.96 -25.82
N ILE G 285 14.29 45.88 -25.15
CA ILE G 285 13.15 45.10 -25.67
C ILE G 285 12.63 45.62 -27.01
N THR G 286 13.24 46.68 -27.51
CA THR G 286 12.92 47.20 -28.83
C THR G 286 14.13 47.13 -29.76
N ASN G 287 15.14 46.35 -29.38
CA ASN G 287 16.29 46.13 -30.27
C ASN G 287 15.96 45.09 -31.33
N LYS G 288 16.89 44.90 -32.27
CA LYS G 288 16.68 43.94 -33.35
C LYS G 288 16.42 42.53 -32.82
N GLU G 289 17.17 42.15 -31.78
CA GLU G 289 17.04 40.84 -31.16
C GLU G 289 15.60 40.60 -30.71
N SER G 290 15.06 41.54 -29.94
CA SER G 290 13.73 41.39 -29.39
C SER G 290 12.66 41.46 -30.48
N GLN G 291 12.87 42.34 -31.45
CA GLN G 291 11.91 42.54 -32.54
C GLN G 291 11.66 41.26 -33.32
N LEU G 292 12.68 40.41 -33.43
CA LEU G 292 12.52 39.13 -34.11
C LEU G 292 11.83 38.12 -33.19
N ILE G 293 12.18 38.17 -31.90
CA ILE G 293 11.52 37.33 -30.90
C ILE G 293 10.03 37.66 -30.86
N VAL G 294 9.73 38.95 -31.02
CA VAL G 294 8.35 39.40 -31.09
C VAL G 294 7.68 38.91 -32.38
N TYR G 295 8.42 38.91 -33.48
CA TYR G 295 7.90 38.40 -34.74
C TYR G 295 7.72 36.89 -34.67
N ASP G 296 8.69 36.21 -34.08
CA ASP G 296 8.62 34.75 -33.91
C ASP G 296 7.38 34.34 -33.13
N HIS G 297 6.97 35.19 -32.20
CA HIS G 297 5.92 34.83 -31.24
C HIS G 297 4.56 35.44 -31.53
N SER G 298 4.54 36.61 -32.17
CA SER G 298 3.28 37.31 -32.39
C SER G 298 3.00 37.61 -33.85
N GLY G 299 4.02 37.53 -34.69
CA GLY G 299 3.88 37.81 -36.10
C GLY G 299 3.77 39.30 -36.40
N GLN G 300 4.12 40.12 -35.41
CA GLN G 300 4.16 41.57 -35.60
C GLN G 300 5.35 41.94 -36.48
N ILE G 301 5.15 42.94 -37.33
CA ILE G 301 6.14 43.32 -38.34
C ILE G 301 7.16 44.32 -37.78
N PRO G 302 8.45 43.94 -37.79
CA PRO G 302 9.57 44.73 -37.25
C PRO G 302 9.73 46.10 -37.93
N VAL G 303 10.39 47.03 -37.23
CA VAL G 303 10.70 48.34 -37.80
C VAL G 303 12.20 48.47 -38.07
N ASP G 304 12.99 47.62 -37.42
CA ASP G 304 14.44 47.63 -37.62
C ASP G 304 14.78 47.27 -39.06
N LYS G 305 15.66 48.06 -39.68
CA LYS G 305 16.00 47.91 -41.09
C LYS G 305 16.53 46.53 -41.45
N THR G 306 17.49 46.04 -40.68
CA THR G 306 18.15 44.78 -40.98
C THR G 306 17.32 43.56 -40.59
N ALA G 307 16.38 43.76 -39.68
CA ALA G 307 15.50 42.67 -39.25
C ALA G 307 14.41 42.42 -40.29
N GLN G 308 14.06 43.46 -41.04
CA GLN G 308 13.10 43.33 -42.14
C GLN G 308 13.73 42.54 -43.28
N LYS G 309 15.04 42.47 -43.30
CA LYS G 309 15.78 41.77 -44.34
C LYS G 309 15.94 40.28 -44.02
N SER G 310 15.67 39.91 -42.78
CA SER G 310 15.84 38.52 -42.34
C SER G 310 14.90 37.61 -43.12
N SER G 311 15.42 36.46 -43.53
CA SER G 311 14.69 35.57 -44.43
C SER G 311 13.40 35.03 -43.83
N LYS G 312 13.28 35.09 -42.51
CA LYS G 312 12.03 34.76 -41.84
C LYS G 312 10.94 35.76 -42.21
N VAL G 313 11.25 37.04 -41.93
CA VAL G 313 10.30 38.11 -42.13
C VAL G 313 10.02 38.37 -43.60
N ALA G 314 11.08 38.39 -44.41
CA ALA G 314 10.96 38.66 -45.83
C ALA G 314 10.41 37.47 -46.61
N SER G 315 9.80 36.51 -45.90
CA SER G 315 9.18 35.36 -46.54
C SER G 315 7.71 35.27 -46.15
N ASP G 316 7.36 35.92 -45.05
CA ASP G 316 5.97 36.01 -44.60
C ASP G 316 5.18 36.87 -45.57
N PRO G 317 4.16 36.29 -46.20
CA PRO G 317 3.31 37.08 -47.10
C PRO G 317 2.57 38.18 -46.34
N VAL G 318 2.15 37.88 -45.12
CA VAL G 318 1.50 38.88 -44.27
C VAL G 318 2.42 40.06 -44.02
N ALA G 319 3.66 39.77 -43.62
CA ALA G 319 4.63 40.80 -43.31
C ALA G 319 5.04 41.61 -44.55
N GLY G 320 5.24 40.92 -45.66
CA GLY G 320 5.63 41.56 -46.90
C GLY G 320 4.60 42.56 -47.37
N ALA G 321 3.32 42.22 -47.20
CA ALA G 321 2.23 43.11 -47.59
C ALA G 321 2.14 44.33 -46.68
N VAL G 322 2.37 44.11 -45.38
CA VAL G 322 2.35 45.21 -44.42
C VAL G 322 3.50 46.18 -44.69
N MET G 323 4.68 45.63 -44.99
CA MET G 323 5.85 46.46 -45.25
C MET G 323 5.69 47.28 -46.53
N THR G 324 4.94 46.74 -47.49
CA THR G 324 4.64 47.48 -48.72
C THR G 324 3.68 48.62 -48.39
N MET G 325 2.63 48.31 -47.64
CA MET G 325 1.69 49.33 -47.18
C MET G 325 2.39 50.41 -46.37
N ALA G 326 3.39 50.01 -45.59
CA ALA G 326 4.09 50.92 -44.69
C ALA G 326 5.01 51.89 -45.42
N LYS G 327 5.22 51.66 -46.72
CA LYS G 327 5.97 52.61 -47.52
C LYS G 327 5.18 53.91 -47.64
N PRO G 328 5.87 55.05 -47.58
CA PRO G 328 5.20 56.34 -47.78
C PRO G 328 4.40 56.40 -49.08
N GLY G 329 3.24 57.02 -49.04
CA GLY G 329 2.35 57.07 -50.20
C GLY G 329 1.25 56.02 -50.13
N ASN G 330 1.52 54.95 -49.39
CA ASN G 330 0.56 53.85 -49.26
C ASN G 330 -0.16 53.85 -47.92
N SER G 331 0.37 54.63 -46.97
CA SER G 331 -0.26 54.75 -45.66
C SER G 331 0.15 56.05 -44.98
N THR G 332 -0.68 56.51 -44.04
CA THR G 332 -0.35 57.71 -43.30
C THR G 332 -0.42 57.42 -41.81
N LEU G 333 0.60 57.89 -41.11
CA LEU G 333 0.67 57.81 -39.65
C LEU G 333 -0.60 58.36 -39.02
N MET G 334 -1.17 57.62 -38.09
CA MET G 334 -2.32 58.10 -37.34
C MET G 334 -1.88 59.27 -36.46
N PRO G 335 -2.45 60.46 -36.71
CA PRO G 335 -2.06 61.69 -35.99
C PRO G 335 -2.19 61.57 -34.47
N LYS G 336 -1.39 62.36 -33.76
CA LYS G 336 -1.38 62.33 -32.30
C LYS G 336 -2.22 63.44 -31.67
N MET G 337 -2.78 64.30 -32.52
CA MET G 337 -3.50 65.49 -32.07
C MET G 337 -4.63 65.15 -31.09
N PRO G 338 -4.82 66.01 -30.07
CA PRO G 338 -5.87 65.80 -29.06
C PRO G 338 -7.27 65.87 -29.67
N GLN G 339 -7.39 66.56 -30.80
CA GLN G 339 -8.67 66.76 -31.46
C GLN G 339 -9.14 65.51 -32.18
N MET G 340 -8.31 64.47 -32.20
CA MET G 340 -8.65 63.21 -32.85
C MET G 340 -9.89 62.58 -32.21
N ALA G 341 -10.14 62.91 -30.95
CA ALA G 341 -11.32 62.42 -30.24
C ALA G 341 -12.60 62.85 -30.94
N THR G 342 -12.66 64.10 -31.39
CA THR G 342 -13.79 64.58 -32.15
C THR G 342 -13.80 63.97 -33.54
N PHE G 343 -12.60 63.77 -34.11
CA PHE G 343 -12.47 63.17 -35.42
C PHE G 343 -13.15 61.81 -35.50
N TRP G 344 -12.92 60.97 -34.48
CA TRP G 344 -13.48 59.63 -34.47
C TRP G 344 -14.99 59.63 -34.27
N ASN G 345 -15.53 60.72 -33.74
CA ASN G 345 -16.96 60.86 -33.56
C ASN G 345 -17.66 61.35 -34.83
N ASP G 346 -16.94 62.11 -35.64
CA ASP G 346 -17.57 62.78 -36.78
C ASP G 346 -17.21 62.18 -38.14
N ALA G 347 -16.11 61.45 -38.20
CA ALA G 347 -15.64 60.91 -39.47
C ALA G 347 -16.57 59.85 -40.04
N ALA G 348 -16.96 58.90 -39.20
CA ALA G 348 -17.81 57.79 -39.65
C ALA G 348 -19.17 58.25 -40.20
N PRO G 349 -19.86 59.20 -39.51
CA PRO G 349 -21.08 59.70 -40.14
C PRO G 349 -20.85 60.39 -41.48
N LEU G 350 -19.72 61.08 -41.62
CA LEU G 350 -19.41 61.78 -42.86
C LEU G 350 -19.26 60.80 -44.03
N ILE G 351 -18.45 59.77 -43.80
CA ILE G 351 -18.16 58.78 -44.83
C ILE G 351 -19.39 57.97 -45.20
N ASN G 352 -20.07 57.44 -44.19
CA ASN G 352 -21.26 56.61 -44.40
C ASN G 352 -22.37 57.41 -45.06
N GLY G 353 -22.54 58.65 -44.63
CA GLY G 353 -23.54 59.53 -45.21
C GLY G 353 -23.34 59.72 -46.71
N ALA G 354 -22.09 59.68 -47.13
CA ALA G 354 -21.76 59.73 -48.56
C ALA G 354 -22.12 58.40 -49.21
N TYR G 355 -21.77 57.30 -48.54
CA TYR G 355 -22.03 55.96 -49.06
C TYR G 355 -23.52 55.68 -49.22
N THR G 356 -24.26 55.80 -48.12
CA THR G 356 -25.68 55.51 -48.09
C THR G 356 -26.51 56.52 -48.88
N GLY G 357 -25.92 57.68 -49.16
CA GLY G 357 -26.57 58.69 -49.97
C GLY G 357 -27.36 59.69 -49.16
N SER G 358 -27.34 59.54 -47.84
CA SER G 358 -28.00 60.50 -46.96
C SER G 358 -27.33 61.86 -47.10
N ILE G 359 -26.02 61.85 -47.33
CA ILE G 359 -25.32 63.04 -47.79
C ILE G 359 -25.23 62.96 -49.31
N PRO G 360 -26.01 63.81 -50.01
CA PRO G 360 -25.96 63.80 -51.48
C PRO G 360 -24.84 64.67 -52.03
N ALA G 361 -24.52 64.48 -53.31
CA ALA G 361 -23.40 65.15 -53.96
C ALA G 361 -23.49 66.67 -53.85
N SER G 362 -24.71 67.19 -53.86
CA SER G 362 -24.95 68.63 -53.75
C SER G 362 -24.51 69.18 -52.40
N GLN G 363 -24.38 68.28 -51.42
CA GLN G 363 -24.11 68.67 -50.04
C GLN G 363 -22.69 68.33 -49.58
N TYR G 364 -21.88 67.78 -50.48
CA TYR G 364 -20.54 67.35 -50.14
C TYR G 364 -19.72 68.47 -49.52
N SER G 365 -19.57 69.58 -50.25
CA SER G 365 -18.77 70.71 -49.78
C SER G 365 -19.28 71.28 -48.46
N THR G 366 -20.58 71.19 -48.24
CA THR G 366 -21.18 71.71 -47.01
C THR G 366 -20.83 70.83 -45.81
N LYS G 367 -20.93 69.53 -46.00
CA LYS G 367 -20.63 68.56 -44.95
C LYS G 367 -19.14 68.51 -44.65
N LEU G 368 -18.33 68.75 -45.66
CA LEU G 368 -16.88 68.75 -45.49
C LEU G 368 -16.42 69.98 -44.73
N ASP G 369 -17.01 71.13 -45.03
CA ASP G 369 -16.73 72.37 -44.32
C ASP G 369 -17.02 72.23 -42.82
N THR G 370 -18.18 71.65 -42.51
CA THR G 370 -18.60 71.48 -41.13
C THR G 370 -17.70 70.48 -40.43
N PHE G 371 -17.28 69.44 -41.14
CA PHE G 371 -16.39 68.43 -40.59
C PHE G 371 -15.04 69.03 -40.18
N VAL G 372 -14.46 69.83 -41.08
CA VAL G 372 -13.18 70.47 -40.79
C VAL G 372 -13.30 71.40 -39.59
N LYS G 373 -14.36 72.22 -39.57
CA LYS G 373 -14.60 73.13 -38.45
C LYS G 373 -14.69 72.39 -37.13
N ASN G 374 -15.33 71.22 -37.16
CA ASN G 374 -15.53 70.43 -35.95
C ASN G 374 -14.25 69.90 -35.34
N ILE G 375 -13.34 69.44 -36.18
CA ILE G 375 -12.16 68.71 -35.71
C ILE G 375 -10.91 69.56 -35.56
N SER G 376 -11.07 70.88 -35.68
CA SER G 376 -9.91 71.78 -35.71
C SER G 376 -9.92 72.83 -34.59
N LYS G 377 -10.68 72.58 -33.53
CA LYS G 377 -10.81 73.57 -32.46
C LYS G 377 -9.63 73.57 -31.50
N ALA G 378 -9.10 74.77 -31.24
CA ALA G 378 -7.96 74.93 -30.35
C ALA G 378 -8.37 74.79 -28.88
N ASN H 6 24.93 28.35 -24.43
CA ASN H 6 26.22 28.98 -24.62
C ASN H 6 26.38 30.20 -23.71
N VAL H 7 27.44 30.19 -22.91
CA VAL H 7 27.71 31.29 -21.99
C VAL H 7 28.39 32.47 -22.68
N SER H 8 28.14 33.67 -22.16
CA SER H 8 28.70 34.89 -22.74
C SER H 8 28.89 35.96 -21.67
N GLY H 9 29.19 37.18 -22.11
CA GLY H 9 29.37 38.31 -21.20
C GLY H 9 30.63 39.09 -21.49
N SER H 10 30.99 40.03 -20.61
CA SER H 10 32.21 40.80 -20.76
C SER H 10 32.99 40.76 -19.45
N VAL H 11 34.24 40.31 -19.52
CA VAL H 11 35.04 40.10 -18.31
C VAL H 11 36.31 40.97 -18.30
N LYS H 12 36.70 41.39 -17.10
CA LYS H 12 37.98 42.06 -16.92
C LYS H 12 38.86 41.08 -16.15
N LEU H 13 40.18 41.15 -16.34
CA LEU H 13 41.06 40.10 -15.80
C LEU H 13 42.30 40.65 -15.10
N TRP H 14 42.36 40.54 -13.78
CA TRP H 14 43.56 40.94 -13.07
C TRP H 14 44.61 39.84 -13.13
N VAL H 15 45.74 40.18 -13.71
CA VAL H 15 46.91 39.32 -13.69
C VAL H 15 48.05 40.23 -13.26
N ASP H 16 49.22 39.67 -12.99
CA ASP H 16 50.34 40.52 -12.59
C ASP H 16 51.02 41.12 -13.80
N THR H 17 52.36 41.17 -13.78
CA THR H 17 53.12 41.86 -14.80
C THR H 17 53.94 40.87 -15.64
N THR H 18 54.18 41.21 -16.91
CA THR H 18 54.99 40.41 -17.83
C THR H 18 54.31 39.10 -18.20
N GLN H 19 53.27 38.75 -17.44
CA GLN H 19 52.50 37.58 -17.77
C GLN H 19 51.38 38.00 -18.70
N VAL H 20 51.08 39.30 -18.68
CA VAL H 20 50.02 39.84 -19.50
C VAL H 20 50.19 39.53 -21.03
N PRO H 21 51.42 39.25 -21.52
CA PRO H 21 51.41 38.82 -22.92
C PRO H 21 50.70 37.48 -23.19
N TYR H 22 50.97 36.46 -22.37
CA TYR H 22 50.65 35.08 -22.75
C TYR H 22 49.30 34.56 -22.30
N TYR H 23 48.55 35.32 -21.52
CA TYR H 23 47.16 34.97 -21.25
C TYR H 23 46.41 35.01 -22.58
N LYS H 24 46.59 36.11 -23.31
CA LYS H 24 45.98 36.30 -24.63
C LYS H 24 46.26 35.14 -25.61
N LYS H 25 47.38 34.46 -25.44
CA LYS H 25 47.72 33.31 -26.28
C LYS H 25 46.91 32.10 -25.84
N ILE H 26 47.02 31.79 -24.55
CA ILE H 26 46.15 30.81 -23.91
C ILE H 26 44.71 31.21 -24.25
N VAL H 27 44.46 32.52 -24.32
CA VAL H 27 43.18 33.05 -24.80
C VAL H 27 42.89 32.79 -26.28
N ALA H 28 43.91 32.46 -27.04
CA ALA H 28 43.63 32.08 -28.41
C ALA H 28 42.95 30.71 -28.35
N ASN H 29 43.12 29.98 -27.24
CA ASN H 29 42.53 28.64 -27.08
C ASN H 29 41.35 28.64 -26.07
N PHE H 30 41.35 29.63 -25.19
CA PHE H 30 40.14 30.19 -24.56
C PHE H 30 38.91 30.07 -25.47
N ASN H 31 38.99 30.71 -26.63
CA ASN H 31 37.85 30.99 -27.48
C ASN H 31 37.70 30.03 -28.68
N LYS H 32 37.78 28.74 -28.39
CA LYS H 32 37.42 27.71 -29.35
C LYS H 32 35.91 27.55 -29.31
N LYS H 33 35.33 27.86 -28.16
CA LYS H 33 33.90 27.73 -27.97
C LYS H 33 33.17 29.00 -27.51
N TYR H 34 33.83 29.91 -26.79
CA TYR H 34 33.08 31.07 -26.31
C TYR H 34 33.73 32.45 -26.52
N PRO H 35 33.82 32.88 -27.81
CA PRO H 35 34.37 34.18 -28.25
C PRO H 35 33.63 35.39 -27.67
N ASP H 36 32.40 35.20 -27.22
CA ASP H 36 31.57 36.33 -26.81
C ASP H 36 31.91 36.83 -25.40
N VAL H 37 32.61 36.02 -24.63
CA VAL H 37 33.14 36.46 -23.35
C VAL H 37 34.37 37.33 -23.60
N LYS H 38 34.19 38.65 -23.49
CA LYS H 38 35.23 39.60 -23.87
C LYS H 38 36.13 39.98 -22.70
N VAL H 39 37.44 39.81 -22.90
CA VAL H 39 38.41 39.90 -21.81
C VAL H 39 39.15 41.24 -21.74
N LYS H 40 39.42 41.69 -20.51
CA LYS H 40 40.27 42.84 -20.26
C LYS H 40 41.39 42.47 -19.28
N VAL H 41 42.55 42.10 -19.84
CA VAL H 41 43.70 41.68 -19.05
C VAL H 41 44.36 42.85 -18.35
N THR H 42 44.46 42.83 -17.02
CA THR H 42 44.90 44.04 -16.34
C THR H 42 46.13 43.91 -15.46
N GLN H 43 46.55 45.04 -14.90
CA GLN H 43 47.76 45.11 -14.10
C GLN H 43 47.50 45.29 -12.60
N SER H 44 47.74 44.23 -11.83
CA SER H 44 47.56 44.31 -10.39
C SER H 44 48.29 45.52 -9.80
N PRO H 45 47.52 46.37 -9.09
CA PRO H 45 48.02 47.66 -8.58
C PRO H 45 49.32 47.55 -7.78
N ASN H 46 49.32 46.75 -6.71
CA ASN H 46 50.50 46.57 -5.88
C ASN H 46 50.92 45.10 -5.75
N GLY H 47 50.86 44.34 -6.84
CA GLY H 47 51.20 42.92 -6.83
C GLY H 47 50.05 42.01 -6.41
N SER H 48 50.02 40.79 -6.96
CA SER H 48 49.00 39.81 -6.60
C SER H 48 49.15 39.35 -5.16
N ALA H 49 50.23 39.80 -4.54
CA ALA H 49 50.40 39.71 -3.10
C ALA H 49 49.39 40.61 -2.39
N ASN H 50 48.67 41.40 -3.18
CA ASN H 50 47.59 42.23 -2.68
C ASN H 50 46.28 41.92 -3.41
N ALA H 51 46.20 40.73 -3.99
CA ALA H 51 45.02 40.34 -4.77
C ALA H 51 43.75 40.26 -3.93
N LYS H 52 43.86 39.96 -2.63
CA LYS H 52 42.67 40.01 -1.77
C LYS H 52 42.17 41.44 -1.73
N THR H 53 43.11 42.35 -1.56
CA THR H 53 42.79 43.75 -1.32
C THR H 53 42.41 44.49 -2.61
N ASP H 54 42.82 43.93 -3.75
CA ASP H 54 42.41 44.47 -5.04
C ASP H 54 40.90 44.44 -5.18
N VAL H 55 40.35 43.24 -4.99
CA VAL H 55 38.91 43.05 -4.90
C VAL H 55 38.41 43.75 -3.63
N GLY H 56 39.27 43.81 -2.63
CA GLY H 56 38.92 44.37 -1.33
C GLY H 56 38.51 45.82 -1.33
N LYS H 57 39.16 46.65 -2.15
CA LYS H 57 38.93 48.10 -2.12
C LYS H 57 37.51 48.49 -2.57
N ASP H 58 36.90 47.65 -3.40
CA ASP H 58 35.49 47.79 -3.77
C ASP H 58 35.02 46.53 -4.48
N PRO H 59 34.54 45.54 -3.70
CA PRO H 59 34.11 44.21 -4.15
C PRO H 59 33.11 44.21 -5.32
N ALA H 60 32.18 45.15 -5.34
CA ALA H 60 31.18 45.19 -6.40
C ALA H 60 31.81 45.59 -7.74
N LYS H 61 32.96 46.23 -7.67
CA LYS H 61 33.68 46.66 -8.86
C LYS H 61 34.77 45.66 -9.26
N ALA H 62 34.67 44.44 -8.74
CA ALA H 62 35.72 43.44 -8.95
C ALA H 62 35.49 42.59 -10.21
N ALA H 63 36.58 42.10 -10.77
CA ALA H 63 36.58 41.32 -12.00
C ALA H 63 36.05 39.91 -11.77
N ASP H 64 35.75 39.19 -12.86
CA ASP H 64 35.03 37.92 -12.79
C ASP H 64 35.92 36.69 -12.57
N VAL H 65 37.08 36.66 -13.23
CA VAL H 65 38.07 35.62 -12.99
C VAL H 65 39.40 36.30 -12.68
N PHE H 66 40.07 35.88 -11.61
CA PHE H 66 41.30 36.55 -11.19
C PHE H 66 42.41 35.62 -10.73
N GLU H 67 43.64 36.08 -10.89
CA GLU H 67 44.83 35.36 -10.43
C GLU H 67 45.06 35.58 -8.94
N VAL H 68 45.29 34.49 -8.22
CA VAL H 68 45.44 34.57 -6.77
C VAL H 68 46.18 33.35 -6.19
N ALA H 69 47.07 33.60 -5.23
CA ALA H 69 47.77 32.53 -4.53
C ALA H 69 46.86 31.89 -3.48
N ASN H 70 47.13 30.64 -3.13
CA ASN H 70 46.24 29.83 -2.30
C ASN H 70 46.06 30.33 -0.85
N ASP H 71 47.06 31.04 -0.33
CA ASP H 71 47.02 31.50 1.06
C ASP H 71 45.96 32.58 1.27
N GLN H 72 45.50 33.17 0.16
CA GLN H 72 44.53 34.27 0.19
C GLN H 72 43.09 33.75 0.20
N LEU H 73 42.93 32.50 -0.24
CA LEU H 73 41.60 31.93 -0.49
C LEU H 73 40.72 31.85 0.76
N GLY H 74 41.34 31.72 1.92
CA GLY H 74 40.60 31.63 3.16
C GLY H 74 39.93 32.94 3.51
N SER H 75 40.70 34.03 3.46
CA SER H 75 40.20 35.36 3.79
C SER H 75 39.15 35.82 2.79
N MET H 76 39.41 35.61 1.51
CA MET H 76 38.52 36.06 0.45
C MET H 76 37.17 35.34 0.52
N ALA H 77 37.20 34.11 1.02
CA ALA H 77 35.96 33.36 1.22
C ALA H 77 35.17 33.95 2.39
N GLU H 78 35.88 34.30 3.45
CA GLU H 78 35.27 34.79 4.68
C GLU H 78 34.93 36.28 4.59
N ALA H 79 35.64 37.00 3.73
CA ALA H 79 35.34 38.41 3.51
C ALA H 79 34.19 38.58 2.52
N GLY H 80 33.78 37.47 1.92
CA GLY H 80 32.68 37.48 0.97
C GLY H 80 33.10 37.92 -0.42
N TYR H 81 34.33 37.59 -0.79
CA TYR H 81 34.86 37.94 -2.11
C TYR H 81 34.75 36.76 -3.07
N ILE H 82 34.66 35.55 -2.53
CA ILE H 82 34.62 34.34 -3.36
C ILE H 82 33.57 33.35 -2.86
N ASN H 83 32.89 32.69 -3.80
CA ASN H 83 32.08 31.52 -3.48
C ASN H 83 32.86 30.25 -3.84
N PRO H 84 32.58 29.14 -3.13
CA PRO H 84 33.31 27.89 -3.37
C PRO H 84 33.07 27.29 -4.76
N LEU H 85 34.07 26.54 -5.23
CA LEU H 85 33.93 25.77 -6.46
C LEU H 85 32.82 24.74 -6.32
N SER H 86 32.05 24.57 -7.38
CA SER H 86 31.03 23.53 -7.41
C SER H 86 31.71 22.17 -7.40
N PRO H 87 31.06 21.16 -6.82
CA PRO H 87 31.51 19.77 -6.80
C PRO H 87 31.89 19.20 -8.17
N ASP H 88 31.71 19.96 -9.25
CA ASP H 88 32.18 19.52 -10.56
C ASP H 88 33.58 20.04 -10.84
N ALA H 89 33.78 21.32 -10.56
CA ALA H 89 35.09 21.92 -10.71
C ALA H 89 36.08 21.22 -9.78
N THR H 90 35.59 20.86 -8.60
CA THR H 90 36.34 20.06 -7.64
C THR H 90 36.73 18.71 -8.25
N LYS H 91 35.74 18.08 -8.87
CA LYS H 91 35.86 16.73 -9.42
C LYS H 91 37.04 16.53 -10.38
N ALA H 92 37.27 17.50 -11.27
CA ALA H 92 38.26 17.37 -12.32
C ALA H 92 39.69 17.62 -11.84
N VAL H 93 39.85 18.57 -10.91
CA VAL H 93 41.15 19.01 -10.43
C VAL H 93 42.03 17.87 -9.90
N LYS H 94 41.44 16.97 -9.13
CA LYS H 94 42.19 15.95 -8.40
C LYS H 94 43.03 15.01 -9.27
N ASN H 95 42.49 14.59 -10.41
CA ASN H 95 43.18 13.62 -11.25
C ASN H 95 44.19 14.28 -12.18
N ASN H 96 44.06 15.59 -12.39
CA ASN H 96 44.96 16.32 -13.27
C ASN H 96 46.20 16.88 -12.55
N ASN H 97 46.01 17.31 -11.30
CA ASN H 97 47.07 17.98 -10.55
C ASN H 97 47.65 17.13 -9.43
N VAL H 98 48.85 17.48 -8.97
CA VAL H 98 49.48 16.81 -7.85
C VAL H 98 48.65 17.00 -6.59
N ALA H 99 48.78 16.06 -5.65
CA ALA H 99 47.94 16.03 -4.47
C ALA H 99 47.98 17.32 -3.66
N VAL H 100 49.17 17.90 -3.53
CA VAL H 100 49.34 19.06 -2.68
C VAL H 100 48.80 20.33 -3.35
N ALA H 101 48.61 20.27 -4.66
CA ALA H 101 47.98 21.38 -5.39
C ALA H 101 46.49 21.42 -5.06
N SER H 102 45.90 20.25 -4.92
CA SER H 102 44.49 20.12 -4.58
C SER H 102 44.22 20.54 -3.14
N GLU H 103 45.12 20.15 -2.23
CA GLU H 103 45.01 20.56 -0.84
C GLU H 103 45.20 22.07 -0.74
N GLY H 104 46.05 22.59 -1.61
CA GLY H 104 46.34 24.01 -1.67
C GLY H 104 45.11 24.88 -1.85
N VAL H 105 44.16 24.40 -2.66
CA VAL H 105 42.99 25.17 -2.99
C VAL H 105 41.77 24.77 -2.15
N THR H 106 41.97 23.90 -1.17
CA THR H 106 40.88 23.46 -0.31
C THR H 106 40.85 24.24 1.00
N TRP H 107 39.69 24.78 1.33
CA TRP H 107 39.51 25.52 2.57
C TRP H 107 38.24 25.06 3.28
N LYS H 108 38.39 24.51 4.48
CA LYS H 108 37.28 23.91 5.23
C LYS H 108 36.61 22.78 4.44
N GLY H 109 37.43 21.94 3.81
CA GLY H 109 36.93 20.77 3.12
C GLY H 109 36.43 21.02 1.71
N LYS H 110 36.28 22.29 1.35
CA LYS H 110 35.77 22.67 0.04
C LYS H 110 36.82 23.42 -0.78
N MET H 111 36.82 23.22 -2.09
CA MET H 111 37.77 23.90 -2.97
C MET H 111 37.30 25.31 -3.33
N PHE H 112 38.25 26.25 -3.38
CA PHE H 112 37.93 27.63 -3.73
C PHE H 112 38.67 28.11 -4.97
N ALA H 113 39.42 27.23 -5.62
CA ALA H 113 40.21 27.67 -6.78
C ALA H 113 40.66 26.56 -7.72
N TYR H 114 41.23 26.98 -8.85
CA TYR H 114 41.83 26.08 -9.84
C TYR H 114 43.34 26.30 -9.89
N PRO H 115 44.12 25.33 -9.41
CA PRO H 115 45.58 25.46 -9.35
C PRO H 115 46.27 25.20 -10.69
N PHE H 116 47.32 25.96 -11.00
CA PHE H 116 48.08 25.73 -12.22
C PHE H 116 49.61 25.74 -12.00
N ALA H 117 50.06 26.28 -10.87
CA ALA H 117 51.50 26.37 -10.61
C ALA H 117 51.87 26.19 -9.14
N GLU H 118 53.10 25.73 -8.90
CA GLU H 118 53.62 25.58 -7.55
C GLU H 118 54.95 26.30 -7.39
N GLN H 119 55.20 26.80 -6.20
CA GLN H 119 56.47 27.47 -5.92
C GLN H 119 56.92 27.21 -4.48
N ALA H 120 58.23 27.04 -4.33
CA ALA H 120 58.84 26.89 -3.02
C ALA H 120 60.29 27.30 -3.15
N GLN H 121 60.87 27.82 -2.06
CA GLN H 121 62.25 28.26 -2.10
C GLN H 121 63.20 27.08 -2.15
N THR H 122 64.41 27.36 -2.62
CA THR H 122 65.44 26.34 -2.81
C THR H 122 66.80 26.95 -2.45
N ILE H 123 67.88 26.20 -2.68
CA ILE H 123 69.22 26.74 -2.47
C ILE H 123 69.76 27.37 -3.74
N TYR H 124 70.28 28.59 -3.62
CA TYR H 124 71.08 29.17 -4.67
C TYR H 124 72.50 29.31 -4.14
N TYR H 125 73.46 28.72 -4.85
CA TYR H 125 74.86 28.77 -4.46
C TYR H 125 75.76 28.98 -5.67
N ASN H 126 76.88 29.67 -5.44
CA ASN H 126 77.92 29.80 -6.45
C ASN H 126 78.73 28.50 -6.47
N LYS H 127 78.73 27.79 -7.60
CA LYS H 127 79.38 26.48 -7.63
C LYS H 127 80.89 26.58 -7.80
N SER H 128 81.41 27.80 -7.94
CA SER H 128 82.86 28.01 -7.90
C SER H 128 83.30 28.16 -6.46
N LYS H 129 82.33 28.22 -5.55
CA LYS H 129 82.61 28.38 -4.13
C LYS H 129 82.10 27.18 -3.33
N LEU H 130 81.06 26.53 -3.85
CA LEU H 130 80.44 25.38 -3.18
C LEU H 130 80.16 24.24 -4.16
N THR H 131 80.33 23.01 -3.71
CA THR H 131 80.08 21.86 -4.59
C THR H 131 78.68 21.28 -4.38
N ALA H 132 78.32 20.31 -5.20
CA ALA H 132 77.00 19.69 -5.14
C ALA H 132 76.82 18.86 -3.88
N ASP H 133 77.90 18.25 -3.40
CA ASP H 133 77.84 17.43 -2.21
C ASP H 133 77.91 18.28 -0.95
N ASP H 134 78.65 19.39 -1.03
CA ASP H 134 78.73 20.34 0.08
C ASP H 134 77.35 20.77 0.55
N VAL H 135 76.43 20.93 -0.40
CA VAL H 135 75.14 21.54 -0.13
C VAL H 135 74.03 20.54 0.17
N LYS H 136 74.40 19.31 0.55
CA LYS H 136 73.41 18.31 0.91
C LYS H 136 72.99 18.42 2.37
N THR H 137 73.86 18.99 3.20
CA THR H 137 73.56 19.24 4.60
C THR H 137 73.91 20.68 4.95
N TRP H 138 73.13 21.29 5.83
CA TRP H 138 73.33 22.70 6.19
C TRP H 138 74.71 22.94 6.80
N ASP H 139 75.09 22.13 7.77
CA ASP H 139 76.38 22.32 8.44
C ASP H 139 77.54 21.88 7.56
N GLY H 140 77.32 20.87 6.73
CA GLY H 140 78.31 20.47 5.75
C GLY H 140 78.48 21.58 4.73
N LEU H 141 77.39 22.30 4.47
CA LEU H 141 77.43 23.46 3.58
C LEU H 141 78.18 24.60 4.24
N THR H 142 77.69 25.04 5.39
CA THR H 142 78.21 26.22 6.08
C THR H 142 79.69 26.09 6.50
N ALA H 143 80.24 24.89 6.32
CA ALA H 143 81.62 24.64 6.69
C ALA H 143 82.60 25.18 5.65
N LYS H 144 82.09 25.53 4.47
CA LYS H 144 82.96 25.96 3.38
C LYS H 144 82.64 27.34 2.81
N GLY H 145 81.38 27.57 2.46
CA GLY H 145 81.00 28.85 1.86
C GLY H 145 80.03 29.64 2.74
N VAL H 146 79.94 30.94 2.47
CA VAL H 146 79.03 31.78 3.24
C VAL H 146 77.64 31.79 2.64
N LEU H 147 76.64 31.44 3.44
CA LEU H 147 75.26 31.56 3.01
C LEU H 147 74.68 32.87 3.51
N ALA H 148 74.24 33.71 2.58
CA ALA H 148 73.62 34.98 2.91
C ALA H 148 72.12 34.81 3.11
N THR H 149 71.61 35.30 4.23
CA THR H 149 70.17 35.20 4.51
C THR H 149 69.74 36.13 5.63
N ASP H 150 68.44 36.14 5.90
CA ASP H 150 67.82 37.06 6.85
C ASP H 150 66.99 36.30 7.87
N PHE H 151 67.39 36.38 9.14
CA PHE H 151 66.67 35.70 10.21
C PHE H 151 65.59 36.59 10.82
N THR H 152 65.43 37.78 10.26
CA THR H 152 64.31 38.65 10.61
C THR H 152 63.17 38.40 9.63
N ASN H 153 63.37 37.42 8.76
CA ASN H 153 62.41 37.06 7.73
C ASN H 153 61.73 35.73 8.06
N ALA H 154 60.51 35.81 8.57
CA ALA H 154 59.79 34.62 9.03
C ALA H 154 59.46 33.64 7.90
N TYR H 155 59.31 34.15 6.69
CA TYR H 155 59.01 33.30 5.54
C TYR H 155 60.17 32.35 5.26
N ASN H 156 61.38 32.82 5.53
CA ASN H 156 62.57 31.98 5.36
C ASN H 156 62.65 30.86 6.38
N PHE H 157 62.45 31.18 7.66
CA PHE H 157 62.93 30.28 8.69
C PHE H 157 61.88 29.71 9.65
N TYR H 158 60.62 30.07 9.51
CA TYR H 158 59.64 29.36 10.33
C TYR H 158 59.55 27.87 9.97
N PRO H 159 59.67 27.50 8.66
CA PRO H 159 59.57 26.06 8.37
C PRO H 159 60.61 25.16 9.06
N VAL H 160 61.61 25.71 9.73
CA VAL H 160 62.53 24.91 10.53
C VAL H 160 61.76 24.23 11.66
N PHE H 161 60.83 24.99 12.25
CA PHE H 161 59.93 24.46 13.27
C PHE H 161 59.19 23.23 12.76
N LEU H 162 58.83 23.27 11.48
CA LEU H 162 58.15 22.16 10.83
C LEU H 162 59.11 21.00 10.60
N SER H 163 60.35 21.33 10.26
CA SER H 163 61.40 20.32 10.14
C SER H 163 61.65 19.67 11.50
N ALA H 164 61.41 20.42 12.58
CA ALA H 164 61.58 19.91 13.93
C ALA H 164 60.46 18.95 14.32
N GLY H 165 59.40 18.94 13.51
CA GLY H 165 58.29 18.03 13.73
C GLY H 165 57.01 18.72 14.15
N THR H 166 57.10 20.00 14.53
CA THR H 166 55.94 20.74 14.98
C THR H 166 55.00 21.07 13.82
N GLN H 167 53.81 21.54 14.15
CA GLN H 167 52.83 21.90 13.13
C GLN H 167 52.22 23.27 13.40
N LEU H 168 51.80 23.94 12.34
CA LEU H 168 51.27 25.29 12.42
C LEU H 168 49.78 25.32 12.07
N TYR H 169 48.96 25.61 13.08
CA TYR H 169 47.51 25.49 12.97
C TYR H 169 47.11 24.08 12.59
N GLY H 170 47.82 23.11 13.17
CA GLY H 170 47.52 21.71 12.96
C GLY H 170 48.03 21.17 11.64
N LYS H 171 47.78 19.88 11.44
CA LYS H 171 48.19 19.17 10.24
C LYS H 171 47.59 19.80 8.97
N THR H 172 46.33 20.20 9.06
CA THR H 172 45.61 20.77 7.93
C THR H 172 46.01 22.23 7.69
N GLY H 173 46.53 22.88 8.72
CA GLY H 173 46.79 24.30 8.69
C GLY H 173 45.49 25.07 8.91
N GLU H 174 44.52 24.38 9.50
CA GLU H 174 43.19 24.96 9.71
C GLU H 174 42.66 24.76 11.14
N THR H 175 43.56 24.46 12.07
CA THR H 175 43.16 24.30 13.47
C THR H 175 43.62 25.51 14.27
N VAL H 176 42.66 26.33 14.70
CA VAL H 176 42.95 27.62 15.34
C VAL H 176 43.93 27.51 16.50
N LYS H 177 43.76 26.51 17.33
CA LYS H 177 44.67 26.29 18.46
C LYS H 177 45.45 25.00 18.29
N GLY H 178 45.88 24.73 17.06
CA GLY H 178 46.60 23.52 16.73
C GLY H 178 48.10 23.68 16.56
N THR H 179 48.60 24.91 16.70
CA THR H 179 50.04 25.12 16.67
C THR H 179 50.65 24.63 17.98
N ASP H 180 51.64 23.76 17.87
CA ASP H 180 52.19 23.08 19.03
C ASP H 180 53.69 23.32 19.21
N VAL H 181 54.16 24.49 18.80
CA VAL H 181 55.61 24.74 18.80
C VAL H 181 56.15 25.01 20.20
N ASN H 182 55.26 25.30 21.15
CA ASN H 182 55.67 25.41 22.54
C ASN H 182 55.93 24.03 23.12
N SER H 183 57.06 23.43 22.73
CA SER H 183 57.46 22.12 23.21
C SER H 183 58.96 21.94 23.04
N ALA H 184 59.48 20.80 23.49
CA ALA H 184 60.90 20.50 23.40
C ALA H 184 61.38 20.54 21.95
N LYS H 185 60.54 20.06 21.05
CA LYS H 185 60.85 20.09 19.62
C LYS H 185 61.00 21.52 19.14
N GLY H 186 60.14 22.40 19.64
CA GLY H 186 60.21 23.82 19.30
C GLY H 186 61.47 24.47 19.82
N GLU H 187 61.89 24.08 21.03
CA GLU H 187 63.11 24.58 21.64
C GLU H 187 64.33 24.19 20.80
N GLN H 188 64.29 22.99 20.24
CA GLN H 188 65.35 22.49 19.37
C GLN H 188 65.53 23.36 18.14
N ALA H 189 64.42 23.92 17.65
CA ALA H 189 64.48 24.82 16.51
C ALA H 189 65.09 26.15 16.92
N MET H 190 64.67 26.64 18.07
CA MET H 190 65.18 27.90 18.61
C MET H 190 66.68 27.85 18.80
N ALA H 191 67.16 26.72 19.31
CA ALA H 191 68.59 26.52 19.54
C ALA H 191 69.35 26.39 18.23
N TRP H 192 68.67 25.91 17.20
CA TRP H 192 69.29 25.76 15.89
C TRP H 192 69.52 27.12 15.24
N PHE H 193 68.57 28.03 15.43
CA PHE H 193 68.71 29.41 14.96
C PHE H 193 69.86 30.09 15.69
N ALA H 194 70.06 29.71 16.95
CA ALA H 194 71.11 30.29 17.77
C ALA H 194 72.50 29.81 17.34
N GLN H 195 72.57 28.56 16.92
CA GLN H 195 73.82 27.98 16.44
C GLN H 195 74.36 28.67 15.19
N GLN H 196 73.48 29.36 14.48
CA GLN H 196 73.85 29.96 13.20
C GLN H 196 74.70 31.22 13.37
N LYS H 197 74.54 31.91 14.49
CA LYS H 197 75.29 33.14 14.75
C LYS H 197 76.79 32.88 14.76
N SER H 198 77.22 31.89 15.53
CA SER H 198 78.64 31.54 15.63
C SER H 198 79.08 30.66 14.45
N ASN H 199 78.13 30.36 13.56
CA ASN H 199 78.44 29.67 12.32
C ASN H 199 79.05 30.66 11.34
N LYS H 200 80.36 30.55 11.14
CA LYS H 200 81.09 31.50 10.30
C LYS H 200 80.68 31.44 8.83
N GLY H 201 79.96 30.38 8.47
CA GLY H 201 79.50 30.21 7.10
C GLY H 201 78.11 30.77 6.85
N VAL H 202 77.62 31.57 7.80
CA VAL H 202 76.31 32.19 7.69
C VAL H 202 76.36 33.67 8.05
N MET H 203 76.10 34.53 7.07
CA MET H 203 76.13 35.97 7.29
C MET H 203 74.72 36.56 7.29
N GLN H 204 74.40 37.33 8.33
CA GLN H 204 73.11 37.99 8.46
C GLN H 204 73.04 39.26 7.61
N THR H 205 72.07 39.32 6.70
CA THR H 205 71.89 40.51 5.87
C THR H 205 70.42 40.70 5.49
N SER H 206 70.03 41.96 5.31
CA SER H 206 68.67 42.28 4.89
C SER H 206 68.57 42.35 3.37
N ASN H 207 69.68 42.02 2.71
CA ASN H 207 69.71 41.93 1.26
C ASN H 207 70.69 40.83 0.84
N ALA H 208 70.20 39.59 0.82
CA ALA H 208 71.03 38.43 0.50
C ALA H 208 71.47 38.43 -0.95
N LEU H 209 70.71 39.12 -1.79
CA LEU H 209 71.01 39.20 -3.21
C LEU H 209 72.33 39.94 -3.46
N ASN H 210 72.60 40.95 -2.64
CA ASN H 210 73.83 41.71 -2.75
C ASN H 210 75.07 40.88 -2.48
N GLN H 211 75.05 40.16 -1.37
CA GLN H 211 76.19 39.33 -0.98
C GLN H 211 76.47 38.26 -2.04
N LEU H 212 75.42 37.83 -2.72
CA LEU H 212 75.56 36.93 -3.85
C LEU H 212 76.20 37.67 -5.02
N LYS H 213 75.84 38.94 -5.19
CA LYS H 213 76.37 39.76 -6.28
C LYS H 213 77.72 40.40 -5.94
N SER H 214 77.87 40.83 -4.69
CA SER H 214 79.12 41.45 -4.25
C SER H 214 80.20 40.39 -4.08
N GLY H 215 79.79 39.20 -3.63
CA GLY H 215 80.71 38.07 -3.56
C GLY H 215 81.14 37.68 -2.16
N LYS H 216 80.56 38.31 -1.15
CA LYS H 216 80.90 38.01 0.24
C LYS H 216 80.12 36.81 0.75
N ALA H 217 79.33 36.20 -0.13
CA ALA H 217 78.57 35.00 0.21
C ALA H 217 78.52 34.03 -0.96
N ALA H 218 78.51 32.74 -0.64
CA ALA H 218 78.54 31.69 -1.66
C ALA H 218 77.15 31.17 -1.98
N ALA H 219 76.21 31.36 -1.05
CA ALA H 219 74.87 30.81 -1.22
C ALA H 219 73.78 31.69 -0.61
N ILE H 220 72.58 31.62 -1.17
CA ILE H 220 71.42 32.30 -0.60
C ILE H 220 70.16 31.43 -0.70
N LEU H 221 69.14 31.79 0.06
CA LEU H 221 67.84 31.13 -0.02
C LEU H 221 66.87 31.99 -0.82
N ASP H 222 66.28 31.41 -1.86
CA ASP H 222 65.32 32.15 -2.67
C ASP H 222 64.41 31.20 -3.47
N GLY H 223 63.33 31.77 -4.02
CA GLY H 223 62.38 31.00 -4.79
C GLY H 223 62.53 31.25 -6.28
N PRO H 224 61.77 30.51 -7.10
CA PRO H 224 61.91 30.52 -8.56
C PRO H 224 61.61 31.86 -9.22
N TRP H 225 61.04 32.81 -8.49
CA TRP H 225 60.70 34.11 -9.06
C TRP H 225 61.93 35.01 -9.20
N ASN H 226 62.99 34.73 -8.45
CA ASN H 226 64.22 35.51 -8.53
C ASN H 226 65.36 34.77 -9.23
N SER H 227 65.07 33.57 -9.73
CA SER H 227 66.09 32.71 -10.33
C SER H 227 66.76 33.37 -11.53
N ALA H 228 65.95 33.91 -12.44
CA ALA H 228 66.44 34.57 -13.65
C ALA H 228 67.50 35.62 -13.34
N ASN H 229 67.26 36.41 -12.30
CA ASN H 229 68.21 37.43 -11.89
C ASN H 229 69.46 36.81 -11.26
N ILE H 230 69.28 35.69 -10.57
CA ILE H 230 70.40 34.97 -9.97
C ILE H 230 71.23 34.32 -11.07
N LYS H 231 70.56 33.91 -12.14
CA LYS H 231 71.25 33.43 -13.33
C LYS H 231 72.03 34.58 -13.98
N LYS H 232 71.57 35.79 -13.75
CA LYS H 232 72.24 36.99 -14.25
C LYS H 232 73.40 37.38 -13.33
N ILE H 233 73.19 37.14 -12.03
CA ILE H 233 74.19 37.45 -11.02
C ILE H 233 75.32 36.43 -11.00
N LEU H 234 74.98 35.16 -10.88
CA LEU H 234 75.97 34.10 -10.78
C LEU H 234 76.48 33.66 -12.16
N GLY H 235 75.64 33.85 -13.17
CA GLY H 235 76.00 33.54 -14.55
C GLY H 235 76.44 32.11 -14.78
N LYS H 236 77.71 31.94 -15.11
CA LYS H 236 78.30 30.64 -15.36
C LYS H 236 78.44 29.84 -14.07
N ASN H 237 78.51 30.55 -12.96
CA ASN H 237 78.64 29.92 -11.65
C ASN H 237 77.30 29.74 -10.97
N PHE H 238 76.24 29.78 -11.77
CA PHE H 238 74.89 29.55 -11.26
C PHE H 238 74.64 28.07 -11.04
N ALA H 239 74.06 27.74 -9.89
CA ALA H 239 73.52 26.41 -9.65
C ALA H 239 72.28 26.58 -8.79
N VAL H 240 71.52 25.51 -8.60
CA VAL H 240 70.35 25.57 -7.74
C VAL H 240 70.08 24.19 -7.18
N ALA H 241 69.58 24.14 -5.95
CA ALA H 241 69.40 22.87 -5.25
C ALA H 241 68.29 22.96 -4.22
N PRO H 242 67.68 21.81 -3.87
CA PRO H 242 66.77 21.70 -2.73
C PRO H 242 67.41 22.19 -1.44
N TYR H 243 66.59 22.56 -0.45
CA TYR H 243 67.12 22.83 0.89
C TYR H 243 67.87 21.59 1.36
N PRO H 244 68.89 21.78 2.21
CA PRO H 244 69.62 20.61 2.68
C PRO H 244 68.94 19.99 3.90
N THR H 245 69.57 18.99 4.48
CA THR H 245 69.11 18.45 5.76
C THR H 245 69.69 19.27 6.90
N ILE H 246 68.92 19.43 7.96
CA ILE H 246 69.44 20.04 9.18
C ILE H 246 69.35 19.05 10.32
N LYS H 247 70.34 19.10 11.21
CA LYS H 247 70.36 18.22 12.37
C LYS H 247 69.49 18.81 13.47
N LEU H 248 68.43 18.11 13.82
CA LEU H 248 67.60 18.46 14.95
C LEU H 248 67.43 17.23 15.83
N ASP H 249 67.63 17.40 17.13
CA ASP H 249 67.57 16.31 18.09
C ASP H 249 68.53 15.18 17.70
N GLY H 250 69.64 15.56 17.07
CA GLY H 250 70.65 14.60 16.66
C GLY H 250 70.29 13.77 15.45
N LYS H 251 69.28 14.20 14.71
CA LYS H 251 68.83 13.47 13.53
C LYS H 251 68.84 14.38 12.31
N ASP H 252 69.38 13.87 11.20
CA ASP H 252 69.39 14.62 9.95
C ASP H 252 67.99 14.64 9.31
N VAL H 253 67.35 15.80 9.35
CA VAL H 253 66.01 15.92 8.79
C VAL H 253 65.97 17.00 7.71
N GLN H 254 65.11 16.81 6.73
CA GLN H 254 64.97 17.76 5.63
C GLN H 254 64.54 19.12 6.14
N MET H 255 65.34 20.14 5.85
CA MET H 255 64.92 21.51 6.08
C MET H 255 63.76 21.84 5.16
N GLN H 256 62.69 22.38 5.73
CA GLN H 256 61.48 22.63 4.95
C GLN H 256 61.36 24.08 4.52
N ALA H 257 60.54 24.32 3.51
CA ALA H 257 60.16 25.66 3.10
C ALA H 257 58.65 25.73 3.02
N PHE H 258 58.11 26.95 2.99
CA PHE H 258 56.68 27.10 2.72
C PHE H 258 56.41 26.77 1.26
N LEU H 259 55.31 26.07 1.01
CA LEU H 259 54.90 25.78 -0.35
C LEU H 259 53.74 26.68 -0.78
N GLY H 260 53.82 27.24 -1.98
CA GLY H 260 52.80 28.13 -2.49
C GLY H 260 52.18 27.63 -3.77
N ILE H 261 50.88 27.83 -3.92
CA ILE H 261 50.15 27.38 -5.11
C ILE H 261 49.44 28.54 -5.81
N GLU H 262 49.74 28.73 -7.09
CA GLU H 262 49.15 29.81 -7.88
C GLU H 262 47.89 29.34 -8.58
N THR H 263 46.80 30.09 -8.45
CA THR H 263 45.48 29.64 -8.89
C THR H 263 44.67 30.69 -9.63
N PHE H 264 43.49 30.27 -10.08
CA PHE H 264 42.45 31.17 -10.55
C PHE H 264 41.15 30.91 -9.78
N ALA H 265 40.50 31.98 -9.33
CA ALA H 265 39.26 31.86 -8.58
C ALA H 265 38.10 32.56 -9.28
N VAL H 266 36.88 32.20 -8.90
CA VAL H 266 35.67 32.77 -9.51
C VAL H 266 35.04 33.83 -8.62
N ASN H 267 34.76 34.99 -9.22
CA ASN H 267 34.18 36.10 -8.45
C ASN H 267 32.73 35.85 -8.08
N SER H 268 32.39 36.23 -6.86
CA SER H 268 31.05 35.99 -6.33
C SER H 268 30.14 37.19 -6.53
N HIS H 269 30.72 38.38 -6.53
CA HIS H 269 29.95 39.61 -6.37
C HIS H 269 29.75 40.37 -7.68
N ALA H 270 30.20 39.79 -8.78
CA ALA H 270 29.98 40.39 -10.09
C ALA H 270 28.62 39.97 -10.62
N SER H 271 28.20 40.61 -11.72
CA SER H 271 26.91 40.37 -12.36
C SER H 271 26.57 38.88 -12.45
N GLY H 272 25.34 38.53 -12.07
CA GLY H 272 24.91 37.14 -12.02
C GLY H 272 25.05 36.41 -13.34
N SER H 273 25.12 37.17 -14.43
CA SER H 273 25.30 36.62 -15.76
C SER H 273 26.74 36.16 -15.97
N ASN H 274 27.70 36.95 -15.50
CA ASN H 274 29.10 36.57 -15.58
C ASN H 274 29.50 35.74 -14.36
N GLN H 275 28.49 35.29 -13.62
CA GLN H 275 28.70 34.41 -12.47
C GLN H 275 28.80 32.97 -12.95
N LYS H 276 28.21 32.68 -14.10
CA LYS H 276 28.21 31.32 -14.63
C LYS H 276 29.35 31.09 -15.61
N ALA H 277 29.67 32.13 -16.38
CA ALA H 277 30.69 32.02 -17.42
C ALA H 277 32.09 31.89 -16.81
N ALA H 278 32.27 32.43 -15.61
CA ALA H 278 33.56 32.44 -14.95
C ALA H 278 34.09 31.04 -14.63
N ALA H 279 33.18 30.17 -14.17
CA ALA H 279 33.54 28.81 -13.80
C ALA H 279 34.11 28.02 -14.98
N THR H 280 33.60 28.32 -16.17
CA THR H 280 34.03 27.64 -17.38
C THR H 280 35.44 28.07 -17.80
N LEU H 281 35.69 29.38 -17.79
CA LEU H 281 37.02 29.91 -18.13
C LEU H 281 38.11 29.50 -17.16
N ALA H 282 37.90 29.72 -15.87
CA ALA H 282 38.94 29.43 -14.88
C ALA H 282 39.46 28.00 -15.00
N SER H 283 38.54 27.07 -15.27
CA SER H 283 38.90 25.66 -15.39
C SER H 283 39.78 25.39 -16.59
N PHE H 284 39.54 26.11 -17.68
CA PHE H 284 40.29 25.89 -18.91
C PHE H 284 41.72 26.43 -18.82
N ILE H 285 41.88 27.67 -18.41
CA ILE H 285 43.20 28.29 -18.39
C ILE H 285 44.11 27.70 -17.31
N THR H 286 43.62 26.67 -16.62
CA THR H 286 44.42 25.96 -15.64
C THR H 286 44.56 24.48 -16.00
N ASN H 287 44.30 24.14 -17.26
CA ASN H 287 44.49 22.77 -17.72
C ASN H 287 45.93 22.53 -18.14
N LYS H 288 46.25 21.28 -18.50
CA LYS H 288 47.59 20.88 -18.90
C LYS H 288 48.24 21.82 -19.91
N GLU H 289 47.56 21.99 -21.04
CA GLU H 289 48.04 22.81 -22.16
C GLU H 289 48.33 24.26 -21.75
N SER H 290 47.47 24.80 -20.89
CA SER H 290 47.66 26.16 -20.40
C SER H 290 48.88 26.27 -19.49
N GLN H 291 49.15 25.20 -18.76
CA GLN H 291 50.26 25.19 -17.80
C GLN H 291 51.61 25.20 -18.51
N LEU H 292 51.68 24.58 -19.69
CA LEU H 292 52.91 24.52 -20.46
C LEU H 292 53.28 25.91 -21.01
N ILE H 293 52.28 26.65 -21.45
CA ILE H 293 52.49 28.00 -21.97
C ILE H 293 52.98 28.91 -20.85
N VAL H 294 52.41 28.75 -19.66
CA VAL H 294 52.82 29.51 -18.50
C VAL H 294 54.29 29.26 -18.17
N TYR H 295 54.70 27.99 -18.25
CA TYR H 295 56.08 27.64 -17.97
C TYR H 295 57.05 28.26 -18.97
N ASP H 296 56.73 28.17 -20.26
CA ASP H 296 57.63 28.63 -21.30
C ASP H 296 57.81 30.14 -21.30
N HIS H 297 56.85 30.85 -20.75
CA HIS H 297 56.93 32.30 -20.70
C HIS H 297 57.44 32.81 -19.35
N SER H 298 57.05 32.14 -18.28
CA SER H 298 57.33 32.63 -16.93
C SER H 298 58.27 31.72 -16.14
N GLY H 299 58.43 30.48 -16.58
CA GLY H 299 59.28 29.54 -15.87
C GLY H 299 58.58 28.92 -14.67
N GLN H 300 57.36 29.37 -14.42
CA GLN H 300 56.56 28.88 -13.29
C GLN H 300 56.34 27.37 -13.39
N ILE H 301 56.50 26.69 -12.26
CA ILE H 301 56.46 25.24 -12.23
C ILE H 301 55.02 24.71 -12.24
N PRO H 302 54.69 23.86 -13.22
CA PRO H 302 53.35 23.27 -13.34
C PRO H 302 52.98 22.38 -12.16
N VAL H 303 51.68 22.12 -11.99
CA VAL H 303 51.20 21.19 -10.98
C VAL H 303 50.52 19.99 -11.61
N ASP H 304 50.15 20.12 -12.88
CA ASP H 304 49.59 18.99 -13.60
C ASP H 304 50.62 17.86 -13.62
N LYS H 305 50.19 16.66 -13.23
CA LYS H 305 51.08 15.51 -13.11
C LYS H 305 51.92 15.28 -14.36
N THR H 306 51.27 15.03 -15.49
CA THR H 306 51.96 14.72 -16.73
C THR H 306 52.68 15.94 -17.32
N ALA H 307 52.26 17.13 -16.92
CA ALA H 307 52.91 18.35 -17.39
C ALA H 307 54.24 18.55 -16.69
N GLN H 308 54.31 18.13 -15.43
CA GLN H 308 55.55 18.19 -14.67
C GLN H 308 56.57 17.23 -15.26
N LYS H 309 56.08 16.25 -16.02
CA LYS H 309 56.93 15.23 -16.63
C LYS H 309 57.40 15.64 -18.01
N SER H 310 56.98 16.82 -18.46
CA SER H 310 57.45 17.37 -19.73
C SER H 310 58.94 17.70 -19.63
N SER H 311 59.65 17.44 -20.71
CA SER H 311 61.10 17.62 -20.73
C SER H 311 61.49 19.08 -20.55
N LYS H 312 60.60 20.00 -20.95
CA LYS H 312 60.82 21.42 -20.69
C LYS H 312 60.97 21.61 -19.19
N VAL H 313 60.11 20.92 -18.44
CA VAL H 313 60.09 21.01 -16.98
C VAL H 313 61.18 20.13 -16.36
N ALA H 314 61.30 18.91 -16.88
CA ALA H 314 62.26 17.94 -16.36
C ALA H 314 63.70 18.24 -16.82
N SER H 315 63.94 19.47 -17.24
CA SER H 315 65.29 19.91 -17.60
C SER H 315 65.78 20.96 -16.63
N ASP H 316 64.90 21.91 -16.31
CA ASP H 316 65.28 23.03 -15.47
C ASP H 316 65.57 22.60 -14.04
N PRO H 317 66.82 22.80 -13.61
CA PRO H 317 67.24 22.49 -12.23
C PRO H 317 66.48 23.35 -11.24
N VAL H 318 66.04 24.51 -11.69
CA VAL H 318 65.19 25.38 -10.90
C VAL H 318 63.85 24.69 -10.67
N ALA H 319 63.31 24.10 -11.72
CA ALA H 319 62.05 23.37 -11.64
C ALA H 319 62.23 22.08 -10.85
N GLY H 320 63.38 21.44 -11.04
CA GLY H 320 63.68 20.20 -10.33
C GLY H 320 63.79 20.43 -8.83
N ALA H 321 64.47 21.50 -8.46
CA ALA H 321 64.66 21.85 -7.06
C ALA H 321 63.34 22.25 -6.41
N VAL H 322 62.48 22.92 -7.18
CA VAL H 322 61.18 23.36 -6.68
C VAL H 322 60.24 22.18 -6.48
N MET H 323 60.14 21.31 -7.50
CA MET H 323 59.28 20.14 -7.42
C MET H 323 59.69 19.21 -6.28
N THR H 324 61.00 19.17 -6.00
CA THR H 324 61.51 18.34 -4.92
C THR H 324 61.05 18.87 -3.57
N MET H 325 61.03 20.19 -3.42
CA MET H 325 60.53 20.81 -2.19
C MET H 325 59.04 20.50 -2.02
N ALA H 326 58.30 20.56 -3.12
CA ALA H 326 56.84 20.41 -3.09
C ALA H 326 56.41 19.02 -2.63
N LYS H 327 57.33 18.05 -2.68
CA LYS H 327 57.07 16.73 -2.09
C LYS H 327 56.77 16.88 -0.60
N PRO H 328 55.75 16.17 -0.11
CA PRO H 328 55.35 16.28 1.30
C PRO H 328 56.47 15.86 2.24
N GLY H 329 56.65 16.59 3.34
CA GLY H 329 57.75 16.35 4.24
C GLY H 329 58.92 17.28 3.97
N ASN H 330 59.00 17.78 2.74
CA ASN H 330 60.02 18.75 2.36
C ASN H 330 59.50 20.17 2.42
N SER H 331 58.17 20.31 2.39
CA SER H 331 57.55 21.61 2.46
C SER H 331 56.12 21.53 3.00
N THR H 332 55.63 22.64 3.53
CA THR H 332 54.28 22.72 4.07
C THR H 332 53.52 23.86 3.42
N LEU H 333 52.27 23.59 3.05
CA LEU H 333 51.40 24.63 2.51
C LEU H 333 51.22 25.75 3.53
N MET H 334 51.22 26.98 3.06
CA MET H 334 50.99 28.13 3.93
C MET H 334 49.51 28.24 4.32
N PRO H 335 49.23 28.29 5.62
CA PRO H 335 47.87 28.34 6.16
C PRO H 335 47.06 29.52 5.62
N LYS H 336 45.75 29.31 5.45
CA LYS H 336 44.86 30.36 4.99
C LYS H 336 44.20 31.07 6.17
N MET H 337 44.61 30.68 7.37
CA MET H 337 44.02 31.19 8.61
C MET H 337 44.14 32.72 8.70
N PRO H 338 43.09 33.36 9.24
CA PRO H 338 43.07 34.82 9.37
C PRO H 338 44.08 35.33 10.40
N GLN H 339 44.38 34.52 11.41
CA GLN H 339 45.30 34.93 12.46
C GLN H 339 46.76 34.83 11.98
N MET H 340 46.95 34.45 10.73
CA MET H 340 48.28 34.45 10.13
C MET H 340 48.84 35.86 10.04
N ALA H 341 47.94 36.85 10.12
CA ALA H 341 48.33 38.26 10.13
C ALA H 341 49.18 38.57 11.37
N THR H 342 48.70 38.10 12.53
CA THR H 342 49.44 38.25 13.77
C THR H 342 50.69 37.37 13.75
N PHE H 343 50.56 36.23 13.09
CA PHE H 343 51.68 35.30 12.94
C PHE H 343 52.89 35.99 12.31
N TRP H 344 52.65 36.73 11.22
CA TRP H 344 53.75 37.39 10.52
C TRP H 344 54.38 38.51 11.34
N ASN H 345 53.62 39.08 12.27
CA ASN H 345 54.13 40.13 13.14
C ASN H 345 55.01 39.60 14.28
N ASP H 346 54.63 38.46 14.83
CA ASP H 346 55.28 37.94 16.02
C ASP H 346 56.38 36.90 15.73
N ALA H 347 56.34 36.31 14.54
CA ALA H 347 57.25 35.22 14.22
C ALA H 347 58.70 35.68 14.10
N ALA H 348 58.92 36.75 13.35
CA ALA H 348 60.27 37.26 13.14
C ALA H 348 60.98 37.66 14.44
N PRO H 349 60.31 38.42 15.33
CA PRO H 349 60.95 38.72 16.62
C PRO H 349 61.27 37.48 17.45
N LEU H 350 60.47 36.42 17.29
CA LEU H 350 60.74 35.16 17.95
C LEU H 350 62.00 34.51 17.39
N ILE H 351 62.05 34.42 16.06
CA ILE H 351 63.14 33.74 15.36
C ILE H 351 64.45 34.50 15.44
N ASN H 352 64.42 35.81 15.21
CA ASN H 352 65.63 36.61 15.24
C ASN H 352 66.10 36.88 16.68
N GLY H 353 65.17 36.76 17.63
CA GLY H 353 65.52 36.87 19.03
C GLY H 353 66.25 35.63 19.50
N ALA H 354 65.91 34.49 18.91
CA ALA H 354 66.63 33.25 19.16
C ALA H 354 68.00 33.31 18.48
N TYR H 355 68.02 33.87 17.28
CA TYR H 355 69.21 33.92 16.46
C TYR H 355 70.30 34.83 17.05
N THR H 356 69.95 36.09 17.28
CA THR H 356 70.91 37.05 17.81
C THR H 356 71.28 36.75 19.26
N GLY H 357 70.35 36.15 20.00
CA GLY H 357 70.63 35.76 21.36
C GLY H 357 69.92 36.60 22.40
N SER H 358 69.14 37.59 21.95
CA SER H 358 68.39 38.44 22.86
C SER H 358 67.36 37.61 23.62
N ILE H 359 66.94 36.50 23.02
CA ILE H 359 66.17 35.49 23.74
C ILE H 359 67.09 34.35 24.13
N PRO H 360 67.35 34.20 25.43
CA PRO H 360 68.23 33.12 25.91
C PRO H 360 67.56 31.75 25.86
N ALA H 361 68.35 30.69 25.78
CA ALA H 361 67.82 29.34 25.69
C ALA H 361 66.92 28.99 26.87
N SER H 362 67.17 29.61 28.02
CA SER H 362 66.37 29.36 29.22
C SER H 362 65.01 30.05 29.15
N GLN H 363 64.81 30.89 28.13
CA GLN H 363 63.53 31.57 27.94
C GLN H 363 62.83 31.12 26.67
N TYR H 364 63.39 30.11 26.01
CA TYR H 364 62.78 29.56 24.79
C TYR H 364 61.35 29.11 25.01
N SER H 365 61.16 28.23 25.99
CA SER H 365 59.86 27.61 26.22
C SER H 365 58.78 28.61 26.63
N THR H 366 59.19 29.75 27.17
CA THR H 366 58.24 30.79 27.54
C THR H 366 57.92 31.66 26.32
N LYS H 367 58.95 31.96 25.54
CA LYS H 367 58.82 32.79 24.36
C LYS H 367 58.03 32.07 23.26
N LEU H 368 58.19 30.75 23.20
CA LEU H 368 57.39 29.95 22.29
C LEU H 368 55.95 29.88 22.78
N ASP H 369 55.80 29.80 24.09
CA ASP H 369 54.49 29.66 24.70
C ASP H 369 53.66 30.94 24.52
N THR H 370 54.27 32.08 24.83
CA THR H 370 53.60 33.37 24.61
C THR H 370 53.20 33.52 23.15
N PHE H 371 54.11 33.17 22.26
CA PHE H 371 53.88 33.24 20.81
C PHE H 371 52.65 32.42 20.38
N VAL H 372 52.53 31.21 20.91
CA VAL H 372 51.37 30.36 20.61
C VAL H 372 50.07 31.00 21.09
N LYS H 373 50.11 31.61 22.27
CA LYS H 373 48.96 32.35 22.78
C LYS H 373 48.57 33.47 21.82
N ASN H 374 49.57 34.12 21.24
CA ASN H 374 49.36 35.28 20.39
C ASN H 374 48.64 34.97 19.07
N ILE H 375 49.08 33.92 18.39
CA ILE H 375 48.59 33.65 17.04
C ILE H 375 47.41 32.67 16.99
N SER H 376 46.86 32.34 18.15
CA SER H 376 45.82 31.32 18.23
C SER H 376 44.50 31.85 18.77
N LYS H 377 44.30 33.16 18.68
CA LYS H 377 43.11 33.79 19.25
C LYS H 377 41.92 33.75 18.31
N ALA H 378 40.77 33.37 18.85
CA ALA H 378 39.53 33.30 18.08
C ALA H 378 38.97 34.69 17.81
#